data_6PXA
#
_entry.id   6PXA
#
_cell.length_a   43.519
_cell.length_b   121.363
_cell.length_c   146.170
_cell.angle_alpha   89.399
_cell.angle_beta   89.911
_cell.angle_gamma   87.602
#
_symmetry.space_group_name_H-M   'P 1'
#
loop_
_entity.id
_entity.type
_entity.pdbx_description
1 polymer 'Chloramphenicol acetyltransferase'
2 non-polymer 'TAUROCHOLIC ACID'
3 non-polymer 'CHLORIDE ION'
4 non-polymer 'SULFATE ION'
5 non-polymer 'ACETATE ION'
6 non-polymer GLYCEROL
7 non-polymer 'FORMIC ACID'
8 water water
#
_entity_poly.entity_id   1
_entity_poly.type   'polypeptide(L)'
_entity_poly.pdbx_seq_one_letter_code
;SNAMEAFNSWLEGQNLKEQVKNPNIEVGDYSYYSGFYHSKTFEEQAVRYLLGDAPTQEVWESGQFGEVDKLRIGKFCSIA
SGATFMMAGNQGHRADWISTFPFSKKEFGEGVKDGFQRAGDTIVGNDVWIGSEAMIMPGVHIGDGAIIGARAVITKNVAP
YSVVVGNNVVVKKRFDENLIQTLLVIKWWDWPLQHIKNTMEILCSGHIEELEQYFIKNVGS
;
_entity_poly.pdbx_strand_id   A,B,C,D,E,F,G,H,I,J,K,L
#
# COMPACT_ATOMS: atom_id res chain seq x y z
N ALA A 3 -44.28 -40.14 0.73
CA ALA A 3 -44.18 -39.33 -0.48
C ALA A 3 -42.83 -38.62 -0.55
N MET A 4 -42.42 -38.28 -1.79
CA MET A 4 -41.16 -37.59 -2.02
C MET A 4 -41.28 -36.68 -3.24
N GLU A 5 -42.42 -36.03 -3.42
CA GLU A 5 -42.61 -35.09 -4.53
C GLU A 5 -41.64 -33.92 -4.39
N ALA A 6 -40.76 -33.76 -5.38
CA ALA A 6 -39.66 -32.80 -5.31
C ALA A 6 -40.14 -31.42 -5.73
N PHE A 7 -39.20 -30.48 -5.87
CA PHE A 7 -39.46 -29.15 -6.41
C PHE A 7 -38.75 -29.02 -7.75
N ASN A 8 -39.49 -28.57 -8.77
CA ASN A 8 -38.88 -28.38 -10.10
C ASN A 8 -38.09 -27.08 -10.17
N SER A 9 -38.48 -26.08 -9.40
CA SER A 9 -37.80 -24.80 -9.36
C SER A 9 -38.20 -24.14 -8.05
N TRP A 10 -37.54 -23.03 -7.71
CA TRP A 10 -37.92 -22.28 -6.53
C TRP A 10 -39.16 -21.42 -6.75
N LEU A 11 -39.74 -21.45 -7.96
CA LEU A 11 -41.02 -20.77 -8.19
C LEU A 11 -42.18 -21.52 -7.57
N GLU A 12 -41.98 -22.74 -7.08
CA GLU A 12 -43.08 -23.56 -6.62
C GLU A 12 -42.94 -23.92 -5.15
N GLY A 13 -44.07 -23.88 -4.46
CA GLY A 13 -44.19 -24.33 -3.09
C GLY A 13 -45.04 -25.58 -3.03
N GLN A 14 -45.00 -26.23 -1.87
CA GLN A 14 -45.77 -27.44 -1.64
C GLN A 14 -46.82 -27.15 -0.58
N ASN A 15 -48.10 -27.29 -0.97
CA ASN A 15 -49.20 -27.21 -0.01
C ASN A 15 -49.03 -28.27 1.06
N LEU A 16 -48.96 -27.86 2.31
CA LEU A 16 -48.60 -28.79 3.36
C LEU A 16 -49.75 -29.69 3.79
N LYS A 17 -50.99 -29.18 3.87
CA LYS A 17 -52.06 -30.00 4.41
C LYS A 17 -52.33 -31.21 3.52
N GLU A 18 -52.08 -31.07 2.23
CA GLU A 18 -52.32 -32.16 1.30
C GLU A 18 -51.18 -33.17 1.25
N GLN A 19 -50.00 -32.82 1.76
CA GLN A 19 -48.85 -33.71 1.66
C GLN A 19 -48.53 -34.45 2.96
N VAL A 20 -48.62 -33.77 4.11
CA VAL A 20 -48.09 -34.32 5.35
C VAL A 20 -48.88 -35.54 5.79
N LYS A 21 -48.17 -36.59 6.23
CA LYS A 21 -48.81 -37.81 6.69
C LYS A 21 -48.53 -38.14 8.14
N ASN A 22 -47.59 -37.48 8.77
CA ASN A 22 -47.20 -37.81 10.13
C ASN A 22 -48.37 -37.50 11.06
N PRO A 23 -48.86 -38.46 11.85
CA PRO A 23 -49.97 -38.16 12.78
C PRO A 23 -49.58 -37.15 13.85
N ASN A 24 -48.30 -36.86 14.03
CA ASN A 24 -47.82 -35.92 15.02
C ASN A 24 -47.57 -34.55 14.43
N ILE A 25 -48.06 -34.30 13.22
CA ILE A 25 -47.98 -32.99 12.56
C ILE A 25 -49.41 -32.54 12.24
N GLU A 26 -49.74 -31.31 12.61
CA GLU A 26 -50.99 -30.65 12.22
C GLU A 26 -50.62 -29.40 11.45
N VAL A 27 -51.12 -29.25 10.25
CA VAL A 27 -50.88 -28.03 9.47
C VAL A 27 -52.19 -27.61 8.83
N GLY A 28 -52.47 -26.30 8.87
CA GLY A 28 -53.73 -25.77 8.39
C GLY A 28 -53.71 -25.41 6.91
N ASP A 29 -54.89 -25.02 6.43
CA ASP A 29 -55.09 -24.66 5.04
C ASP A 29 -54.07 -23.64 4.57
N TYR A 30 -53.63 -23.80 3.32
CA TYR A 30 -52.89 -22.81 2.51
C TYR A 30 -51.42 -22.66 2.90
N SER A 31 -51.06 -23.09 4.11
CA SER A 31 -49.66 -23.09 4.52
C SER A 31 -48.81 -23.95 3.59
N TYR A 32 -47.64 -23.44 3.20
CA TYR A 32 -46.80 -24.14 2.22
C TYR A 32 -45.34 -24.18 2.66
N TYR A 33 -44.57 -25.00 1.95
CA TYR A 33 -43.12 -25.11 2.10
C TYR A 33 -42.46 -24.91 0.74
N SER A 34 -41.63 -23.90 0.62
N SER A 34 -41.63 -23.89 0.61
CA SER A 34 -40.90 -23.60 -0.61
CA SER A 34 -40.90 -23.62 -0.63
C SER A 34 -39.46 -24.10 -0.45
C SER A 34 -39.47 -24.10 -0.44
N GLY A 35 -39.28 -25.40 -0.61
CA GLY A 35 -37.98 -26.01 -0.30
C GLY A 35 -37.03 -26.40 -1.44
N PHE A 36 -37.11 -25.73 -2.59
CA PHE A 36 -36.29 -26.08 -3.74
C PHE A 36 -34.80 -26.22 -3.39
N TYR A 37 -34.27 -25.28 -2.60
CA TYR A 37 -32.84 -25.23 -2.34
C TYR A 37 -32.38 -26.24 -1.30
N HIS A 38 -33.30 -26.99 -0.70
CA HIS A 38 -32.90 -28.05 0.20
C HIS A 38 -33.44 -29.40 -0.24
N SER A 39 -34.05 -29.46 -1.43
CA SER A 39 -34.32 -30.69 -2.18
C SER A 39 -35.47 -31.52 -1.63
N LYS A 40 -35.36 -32.01 -0.40
CA LYS A 40 -36.28 -33.01 0.11
C LYS A 40 -37.59 -32.37 0.61
N THR A 41 -38.53 -33.24 0.97
CA THR A 41 -39.86 -32.79 1.33
C THR A 41 -39.85 -32.17 2.73
N PHE A 42 -40.92 -31.43 3.03
CA PHE A 42 -41.07 -30.82 4.35
C PHE A 42 -40.89 -31.85 5.45
N GLU A 43 -41.59 -32.99 5.33
CA GLU A 43 -41.47 -34.01 6.36
C GLU A 43 -40.07 -34.63 6.44
N GLU A 44 -39.33 -34.64 5.34
CA GLU A 44 -38.02 -35.31 5.37
C GLU A 44 -36.91 -34.38 5.87
N GLN A 45 -37.01 -33.11 5.55
CA GLN A 45 -35.88 -32.20 5.71
C GLN A 45 -36.12 -31.13 6.76
N ALA A 46 -37.34 -30.63 6.88
CA ALA A 46 -37.64 -29.51 7.76
C ALA A 46 -38.05 -29.93 9.16
N VAL A 47 -38.74 -31.06 9.30
CA VAL A 47 -39.26 -31.50 10.58
C VAL A 47 -38.37 -32.66 11.02
N ARG A 48 -37.63 -32.43 12.09
CA ARG A 48 -36.55 -33.33 12.45
C ARG A 48 -36.81 -33.95 13.81
N TYR A 49 -36.46 -35.24 13.93
CA TYR A 49 -36.56 -36.01 15.17
C TYR A 49 -38.00 -36.19 15.67
N LEU A 50 -38.98 -36.17 14.78
CA LEU A 50 -40.38 -36.40 15.16
C LEU A 50 -40.74 -37.87 14.92
N LEU A 51 -40.96 -38.61 15.98
CA LEU A 51 -41.40 -39.98 15.84
C LEU A 51 -42.65 -40.05 14.96
N GLY A 52 -42.74 -41.10 14.16
CA GLY A 52 -43.80 -41.25 13.20
C GLY A 52 -43.45 -40.81 11.79
N ASP A 53 -42.25 -40.25 11.59
CA ASP A 53 -41.80 -39.84 10.26
C ASP A 53 -41.37 -41.07 9.46
N ALA A 54 -40.74 -40.82 8.31
CA ALA A 54 -40.39 -41.92 7.42
C ALA A 54 -39.45 -42.93 8.07
N PRO A 55 -38.27 -42.57 8.59
CA PRO A 55 -37.36 -43.61 9.11
C PRO A 55 -37.80 -44.23 10.45
N THR A 56 -38.81 -43.68 11.13
CA THR A 56 -39.23 -44.26 12.41
C THR A 56 -40.71 -44.64 12.43
N GLN A 57 -41.35 -44.75 11.27
CA GLN A 57 -42.77 -45.09 11.26
C GLN A 57 -43.00 -46.49 11.85
N GLU A 58 -42.10 -47.42 11.56
CA GLU A 58 -42.23 -48.77 12.13
C GLU A 58 -42.23 -48.75 13.64
N VAL A 59 -41.21 -48.12 14.24
CA VAL A 59 -41.08 -48.17 15.70
C VAL A 59 -42.21 -47.41 16.38
N TRP A 60 -42.69 -46.33 15.75
CA TRP A 60 -43.80 -45.57 16.33
C TRP A 60 -45.10 -46.37 16.29
N GLU A 61 -45.38 -47.05 15.17
CA GLU A 61 -46.59 -47.84 15.05
C GLU A 61 -46.63 -49.00 16.04
N SER A 62 -45.47 -49.43 16.56
CA SER A 62 -45.42 -50.51 17.53
C SER A 62 -45.97 -50.11 18.90
N GLY A 63 -46.23 -48.83 19.13
CA GLY A 63 -46.83 -48.38 20.37
C GLY A 63 -45.95 -48.61 21.58
N GLN A 64 -44.83 -47.92 21.63
CA GLN A 64 -43.85 -48.07 22.70
C GLN A 64 -43.62 -46.80 23.50
N PHE A 65 -43.77 -45.63 22.89
CA PHE A 65 -43.30 -44.38 23.46
C PHE A 65 -44.39 -43.58 24.17
N GLY A 66 -45.65 -43.79 23.82
CA GLY A 66 -46.72 -42.98 24.39
C GLY A 66 -46.90 -41.69 23.62
N GLU A 67 -46.98 -40.58 24.34
CA GLU A 67 -47.26 -39.27 23.75
C GLU A 67 -45.96 -38.47 23.59
N VAL A 68 -45.72 -38.00 22.37
CA VAL A 68 -44.57 -37.17 22.06
C VAL A 68 -45.05 -35.75 21.75
N ASP A 69 -44.12 -34.81 21.78
CA ASP A 69 -44.42 -33.45 21.35
C ASP A 69 -44.80 -33.41 19.88
N LYS A 70 -45.87 -32.67 19.58
CA LYS A 70 -46.36 -32.52 18.22
C LYS A 70 -45.93 -31.18 17.63
N LEU A 71 -45.93 -31.14 16.31
CA LEU A 71 -45.72 -29.91 15.56
C LEU A 71 -47.08 -29.43 15.07
N ARG A 72 -47.50 -28.26 15.54
N ARG A 72 -47.48 -28.23 15.49
CA ARG A 72 -48.78 -27.66 15.18
CA ARG A 72 -48.80 -27.68 15.18
C ARG A 72 -48.52 -26.38 14.40
C ARG A 72 -48.65 -26.33 14.47
N ILE A 73 -49.14 -26.26 13.23
CA ILE A 73 -48.91 -25.12 12.34
C ILE A 73 -50.26 -24.66 11.82
N GLY A 74 -50.48 -23.34 11.84
CA GLY A 74 -51.80 -22.80 11.52
C GLY A 74 -51.97 -22.60 10.03
N LYS A 75 -52.93 -21.72 9.68
CA LYS A 75 -53.26 -21.40 8.31
C LYS A 75 -52.41 -20.28 7.76
N PHE A 76 -52.18 -20.33 6.45
CA PHE A 76 -51.63 -19.20 5.71
C PHE A 76 -50.18 -18.91 6.13
N CYS A 77 -49.44 -19.95 6.49
CA CYS A 77 -48.03 -19.80 6.82
C CYS A 77 -47.14 -20.00 5.59
N SER A 78 -46.04 -19.24 5.56
CA SER A 78 -45.05 -19.28 4.50
C SER A 78 -43.73 -19.76 5.13
N ILE A 79 -43.27 -20.94 4.73
CA ILE A 79 -42.09 -21.59 5.33
C ILE A 79 -41.05 -21.76 4.23
N ALA A 80 -39.95 -21.02 4.34
CA ALA A 80 -38.97 -20.91 3.28
C ALA A 80 -37.97 -22.07 3.34
N SER A 81 -37.19 -22.21 2.25
CA SER A 81 -36.33 -23.37 2.07
C SER A 81 -35.41 -23.56 3.27
N GLY A 82 -35.38 -24.79 3.79
CA GLY A 82 -34.42 -25.15 4.81
C GLY A 82 -34.77 -24.73 6.22
N ALA A 83 -35.88 -24.01 6.43
CA ALA A 83 -36.39 -23.82 7.77
C ALA A 83 -36.55 -25.19 8.44
N THR A 84 -36.25 -25.26 9.73
CA THR A 84 -36.24 -26.54 10.43
C THR A 84 -36.97 -26.44 11.75
N PHE A 85 -37.76 -27.46 12.04
CA PHE A 85 -38.41 -27.59 13.33
C PHE A 85 -37.76 -28.75 14.05
N MET A 86 -37.15 -28.44 15.18
CA MET A 86 -36.44 -29.45 15.96
C MET A 86 -37.42 -30.05 16.96
N MET A 87 -37.70 -31.34 16.83
CA MET A 87 -38.60 -32.01 17.77
C MET A 87 -37.82 -32.92 18.72
N ALA A 88 -38.55 -33.75 19.50
CA ALA A 88 -37.98 -34.76 20.42
C ALA A 88 -37.27 -34.14 21.63
N GLY A 89 -37.74 -32.98 22.10
CA GLY A 89 -37.30 -32.50 23.42
C GLY A 89 -35.80 -32.37 23.55
N ASN A 90 -35.29 -32.82 24.70
CA ASN A 90 -33.85 -32.82 24.94
C ASN A 90 -33.15 -34.01 24.31
N GLN A 91 -33.86 -34.87 23.56
CA GLN A 91 -33.30 -36.05 22.93
C GLN A 91 -32.49 -36.88 23.93
N GLY A 92 -32.88 -36.83 25.19
CA GLY A 92 -32.26 -37.64 26.21
C GLY A 92 -31.08 -37.04 26.93
N HIS A 93 -30.62 -35.85 26.53
CA HIS A 93 -29.50 -35.19 27.20
C HIS A 93 -30.03 -34.26 28.29
N ARG A 94 -29.54 -34.46 29.52
CA ARG A 94 -30.00 -33.71 30.69
C ARG A 94 -28.86 -32.86 31.22
N ALA A 95 -28.86 -31.56 30.88
CA ALA A 95 -27.79 -30.68 31.36
C ALA A 95 -27.69 -30.65 32.88
N ASP A 96 -28.76 -31.02 33.58
CA ASP A 96 -28.83 -30.97 35.03
C ASP A 96 -28.37 -32.25 35.69
N TRP A 97 -28.15 -33.31 34.91
CA TRP A 97 -27.49 -34.50 35.40
C TRP A 97 -25.99 -34.35 35.21
N ILE A 98 -25.24 -35.22 35.90
CA ILE A 98 -23.77 -35.14 35.90
C ILE A 98 -23.23 -35.20 34.48
N SER A 99 -23.66 -36.19 33.70
CA SER A 99 -23.27 -36.28 32.30
C SER A 99 -24.45 -36.02 31.36
N THR A 100 -24.15 -35.43 30.20
CA THR A 100 -25.13 -35.36 29.11
C THR A 100 -25.10 -36.60 28.21
N PHE A 101 -24.26 -37.57 28.48
CA PHE A 101 -24.09 -38.68 27.54
C PHE A 101 -25.23 -39.68 27.68
N PRO A 102 -25.82 -40.14 26.57
CA PRO A 102 -26.94 -41.12 26.64
C PRO A 102 -26.45 -42.56 26.69
N PHE A 103 -25.86 -42.93 27.83
CA PHE A 103 -25.40 -44.29 28.09
C PHE A 103 -26.46 -45.32 27.68
N SER A 104 -26.05 -46.33 26.90
CA SER A 104 -26.95 -47.40 26.54
C SER A 104 -26.94 -48.48 27.62
N LYS A 105 -28.09 -49.09 27.83
CA LYS A 105 -28.16 -50.19 28.78
C LYS A 105 -27.26 -51.35 28.36
N LYS A 106 -27.29 -51.71 27.07
CA LYS A 106 -26.49 -52.85 26.62
C LYS A 106 -25.00 -52.60 26.78
N GLU A 107 -24.60 -51.35 27.00
CA GLU A 107 -23.20 -51.01 27.20
C GLU A 107 -22.86 -50.65 28.63
N PHE A 108 -23.81 -50.10 29.40
CA PHE A 108 -23.47 -49.62 30.73
C PHE A 108 -24.34 -50.21 31.85
N GLY A 109 -25.16 -51.20 31.56
CA GLY A 109 -25.85 -51.92 32.62
C GLY A 109 -27.14 -51.26 33.07
N GLU A 110 -27.71 -51.83 34.13
CA GLU A 110 -29.06 -51.47 34.54
C GLU A 110 -29.12 -50.17 35.35
N GLY A 111 -28.01 -49.64 35.82
CA GLY A 111 -28.09 -48.35 36.50
C GLY A 111 -28.45 -47.18 35.61
N VAL A 112 -28.55 -47.41 34.30
CA VAL A 112 -28.89 -46.34 33.35
C VAL A 112 -30.31 -45.87 33.58
N LYS A 113 -30.48 -44.55 33.64
CA LYS A 113 -31.80 -43.92 33.74
C LYS A 113 -32.08 -43.12 32.49
N ASP A 114 -33.30 -43.23 31.98
CA ASP A 114 -33.73 -42.54 30.78
C ASP A 114 -33.85 -41.03 31.06
N GLY A 115 -33.03 -40.23 30.38
CA GLY A 115 -33.02 -38.81 30.60
C GLY A 115 -33.96 -37.99 29.74
N PHE A 116 -34.77 -38.62 28.89
CA PHE A 116 -35.63 -37.91 27.95
C PHE A 116 -36.62 -37.00 28.68
N GLN A 117 -36.85 -35.82 28.14
CA GLN A 117 -37.87 -34.92 28.68
C GLN A 117 -38.58 -34.21 27.54
N ARG A 118 -39.89 -34.34 27.48
CA ARG A 118 -40.64 -33.60 26.48
C ARG A 118 -40.49 -32.11 26.72
N ALA A 119 -40.69 -31.33 25.64
CA ALA A 119 -40.67 -29.88 25.70
C ALA A 119 -42.04 -29.24 25.56
N GLY A 120 -43.09 -30.02 25.33
CA GLY A 120 -44.37 -29.49 24.90
C GLY A 120 -44.42 -29.32 23.40
N ASP A 121 -45.62 -29.09 22.89
CA ASP A 121 -45.81 -29.00 21.45
C ASP A 121 -45.06 -27.79 20.91
N THR A 122 -44.64 -27.89 19.66
CA THR A 122 -44.24 -26.71 18.91
C THR A 122 -45.49 -26.17 18.21
N ILE A 123 -45.85 -24.93 18.55
CA ILE A 123 -47.08 -24.32 18.08
C ILE A 123 -46.76 -23.10 17.23
N VAL A 124 -47.16 -23.14 15.96
CA VAL A 124 -47.00 -22.02 15.05
C VAL A 124 -48.40 -21.57 14.65
N GLY A 125 -48.71 -20.30 14.91
CA GLY A 125 -50.04 -19.80 14.66
C GLY A 125 -50.26 -19.59 13.18
N ASN A 126 -51.15 -18.65 12.87
CA ASN A 126 -51.61 -18.36 11.54
C ASN A 126 -50.88 -17.16 10.96
N ASP A 127 -50.65 -17.21 9.64
CA ASP A 127 -50.11 -16.08 8.89
C ASP A 127 -48.71 -15.76 9.38
N VAL A 128 -47.95 -16.81 9.64
CA VAL A 128 -46.57 -16.70 10.11
C VAL A 128 -45.63 -16.93 8.94
N TRP A 129 -44.61 -16.08 8.82
CA TRP A 129 -43.61 -16.16 7.75
C TRP A 129 -42.29 -16.59 8.39
N ILE A 130 -41.77 -17.74 7.97
CA ILE A 130 -40.50 -18.29 8.50
C ILE A 130 -39.48 -18.26 7.38
N GLY A 131 -38.41 -17.46 7.59
CA GLY A 131 -37.38 -17.27 6.59
C GLY A 131 -36.45 -18.48 6.43
N SER A 132 -35.69 -18.44 5.33
CA SER A 132 -34.87 -19.58 4.93
C SER A 132 -33.85 -19.97 6.00
N GLU A 133 -33.79 -21.27 6.30
CA GLU A 133 -32.82 -21.87 7.21
C GLU A 133 -32.98 -21.38 8.65
N ALA A 134 -34.09 -20.78 9.01
CA ALA A 134 -34.40 -20.59 10.41
C ALA A 134 -34.51 -21.95 11.09
N MET A 135 -34.16 -22.00 12.37
CA MET A 135 -34.29 -23.23 13.16
C MET A 135 -35.18 -22.94 14.37
N ILE A 136 -36.24 -23.72 14.52
CA ILE A 136 -37.21 -23.53 15.60
C ILE A 136 -37.01 -24.65 16.61
N MET A 137 -36.60 -24.27 17.81
CA MET A 137 -36.19 -25.27 18.80
C MET A 137 -37.42 -25.85 19.47
N PRO A 138 -37.27 -26.97 20.18
CA PRO A 138 -38.45 -27.65 20.77
C PRO A 138 -39.28 -26.74 21.68
N GLY A 139 -40.60 -26.94 21.62
CA GLY A 139 -41.52 -26.34 22.59
C GLY A 139 -41.84 -24.87 22.39
N VAL A 140 -41.37 -24.25 21.32
CA VAL A 140 -41.57 -22.83 21.08
C VAL A 140 -42.97 -22.60 20.52
N HIS A 141 -43.61 -21.53 20.97
CA HIS A 141 -44.87 -21.01 20.41
C HIS A 141 -44.57 -19.75 19.61
N ILE A 142 -45.12 -19.66 18.40
CA ILE A 142 -44.90 -18.50 17.52
C ILE A 142 -46.29 -17.94 17.24
N GLY A 143 -46.62 -16.78 17.82
CA GLY A 143 -47.96 -16.21 17.69
C GLY A 143 -48.30 -15.79 16.26
N ASP A 144 -49.61 -15.57 16.04
CA ASP A 144 -50.11 -15.21 14.71
C ASP A 144 -49.41 -13.98 14.16
N GLY A 145 -49.14 -14.01 12.86
CA GLY A 145 -48.64 -12.84 12.16
C GLY A 145 -47.18 -12.54 12.39
N ALA A 146 -46.46 -13.40 13.10
CA ALA A 146 -45.05 -13.19 13.37
C ALA A 146 -44.20 -13.46 12.14
N ILE A 147 -43.02 -12.84 12.12
CA ILE A 147 -42.09 -13.01 11.01
C ILE A 147 -40.78 -13.46 11.62
N ILE A 148 -40.27 -14.57 11.13
CA ILE A 148 -38.97 -15.12 11.57
C ILE A 148 -37.94 -14.89 10.48
N GLY A 149 -36.92 -14.11 10.81
CA GLY A 149 -35.88 -13.82 9.83
C GLY A 149 -35.12 -15.06 9.40
N ALA A 150 -34.59 -14.99 8.18
CA ALA A 150 -33.76 -16.06 7.66
C ALA A 150 -32.62 -16.34 8.64
N ARG A 151 -32.37 -17.63 8.89
CA ARG A 151 -31.27 -18.11 9.71
C ARG A 151 -31.47 -17.84 11.18
N ALA A 152 -32.67 -17.39 11.59
CA ALA A 152 -32.94 -17.14 12.99
C ALA A 152 -32.86 -18.46 13.76
N VAL A 153 -32.47 -18.37 15.04
CA VAL A 153 -32.42 -19.53 15.94
C VAL A 153 -33.36 -19.21 17.09
N ILE A 154 -34.57 -19.78 17.06
CA ILE A 154 -35.69 -19.36 17.90
C ILE A 154 -35.81 -20.35 19.05
N THR A 155 -35.57 -19.88 20.27
CA THR A 155 -35.71 -20.72 21.46
C THR A 155 -36.68 -20.16 22.49
N LYS A 156 -37.21 -18.96 22.28
CA LYS A 156 -38.25 -18.42 23.14
C LYS A 156 -39.50 -18.17 22.33
N ASN A 157 -40.65 -18.17 23.03
CA ASN A 157 -41.91 -17.81 22.40
C ASN A 157 -41.81 -16.44 21.73
N VAL A 158 -42.57 -16.31 20.64
CA VAL A 158 -42.57 -15.15 19.77
C VAL A 158 -43.98 -14.56 19.81
N ALA A 159 -44.08 -13.33 20.32
CA ALA A 159 -45.36 -12.67 20.44
C ALA A 159 -46.01 -12.48 19.07
N PRO A 160 -47.34 -12.40 19.01
CA PRO A 160 -48.00 -12.14 17.73
C PRO A 160 -47.53 -10.87 17.04
N TYR A 161 -47.29 -10.98 15.73
CA TYR A 161 -46.94 -9.87 14.85
C TYR A 161 -45.57 -9.28 15.16
N SER A 162 -44.69 -10.02 15.85
CA SER A 162 -43.34 -9.53 16.06
C SER A 162 -42.40 -10.09 15.01
N VAL A 163 -41.33 -9.36 14.78
CA VAL A 163 -40.29 -9.69 13.81
C VAL A 163 -39.05 -10.07 14.60
N VAL A 164 -38.60 -11.31 14.49
CA VAL A 164 -37.52 -11.85 15.31
C VAL A 164 -36.44 -12.42 14.39
N VAL A 165 -35.17 -12.10 14.69
CA VAL A 165 -34.03 -12.49 13.87
C VAL A 165 -32.95 -12.99 14.81
N GLY A 166 -32.02 -13.74 14.22
CA GLY A 166 -30.79 -14.09 14.95
C GLY A 166 -31.08 -14.92 16.17
N ASN A 167 -30.42 -14.59 17.27
CA ASN A 167 -30.57 -15.27 18.54
C ASN A 167 -31.73 -14.63 19.33
N ASN A 168 -32.95 -14.91 18.87
CA ASN A 168 -34.18 -14.43 19.53
C ASN A 168 -34.24 -12.91 19.62
N VAL A 169 -33.67 -12.21 18.65
CA VAL A 169 -33.67 -10.75 18.69
C VAL A 169 -34.98 -10.24 18.12
N VAL A 170 -35.80 -9.60 18.95
CA VAL A 170 -37.05 -8.99 18.52
C VAL A 170 -36.73 -7.62 17.91
N VAL A 171 -36.89 -7.50 16.60
CA VAL A 171 -36.58 -6.26 15.90
C VAL A 171 -37.67 -5.22 16.14
N LYS A 172 -38.91 -5.62 16.02
CA LYS A 172 -40.05 -4.73 16.14
C LYS A 172 -41.33 -5.55 16.07
N LYS A 173 -42.44 -4.86 16.16
CA LYS A 173 -43.73 -5.44 15.86
C LYS A 173 -44.26 -4.78 14.59
N ARG A 174 -45.05 -5.56 13.84
CA ARG A 174 -45.44 -5.12 12.51
C ARG A 174 -46.37 -3.91 12.55
N PHE A 175 -47.29 -3.84 13.52
CA PHE A 175 -48.23 -2.72 13.65
C PHE A 175 -48.34 -2.28 15.10
N ASP A 176 -49.07 -1.17 15.33
CA ASP A 176 -49.34 -0.68 16.68
C ASP A 176 -50.15 -1.68 17.50
N GLU A 177 -50.05 -1.55 18.82
CA GLU A 177 -50.64 -2.56 19.71
C GLU A 177 -52.14 -2.66 19.51
N ASN A 178 -52.82 -1.53 19.30
CA ASN A 178 -54.26 -1.59 19.15
C ASN A 178 -54.64 -2.29 17.85
N LEU A 179 -53.85 -2.09 16.79
CA LEU A 179 -54.17 -2.72 15.50
C LEU A 179 -53.88 -4.21 15.53
N ILE A 180 -52.82 -4.63 16.23
CA ILE A 180 -52.61 -6.04 16.51
C ILE A 180 -53.83 -6.64 17.20
N GLN A 181 -54.31 -5.96 18.26
CA GLN A 181 -55.43 -6.53 18.98
C GLN A 181 -56.63 -6.70 18.05
N THR A 182 -56.82 -5.75 17.11
CA THR A 182 -57.94 -5.84 16.18
C THR A 182 -57.79 -7.07 15.27
N LEU A 183 -56.59 -7.29 14.75
CA LEU A 183 -56.35 -8.48 13.94
C LEU A 183 -56.55 -9.76 14.76
N LEU A 184 -56.22 -9.74 16.05
CA LEU A 184 -56.36 -10.97 16.82
C LEU A 184 -57.80 -11.27 17.19
N VAL A 185 -58.66 -10.25 17.23
CA VAL A 185 -60.08 -10.50 17.41
C VAL A 185 -60.71 -10.96 16.11
N ILE A 186 -60.40 -10.29 14.98
CA ILE A 186 -61.23 -10.56 13.80
C ILE A 186 -60.80 -11.85 13.08
N LYS A 187 -59.52 -12.22 13.16
CA LYS A 187 -59.03 -13.52 12.71
C LYS A 187 -59.45 -13.83 11.27
N TRP A 188 -58.93 -13.03 10.33
CA TRP A 188 -59.37 -13.17 8.95
C TRP A 188 -59.05 -14.55 8.38
N TRP A 189 -58.03 -15.22 8.93
CA TRP A 189 -57.63 -16.55 8.45
C TRP A 189 -58.70 -17.60 8.72
N ASP A 190 -59.65 -17.32 9.62
CA ASP A 190 -60.77 -18.24 9.87
C ASP A 190 -62.05 -17.84 9.12
N TRP A 191 -62.01 -16.79 8.30
CA TRP A 191 -63.23 -16.38 7.60
C TRP A 191 -63.59 -17.38 6.51
N PRO A 192 -64.87 -17.49 6.15
CA PRO A 192 -65.23 -18.21 4.92
C PRO A 192 -64.44 -17.64 3.76
N LEU A 193 -64.02 -18.54 2.85
CA LEU A 193 -63.13 -18.17 1.75
C LEU A 193 -63.70 -17.02 0.92
N GLN A 194 -65.02 -17.00 0.73
CA GLN A 194 -65.61 -15.90 -0.03
C GLN A 194 -65.26 -14.55 0.59
N HIS A 195 -65.27 -14.44 1.92
CA HIS A 195 -64.94 -13.16 2.51
C HIS A 195 -63.46 -12.84 2.39
N ILE A 196 -62.59 -13.84 2.43
CA ILE A 196 -61.18 -13.58 2.20
C ILE A 196 -60.96 -13.09 0.78
N LYS A 197 -61.60 -13.76 -0.19
CA LYS A 197 -61.54 -13.29 -1.56
C LYS A 197 -62.07 -11.88 -1.69
N ASN A 198 -63.27 -11.62 -1.14
CA ASN A 198 -63.86 -10.30 -1.29
C ASN A 198 -62.97 -9.21 -0.69
N THR A 199 -62.23 -9.55 0.36
CA THR A 199 -61.44 -8.58 1.10
C THR A 199 -59.99 -8.59 0.68
N MET A 200 -59.65 -9.37 -0.35
CA MET A 200 -58.28 -9.56 -0.76
C MET A 200 -57.59 -8.24 -1.09
N GLU A 201 -58.33 -7.28 -1.62
CA GLU A 201 -57.74 -5.99 -1.93
C GLU A 201 -57.40 -5.21 -0.66
N ILE A 202 -58.08 -5.51 0.44
CA ILE A 202 -57.74 -4.89 1.72
C ILE A 202 -56.58 -5.62 2.37
N LEU A 203 -56.59 -6.95 2.32
CA LEU A 203 -55.49 -7.75 2.89
C LEU A 203 -54.15 -7.38 2.28
N CYS A 204 -54.13 -7.02 0.99
CA CYS A 204 -52.92 -6.65 0.29
C CYS A 204 -52.69 -5.16 0.46
N SER A 205 -52.73 -4.70 1.70
CA SER A 205 -52.58 -3.30 2.05
C SER A 205 -52.30 -3.22 3.54
N GLY A 206 -52.00 -2.02 4.02
CA GLY A 206 -51.91 -1.86 5.45
C GLY A 206 -53.19 -1.43 6.17
N HIS A 207 -54.35 -1.51 5.52
CA HIS A 207 -55.55 -0.88 6.04
C HIS A 207 -56.28 -1.83 6.98
N ILE A 208 -55.77 -1.89 8.22
CA ILE A 208 -56.31 -2.85 9.19
C ILE A 208 -57.71 -2.44 9.63
N GLU A 209 -57.91 -1.14 9.88
CA GLU A 209 -59.23 -0.66 10.28
C GLU A 209 -60.25 -0.79 9.17
N GLU A 210 -59.83 -0.68 7.91
CA GLU A 210 -60.77 -0.97 6.82
C GLU A 210 -61.06 -2.46 6.76
N LEU A 211 -60.10 -3.29 7.15
CA LEU A 211 -60.38 -4.72 7.29
C LEU A 211 -61.36 -4.97 8.42
N GLU A 212 -61.28 -4.17 9.49
CA GLU A 212 -62.21 -4.35 10.60
C GLU A 212 -63.60 -3.85 10.20
N GLN A 213 -63.67 -2.80 9.40
CA GLN A 213 -64.97 -2.35 8.86
C GLN A 213 -65.63 -3.46 8.07
N TYR A 214 -64.89 -4.09 7.17
CA TYR A 214 -65.41 -5.22 6.41
C TYR A 214 -65.94 -6.31 7.32
N PHE A 215 -65.18 -6.67 8.37
CA PHE A 215 -65.58 -7.72 9.29
C PHE A 215 -66.92 -7.37 9.96
N ILE A 216 -67.01 -6.17 10.51
CA ILE A 216 -68.21 -5.78 11.24
C ILE A 216 -69.45 -5.90 10.37
N LYS A 217 -69.35 -5.50 9.10
CA LYS A 217 -70.50 -5.38 8.23
C LYS A 217 -70.86 -6.66 7.49
N ASN A 218 -69.92 -7.59 7.30
CA ASN A 218 -70.16 -8.77 6.47
C ASN A 218 -69.90 -10.10 7.15
N VAL A 219 -69.04 -10.15 8.16
CA VAL A 219 -68.65 -11.40 8.78
C VAL A 219 -69.33 -11.60 10.13
N GLY A 220 -69.25 -10.60 11.00
CA GLY A 220 -69.95 -10.64 12.28
C GLY A 220 -69.35 -11.57 13.31
N SER B 1 -32.14 -46.42 -8.54
CA SER B 1 -32.09 -46.12 -7.12
C SER B 1 -31.02 -45.05 -6.81
N ASN B 2 -31.14 -44.42 -5.65
CA ASN B 2 -30.24 -43.33 -5.28
C ASN B 2 -29.07 -43.83 -4.44
N ALA B 3 -28.04 -42.98 -4.35
CA ALA B 3 -26.82 -43.33 -3.64
C ALA B 3 -27.10 -43.47 -2.14
N MET B 4 -26.46 -44.45 -1.53
CA MET B 4 -26.68 -44.69 -0.12
C MET B 4 -26.21 -43.50 0.70
N GLU B 5 -26.76 -43.39 1.90
CA GLU B 5 -26.39 -42.42 2.92
C GLU B 5 -25.78 -43.15 4.11
N ALA B 6 -25.15 -42.37 5.00
CA ALA B 6 -24.35 -42.94 6.08
C ALA B 6 -25.20 -43.53 7.19
N PHE B 7 -26.41 -43.00 7.37
CA PHE B 7 -27.30 -43.39 8.46
C PHE B 7 -28.66 -43.78 7.90
N ASN B 8 -29.29 -44.79 8.51
CA ASN B 8 -30.61 -45.25 8.10
C ASN B 8 -31.74 -44.60 8.87
N SER B 9 -31.50 -44.12 10.08
CA SER B 9 -32.51 -43.31 10.76
C SER B 9 -31.79 -42.44 11.77
N TRP B 10 -32.48 -41.42 12.26
CA TRP B 10 -31.86 -40.58 13.28
C TRP B 10 -31.83 -41.24 14.65
N LEU B 11 -32.37 -42.45 14.78
CA LEU B 11 -32.22 -43.22 15.99
C LEU B 11 -30.82 -43.78 16.14
N GLU B 12 -30.03 -43.75 15.06
CA GLU B 12 -28.74 -44.40 14.98
C GLU B 12 -27.63 -43.40 15.23
N GLY B 13 -26.64 -43.83 16.03
CA GLY B 13 -25.41 -43.09 16.18
C GLY B 13 -24.22 -43.91 15.74
N GLN B 14 -23.12 -43.24 15.38
CA GLN B 14 -21.89 -43.89 14.93
C GLN B 14 -20.80 -43.68 15.97
N ASN B 15 -20.35 -44.78 16.57
CA ASN B 15 -19.18 -44.70 17.44
C ASN B 15 -17.97 -44.22 16.65
N LEU B 16 -17.37 -43.11 17.10
CA LEU B 16 -16.31 -42.48 16.30
C LEU B 16 -14.98 -43.20 16.41
N LYS B 17 -14.64 -43.72 17.58
CA LYS B 17 -13.31 -44.32 17.75
C LYS B 17 -13.11 -45.54 16.86
N GLU B 18 -14.17 -46.32 16.65
CA GLU B 18 -14.08 -47.51 15.79
C GLU B 18 -14.14 -47.17 14.31
N GLN B 19 -14.51 -45.94 13.95
CA GLN B 19 -14.71 -45.59 12.56
C GLN B 19 -13.61 -44.71 11.98
N VAL B 20 -13.12 -43.74 12.76
CA VAL B 20 -12.29 -42.67 12.21
C VAL B 20 -10.96 -43.20 11.74
N LYS B 21 -10.48 -42.69 10.61
CA LYS B 21 -9.25 -43.18 10.01
C LYS B 21 -8.21 -42.11 9.75
N ASN B 22 -8.59 -40.84 9.72
CA ASN B 22 -7.64 -39.78 9.45
C ASN B 22 -6.58 -39.76 10.56
N PRO B 23 -5.30 -39.90 10.23
CA PRO B 23 -4.27 -39.85 11.28
C PRO B 23 -4.26 -38.52 12.01
N ASN B 24 -4.92 -37.50 11.47
CA ASN B 24 -4.91 -36.19 12.10
C ASN B 24 -6.11 -35.98 13.00
N ILE B 25 -6.93 -37.01 13.21
CA ILE B 25 -8.03 -36.96 14.16
C ILE B 25 -7.77 -37.97 15.27
N GLU B 26 -8.05 -37.56 16.50
CA GLU B 26 -8.02 -38.44 17.66
C GLU B 26 -9.36 -38.32 18.36
N VAL B 27 -10.06 -39.45 18.55
CA VAL B 27 -11.36 -39.47 19.21
C VAL B 27 -11.36 -40.53 20.30
N GLY B 28 -11.85 -40.16 21.49
CA GLY B 28 -11.87 -41.06 22.63
C GLY B 28 -13.11 -41.93 22.72
N ASP B 29 -13.09 -42.82 23.71
CA ASP B 29 -14.09 -43.88 23.82
C ASP B 29 -15.51 -43.33 23.90
N TYR B 30 -16.42 -44.04 23.25
CA TYR B 30 -17.88 -43.88 23.32
C TYR B 30 -18.41 -42.66 22.57
N SER B 31 -17.57 -41.65 22.34
CA SER B 31 -18.03 -40.51 21.57
C SER B 31 -18.62 -40.93 20.23
N TYR B 32 -19.74 -40.31 19.86
CA TYR B 32 -20.51 -40.74 18.70
C TYR B 32 -20.98 -39.53 17.89
N TYR B 33 -21.26 -39.77 16.63
CA TYR B 33 -21.88 -38.79 15.73
C TYR B 33 -23.23 -39.34 15.29
N SER B 34 -24.29 -38.57 15.49
CA SER B 34 -25.64 -38.93 15.05
C SER B 34 -25.98 -38.04 13.86
N GLY B 35 -25.65 -38.50 12.65
CA GLY B 35 -25.56 -37.61 11.52
C GLY B 35 -26.61 -37.82 10.46
N PHE B 36 -27.73 -38.47 10.82
CA PHE B 36 -28.75 -38.84 9.84
C PHE B 36 -29.16 -37.66 8.95
N TYR B 37 -29.40 -36.50 9.54
CA TYR B 37 -30.00 -35.44 8.74
C TYR B 37 -29.01 -34.78 7.79
N HIS B 38 -27.70 -35.09 7.88
CA HIS B 38 -26.76 -34.53 6.92
C HIS B 38 -26.07 -35.58 6.07
N SER B 39 -26.56 -36.83 6.09
CA SER B 39 -26.35 -37.85 5.05
C SER B 39 -25.01 -38.57 5.09
N LYS B 40 -23.94 -37.89 5.50
CA LYS B 40 -22.60 -38.44 5.26
C LYS B 40 -21.91 -38.75 6.58
N THR B 41 -20.79 -39.49 6.48
CA THR B 41 -20.04 -39.86 7.68
C THR B 41 -19.42 -38.64 8.34
N PHE B 42 -19.05 -38.86 9.61
CA PHE B 42 -18.37 -37.83 10.39
C PHE B 42 -17.15 -37.27 9.66
N GLU B 43 -16.30 -38.14 9.09
CA GLU B 43 -15.08 -37.67 8.46
C GLU B 43 -15.31 -37.03 7.10
N GLU B 44 -16.45 -37.25 6.45
CA GLU B 44 -16.63 -36.61 5.16
C GLU B 44 -17.49 -35.37 5.21
N GLN B 45 -18.18 -35.11 6.32
CA GLN B 45 -19.19 -34.05 6.41
C GLN B 45 -18.97 -33.11 7.59
N ALA B 46 -18.60 -33.64 8.74
CA ALA B 46 -18.44 -32.86 9.95
C ALA B 46 -17.04 -32.26 10.11
N VAL B 47 -16.01 -32.99 9.72
CA VAL B 47 -14.63 -32.54 9.88
C VAL B 47 -14.16 -32.01 8.54
N ARG B 48 -13.88 -30.72 8.47
CA ARG B 48 -13.70 -30.09 7.17
C ARG B 48 -12.32 -29.47 7.06
N TYR B 49 -11.72 -29.68 5.88
CA TYR B 49 -10.45 -29.09 5.47
C TYR B 49 -9.28 -29.68 6.25
N LEU B 50 -9.41 -30.92 6.71
CA LEU B 50 -8.33 -31.63 7.42
C LEU B 50 -7.56 -32.51 6.44
N LEU B 51 -6.32 -32.09 6.11
CA LEU B 51 -5.48 -32.90 5.23
C LEU B 51 -5.39 -34.34 5.74
N GLY B 52 -5.49 -35.28 4.81
CA GLY B 52 -5.42 -36.68 5.14
C GLY B 52 -6.76 -37.36 5.15
N ASP B 53 -7.84 -36.62 4.91
CA ASP B 53 -9.15 -37.21 4.76
C ASP B 53 -9.21 -37.89 3.40
N ALA B 54 -10.41 -38.33 3.03
CA ALA B 54 -10.60 -39.06 1.78
C ALA B 54 -10.17 -38.27 0.53
N PRO B 55 -10.52 -36.99 0.35
CA PRO B 55 -10.13 -36.32 -0.90
C PRO B 55 -8.68 -35.87 -0.95
N THR B 56 -7.97 -35.84 0.18
CA THR B 56 -6.57 -35.42 0.18
C THR B 56 -5.61 -36.50 0.65
N GLN B 57 -6.05 -37.75 0.70
CA GLN B 57 -5.22 -38.78 1.32
C GLN B 57 -3.94 -38.99 0.53
N GLU B 58 -4.06 -39.21 -0.78
CA GLU B 58 -2.89 -39.42 -1.62
C GLU B 58 -1.92 -38.26 -1.52
N VAL B 59 -2.43 -37.03 -1.48
CA VAL B 59 -1.55 -35.87 -1.36
C VAL B 59 -0.85 -35.86 0.01
N TRP B 60 -1.60 -36.16 1.07
CA TRP B 60 -1.03 -36.18 2.42
C TRP B 60 0.09 -37.22 2.56
N GLU B 61 -0.10 -38.43 2.03
N GLU B 61 -0.10 -38.43 2.02
CA GLU B 61 0.89 -39.49 2.20
CA GLU B 61 0.88 -39.49 2.19
C GLU B 61 2.16 -39.27 1.39
C GLU B 61 2.18 -39.24 1.42
N SER B 62 2.21 -38.22 0.57
CA SER B 62 3.46 -37.87 -0.13
C SER B 62 4.48 -37.26 0.83
N GLY B 63 4.02 -36.74 1.97
CA GLY B 63 4.90 -36.26 3.04
C GLY B 63 5.56 -34.93 2.78
N GLN B 64 5.00 -34.09 1.91
CA GLN B 64 5.57 -32.80 1.59
C GLN B 64 4.81 -31.66 2.25
N PHE B 65 3.95 -31.96 3.24
CA PHE B 65 3.09 -30.96 3.83
C PHE B 65 3.56 -30.43 5.17
N GLY B 66 4.31 -31.20 5.95
CA GLY B 66 4.61 -30.83 7.32
C GLY B 66 3.37 -30.95 8.20
N GLU B 67 3.54 -30.63 9.49
CA GLU B 67 2.48 -30.84 10.47
C GLU B 67 1.34 -29.85 10.25
N VAL B 68 0.12 -30.33 10.49
CA VAL B 68 -1.10 -29.53 10.37
C VAL B 68 -1.83 -29.54 11.70
N ASP B 69 -2.81 -28.63 11.83
CA ASP B 69 -3.67 -28.60 13.01
C ASP B 69 -4.46 -29.90 13.12
N LYS B 70 -4.52 -30.44 14.33
CA LYS B 70 -5.19 -31.71 14.57
C LYS B 70 -6.51 -31.46 15.29
N LEU B 71 -7.43 -32.41 15.15
CA LEU B 71 -8.74 -32.37 15.82
C LEU B 71 -8.74 -33.48 16.87
N ARG B 72 -8.85 -33.09 18.15
CA ARG B 72 -8.82 -34.06 19.24
C ARG B 72 -10.14 -33.97 20.00
N ILE B 73 -10.81 -35.12 20.13
CA ILE B 73 -12.11 -35.21 20.78
C ILE B 73 -12.00 -36.20 21.92
N GLY B 74 -12.59 -35.84 23.07
CA GLY B 74 -12.48 -36.63 24.27
C GLY B 74 -13.42 -37.81 24.27
N LYS B 75 -13.67 -38.31 25.48
CA LYS B 75 -14.55 -39.43 25.71
C LYS B 75 -15.96 -38.94 26.02
N PHE B 76 -16.95 -39.77 25.70
CA PHE B 76 -18.31 -39.55 26.14
C PHE B 76 -18.91 -38.28 25.56
N CYS B 77 -18.51 -37.93 24.34
CA CYS B 77 -19.02 -36.74 23.68
C CYS B 77 -20.18 -37.11 22.78
N SER B 78 -21.13 -36.20 22.70
CA SER B 78 -22.35 -36.38 21.90
C SER B 78 -22.32 -35.31 20.83
N ILE B 79 -22.17 -35.73 19.58
CA ILE B 79 -22.04 -34.81 18.45
C ILE B 79 -23.27 -34.94 17.56
N ALA B 80 -24.10 -33.88 17.51
CA ALA B 80 -25.36 -33.96 16.78
C ALA B 80 -25.18 -33.66 15.28
N SER B 81 -26.25 -33.92 14.53
CA SER B 81 -26.17 -33.92 13.07
C SER B 81 -25.73 -32.56 12.53
N GLY B 82 -24.85 -32.59 11.53
CA GLY B 82 -24.40 -31.37 10.89
C GLY B 82 -23.44 -30.51 11.68
N ALA B 83 -23.08 -30.91 12.90
CA ALA B 83 -22.02 -30.19 13.60
C ALA B 83 -20.74 -30.21 12.75
N THR B 84 -20.02 -29.10 12.78
CA THR B 84 -18.92 -28.89 11.83
C THR B 84 -17.68 -28.42 12.57
N PHE B 85 -16.56 -29.10 12.31
CA PHE B 85 -15.23 -28.69 12.77
C PHE B 85 -14.45 -28.13 11.59
N MET B 86 -14.15 -26.85 11.65
CA MET B 86 -13.41 -26.22 10.56
C MET B 86 -11.92 -26.35 10.84
N MET B 87 -11.21 -27.04 9.96
CA MET B 87 -9.78 -27.22 10.16
C MET B 87 -9.04 -26.34 9.16
N ALA B 88 -7.71 -26.52 9.08
CA ALA B 88 -6.82 -25.83 8.15
C ALA B 88 -6.67 -24.34 8.45
N GLY B 89 -6.84 -23.94 9.70
CA GLY B 89 -6.49 -22.57 10.09
C GLY B 89 -7.10 -21.52 9.21
N ASN B 90 -6.29 -20.56 8.79
CA ASN B 90 -6.82 -19.48 7.94
C ASN B 90 -6.96 -19.89 6.49
N GLN B 91 -6.69 -21.15 6.14
CA GLN B 91 -6.75 -21.63 4.75
C GLN B 91 -6.02 -20.69 3.78
N GLY B 92 -4.92 -20.08 4.23
CA GLY B 92 -4.09 -19.25 3.38
C GLY B 92 -4.51 -17.79 3.24
N HIS B 93 -5.59 -17.37 3.90
CA HIS B 93 -6.10 -16.00 3.80
C HIS B 93 -5.57 -15.20 4.98
N ARG B 94 -4.77 -14.14 4.68
CA ARG B 94 -4.14 -13.35 5.75
C ARG B 94 -4.86 -12.02 5.83
N ALA B 95 -5.68 -11.84 6.88
CA ALA B 95 -6.34 -10.56 7.08
C ALA B 95 -5.34 -9.43 7.28
N ASP B 96 -4.12 -9.74 7.76
CA ASP B 96 -3.12 -8.71 8.02
C ASP B 96 -2.22 -8.43 6.83
N TRP B 97 -2.33 -9.19 5.74
CA TRP B 97 -1.67 -8.82 4.49
C TRP B 97 -2.59 -7.93 3.66
N ILE B 98 -2.02 -7.26 2.66
CA ILE B 98 -2.81 -6.29 1.89
C ILE B 98 -4.05 -6.97 1.30
N SER B 99 -3.88 -8.18 0.74
CA SER B 99 -4.99 -8.90 0.15
C SER B 99 -5.19 -10.22 0.90
N THR B 100 -6.43 -10.66 0.99
CA THR B 100 -6.77 -12.01 1.44
C THR B 100 -6.78 -13.01 0.30
N PHE B 101 -6.53 -12.56 -0.90
CA PHE B 101 -6.67 -13.46 -2.04
C PHE B 101 -5.45 -14.39 -2.15
N PRO B 102 -5.68 -15.70 -2.45
CA PRO B 102 -4.55 -16.68 -2.52
C PRO B 102 -4.00 -16.79 -3.93
N PHE B 103 -3.27 -15.75 -4.35
CA PHE B 103 -2.67 -15.72 -5.68
C PHE B 103 -1.88 -17.00 -5.94
N SER B 104 -2.09 -17.59 -7.12
CA SER B 104 -1.31 -18.74 -7.52
C SER B 104 -0.01 -18.29 -8.19
N LYS B 105 1.07 -19.02 -7.92
CA LYS B 105 2.30 -18.75 -8.65
C LYS B 105 2.09 -19.00 -10.14
N LYS B 106 1.21 -19.94 -10.49
CA LYS B 106 0.88 -20.18 -11.89
C LYS B 106 0.36 -18.93 -12.58
N GLU B 107 -0.41 -18.11 -11.86
CA GLU B 107 -1.00 -16.93 -12.49
C GLU B 107 -0.27 -15.64 -12.19
N PHE B 108 0.42 -15.55 -11.06
CA PHE B 108 0.99 -14.27 -10.63
C PHE B 108 2.49 -14.32 -10.41
N GLY B 109 3.16 -15.40 -10.78
CA GLY B 109 4.61 -15.45 -10.77
C GLY B 109 5.24 -15.88 -9.45
N GLU B 110 6.57 -15.69 -9.40
CA GLU B 110 7.34 -16.20 -8.28
C GLU B 110 7.33 -15.29 -7.06
N GLY B 111 6.76 -14.09 -7.18
CA GLY B 111 6.61 -13.19 -6.02
C GLY B 111 5.64 -13.67 -4.97
N VAL B 112 4.83 -14.69 -5.27
CA VAL B 112 3.80 -15.15 -4.36
C VAL B 112 4.40 -15.74 -3.10
N LYS B 113 3.88 -15.32 -1.95
CA LYS B 113 4.18 -15.89 -0.64
C LYS B 113 2.97 -16.65 -0.13
N ASP B 114 3.24 -17.77 0.53
CA ASP B 114 2.23 -18.62 1.17
C ASP B 114 1.80 -17.98 2.48
N GLY B 115 0.50 -17.64 2.60
CA GLY B 115 -0.03 -17.06 3.81
C GLY B 115 -0.67 -18.03 4.79
N PHE B 116 -0.56 -19.33 4.54
CA PHE B 116 -1.09 -20.30 5.50
C PHE B 116 -0.47 -20.09 6.86
N GLN B 117 -1.33 -20.05 7.88
CA GLN B 117 -0.93 -20.02 9.27
C GLN B 117 -1.74 -21.04 10.05
N ARG B 118 -1.04 -21.88 10.81
CA ARG B 118 -1.74 -22.80 11.71
C ARG B 118 -2.45 -22.02 12.80
N ALA B 119 -3.58 -22.57 13.25
CA ALA B 119 -4.32 -21.98 14.35
C ALA B 119 -4.15 -22.78 15.63
N GLY B 120 -3.46 -23.91 15.57
CA GLY B 120 -3.38 -24.83 16.68
C GLY B 120 -4.49 -25.84 16.61
N ASP B 121 -4.36 -26.88 17.44
CA ASP B 121 -5.34 -27.96 17.44
C ASP B 121 -6.72 -27.51 17.89
N THR B 122 -7.74 -28.15 17.34
N THR B 122 -7.75 -28.14 17.35
CA THR B 122 -9.10 -28.06 17.87
CA THR B 122 -9.09 -28.01 17.92
C THR B 122 -9.28 -29.19 18.87
C THR B 122 -9.31 -29.17 18.87
N ILE B 123 -9.55 -28.82 20.12
CA ILE B 123 -9.67 -29.78 21.20
C ILE B 123 -11.09 -29.71 21.75
N VAL B 124 -11.77 -30.85 21.78
CA VAL B 124 -13.03 -31.01 22.51
C VAL B 124 -12.77 -31.95 23.69
N GLY B 125 -13.05 -31.46 24.89
CA GLY B 125 -12.81 -32.24 26.10
C GLY B 125 -13.81 -33.36 26.25
N ASN B 126 -13.95 -33.88 27.46
CA ASN B 126 -14.78 -35.05 27.73
C ASN B 126 -16.17 -34.63 28.15
N ASP B 127 -17.14 -35.48 27.85
CA ASP B 127 -18.53 -35.26 28.25
C ASP B 127 -19.07 -33.95 27.67
N VAL B 128 -18.80 -33.73 26.38
CA VAL B 128 -19.22 -32.51 25.70
C VAL B 128 -20.33 -32.85 24.72
N TRP B 129 -21.43 -32.10 24.82
N TRP B 129 -21.36 -32.01 24.71
CA TRP B 129 -22.59 -32.24 23.95
CA TRP B 129 -22.61 -32.23 23.97
C TRP B 129 -22.57 -31.09 22.96
C TRP B 129 -22.77 -31.09 22.95
N ILE B 130 -22.53 -31.41 21.67
CA ILE B 130 -22.42 -30.41 20.60
C ILE B 130 -23.69 -30.51 19.75
N GLY B 131 -24.52 -29.48 19.84
CA GLY B 131 -25.81 -29.50 19.19
C GLY B 131 -25.72 -29.42 17.67
N SER B 132 -26.89 -29.56 17.06
CA SER B 132 -26.98 -29.74 15.62
C SER B 132 -26.53 -28.47 14.91
N GLU B 133 -25.69 -28.64 13.89
CA GLU B 133 -25.29 -27.55 12.99
C GLU B 133 -24.50 -26.47 13.70
N ALA B 134 -23.94 -26.78 14.87
CA ALA B 134 -22.97 -25.88 15.45
C ALA B 134 -21.73 -25.91 14.58
N MET B 135 -21.02 -24.79 14.54
CA MET B 135 -19.77 -24.70 13.80
C MET B 135 -18.65 -24.30 14.74
N ILE B 136 -17.62 -25.15 14.79
CA ILE B 136 -16.46 -25.00 15.67
C ILE B 136 -15.28 -24.50 14.83
N MET B 137 -14.83 -23.28 15.08
CA MET B 137 -13.82 -22.65 14.24
C MET B 137 -12.42 -23.10 14.66
N PRO B 138 -11.38 -22.85 13.82
CA PRO B 138 -10.05 -23.42 14.10
C PRO B 138 -9.46 -22.94 15.41
N GLY B 139 -8.72 -23.84 16.07
CA GLY B 139 -7.93 -23.52 17.22
C GLY B 139 -8.65 -23.46 18.56
N VAL B 140 -10.00 -23.64 18.61
CA VAL B 140 -10.71 -23.49 19.88
C VAL B 140 -10.54 -24.73 20.76
N HIS B 141 -10.60 -24.51 22.07
CA HIS B 141 -10.60 -25.58 23.05
C HIS B 141 -11.94 -25.54 23.81
N ILE B 142 -12.70 -26.62 23.76
CA ILE B 142 -13.99 -26.71 24.46
C ILE B 142 -13.79 -27.61 25.65
N GLY B 143 -13.87 -27.04 26.86
CA GLY B 143 -13.56 -27.78 28.06
C GLY B 143 -14.56 -28.88 28.37
N ASP B 144 -14.14 -29.78 29.26
CA ASP B 144 -14.98 -30.88 29.70
C ASP B 144 -16.36 -30.42 30.18
N GLY B 145 -17.38 -31.20 29.84
CA GLY B 145 -18.72 -30.94 30.32
C GLY B 145 -19.47 -29.80 29.67
N ALA B 146 -18.87 -29.13 28.67
CA ALA B 146 -19.58 -28.02 28.04
C ALA B 146 -20.76 -28.50 27.19
N ILE B 147 -21.67 -27.56 26.93
CA ILE B 147 -22.78 -27.79 26.00
C ILE B 147 -22.72 -26.68 24.97
N ILE B 148 -22.65 -27.06 23.70
CA ILE B 148 -22.65 -26.13 22.60
C ILE B 148 -24.06 -26.18 21.98
N GLY B 149 -24.72 -25.03 21.93
CA GLY B 149 -26.08 -25.00 21.42
C GLY B 149 -26.15 -25.30 19.94
N ALA B 150 -27.33 -25.77 19.50
CA ALA B 150 -27.58 -25.91 18.08
C ALA B 150 -27.29 -24.58 17.39
N ARG B 151 -26.59 -24.65 16.26
CA ARG B 151 -26.28 -23.50 15.39
C ARG B 151 -25.29 -22.52 16.02
N ALA B 152 -24.72 -22.82 17.18
CA ALA B 152 -23.71 -21.95 17.76
C ALA B 152 -22.49 -21.85 16.84
N VAL B 153 -21.84 -20.70 16.87
CA VAL B 153 -20.63 -20.46 16.11
C VAL B 153 -19.53 -20.15 17.12
N ILE B 154 -18.67 -21.13 17.36
CA ILE B 154 -17.74 -21.11 18.49
C ILE B 154 -16.39 -20.66 17.96
N THR B 155 -15.95 -19.46 18.34
CA THR B 155 -14.67 -18.95 17.90
C THR B 155 -13.70 -18.69 19.05
N LYS B 156 -14.14 -18.85 20.29
CA LYS B 156 -13.32 -18.66 21.48
C LYS B 156 -13.33 -19.95 22.27
N ASN B 157 -12.35 -20.10 23.17
CA ASN B 157 -12.36 -21.23 24.10
C ASN B 157 -13.60 -21.21 24.99
N VAL B 158 -14.09 -22.41 25.32
CA VAL B 158 -15.29 -22.60 26.13
C VAL B 158 -14.87 -23.23 27.45
N ALA B 159 -15.18 -22.53 28.56
CA ALA B 159 -14.82 -23.02 29.88
C ALA B 159 -15.59 -24.30 30.20
N PRO B 160 -15.00 -25.18 31.03
CA PRO B 160 -15.68 -26.42 31.40
C PRO B 160 -17.07 -26.19 31.97
N TYR B 161 -18.01 -27.02 31.54
CA TYR B 161 -19.39 -27.03 32.02
C TYR B 161 -20.13 -25.73 31.71
N SER B 162 -19.62 -24.97 30.74
CA SER B 162 -20.33 -23.83 30.17
C SER B 162 -21.39 -24.29 29.15
N VAL B 163 -22.47 -23.52 29.06
CA VAL B 163 -23.44 -23.64 27.98
C VAL B 163 -23.32 -22.42 27.08
N VAL B 164 -23.08 -22.65 25.79
CA VAL B 164 -22.74 -21.56 24.86
C VAL B 164 -23.62 -21.70 23.63
N VAL B 165 -24.23 -20.58 23.23
CA VAL B 165 -25.08 -20.54 22.05
C VAL B 165 -24.66 -19.37 21.17
N GLY B 166 -25.17 -19.38 19.93
CA GLY B 166 -25.01 -18.22 19.08
C GLY B 166 -23.56 -17.82 18.92
N ASN B 167 -23.33 -16.50 18.96
CA ASN B 167 -22.00 -15.91 18.74
C ASN B 167 -21.21 -15.88 20.05
N ASN B 168 -20.78 -17.08 20.47
CA ASN B 168 -20.01 -17.28 21.72
C ASN B 168 -20.71 -16.74 22.95
N VAL B 169 -22.03 -16.91 23.04
CA VAL B 169 -22.76 -16.39 24.19
C VAL B 169 -22.84 -17.50 25.23
N VAL B 170 -22.19 -17.27 26.36
CA VAL B 170 -22.26 -18.17 27.51
C VAL B 170 -23.54 -17.85 28.27
N VAL B 171 -24.50 -18.78 28.26
CA VAL B 171 -25.79 -18.46 28.87
C VAL B 171 -25.91 -18.96 30.30
N LYS B 172 -25.10 -19.93 30.70
CA LYS B 172 -25.06 -20.41 32.08
C LYS B 172 -23.91 -21.40 32.21
N LYS B 173 -23.61 -21.75 33.46
CA LYS B 173 -22.78 -22.90 33.80
C LYS B 173 -23.68 -23.97 34.40
N ARG B 174 -23.44 -25.24 34.03
CA ARG B 174 -24.37 -26.29 34.43
C ARG B 174 -24.46 -26.44 35.94
N PHE B 175 -23.34 -26.21 36.65
CA PHE B 175 -23.28 -26.39 38.10
C PHE B 175 -22.53 -25.23 38.74
N ASP B 176 -22.67 -25.13 40.07
CA ASP B 176 -21.89 -24.17 40.84
C ASP B 176 -20.40 -24.45 40.72
N GLU B 177 -19.60 -23.40 40.95
CA GLU B 177 -18.16 -23.48 40.74
C GLU B 177 -17.53 -24.59 41.58
N ASN B 178 -17.94 -24.70 42.85
N ASN B 178 -17.95 -24.71 42.85
CA ASN B 178 -17.33 -25.70 43.73
CA ASN B 178 -17.31 -25.69 43.72
C ASN B 178 -17.55 -27.11 43.19
C ASN B 178 -17.56 -27.12 43.23
N LEU B 179 -18.74 -27.39 42.66
CA LEU B 179 -19.04 -28.71 42.14
C LEU B 179 -18.38 -28.95 40.78
N ILE B 180 -18.34 -27.93 39.93
CA ILE B 180 -17.54 -28.01 38.71
C ILE B 180 -16.10 -28.41 39.05
N GLN B 181 -15.50 -27.70 40.00
CA GLN B 181 -14.13 -28.01 40.39
C GLN B 181 -14.00 -29.45 40.84
N THR B 182 -15.04 -29.97 41.50
CA THR B 182 -15.02 -31.35 41.97
C THR B 182 -15.00 -32.33 40.81
N LEU B 183 -15.89 -32.12 39.84
CA LEU B 183 -15.93 -33.01 38.67
C LEU B 183 -14.60 -32.99 37.91
N LEU B 184 -13.87 -31.88 37.97
CA LEU B 184 -12.62 -31.77 37.22
C LEU B 184 -11.47 -32.49 37.91
N VAL B 185 -11.59 -32.80 39.20
CA VAL B 185 -10.58 -33.58 39.91
C VAL B 185 -10.85 -35.08 39.78
N ILE B 186 -12.09 -35.50 39.94
CA ILE B 186 -12.37 -36.94 39.98
C ILE B 186 -12.41 -37.53 38.56
N LYS B 187 -12.78 -36.74 37.55
CA LYS B 187 -12.67 -37.14 36.16
C LYS B 187 -13.24 -38.54 35.91
N TRP B 188 -14.56 -38.67 36.11
CA TRP B 188 -15.21 -39.97 36.02
C TRP B 188 -15.06 -40.59 34.64
N TRP B 189 -14.83 -39.78 33.60
CA TRP B 189 -14.61 -40.34 32.26
C TRP B 189 -13.31 -41.15 32.18
N ASP B 190 -12.41 -41.01 33.14
CA ASP B 190 -11.16 -41.76 33.15
C ASP B 190 -11.20 -42.99 34.04
N TRP B 191 -12.28 -43.20 34.78
CA TRP B 191 -12.40 -44.36 35.66
C TRP B 191 -12.44 -45.66 34.85
N PRO B 192 -12.03 -46.78 35.45
CA PRO B 192 -12.25 -48.07 34.79
C PRO B 192 -13.73 -48.28 34.52
N LEU B 193 -14.03 -49.04 33.47
CA LEU B 193 -15.40 -49.09 32.99
C LEU B 193 -16.35 -49.65 34.05
N GLN B 194 -15.88 -50.61 34.86
CA GLN B 194 -16.77 -51.17 35.88
C GLN B 194 -17.15 -50.14 36.94
N HIS B 195 -16.29 -49.13 37.18
CA HIS B 195 -16.62 -48.10 38.16
C HIS B 195 -17.65 -47.13 37.59
N ILE B 196 -17.57 -46.85 36.30
CA ILE B 196 -18.59 -46.04 35.65
C ILE B 196 -19.91 -46.78 35.65
N LYS B 197 -19.89 -48.05 35.30
CA LYS B 197 -21.09 -48.88 35.41
C LYS B 197 -21.63 -48.85 36.84
N ASN B 198 -20.77 -49.06 37.83
CA ASN B 198 -21.22 -49.13 39.23
C ASN B 198 -21.86 -47.85 39.69
N THR B 199 -21.44 -46.71 39.15
CA THR B 199 -21.96 -45.44 39.61
C THR B 199 -22.96 -44.84 38.63
N MET B 200 -23.42 -45.65 37.66
CA MET B 200 -24.34 -45.14 36.64
C MET B 200 -25.60 -44.51 37.24
N GLU B 201 -26.08 -45.03 38.37
CA GLU B 201 -27.23 -44.43 39.04
C GLU B 201 -26.92 -43.01 39.50
N ILE B 202 -25.67 -42.74 39.89
CA ILE B 202 -25.33 -41.38 40.29
C ILE B 202 -25.10 -40.49 39.08
N LEU B 203 -24.45 -40.99 38.02
CA LEU B 203 -24.21 -40.17 36.83
C LEU B 203 -25.53 -39.75 36.15
N CYS B 204 -26.56 -40.60 36.22
CA CYS B 204 -27.90 -40.24 35.75
C CYS B 204 -28.68 -39.51 36.84
N SER B 205 -28.06 -38.45 37.38
CA SER B 205 -28.64 -37.64 38.44
C SER B 205 -27.75 -36.42 38.60
N GLY B 206 -28.17 -35.51 39.46
CA GLY B 206 -27.43 -34.30 39.75
C GLY B 206 -26.57 -34.38 40.98
N HIS B 207 -26.45 -35.55 41.61
CA HIS B 207 -25.80 -35.69 42.90
C HIS B 207 -24.29 -35.84 42.72
N ILE B 208 -23.65 -34.70 42.45
CA ILE B 208 -22.19 -34.68 42.30
C ILE B 208 -21.50 -35.13 43.58
N GLU B 209 -22.04 -34.76 44.75
CA GLU B 209 -21.38 -35.09 46.01
C GLU B 209 -21.41 -36.59 46.28
N GLU B 210 -22.51 -37.27 45.93
CA GLU B 210 -22.51 -38.72 45.93
C GLU B 210 -21.41 -39.26 45.03
N LEU B 211 -21.29 -38.71 43.82
CA LEU B 211 -20.23 -39.14 42.92
C LEU B 211 -18.86 -38.96 43.56
N GLU B 212 -18.65 -37.81 44.24
CA GLU B 212 -17.36 -37.54 44.86
C GLU B 212 -17.07 -38.51 45.99
N GLN B 213 -18.10 -38.95 46.71
CA GLN B 213 -17.88 -39.94 47.76
C GLN B 213 -17.54 -41.30 47.18
N TYR B 214 -18.23 -41.72 46.11
CA TYR B 214 -17.88 -42.98 45.46
C TYR B 214 -16.43 -42.98 45.04
N PHE B 215 -15.97 -41.87 44.46
CA PHE B 215 -14.56 -41.72 44.11
C PHE B 215 -13.67 -41.97 45.32
N ILE B 216 -13.97 -41.34 46.46
CA ILE B 216 -13.08 -41.42 47.61
C ILE B 216 -12.99 -42.87 48.10
N LYS B 217 -14.10 -43.60 48.08
CA LYS B 217 -14.12 -44.95 48.64
C LYS B 217 -13.59 -46.00 47.68
N ASN B 218 -13.74 -45.80 46.37
CA ASN B 218 -13.55 -46.88 45.42
C ASN B 218 -12.50 -46.62 44.36
N VAL B 219 -12.29 -45.37 43.96
CA VAL B 219 -11.44 -45.07 42.81
C VAL B 219 -10.09 -44.55 43.29
N GLY B 220 -10.08 -43.38 43.91
CA GLY B 220 -8.88 -42.84 44.53
C GLY B 220 -7.75 -42.56 43.56
N ALA C 3 -20.22 -34.29 -13.76
CA ALA C 3 -19.02 -34.76 -13.08
C ALA C 3 -17.88 -33.77 -13.26
N MET C 4 -17.83 -33.12 -14.43
CA MET C 4 -16.77 -32.15 -14.69
C MET C 4 -16.92 -30.92 -13.80
N GLU C 5 -18.16 -30.47 -13.57
CA GLU C 5 -18.40 -29.34 -12.66
C GLU C 5 -18.25 -29.72 -11.20
N ALA C 6 -18.13 -31.00 -10.89
CA ALA C 6 -17.95 -31.41 -9.50
C ALA C 6 -16.59 -30.97 -8.97
N PHE C 7 -16.55 -30.68 -7.68
CA PHE C 7 -15.29 -30.51 -6.99
C PHE C 7 -14.77 -31.90 -6.62
N ASN C 8 -13.53 -32.21 -7.02
CA ASN C 8 -12.91 -33.48 -6.64
C ASN C 8 -12.40 -33.46 -5.21
N SER C 9 -12.11 -32.28 -4.67
CA SER C 9 -11.57 -32.15 -3.32
C SER C 9 -11.69 -30.69 -2.95
N TRP C 10 -11.48 -30.41 -1.66
CA TRP C 10 -11.53 -29.05 -1.17
C TRP C 10 -10.24 -28.29 -1.43
N LEU C 11 -9.30 -28.90 -2.15
CA LEU C 11 -8.14 -28.18 -2.65
C LEU C 11 -8.46 -27.39 -3.91
N GLU C 12 -9.68 -27.53 -4.43
CA GLU C 12 -10.07 -27.14 -5.78
C GLU C 12 -11.04 -25.96 -5.69
N GLY C 13 -10.76 -24.90 -6.43
CA GLY C 13 -11.67 -23.76 -6.53
C GLY C 13 -12.08 -23.52 -7.97
N GLN C 14 -13.26 -22.93 -8.16
CA GLN C 14 -13.80 -22.72 -9.49
C GLN C 14 -13.72 -21.24 -9.82
N ASN C 15 -13.04 -20.92 -10.92
CA ASN C 15 -13.01 -19.54 -11.39
C ASN C 15 -14.41 -19.13 -11.85
N LEU C 16 -14.94 -18.04 -11.30
CA LEU C 16 -16.33 -17.69 -11.51
C LEU C 16 -16.59 -17.01 -12.86
N LYS C 17 -15.72 -16.08 -13.26
CA LYS C 17 -15.90 -15.40 -14.54
C LYS C 17 -15.93 -16.39 -15.71
N GLU C 18 -15.20 -17.50 -15.60
CA GLU C 18 -15.19 -18.48 -16.70
C GLU C 18 -16.39 -19.40 -16.70
N GLN C 19 -17.17 -19.45 -15.62
CA GLN C 19 -18.27 -20.40 -15.49
C GLN C 19 -19.65 -19.75 -15.53
N VAL C 20 -19.81 -18.59 -14.87
CA VAL C 20 -21.13 -18.01 -14.68
C VAL C 20 -21.74 -17.62 -16.01
N LYS C 21 -23.02 -17.97 -16.20
CA LYS C 21 -23.74 -17.68 -17.43
C LYS C 21 -25.01 -16.87 -17.23
N ASN C 22 -25.51 -16.76 -16.00
CA ASN C 22 -26.73 -16.00 -15.71
C ASN C 22 -26.52 -14.55 -16.11
N PRO C 23 -27.36 -13.99 -16.99
CA PRO C 23 -27.17 -12.58 -17.38
C PRO C 23 -27.24 -11.63 -16.20
N ASN C 24 -27.91 -12.02 -15.12
CA ASN C 24 -28.10 -11.17 -13.95
C ASN C 24 -26.99 -11.31 -12.91
N ILE C 25 -25.94 -12.08 -13.19
CA ILE C 25 -24.74 -12.13 -12.36
C ILE C 25 -23.59 -11.50 -13.13
N GLU C 26 -22.86 -10.61 -12.46
CA GLU C 26 -21.57 -10.12 -12.97
C GLU C 26 -20.49 -10.40 -11.93
N VAL C 27 -19.39 -11.04 -12.36
CA VAL C 27 -18.29 -11.31 -11.43
C VAL C 27 -16.97 -10.97 -12.11
N GLY C 28 -16.05 -10.36 -11.35
CA GLY C 28 -14.80 -9.87 -11.89
C GLY C 28 -13.70 -10.92 -11.98
N ASP C 29 -12.55 -10.47 -12.51
CA ASP C 29 -11.41 -11.34 -12.73
C ASP C 29 -10.99 -12.05 -11.45
N TYR C 30 -10.62 -13.33 -11.60
CA TYR C 30 -9.91 -14.13 -10.59
C TYR C 30 -10.76 -14.55 -9.40
N SER C 31 -11.90 -13.91 -9.18
CA SER C 31 -12.77 -14.32 -8.08
C SER C 31 -13.18 -15.78 -8.23
N TYR C 32 -13.33 -16.48 -7.11
CA TYR C 32 -13.52 -17.92 -7.17
C TYR C 32 -14.48 -18.39 -6.08
N TYR C 33 -14.99 -19.61 -6.27
CA TYR C 33 -15.86 -20.28 -5.31
C TYR C 33 -15.24 -21.62 -4.97
N SER C 34 -14.98 -21.84 -3.68
N SER C 34 -14.98 -21.84 -3.68
CA SER C 34 -14.43 -23.12 -3.20
CA SER C 34 -14.43 -23.12 -3.21
C SER C 34 -15.56 -23.92 -2.55
C SER C 34 -15.56 -23.92 -2.55
N GLY C 35 -16.35 -24.60 -3.39
CA GLY C 35 -17.61 -25.19 -2.93
C GLY C 35 -17.63 -26.68 -2.65
N PHE C 36 -16.48 -27.29 -2.35
CA PHE C 36 -16.44 -28.75 -2.23
C PHE C 36 -17.45 -29.27 -1.20
N TYR C 37 -17.60 -28.60 -0.07
CA TYR C 37 -18.44 -29.18 0.98
C TYR C 37 -19.95 -28.94 0.78
N HIS C 38 -20.36 -28.23 -0.27
CA HIS C 38 -21.78 -28.15 -0.60
C HIS C 38 -22.04 -28.58 -2.05
N SER C 39 -21.04 -29.20 -2.68
CA SER C 39 -21.18 -30.04 -3.88
C SER C 39 -21.49 -29.28 -5.17
N LYS C 40 -22.65 -28.62 -5.22
CA LYS C 40 -23.15 -28.08 -6.48
C LYS C 40 -22.39 -26.82 -6.90
N THR C 41 -22.66 -26.34 -8.11
CA THR C 41 -21.90 -25.19 -8.60
C THR C 41 -22.34 -23.90 -7.92
N PHE C 42 -21.61 -22.83 -8.23
CA PHE C 42 -21.87 -21.52 -7.66
C PHE C 42 -23.27 -21.05 -8.00
N GLU C 43 -23.68 -21.24 -9.24
CA GLU C 43 -24.98 -20.76 -9.68
C GLU C 43 -26.11 -21.65 -9.19
N GLU C 44 -25.82 -22.91 -8.83
CA GLU C 44 -26.84 -23.84 -8.35
C GLU C 44 -27.11 -23.74 -6.86
N GLN C 45 -26.10 -23.40 -6.08
CA GLN C 45 -26.11 -23.54 -4.63
C GLN C 45 -25.89 -22.24 -3.88
N ALA C 46 -25.01 -21.37 -4.37
CA ALA C 46 -24.69 -20.12 -3.70
C ALA C 46 -25.64 -18.97 -4.06
N VAL C 47 -26.02 -18.86 -5.33
CA VAL C 47 -26.84 -17.74 -5.77
C VAL C 47 -28.27 -18.22 -5.80
N ARG C 48 -29.13 -17.63 -4.97
CA ARG C 48 -30.47 -18.19 -4.79
C ARG C 48 -31.52 -17.17 -5.17
N TYR C 49 -32.55 -17.70 -5.83
CA TYR C 49 -33.75 -16.96 -6.25
C TYR C 49 -33.42 -15.84 -7.24
N LEU C 50 -32.45 -16.04 -8.12
CA LEU C 50 -32.14 -15.09 -9.17
C LEU C 50 -32.74 -15.58 -10.47
N LEU C 51 -33.71 -14.83 -11.00
CA LEU C 51 -34.31 -15.19 -12.28
C LEU C 51 -33.22 -15.28 -13.35
N GLY C 52 -33.36 -16.26 -14.24
CA GLY C 52 -32.39 -16.50 -15.28
C GLY C 52 -31.38 -17.58 -14.94
N ASP C 53 -31.48 -18.18 -13.76
CA ASP C 53 -30.67 -19.34 -13.41
C ASP C 53 -31.25 -20.55 -14.15
N ALA C 54 -30.72 -21.73 -13.84
CA ALA C 54 -31.12 -22.93 -14.60
C ALA C 54 -32.59 -23.29 -14.43
N PRO C 55 -33.17 -23.35 -13.22
CA PRO C 55 -34.60 -23.70 -13.13
C PRO C 55 -35.54 -22.66 -13.73
N THR C 56 -35.12 -21.40 -13.87
CA THR C 56 -36.01 -20.35 -14.34
C THR C 56 -35.56 -19.73 -15.65
N GLN C 57 -34.64 -20.36 -16.37
CA GLN C 57 -34.17 -19.75 -17.62
C GLN C 57 -35.31 -19.58 -18.61
N GLU C 58 -36.10 -20.64 -18.81
CA GLU C 58 -37.17 -20.58 -19.80
C GLU C 58 -38.24 -19.56 -19.41
N VAL C 59 -38.53 -19.45 -18.12
CA VAL C 59 -39.47 -18.44 -17.64
C VAL C 59 -38.92 -17.04 -17.86
N TRP C 60 -37.64 -16.83 -17.55
CA TRP C 60 -36.99 -15.55 -17.76
C TRP C 60 -36.85 -15.22 -19.25
N GLU C 61 -36.79 -16.25 -20.10
CA GLU C 61 -36.69 -16.01 -21.54
C GLU C 61 -37.90 -15.27 -22.09
N SER C 62 -39.07 -15.44 -21.47
CA SER C 62 -40.29 -14.85 -21.98
C SER C 62 -40.25 -13.32 -21.87
N GLY C 63 -40.07 -12.81 -20.67
CA GLY C 63 -40.01 -11.37 -20.46
C GLY C 63 -41.08 -10.91 -19.51
N GLN C 64 -41.77 -11.87 -18.89
CA GLN C 64 -42.90 -11.57 -18.01
C GLN C 64 -42.53 -10.60 -16.90
N PHE C 65 -41.26 -10.59 -16.48
CA PHE C 65 -40.89 -9.97 -15.22
C PHE C 65 -40.30 -8.58 -15.35
N GLY C 66 -39.58 -8.30 -16.42
CA GLY C 66 -38.86 -7.04 -16.52
C GLY C 66 -37.52 -7.14 -15.82
N GLU C 67 -37.21 -6.14 -14.99
CA GLU C 67 -35.89 -6.01 -14.39
C GLU C 67 -35.89 -6.46 -12.93
N VAL C 68 -34.85 -7.19 -12.54
CA VAL C 68 -34.69 -7.73 -11.20
C VAL C 68 -33.35 -7.28 -10.64
N ASP C 69 -33.18 -7.43 -9.33
CA ASP C 69 -31.89 -7.14 -8.70
C ASP C 69 -30.84 -8.12 -9.18
N LYS C 70 -29.68 -7.58 -9.58
CA LYS C 70 -28.54 -8.37 -10.04
C LYS C 70 -27.57 -8.63 -8.89
N LEU C 71 -26.77 -9.66 -9.07
CA LEU C 71 -25.64 -9.97 -8.18
C LEU C 71 -24.34 -9.53 -8.86
N ARG C 72 -23.63 -8.54 -8.27
CA ARG C 72 -22.39 -7.99 -8.82
C ARG C 72 -21.25 -8.28 -7.84
N ILE C 73 -20.24 -9.01 -8.32
CA ILE C 73 -19.08 -9.34 -7.51
C ILE C 73 -17.84 -8.81 -8.22
N GLY C 74 -16.96 -8.16 -7.45
CA GLY C 74 -15.72 -7.62 -8.00
C GLY C 74 -14.65 -8.66 -8.31
N LYS C 75 -13.40 -8.19 -8.37
CA LYS C 75 -12.23 -9.04 -8.62
C LYS C 75 -11.57 -9.53 -7.33
N PHE C 76 -10.82 -10.63 -7.47
CA PHE C 76 -10.01 -11.18 -6.38
C PHE C 76 -10.83 -11.44 -5.12
N CYS C 77 -12.07 -11.92 -5.29
CA CYS C 77 -12.93 -12.31 -4.17
C CYS C 77 -12.83 -13.80 -3.93
N SER C 78 -12.85 -14.17 -2.67
CA SER C 78 -12.68 -15.56 -2.24
C SER C 78 -13.98 -15.96 -1.58
N ILE C 79 -14.71 -16.87 -2.20
CA ILE C 79 -16.02 -17.24 -1.69
C ILE C 79 -15.97 -18.69 -1.30
N ALA C 80 -16.07 -18.93 0.01
CA ALA C 80 -15.96 -20.24 0.62
C ALA C 80 -17.26 -21.04 0.49
N SER C 81 -17.15 -22.35 0.74
CA SER C 81 -18.21 -23.30 0.44
C SER C 81 -19.49 -22.90 1.15
N GLY C 82 -20.61 -22.98 0.43
CA GLY C 82 -21.92 -22.80 1.02
C GLY C 82 -22.29 -21.38 1.38
N ALA C 83 -21.42 -20.40 1.14
CA ALA C 83 -21.85 -19.01 1.21
C ALA C 83 -23.03 -18.83 0.27
N THR C 84 -23.98 -18.00 0.69
CA THR C 84 -25.25 -17.86 -0.03
C THR C 84 -25.58 -16.40 -0.27
N PHE C 85 -25.97 -16.07 -1.50
CA PHE C 85 -26.50 -14.77 -1.88
C PHE C 85 -28.00 -14.89 -2.14
N MET C 86 -28.78 -14.26 -1.28
CA MET C 86 -30.24 -14.29 -1.35
C MET C 86 -30.71 -13.16 -2.25
N MET C 87 -31.25 -13.50 -3.40
CA MET C 87 -31.80 -12.51 -4.32
C MET C 87 -33.33 -12.55 -4.28
N ALA C 88 -33.95 -11.85 -5.25
CA ALA C 88 -35.41 -11.69 -5.39
C ALA C 88 -36.04 -10.89 -4.27
N GLY C 89 -35.26 -10.03 -3.61
CA GLY C 89 -35.84 -9.00 -2.75
C GLY C 89 -36.72 -9.57 -1.65
N ASN C 90 -37.94 -9.05 -1.53
CA ASN C 90 -38.79 -9.58 -0.46
C ASN C 90 -39.57 -10.84 -0.87
N GLN C 91 -39.35 -11.35 -2.08
CA GLN C 91 -40.06 -12.55 -2.59
C GLN C 91 -41.56 -12.39 -2.46
N GLY C 92 -42.04 -11.16 -2.58
CA GLY C 92 -43.48 -10.91 -2.56
C GLY C 92 -44.14 -10.92 -1.19
N HIS C 93 -43.34 -10.98 -0.10
CA HIS C 93 -43.87 -10.93 1.26
C HIS C 93 -43.77 -9.50 1.78
N ARG C 94 -44.91 -8.92 2.16
CA ARG C 94 -44.99 -7.53 2.59
C ARG C 94 -45.27 -7.49 4.08
N ALA C 95 -44.24 -7.19 4.88
CA ALA C 95 -44.43 -7.07 6.33
C ALA C 95 -45.37 -5.92 6.69
N ASP C 96 -45.46 -4.88 5.85
CA ASP C 96 -46.38 -3.77 6.10
C ASP C 96 -47.80 -4.00 5.58
N TRP C 97 -48.05 -5.10 4.87
CA TRP C 97 -49.43 -5.45 4.56
C TRP C 97 -49.98 -6.34 5.67
N ILE C 98 -51.30 -6.47 5.69
CA ILE C 98 -51.96 -7.19 6.78
C ILE C 98 -51.46 -8.63 6.86
N SER C 99 -51.31 -9.30 5.71
CA SER C 99 -50.78 -10.65 5.63
C SER C 99 -49.47 -10.67 4.83
N THR C 100 -48.52 -11.52 5.26
CA THR C 100 -47.36 -11.80 4.44
C THR C 100 -47.60 -12.93 3.44
N PHE C 101 -48.77 -13.53 3.44
CA PHE C 101 -49.00 -14.71 2.60
C PHE C 101 -49.12 -14.29 1.14
N PRO C 102 -48.40 -14.95 0.24
CA PRO C 102 -48.44 -14.58 -1.20
C PRO C 102 -49.61 -15.23 -1.94
N PHE C 103 -50.81 -14.72 -1.67
CA PHE C 103 -52.03 -15.26 -2.26
C PHE C 103 -51.91 -15.35 -3.77
N SER C 104 -52.23 -16.51 -4.33
CA SER C 104 -52.22 -16.64 -5.78
C SER C 104 -53.57 -16.22 -6.37
N LYS C 105 -53.53 -15.65 -7.57
CA LYS C 105 -54.80 -15.23 -8.19
C LYS C 105 -55.69 -16.42 -8.54
N LYS C 106 -55.11 -17.57 -8.91
CA LYS C 106 -55.94 -18.74 -9.22
C LYS C 106 -56.74 -19.18 -8.00
N GLU C 107 -56.22 -18.92 -6.81
CA GLU C 107 -56.84 -19.38 -5.59
C GLU C 107 -57.62 -18.31 -4.86
N PHE C 108 -57.28 -17.02 -5.04
CA PHE C 108 -58.02 -15.98 -4.32
C PHE C 108 -58.58 -14.86 -5.19
N GLY C 109 -58.46 -14.94 -6.50
CA GLY C 109 -59.19 -14.04 -7.36
C GLY C 109 -58.47 -12.74 -7.64
N GLU C 110 -59.19 -11.87 -8.35
CA GLU C 110 -58.59 -10.71 -9.01
C GLU C 110 -58.22 -9.59 -8.04
N GLY C 111 -58.73 -9.62 -6.82
CA GLY C 111 -58.31 -8.64 -5.83
C GLY C 111 -56.85 -8.76 -5.38
N VAL C 112 -56.15 -9.83 -5.79
CA VAL C 112 -54.77 -10.04 -5.35
C VAL C 112 -53.86 -8.98 -5.94
N LYS C 113 -53.04 -8.35 -5.10
CA LYS C 113 -52.04 -7.38 -5.54
C LYS C 113 -50.64 -7.95 -5.32
N ASP C 114 -49.75 -7.69 -6.28
CA ASP C 114 -48.39 -8.19 -6.22
C ASP C 114 -47.61 -7.41 -5.17
N GLY C 115 -47.11 -8.13 -4.16
CA GLY C 115 -46.37 -7.46 -3.12
C GLY C 115 -44.86 -7.46 -3.32
N PHE C 116 -44.38 -7.94 -4.48
CA PHE C 116 -42.95 -7.95 -4.75
C PHE C 116 -42.36 -6.55 -4.70
N GLN C 117 -41.20 -6.42 -4.05
CA GLN C 117 -40.46 -5.17 -4.10
C GLN C 117 -38.98 -5.49 -4.25
N ARG C 118 -38.32 -4.82 -5.18
CA ARG C 118 -36.88 -4.96 -5.34
C ARG C 118 -36.15 -4.38 -4.12
N ALA C 119 -34.98 -4.93 -3.83
CA ALA C 119 -34.13 -4.43 -2.76
C ALA C 119 -32.95 -3.62 -3.28
N GLY C 120 -32.75 -3.59 -4.59
CA GLY C 120 -31.52 -3.12 -5.17
C GLY C 120 -30.55 -4.26 -5.39
N ASP C 121 -29.56 -4.01 -6.26
CA ASP C 121 -28.55 -5.00 -6.57
C ASP C 121 -27.80 -5.41 -5.31
N THR C 122 -27.28 -6.62 -5.30
CA THR C 122 -26.35 -7.05 -4.27
C THR C 122 -24.95 -6.83 -4.83
N ILE C 123 -24.16 -5.97 -4.17
CA ILE C 123 -22.86 -5.56 -4.72
C ILE C 123 -21.76 -6.03 -3.78
N VAL C 124 -20.94 -6.97 -4.26
CA VAL C 124 -19.71 -7.33 -3.54
C VAL C 124 -18.52 -6.63 -4.20
N GLY C 125 -17.75 -5.90 -3.42
CA GLY C 125 -16.57 -5.18 -3.90
C GLY C 125 -15.38 -6.06 -4.31
N ASN C 126 -14.20 -5.48 -4.34
CA ASN C 126 -13.00 -6.21 -4.71
C ASN C 126 -12.25 -6.71 -3.47
N ASP C 127 -11.52 -7.82 -3.63
CA ASP C 127 -10.68 -8.35 -2.55
C ASP C 127 -11.51 -8.63 -1.29
N VAL C 128 -12.66 -9.22 -1.49
CA VAL C 128 -13.55 -9.59 -0.38
C VAL C 128 -13.45 -11.08 -0.16
N TRP C 129 -13.40 -11.47 1.10
CA TRP C 129 -13.37 -12.86 1.50
C TRP C 129 -14.66 -13.17 2.23
N ILE C 130 -15.42 -14.12 1.71
CA ILE C 130 -16.72 -14.47 2.28
C ILE C 130 -16.60 -15.87 2.84
N GLY C 131 -16.75 -15.98 4.15
CA GLY C 131 -16.48 -17.24 4.82
C GLY C 131 -17.58 -18.26 4.59
N SER C 132 -17.30 -19.49 5.00
CA SER C 132 -18.17 -20.61 4.70
C SER C 132 -19.56 -20.43 5.33
N GLU C 133 -20.59 -20.71 4.53
CA GLU C 133 -21.99 -20.72 4.98
C GLU C 133 -22.47 -19.34 5.47
N ALA C 134 -21.79 -18.26 5.09
CA ALA C 134 -22.35 -16.94 5.36
C ALA C 134 -23.57 -16.75 4.46
N MET C 135 -24.50 -15.91 4.90
CA MET C 135 -25.68 -15.61 4.09
C MET C 135 -25.76 -14.11 3.87
N ILE C 136 -25.75 -13.71 2.61
CA ILE C 136 -25.83 -12.31 2.24
C ILE C 136 -27.25 -12.02 1.78
N MET C 137 -27.94 -11.09 2.46
CA MET C 137 -29.37 -10.85 2.23
C MET C 137 -29.53 -9.82 1.12
N PRO C 138 -30.74 -9.66 0.57
CA PRO C 138 -30.87 -8.82 -0.64
C PRO C 138 -30.54 -7.35 -0.39
N GLY C 139 -30.00 -6.71 -1.43
CA GLY C 139 -29.72 -5.29 -1.34
C GLY C 139 -28.38 -4.92 -0.70
N VAL C 140 -27.63 -5.87 -0.16
CA VAL C 140 -26.46 -5.50 0.63
C VAL C 140 -25.28 -5.06 -0.25
N HIS C 141 -24.61 -3.97 0.15
CA HIS C 141 -23.31 -3.57 -0.40
C HIS C 141 -22.21 -3.99 0.56
N ILE C 142 -21.26 -4.77 0.06
CA ILE C 142 -20.07 -5.19 0.82
C ILE C 142 -18.86 -4.49 0.19
N GLY C 143 -18.27 -3.54 0.92
CA GLY C 143 -17.17 -2.76 0.38
C GLY C 143 -15.86 -3.51 0.17
N ASP C 144 -14.99 -2.92 -0.65
CA ASP C 144 -13.70 -3.49 -0.99
C ASP C 144 -12.93 -3.92 0.25
N GLY C 145 -12.24 -5.04 0.14
CA GLY C 145 -11.35 -5.52 1.21
C GLY C 145 -12.05 -6.07 2.43
N ALA C 146 -13.38 -6.19 2.40
CA ALA C 146 -14.08 -6.66 3.59
C ALA C 146 -13.89 -8.16 3.78
N ILE C 147 -14.10 -8.59 5.02
CA ILE C 147 -14.06 -10.00 5.39
C ILE C 147 -15.36 -10.35 6.12
N ILE C 148 -16.08 -11.33 5.59
CA ILE C 148 -17.35 -11.76 6.15
C ILE C 148 -17.10 -13.10 6.83
N GLY C 149 -17.26 -13.15 8.14
CA GLY C 149 -16.98 -14.38 8.86
C GLY C 149 -17.85 -15.54 8.39
N ALA C 150 -17.36 -16.74 8.67
CA ALA C 150 -18.16 -17.93 8.49
C ALA C 150 -19.48 -17.82 9.26
N ARG C 151 -20.56 -18.27 8.62
CA ARG C 151 -21.92 -18.28 9.16
C ARG C 151 -22.49 -16.90 9.47
N ALA C 152 -21.88 -15.82 9.01
CA ALA C 152 -22.45 -14.51 9.26
C ALA C 152 -23.72 -14.32 8.44
N VAL C 153 -24.60 -13.49 8.95
CA VAL C 153 -25.86 -13.18 8.27
C VAL C 153 -25.84 -11.69 8.03
N ILE C 154 -25.65 -11.28 6.79
CA ILE C 154 -25.38 -9.88 6.50
C ILE C 154 -26.65 -9.26 5.94
N THR C 155 -27.15 -8.22 6.61
CA THR C 155 -28.38 -7.54 6.20
C THR C 155 -28.17 -6.04 6.05
N LYS C 156 -27.03 -5.52 6.48
CA LYS C 156 -26.68 -4.12 6.42
C LYS C 156 -25.39 -3.97 5.60
N ASN C 157 -25.21 -2.79 5.02
CA ASN C 157 -24.01 -2.57 4.23
C ASN C 157 -22.74 -2.74 5.07
N VAL C 158 -21.68 -3.23 4.43
CA VAL C 158 -20.37 -3.53 5.05
C VAL C 158 -19.34 -2.55 4.51
N ALA C 159 -18.81 -1.69 5.39
CA ALA C 159 -17.84 -0.69 4.96
C ALA C 159 -16.51 -1.34 4.54
N PRO C 160 -15.77 -0.68 3.64
CA PRO C 160 -14.49 -1.23 3.17
C PRO C 160 -13.54 -1.66 4.29
N TYR C 161 -12.96 -2.83 4.10
CA TYR C 161 -11.92 -3.39 4.98
C TYR C 161 -12.46 -3.65 6.39
N SER C 162 -13.77 -3.81 6.53
CA SER C 162 -14.27 -4.18 7.84
C SER C 162 -14.40 -5.68 7.91
N VAL C 163 -14.36 -6.20 9.14
CA VAL C 163 -14.51 -7.62 9.42
C VAL C 163 -15.85 -7.78 10.13
N VAL C 164 -16.75 -8.59 9.57
CA VAL C 164 -18.11 -8.68 10.09
C VAL C 164 -18.47 -10.14 10.33
N VAL C 165 -19.03 -10.44 11.51
CA VAL C 165 -19.44 -11.79 11.86
C VAL C 165 -20.84 -11.74 12.49
N GLY C 166 -21.43 -12.93 12.62
CA GLY C 166 -22.67 -13.03 13.37
C GLY C 166 -23.80 -12.23 12.76
N ASN C 167 -24.62 -11.61 13.61
CA ASN C 167 -25.75 -10.78 13.18
C ASN C 167 -25.24 -9.36 12.93
N ASN C 168 -24.57 -9.18 11.79
CA ASN C 168 -23.99 -7.90 11.36
C ASN C 168 -23.02 -7.29 12.37
N VAL C 169 -22.24 -8.11 13.08
CA VAL C 169 -21.35 -7.59 14.11
C VAL C 169 -20.03 -7.16 13.50
N VAL C 170 -19.71 -5.88 13.64
CA VAL C 170 -18.45 -5.32 13.13
C VAL C 170 -17.39 -5.53 14.21
N VAL C 171 -16.50 -6.49 13.96
CA VAL C 171 -15.43 -6.84 14.90
C VAL C 171 -14.30 -5.83 14.86
N LYS C 172 -13.88 -5.42 13.67
CA LYS C 172 -12.75 -4.51 13.56
C LYS C 172 -12.63 -4.08 12.11
N LYS C 173 -11.73 -3.14 11.88
CA LYS C 173 -11.25 -2.86 10.54
C LYS C 173 -9.84 -3.45 10.40
N ARG C 174 -9.55 -3.97 9.21
CA ARG C 174 -8.29 -4.67 8.99
C ARG C 174 -7.08 -3.77 9.19
N PHE C 175 -7.22 -2.47 8.93
CA PHE C 175 -6.11 -1.54 9.00
C PHE C 175 -6.58 -0.22 9.58
N ASP C 176 -5.61 0.62 9.98
CA ASP C 176 -5.84 2.01 10.36
C ASP C 176 -6.60 2.77 9.26
N GLU C 177 -7.34 3.82 9.63
CA GLU C 177 -8.18 4.52 8.65
C GLU C 177 -7.36 5.11 7.51
N ASN C 178 -6.21 5.72 7.82
CA ASN C 178 -5.41 6.36 6.77
C ASN C 178 -4.95 5.33 5.75
N LEU C 179 -4.59 4.13 6.22
CA LEU C 179 -4.09 3.12 5.29
C LEU C 179 -5.21 2.57 4.44
N ILE C 180 -6.41 2.43 5.02
CA ILE C 180 -7.57 2.07 4.23
C ILE C 180 -7.79 3.11 3.14
N GLN C 181 -7.72 4.39 3.50
CA GLN C 181 -7.90 5.43 2.50
C GLN C 181 -6.88 5.29 1.38
N THR C 182 -5.61 5.04 1.73
CA THR C 182 -4.60 4.83 0.71
C THR C 182 -4.97 3.67 -0.19
N LEU C 183 -5.47 2.57 0.38
CA LEU C 183 -5.85 1.45 -0.48
C LEU C 183 -7.07 1.80 -1.35
N LEU C 184 -7.99 2.59 -0.84
CA LEU C 184 -9.14 2.94 -1.68
C LEU C 184 -8.79 3.92 -2.78
N VAL C 185 -7.69 4.66 -2.63
CA VAL C 185 -7.20 5.47 -3.74
C VAL C 185 -6.46 4.61 -4.76
N ILE C 186 -5.49 3.80 -4.33
CA ILE C 186 -4.60 3.22 -5.34
C ILE C 186 -5.26 2.05 -6.08
N LYS C 187 -6.19 1.34 -5.45
CA LYS C 187 -6.95 0.27 -6.11
C LYS C 187 -6.05 -0.68 -6.91
N TRP C 188 -5.27 -1.50 -6.18
CA TRP C 188 -4.35 -2.40 -6.87
C TRP C 188 -5.08 -3.44 -7.72
N TRP C 189 -6.33 -3.77 -7.38
CA TRP C 189 -7.12 -4.72 -8.16
C TRP C 189 -7.40 -4.22 -9.58
N ASP C 190 -7.28 -2.93 -9.84
CA ASP C 190 -7.48 -2.40 -11.19
C ASP C 190 -6.17 -2.19 -11.95
N TRP C 191 -5.03 -2.51 -11.36
CA TRP C 191 -3.76 -2.29 -12.04
C TRP C 191 -3.60 -3.25 -13.21
N PRO C 192 -2.88 -2.86 -14.26
CA PRO C 192 -2.49 -3.81 -15.31
C PRO C 192 -1.82 -5.01 -14.64
N LEU C 193 -2.00 -6.19 -15.25
CA LEU C 193 -1.53 -7.41 -14.60
C LEU C 193 -0.02 -7.39 -14.35
N GLN C 194 0.74 -6.75 -15.25
CA GLN C 194 2.18 -6.63 -15.05
C GLN C 194 2.52 -6.01 -13.70
N HIS C 195 1.72 -5.02 -13.27
CA HIS C 195 2.04 -4.36 -12.01
C HIS C 195 1.62 -5.18 -10.81
N ILE C 196 0.57 -5.97 -10.93
CA ILE C 196 0.18 -6.85 -9.84
C ILE C 196 1.24 -7.92 -9.62
N LYS C 197 1.73 -8.53 -10.70
CA LYS C 197 2.84 -9.47 -10.58
C LYS C 197 4.07 -8.83 -9.96
N ASN C 198 4.47 -7.66 -10.47
CA ASN C 198 5.69 -7.01 -9.99
C ASN C 198 5.62 -6.68 -8.50
N THR C 199 4.42 -6.42 -7.99
CA THR C 199 4.22 -6.08 -6.59
C THR C 199 3.77 -7.26 -5.75
N MET C 200 3.78 -8.47 -6.29
CA MET C 200 3.27 -9.61 -5.55
C MET C 200 3.93 -9.74 -4.19
N GLU C 201 5.24 -9.49 -4.12
CA GLU C 201 5.99 -9.56 -2.87
C GLU C 201 5.46 -8.58 -1.83
N ILE C 202 4.95 -7.43 -2.28
CA ILE C 202 4.35 -6.46 -1.37
C ILE C 202 2.92 -6.86 -1.04
N LEU C 203 2.17 -7.35 -2.04
CA LEU C 203 0.77 -7.70 -1.81
C LEU C 203 0.65 -8.81 -0.77
N CYS C 204 1.64 -9.70 -0.75
CA CYS C 204 1.70 -10.81 0.21
C CYS C 204 2.43 -10.38 1.49
N SER C 205 2.02 -9.25 2.04
CA SER C 205 2.61 -8.72 3.27
C SER C 205 1.69 -7.60 3.74
N GLY C 206 2.02 -6.99 4.87
CA GLY C 206 1.20 -5.90 5.37
C GLY C 206 1.77 -4.51 5.07
N HIS C 207 2.64 -4.41 4.08
CA HIS C 207 3.37 -3.14 3.85
C HIS C 207 2.60 -2.27 2.87
N ILE C 208 1.50 -1.67 3.37
CA ILE C 208 0.66 -0.82 2.53
C ILE C 208 1.44 0.38 2.00
N GLU C 209 2.24 1.03 2.85
CA GLU C 209 3.00 2.20 2.39
C GLU C 209 4.02 1.86 1.31
N GLU C 210 4.58 0.65 1.33
CA GLU C 210 5.41 0.20 0.22
C GLU C 210 4.59 0.01 -1.05
N LEU C 211 3.35 -0.51 -0.93
CA LEU C 211 2.49 -0.60 -2.11
C LEU C 211 2.19 0.77 -2.66
N GLU C 212 1.99 1.75 -1.77
CA GLU C 212 1.74 3.11 -2.22
C GLU C 212 2.94 3.66 -2.96
N GLN C 213 4.15 3.42 -2.43
CA GLN C 213 5.38 3.80 -3.13
C GLN C 213 5.42 3.19 -4.53
N TYR C 214 5.02 1.93 -4.65
CA TYR C 214 5.01 1.34 -5.98
C TYR C 214 4.03 2.06 -6.88
N PHE C 215 2.83 2.33 -6.36
CA PHE C 215 1.83 3.03 -7.15
C PHE C 215 2.36 4.36 -7.65
N ILE C 216 2.88 5.18 -6.72
CA ILE C 216 3.37 6.52 -7.09
C ILE C 216 4.43 6.42 -8.17
N LYS C 217 5.38 5.51 -8.01
CA LYS C 217 6.53 5.49 -8.91
C LYS C 217 6.26 4.77 -10.22
N ASN C 218 5.24 3.91 -10.29
CA ASN C 218 5.11 3.09 -11.48
C ASN C 218 3.73 3.10 -12.11
N VAL C 219 2.69 3.36 -11.33
CA VAL C 219 1.31 3.20 -11.76
C VAL C 219 0.59 4.54 -11.92
N GLY C 220 0.67 5.38 -10.89
CA GLY C 220 -0.08 6.62 -10.75
C GLY C 220 -0.31 7.39 -12.03
N SER C 221 -1.58 7.50 -12.41
CA SER C 221 -1.99 8.15 -13.64
C SER C 221 -1.67 9.65 -13.62
N ALA D 6 -53.99 20.54 -50.90
CA ALA D 6 -53.02 21.10 -51.82
C ALA D 6 -53.52 22.42 -52.39
N PHE D 7 -52.72 23.46 -52.21
CA PHE D 7 -53.03 24.79 -52.71
C PHE D 7 -52.35 24.99 -54.06
N ASN D 8 -53.14 25.37 -55.08
CA ASN D 8 -52.62 25.61 -56.43
C ASN D 8 -51.94 26.96 -56.58
N SER D 9 -52.30 27.91 -55.73
CA SER D 9 -51.65 29.21 -55.65
C SER D 9 -52.05 29.82 -54.31
N TRP D 10 -51.30 30.85 -53.90
CA TRP D 10 -51.65 31.60 -52.70
C TRP D 10 -52.89 32.46 -52.89
N LEU D 11 -53.54 32.35 -54.05
CA LEU D 11 -54.81 33.03 -54.23
C LEU D 11 -55.98 32.24 -53.67
N GLU D 12 -55.76 31.02 -53.16
CA GLU D 12 -56.88 30.20 -52.73
C GLU D 12 -56.77 29.80 -51.27
N GLY D 13 -57.90 29.90 -50.57
CA GLY D 13 -58.03 29.42 -49.21
C GLY D 13 -58.80 28.11 -49.20
N GLN D 14 -58.70 27.40 -48.09
CA GLN D 14 -59.45 26.18 -47.89
C GLN D 14 -60.43 26.35 -46.75
N ASN D 15 -61.69 26.04 -47.01
CA ASN D 15 -62.74 26.15 -46.02
C ASN D 15 -62.57 25.05 -44.99
N LEU D 16 -62.46 25.44 -43.71
CA LEU D 16 -62.01 24.49 -42.69
C LEU D 16 -63.11 23.52 -42.25
N LYS D 17 -64.35 23.99 -42.14
CA LYS D 17 -65.42 23.12 -41.63
C LYS D 17 -65.71 21.98 -42.59
N GLU D 18 -65.65 22.24 -43.91
CA GLU D 18 -65.83 21.17 -44.89
C GLU D 18 -64.75 20.11 -44.76
N GLN D 19 -63.55 20.51 -44.36
CA GLN D 19 -62.38 19.67 -44.50
C GLN D 19 -61.99 18.96 -43.22
N VAL D 20 -62.17 19.58 -42.06
CA VAL D 20 -61.52 19.10 -40.85
C VAL D 20 -62.16 17.79 -40.41
N LYS D 21 -61.34 16.81 -40.06
CA LYS D 21 -61.82 15.49 -39.67
C LYS D 21 -61.49 15.09 -38.24
N ASN D 22 -60.48 15.69 -37.63
CA ASN D 22 -60.03 15.28 -36.29
C ASN D 22 -61.14 15.50 -35.28
N PRO D 23 -61.59 14.46 -34.58
CA PRO D 23 -62.69 14.66 -33.61
C PRO D 23 -62.39 15.69 -32.53
N ASN D 24 -61.13 16.09 -32.37
CA ASN D 24 -60.73 17.05 -31.34
C ASN D 24 -60.62 18.46 -31.86
N ILE D 25 -61.07 18.72 -33.08
CA ILE D 25 -61.12 20.08 -33.63
C ILE D 25 -62.58 20.43 -33.88
N GLU D 26 -62.97 21.64 -33.50
CA GLU D 26 -64.21 22.30 -33.91
C GLU D 26 -63.85 23.57 -34.65
N VAL D 27 -64.47 23.81 -35.81
CA VAL D 27 -64.28 25.07 -36.53
C VAL D 27 -65.61 25.50 -37.11
N GLY D 28 -65.87 26.82 -37.12
CA GLY D 28 -67.16 27.33 -37.52
C GLY D 28 -67.21 27.74 -38.99
N ASP D 29 -68.42 28.08 -39.44
CA ASP D 29 -68.65 28.41 -40.84
C ASP D 29 -67.68 29.48 -41.35
N TYR D 30 -67.26 29.31 -42.60
CA TYR D 30 -66.51 30.28 -43.40
C TYR D 30 -65.05 30.43 -43.00
N SER D 31 -64.67 29.97 -41.80
CA SER D 31 -63.28 30.10 -41.41
C SER D 31 -62.40 29.30 -42.36
N TYR D 32 -61.25 29.88 -42.72
CA TYR D 32 -60.42 29.31 -43.77
C TYR D 32 -58.93 29.35 -43.40
N TYR D 33 -58.18 28.53 -44.11
CA TYR D 33 -56.73 28.53 -43.99
C TYR D 33 -56.15 28.72 -45.38
N SER D 34 -55.24 29.70 -45.52
CA SER D 34 -54.58 29.99 -46.80
C SER D 34 -53.16 29.48 -46.69
N GLY D 35 -52.96 28.22 -47.05
CA GLY D 35 -51.70 27.56 -46.70
C GLY D 35 -50.70 27.35 -47.82
N PHE D 36 -50.77 28.13 -48.89
CA PHE D 36 -49.95 27.85 -50.07
C PHE D 36 -48.48 27.79 -49.73
N TYR D 37 -48.01 28.68 -48.87
CA TYR D 37 -46.58 28.81 -48.71
C TYR D 37 -46.00 27.77 -47.77
N HIS D 38 -46.84 26.95 -47.13
CA HIS D 38 -46.36 25.84 -46.32
C HIS D 38 -46.91 24.50 -46.80
N SER D 39 -47.59 24.50 -47.94
CA SER D 39 -47.91 23.33 -48.75
C SER D 39 -49.00 22.42 -48.20
N LYS D 40 -48.85 21.91 -46.98
CA LYS D 40 -49.74 20.87 -46.48
C LYS D 40 -51.07 21.45 -45.96
N THR D 41 -51.97 20.55 -45.58
CA THR D 41 -53.30 20.99 -45.16
C THR D 41 -53.25 21.52 -43.74
N PHE D 42 -54.36 22.15 -43.35
CA PHE D 42 -54.48 22.69 -42.01
C PHE D 42 -54.19 21.65 -40.96
N GLU D 43 -54.80 20.45 -41.10
CA GLU D 43 -54.72 19.41 -40.08
C GLU D 43 -53.35 18.74 -40.04
N GLU D 44 -52.59 18.80 -41.14
CA GLU D 44 -51.26 18.23 -41.22
C GLU D 44 -50.18 19.16 -40.69
N GLN D 45 -50.34 20.46 -40.91
CA GLN D 45 -49.29 21.46 -40.81
C GLN D 45 -49.55 22.53 -39.76
N ALA D 46 -50.80 22.98 -39.65
CA ALA D 46 -51.13 24.06 -38.73
C ALA D 46 -51.41 23.57 -37.31
N VAL D 47 -52.12 22.46 -37.16
CA VAL D 47 -52.47 21.97 -35.83
C VAL D 47 -51.55 20.81 -35.51
N ARG D 48 -50.82 20.94 -34.41
CA ARG D 48 -49.71 20.05 -34.10
C ARG D 48 -49.87 19.38 -32.74
N TYR D 49 -49.54 18.10 -32.70
CA TYR D 49 -49.58 17.30 -31.47
C TYR D 49 -51.01 17.11 -30.96
N LEU D 50 -52.02 17.09 -31.85
CA LEU D 50 -53.39 16.76 -31.46
C LEU D 50 -53.64 15.29 -31.76
N LEU D 51 -53.72 14.48 -30.71
CA LEU D 51 -54.17 13.10 -30.85
C LEU D 51 -55.44 13.02 -31.66
N GLY D 52 -55.50 12.04 -32.55
CA GLY D 52 -56.60 11.89 -33.47
C GLY D 52 -56.27 12.29 -34.89
N ASP D 53 -55.14 12.96 -35.10
CA ASP D 53 -54.74 13.39 -36.42
C ASP D 53 -54.29 12.16 -37.23
N ALA D 54 -53.85 12.41 -38.47
CA ALA D 54 -53.49 11.30 -39.35
C ALA D 54 -52.40 10.39 -38.77
N PRO D 55 -51.29 10.90 -38.22
CA PRO D 55 -50.24 9.96 -37.73
C PRO D 55 -50.60 9.24 -36.44
N THR D 56 -51.50 9.80 -35.63
CA THR D 56 -51.94 9.15 -34.40
C THR D 56 -53.37 8.65 -34.50
N GLN D 57 -53.90 8.56 -35.72
CA GLN D 57 -55.28 8.14 -35.92
C GLN D 57 -55.56 6.81 -35.23
N GLU D 58 -54.80 5.78 -35.58
CA GLU D 58 -55.12 4.45 -35.10
C GLU D 58 -54.87 4.31 -33.60
N VAL D 59 -53.86 4.99 -33.07
CA VAL D 59 -53.55 4.83 -31.65
C VAL D 59 -54.62 5.51 -30.80
N TRP D 60 -55.04 6.71 -31.19
CA TRP D 60 -56.12 7.39 -30.48
C TRP D 60 -57.42 6.63 -30.61
N GLU D 61 -57.73 6.18 -31.83
CA GLU D 61 -59.01 5.56 -32.15
C GLU D 61 -59.18 4.21 -31.45
N SER D 62 -58.25 3.87 -30.56
CA SER D 62 -58.37 2.67 -29.74
C SER D 62 -59.15 2.91 -28.46
N GLY D 63 -59.41 4.17 -28.11
CA GLY D 63 -60.15 4.50 -26.90
C GLY D 63 -59.35 4.25 -25.64
N GLN D 64 -58.09 4.67 -25.62
CA GLN D 64 -57.19 4.42 -24.52
C GLN D 64 -56.89 5.66 -23.66
N PHE D 65 -56.67 6.81 -24.30
CA PHE D 65 -56.10 7.96 -23.62
C PHE D 65 -57.08 8.67 -22.69
N GLY D 66 -58.38 8.64 -23.00
CA GLY D 66 -59.27 9.55 -22.32
C GLY D 66 -59.23 10.93 -22.94
N GLU D 67 -59.55 11.94 -22.14
CA GLU D 67 -59.81 13.27 -22.66
C GLU D 67 -58.51 14.05 -22.90
N VAL D 68 -58.51 14.86 -23.96
CA VAL D 68 -57.34 15.66 -24.33
C VAL D 68 -57.81 17.08 -24.64
N ASP D 69 -56.86 18.03 -24.66
CA ASP D 69 -57.25 19.41 -24.95
C ASP D 69 -57.73 19.50 -26.39
N LYS D 70 -58.75 20.31 -26.62
CA LYS D 70 -59.32 20.44 -27.95
C LYS D 70 -59.04 21.82 -28.53
N LEU D 71 -59.17 21.90 -29.84
CA LEU D 71 -58.97 23.14 -30.59
C LEU D 71 -60.33 23.59 -31.12
N ARG D 72 -60.83 24.71 -30.61
CA ARG D 72 -62.14 25.25 -31.01
C ARG D 72 -61.90 26.59 -31.70
N ILE D 73 -62.40 26.72 -32.93
CA ILE D 73 -62.22 27.93 -33.75
C ILE D 73 -63.59 28.37 -34.20
N GLY D 74 -63.87 29.66 -34.11
CA GLY D 74 -65.19 30.20 -34.42
C GLY D 74 -65.43 30.35 -35.91
N LYS D 75 -66.37 31.24 -36.22
CA LYS D 75 -66.72 31.56 -37.59
C LYS D 75 -65.95 32.76 -38.09
N PHE D 76 -65.79 32.82 -39.42
CA PHE D 76 -65.25 34.00 -40.11
C PHE D 76 -63.82 34.31 -39.71
N CYS D 77 -63.04 33.27 -39.40
CA CYS D 77 -61.63 33.44 -39.05
C CYS D 77 -60.76 33.28 -40.27
N SER D 78 -59.73 34.12 -40.34
CA SER D 78 -58.77 34.11 -41.45
C SER D 78 -57.45 33.62 -40.87
N ILE D 79 -57.00 32.46 -41.31
CA ILE D 79 -55.81 31.83 -40.77
C ILE D 79 -54.75 31.81 -41.84
N ALA D 80 -53.67 32.59 -41.65
CA ALA D 80 -52.73 32.69 -42.77
C ALA D 80 -51.69 31.57 -42.75
N SER D 81 -50.91 31.51 -43.83
CA SER D 81 -50.06 30.37 -44.12
C SER D 81 -49.08 30.14 -42.99
N GLY D 82 -49.02 28.89 -42.51
CA GLY D 82 -47.99 28.54 -41.56
C GLY D 82 -48.32 28.89 -40.12
N ALA D 83 -49.47 29.51 -39.86
CA ALA D 83 -49.94 29.67 -38.51
C ALA D 83 -50.02 28.29 -37.85
N THR D 84 -49.64 28.22 -36.58
CA THR D 84 -49.53 26.93 -35.90
C THR D 84 -50.25 26.98 -34.56
N PHE D 85 -51.06 25.96 -34.29
CA PHE D 85 -51.68 25.77 -32.99
C PHE D 85 -50.97 24.60 -32.32
N MET D 86 -50.33 24.88 -31.19
CA MET D 86 -49.56 23.87 -30.48
C MET D 86 -50.46 23.20 -29.45
N MET D 87 -50.69 21.91 -29.59
CA MET D 87 -51.57 21.16 -28.70
C MET D 87 -50.73 20.21 -27.84
N ALA D 88 -51.41 19.26 -27.19
CA ALA D 88 -50.85 18.29 -26.24
C ALA D 88 -50.18 18.93 -25.02
N GLY D 89 -50.60 20.13 -24.60
CA GLY D 89 -50.22 20.62 -23.28
C GLY D 89 -48.72 20.79 -23.08
N ASN D 90 -48.19 20.24 -21.98
CA ASN D 90 -46.76 20.30 -21.69
C ASN D 90 -45.97 19.17 -22.34
N GLN D 91 -46.62 18.37 -23.19
CA GLN D 91 -46.03 17.21 -23.86
C GLN D 91 -45.19 16.34 -22.95
N GLY D 92 -45.58 16.24 -21.67
CA GLY D 92 -44.90 15.37 -20.72
C GLY D 92 -43.77 15.99 -19.94
N HIS D 93 -43.36 17.20 -20.31
CA HIS D 93 -42.23 17.87 -19.67
C HIS D 93 -42.72 18.75 -18.51
N ARG D 94 -42.18 18.54 -17.32
CA ARG D 94 -42.60 19.26 -16.12
C ARG D 94 -41.46 20.15 -15.62
N ALA D 95 -41.65 21.46 -15.76
CA ALA D 95 -40.63 22.41 -15.29
C ALA D 95 -40.51 22.39 -13.77
N ASP D 96 -41.57 21.99 -13.07
CA ASP D 96 -41.55 22.00 -11.63
C ASP D 96 -41.00 20.70 -11.04
N TRP D 97 -40.75 19.70 -11.88
CA TRP D 97 -40.05 18.49 -11.44
C TRP D 97 -38.55 18.68 -11.62
N ILE D 98 -37.78 17.77 -11.03
CA ILE D 98 -36.33 17.89 -11.07
C ILE D 98 -35.82 17.88 -12.51
N SER D 99 -36.22 16.90 -13.30
CA SER D 99 -35.85 16.86 -14.70
C SER D 99 -37.05 17.16 -15.58
N THR D 100 -36.77 17.76 -16.73
CA THR D 100 -37.74 17.89 -17.80
C THR D 100 -37.73 16.69 -18.74
N PHE D 101 -36.85 15.76 -18.53
CA PHE D 101 -36.67 14.68 -19.49
C PHE D 101 -37.79 13.64 -19.34
N PRO D 102 -38.33 13.15 -20.46
CA PRO D 102 -39.44 12.16 -20.40
C PRO D 102 -38.92 10.72 -20.38
N PHE D 103 -38.43 10.34 -19.20
CA PHE D 103 -37.89 8.99 -18.99
C PHE D 103 -38.90 7.94 -19.42
N SER D 104 -38.47 6.99 -20.25
CA SER D 104 -39.37 5.89 -20.60
C SER D 104 -39.23 4.78 -19.55
N LYS D 105 -40.33 4.08 -19.29
CA LYS D 105 -40.22 2.95 -18.36
C LYS D 105 -39.38 1.84 -18.98
N LYS D 106 -39.42 1.70 -20.31
CA LYS D 106 -38.63 0.68 -20.98
C LYS D 106 -37.14 0.83 -20.67
N GLU D 107 -36.64 2.07 -20.62
CA GLU D 107 -35.24 2.33 -20.33
C GLU D 107 -34.94 2.58 -18.86
N PHE D 108 -35.90 3.11 -18.09
CA PHE D 108 -35.63 3.58 -16.73
C PHE D 108 -36.46 2.90 -15.65
N GLY D 109 -37.23 1.87 -15.99
CA GLY D 109 -37.89 1.08 -14.96
C GLY D 109 -39.20 1.66 -14.45
N GLU D 110 -39.71 1.04 -13.39
CA GLU D 110 -41.08 1.29 -12.95
C GLU D 110 -41.22 2.54 -12.08
N GLY D 111 -40.14 3.14 -11.60
CA GLY D 111 -40.28 4.38 -10.84
C GLY D 111 -40.75 5.57 -11.66
N VAL D 112 -40.78 5.46 -12.99
CA VAL D 112 -41.16 6.60 -13.81
C VAL D 112 -42.60 6.98 -13.51
N LYS D 113 -42.84 8.28 -13.34
CA LYS D 113 -44.19 8.81 -13.25
C LYS D 113 -44.47 9.69 -14.46
N ASP D 114 -45.72 9.65 -14.92
CA ASP D 114 -46.09 10.37 -16.15
C ASP D 114 -46.23 11.85 -15.85
N GLY D 115 -45.46 12.69 -16.56
CA GLY D 115 -45.54 14.10 -16.29
C GLY D 115 -46.52 14.88 -17.13
N PHE D 116 -47.28 14.22 -18.01
CA PHE D 116 -48.15 14.94 -18.92
C PHE D 116 -49.22 15.71 -18.16
N GLN D 117 -49.43 16.97 -18.56
CA GLN D 117 -50.53 17.75 -18.00
C GLN D 117 -51.26 18.42 -19.13
N ARG D 118 -52.60 18.36 -19.10
CA ARG D 118 -53.38 19.17 -20.03
C ARG D 118 -53.18 20.65 -19.72
N ALA D 119 -53.40 21.46 -20.74
CA ALA D 119 -53.29 22.90 -20.62
C ALA D 119 -54.65 23.59 -20.74
N GLY D 120 -55.71 22.84 -21.02
CA GLY D 120 -57.00 23.41 -21.39
C GLY D 120 -57.15 23.63 -22.89
N ASP D 121 -58.39 23.71 -23.33
CA ASP D 121 -58.70 23.92 -24.74
C ASP D 121 -58.04 25.17 -25.29
N THR D 122 -57.64 25.10 -26.54
CA THR D 122 -57.31 26.30 -27.30
C THR D 122 -58.60 26.78 -27.96
N ILE D 123 -59.01 28.01 -27.67
CA ILE D 123 -60.30 28.56 -28.13
C ILE D 123 -60.05 29.86 -28.89
N VAL D 124 -60.38 29.87 -30.17
CA VAL D 124 -60.33 31.06 -31.02
C VAL D 124 -61.76 31.53 -31.27
N GLY D 125 -62.04 32.79 -30.97
CA GLY D 125 -63.38 33.34 -31.15
C GLY D 125 -63.75 33.50 -32.61
N ASN D 126 -64.71 34.39 -32.90
CA ASN D 126 -65.17 34.66 -34.24
C ASN D 126 -64.47 35.88 -34.82
N ASP D 127 -64.35 35.88 -36.15
CA ASP D 127 -63.82 37.03 -36.88
C ASP D 127 -62.40 37.37 -36.39
N VAL D 128 -61.58 36.34 -36.24
CA VAL D 128 -60.20 36.49 -35.77
C VAL D 128 -59.26 36.32 -36.96
N TRP D 129 -58.30 37.24 -37.08
CA TRP D 129 -57.33 37.23 -38.16
C TRP D 129 -56.00 36.81 -37.54
N ILE D 130 -55.45 35.71 -38.02
CA ILE D 130 -54.19 35.19 -37.47
C ILE D 130 -53.16 35.24 -38.58
N GLY D 131 -52.10 36.03 -38.35
CA GLY D 131 -51.11 36.26 -39.38
C GLY D 131 -50.15 35.10 -39.61
N SER D 132 -49.43 35.22 -40.72
CA SER D 132 -48.62 34.12 -41.22
C SER D 132 -47.53 33.76 -40.20
N GLU D 133 -47.42 32.46 -39.91
CA GLU D 133 -46.35 31.91 -39.08
C GLU D 133 -46.45 32.34 -37.62
N ALA D 134 -47.60 32.84 -37.20
CA ALA D 134 -47.86 32.97 -35.77
C ALA D 134 -47.94 31.59 -35.15
N MET D 135 -47.56 31.50 -33.88
CA MET D 135 -47.64 30.24 -33.14
C MET D 135 -48.51 30.51 -31.93
N ILE D 136 -49.53 29.69 -31.77
CA ILE D 136 -50.46 29.83 -30.66
C ILE D 136 -50.20 28.67 -29.72
N MET D 137 -49.81 28.98 -28.51
CA MET D 137 -49.38 27.97 -27.56
C MET D 137 -50.60 27.32 -26.85
N PRO D 138 -50.39 26.16 -26.24
CA PRO D 138 -51.49 25.44 -25.59
C PRO D 138 -52.32 26.28 -24.63
N GLY D 139 -53.64 26.05 -24.65
CA GLY D 139 -54.55 26.57 -23.64
C GLY D 139 -54.93 28.02 -23.82
N VAL D 140 -54.52 28.65 -24.90
CA VAL D 140 -54.77 30.06 -25.10
C VAL D 140 -56.19 30.26 -25.61
N HIS D 141 -56.85 31.32 -25.12
CA HIS D 141 -58.15 31.81 -25.63
C HIS D 141 -57.91 33.13 -26.36
N ILE D 142 -58.45 33.26 -27.58
CA ILE D 142 -58.33 34.48 -28.37
C ILE D 142 -59.75 35.02 -28.61
N GLY D 143 -60.04 36.19 -28.07
CA GLY D 143 -61.40 36.72 -28.15
C GLY D 143 -61.79 37.17 -29.55
N ASP D 144 -63.12 37.32 -29.70
CA ASP D 144 -63.74 37.73 -30.97
C ASP D 144 -63.06 38.98 -31.51
N GLY D 145 -62.86 39.00 -32.83
CA GLY D 145 -62.35 40.18 -33.52
C GLY D 145 -60.88 40.47 -33.34
N ALA D 146 -60.15 39.61 -32.61
CA ALA D 146 -58.75 39.85 -32.36
C ALA D 146 -57.95 39.76 -33.65
N ILE D 147 -56.75 40.35 -33.62
CA ILE D 147 -55.83 40.27 -34.74
C ILE D 147 -54.47 39.83 -34.20
N ILE D 148 -53.92 38.74 -34.74
CA ILE D 148 -52.63 38.19 -34.31
C ILE D 148 -51.64 38.48 -35.43
N GLY D 149 -50.60 39.25 -35.12
CA GLY D 149 -49.63 39.61 -36.14
C GLY D 149 -48.83 38.42 -36.63
N ALA D 150 -48.36 38.51 -37.88
CA ALA D 150 -47.47 37.49 -38.43
C ALA D 150 -46.27 37.30 -37.51
N ARG D 151 -45.92 36.03 -37.31
CA ARG D 151 -44.83 35.57 -36.46
C ARG D 151 -45.04 35.82 -34.98
N ALA D 152 -46.21 36.29 -34.56
CA ALA D 152 -46.48 36.43 -33.13
C ALA D 152 -46.38 35.07 -32.44
N VAL D 153 -46.05 35.09 -31.16
CA VAL D 153 -45.98 33.87 -30.35
C VAL D 153 -46.88 34.11 -29.14
N ILE D 154 -48.07 33.53 -29.15
CA ILE D 154 -49.13 33.90 -28.20
C ILE D 154 -49.15 32.86 -27.08
N THR D 155 -48.92 33.32 -25.84
CA THR D 155 -48.96 32.43 -24.67
C THR D 155 -49.92 32.91 -23.60
N LYS D 156 -50.50 34.09 -23.77
CA LYS D 156 -51.50 34.63 -22.87
C LYS D 156 -52.77 34.86 -23.64
N ASN D 157 -53.90 34.81 -22.93
CA ASN D 157 -55.18 35.07 -23.55
C ASN D 157 -55.18 36.44 -24.22
N VAL D 158 -55.98 36.57 -25.28
CA VAL D 158 -56.04 37.76 -26.12
C VAL D 158 -57.44 38.33 -26.02
N ALA D 159 -57.57 39.55 -25.54
CA ALA D 159 -58.87 40.16 -25.34
C ALA D 159 -59.55 40.43 -26.69
N PRO D 160 -60.89 40.45 -26.73
CA PRO D 160 -61.60 40.74 -27.98
C PRO D 160 -61.12 42.05 -28.64
N TYR D 161 -60.94 41.99 -29.96
CA TYR D 161 -60.64 43.15 -30.80
C TYR D 161 -59.31 43.79 -30.47
N SER D 162 -58.40 43.06 -29.84
CA SER D 162 -57.07 43.56 -29.60
C SER D 162 -56.14 43.07 -30.70
N VAL D 163 -55.08 43.84 -30.95
CA VAL D 163 -54.09 43.54 -31.95
C VAL D 163 -52.81 43.16 -31.19
N VAL D 164 -52.34 41.94 -31.38
CA VAL D 164 -51.21 41.43 -30.62
C VAL D 164 -50.15 40.91 -31.57
N VAL D 165 -48.90 41.31 -31.33
CA VAL D 165 -47.77 40.93 -32.17
C VAL D 165 -46.65 40.46 -31.26
N GLY D 166 -45.67 39.81 -31.89
CA GLY D 166 -44.44 39.48 -31.18
C GLY D 166 -44.70 38.60 -29.98
N ASN D 167 -43.98 38.89 -28.88
CA ASN D 167 -44.05 38.15 -27.64
C ASN D 167 -45.19 38.72 -26.77
N ASN D 168 -46.43 38.41 -27.20
CA ASN D 168 -47.67 38.83 -26.52
C ASN D 168 -47.77 40.34 -26.37
N VAL D 169 -47.31 41.10 -27.36
CA VAL D 169 -47.31 42.54 -27.24
C VAL D 169 -48.67 43.02 -27.72
N VAL D 170 -49.45 43.62 -26.82
CA VAL D 170 -50.73 44.22 -27.18
C VAL D 170 -50.44 45.59 -27.78
N VAL D 171 -50.69 45.73 -29.07
CA VAL D 171 -50.38 46.96 -29.79
C VAL D 171 -51.45 48.03 -29.54
N LYS D 172 -52.72 47.62 -29.56
CA LYS D 172 -53.86 48.52 -29.46
C LYS D 172 -55.11 47.66 -29.53
N LYS D 173 -56.26 48.31 -29.33
CA LYS D 173 -57.58 47.77 -29.63
C LYS D 173 -58.10 48.40 -30.91
N ARG D 174 -58.85 47.62 -31.68
CA ARG D 174 -59.29 48.11 -32.99
C ARG D 174 -60.26 49.27 -32.88
N PHE D 175 -61.10 49.30 -31.83
CA PHE D 175 -62.10 50.34 -31.72
C PHE D 175 -62.21 50.75 -30.26
N ASP D 176 -62.94 51.85 -30.03
CA ASP D 176 -63.30 52.29 -28.69
C ASP D 176 -64.01 51.20 -27.91
N GLU D 177 -63.90 51.26 -26.57
CA GLU D 177 -64.50 50.25 -25.71
C GLU D 177 -66.01 50.12 -25.92
N ASN D 178 -66.72 51.25 -25.98
CA ASN D 178 -68.17 51.18 -26.14
C ASN D 178 -68.56 50.53 -27.45
N LEU D 179 -67.82 50.82 -28.53
CA LEU D 179 -68.13 50.20 -29.81
C LEU D 179 -67.81 48.71 -29.81
N ILE D 180 -66.72 48.32 -29.13
CA ILE D 180 -66.42 46.89 -28.97
C ILE D 180 -67.55 46.21 -28.23
N GLN D 181 -68.02 46.84 -27.16
CA GLN D 181 -69.18 46.33 -26.43
C GLN D 181 -70.38 46.14 -27.35
N THR D 182 -70.62 47.10 -28.25
CA THR D 182 -71.75 46.98 -29.17
C THR D 182 -71.60 45.76 -30.06
N LEU D 183 -70.39 45.54 -30.60
CA LEU D 183 -70.21 44.37 -31.47
C LEU D 183 -70.33 43.08 -30.68
N LEU D 184 -69.92 43.06 -29.42
CA LEU D 184 -70.01 41.82 -28.67
C LEU D 184 -71.46 41.49 -28.34
N VAL D 185 -72.31 42.51 -28.25
CA VAL D 185 -73.73 42.26 -27.99
C VAL D 185 -74.43 41.79 -29.25
N ILE D 186 -74.20 42.46 -30.38
CA ILE D 186 -75.02 42.15 -31.54
C ILE D 186 -74.52 40.92 -32.29
N LYS D 187 -73.23 40.55 -32.16
CA LYS D 187 -72.66 39.30 -32.66
C LYS D 187 -73.07 39.03 -34.11
N TRP D 188 -72.61 39.85 -35.05
CA TRP D 188 -73.12 39.73 -36.42
C TRP D 188 -72.77 38.38 -37.03
N TRP D 189 -71.68 37.74 -36.56
CA TRP D 189 -71.30 36.42 -37.09
C TRP D 189 -72.37 35.37 -36.84
N ASP D 190 -73.32 35.63 -35.95
CA ASP D 190 -74.38 34.69 -35.60
C ASP D 190 -75.70 35.01 -36.28
N TRP D 191 -75.74 36.04 -37.10
CA TRP D 191 -76.99 36.42 -37.75
C TRP D 191 -77.34 35.37 -38.79
N PRO D 192 -78.63 35.26 -39.16
CA PRO D 192 -78.97 34.56 -40.39
C PRO D 192 -78.14 35.10 -41.56
N LEU D 193 -77.82 34.23 -42.50
CA LEU D 193 -76.94 34.64 -43.61
C LEU D 193 -77.56 35.77 -44.42
N GLN D 194 -78.88 35.77 -44.57
CA GLN D 194 -79.52 36.83 -45.35
C GLN D 194 -79.22 38.21 -44.75
N HIS D 195 -79.12 38.30 -43.42
CA HIS D 195 -78.88 39.60 -42.82
C HIS D 195 -77.42 40.02 -42.94
N ILE D 196 -76.49 39.08 -42.93
CA ILE D 196 -75.09 39.43 -43.17
C ILE D 196 -74.93 39.95 -44.59
N LYS D 197 -75.62 39.33 -45.55
CA LYS D 197 -75.54 39.77 -46.94
C LYS D 197 -76.13 41.18 -47.09
N ASN D 198 -77.32 41.41 -46.52
CA ASN D 198 -77.96 42.70 -46.69
C ASN D 198 -77.17 43.81 -46.05
N THR D 199 -76.38 43.49 -45.02
CA THR D 199 -75.60 44.48 -44.31
C THR D 199 -74.13 44.47 -44.73
N MET D 200 -73.80 43.74 -45.79
CA MET D 200 -72.40 43.60 -46.20
C MET D 200 -71.76 44.96 -46.44
N GLU D 201 -72.48 45.89 -47.09
CA GLU D 201 -71.89 47.20 -47.32
C GLU D 201 -71.57 47.94 -46.02
N ILE D 202 -72.21 47.57 -44.91
CA ILE D 202 -71.88 48.15 -43.60
C ILE D 202 -70.65 47.46 -43.02
N LEU D 203 -70.67 46.13 -43.03
CA LEU D 203 -69.53 45.37 -42.52
C LEU D 203 -68.24 45.74 -43.24
N CYS D 204 -68.30 46.05 -44.53
CA CYS D 204 -67.12 46.51 -45.24
C CYS D 204 -66.92 48.00 -45.04
N SER D 205 -66.97 48.42 -43.78
CA SER D 205 -66.84 49.83 -43.43
C SER D 205 -66.53 49.90 -41.96
N GLY D 206 -66.25 51.11 -41.47
CA GLY D 206 -66.05 51.27 -40.05
C GLY D 206 -67.28 51.57 -39.23
N HIS D 207 -68.48 51.47 -39.81
CA HIS D 207 -69.65 52.11 -39.21
C HIS D 207 -70.37 51.14 -38.27
N ILE D 208 -69.78 51.00 -37.07
CA ILE D 208 -70.34 50.12 -36.04
C ILE D 208 -71.71 50.60 -35.58
N GLU D 209 -71.88 51.92 -35.38
CA GLU D 209 -73.19 52.39 -34.95
C GLU D 209 -74.24 52.13 -36.01
N GLU D 210 -73.86 52.23 -37.29
CA GLU D 210 -74.81 51.94 -38.36
C GLU D 210 -75.15 50.45 -38.39
N LEU D 211 -74.17 49.58 -38.08
CA LEU D 211 -74.48 48.15 -37.99
C LEU D 211 -75.40 47.83 -36.83
N GLU D 212 -75.29 48.55 -35.71
CA GLU D 212 -76.22 48.33 -34.60
C GLU D 212 -77.61 48.80 -34.99
N GLN D 213 -77.69 49.86 -35.78
CA GLN D 213 -78.98 50.31 -36.28
C GLN D 213 -79.65 49.25 -37.11
N TYR D 214 -78.92 48.66 -38.06
CA TYR D 214 -79.45 47.53 -38.80
C TYR D 214 -79.93 46.43 -37.86
N PHE D 215 -79.14 46.10 -36.84
CA PHE D 215 -79.50 45.02 -35.93
C PHE D 215 -80.82 45.32 -35.21
N ILE D 216 -80.96 46.52 -34.64
CA ILE D 216 -82.18 46.91 -33.94
C ILE D 216 -83.38 46.80 -34.86
N LYS D 217 -83.25 47.22 -36.11
CA LYS D 217 -84.42 47.40 -36.96
C LYS D 217 -84.79 46.15 -37.76
N ASN D 218 -83.88 45.19 -37.90
CA ASN D 218 -84.06 44.08 -38.83
C ASN D 218 -83.75 42.71 -38.23
N VAL D 219 -82.88 42.62 -37.22
CA VAL D 219 -82.36 41.33 -36.73
C VAL D 219 -82.89 41.00 -35.34
N GLY D 220 -82.68 41.90 -34.37
CA GLY D 220 -83.01 41.64 -32.98
C GLY D 220 -84.51 41.60 -32.71
N SER E 1 -46.28 7.90 -54.38
CA SER E 1 -45.43 7.46 -53.27
C SER E 1 -44.43 8.57 -52.93
N ASN E 2 -44.61 9.21 -51.77
CA ASN E 2 -43.71 10.28 -51.38
C ASN E 2 -42.44 9.72 -50.74
N ALA E 3 -41.42 10.57 -50.70
CA ALA E 3 -40.16 10.17 -50.07
C ALA E 3 -40.35 9.96 -48.57
N MET E 4 -39.72 8.90 -48.06
CA MET E 4 -39.74 8.62 -46.63
C MET E 4 -39.20 9.81 -45.86
N GLU E 5 -39.85 10.12 -44.74
CA GLU E 5 -39.38 11.18 -43.86
C GLU E 5 -38.60 10.54 -42.71
N ALA E 6 -38.05 11.41 -41.85
CA ALA E 6 -37.21 10.95 -40.75
C ALA E 6 -38.03 10.37 -39.60
N PHE E 7 -39.30 10.76 -39.52
CA PHE E 7 -40.21 10.31 -38.47
C PHE E 7 -41.52 9.91 -39.10
N ASN E 8 -42.17 8.89 -38.52
CA ASN E 8 -43.50 8.49 -38.98
C ASN E 8 -44.63 9.10 -38.18
N SER E 9 -44.39 9.51 -36.93
CA SER E 9 -45.40 10.21 -36.16
C SER E 9 -44.68 11.12 -35.17
N TRP E 10 -45.41 12.14 -34.69
CA TRP E 10 -44.80 12.93 -33.62
C TRP E 10 -44.81 12.22 -32.31
N LEU E 11 -45.22 10.95 -32.23
CA LEU E 11 -45.00 10.18 -31.02
C LEU E 11 -43.55 9.73 -30.86
N GLU E 12 -42.76 9.84 -31.92
CA GLU E 12 -41.46 9.20 -32.01
C GLU E 12 -40.35 10.21 -31.78
N GLY E 13 -39.32 9.76 -31.06
CA GLY E 13 -38.12 10.55 -30.85
C GLY E 13 -36.91 9.78 -31.31
N GLN E 14 -35.89 10.51 -31.73
CA GLN E 14 -34.67 9.93 -32.29
C GLN E 14 -33.51 10.13 -31.32
N ASN E 15 -32.97 9.05 -30.82
CA ASN E 15 -31.76 9.09 -30.00
C ASN E 15 -30.59 9.68 -30.79
N LEU E 16 -30.04 10.79 -30.29
CA LEU E 16 -29.01 11.44 -31.09
C LEU E 16 -27.64 10.75 -30.98
N LYS E 17 -27.25 10.30 -29.79
CA LYS E 17 -25.93 9.67 -29.65
C LYS E 17 -25.81 8.41 -30.51
N GLU E 18 -26.92 7.76 -30.82
CA GLU E 18 -26.92 6.60 -31.70
C GLU E 18 -26.89 6.98 -33.18
N GLN E 19 -27.22 8.21 -33.53
CA GLN E 19 -27.43 8.57 -34.93
C GLN E 19 -26.41 9.54 -35.49
N VAL E 20 -25.92 10.51 -34.70
CA VAL E 20 -25.14 11.60 -35.28
C VAL E 20 -23.81 11.07 -35.78
N LYS E 21 -23.43 11.48 -37.00
CA LYS E 21 -22.14 11.06 -37.56
C LYS E 21 -21.15 12.20 -37.73
N ASN E 22 -21.58 13.45 -37.74
CA ASN E 22 -20.67 14.56 -37.99
C ASN E 22 -19.65 14.64 -36.86
N PRO E 23 -18.33 14.61 -37.16
CA PRO E 23 -17.35 14.67 -36.07
C PRO E 23 -17.34 15.99 -35.33
N ASN E 24 -17.96 17.04 -35.86
CA ASN E 24 -18.02 18.31 -35.15
C ASN E 24 -19.23 18.44 -34.25
N ILE E 25 -19.95 17.34 -34.04
CA ILE E 25 -21.08 17.29 -33.11
C ILE E 25 -20.73 16.28 -32.04
N GLU E 26 -21.04 16.63 -30.79
CA GLU E 26 -20.91 15.75 -29.63
C GLU E 26 -22.23 15.83 -28.88
N VAL E 27 -22.92 14.70 -28.74
CA VAL E 27 -24.17 14.67 -28.00
C VAL E 27 -24.12 13.54 -26.97
N GLY E 28 -24.64 13.82 -25.77
CA GLY E 28 -24.54 12.89 -24.66
C GLY E 28 -25.67 11.86 -24.67
N ASP E 29 -25.61 10.98 -23.67
CA ASP E 29 -26.59 9.90 -23.51
C ASP E 29 -28.04 10.39 -23.44
N TYR E 30 -28.94 9.64 -24.07
CA TYR E 30 -30.40 9.77 -23.99
C TYR E 30 -30.98 11.03 -24.63
N SER E 31 -30.14 12.00 -24.99
CA SER E 31 -30.69 13.19 -25.64
C SER E 31 -31.32 12.82 -26.98
N TYR E 32 -32.46 13.46 -27.29
CA TYR E 32 -33.27 13.04 -28.43
C TYR E 32 -33.75 14.25 -29.21
N TYR E 33 -34.13 14.00 -30.46
CA TYR E 33 -34.76 15.00 -31.32
C TYR E 33 -36.13 14.48 -31.74
N SER E 34 -37.15 15.30 -31.58
CA SER E 34 -38.52 14.89 -31.89
C SER E 34 -38.97 15.75 -33.05
N GLY E 35 -38.47 15.44 -34.24
CA GLY E 35 -38.61 16.38 -35.34
C GLY E 35 -39.59 15.99 -36.43
N PHE E 36 -40.68 15.30 -36.06
CA PHE E 36 -41.67 14.85 -37.05
C PHE E 36 -42.22 16.01 -37.88
N TYR E 37 -42.43 17.17 -37.25
CA TYR E 37 -43.11 18.25 -37.98
C TYR E 37 -42.17 19.00 -38.91
N HIS E 38 -40.86 18.73 -38.85
CA HIS E 38 -39.95 19.31 -39.82
C HIS E 38 -39.27 18.26 -40.70
N SER E 39 -39.73 17.00 -40.64
CA SER E 39 -39.56 16.02 -41.69
C SER E 39 -38.16 15.39 -41.81
N LYS E 40 -37.09 16.10 -41.51
CA LYS E 40 -35.74 15.61 -41.77
C LYS E 40 -34.99 15.32 -40.48
N THR E 41 -33.83 14.67 -40.61
CA THR E 41 -33.11 14.28 -39.41
C THR E 41 -32.48 15.50 -38.75
N PHE E 42 -32.06 15.28 -37.51
CA PHE E 42 -31.38 16.31 -36.72
C PHE E 42 -30.20 16.92 -37.48
N GLU E 43 -29.37 16.09 -38.12
CA GLU E 43 -28.19 16.60 -38.80
C GLU E 43 -28.50 17.32 -40.11
N GLU E 44 -29.65 17.07 -40.74
CA GLU E 44 -29.89 17.78 -41.98
C GLU E 44 -30.77 19.00 -41.82
N GLN E 45 -31.57 19.07 -40.75
CA GLN E 45 -32.54 20.15 -40.56
C GLN E 45 -32.27 20.98 -39.31
N ALA E 46 -31.84 20.37 -38.21
CA ALA E 46 -31.64 21.18 -37.00
C ALA E 46 -30.24 21.78 -36.91
N VAL E 47 -29.22 21.07 -37.34
CA VAL E 47 -27.87 21.59 -37.22
C VAL E 47 -27.51 22.24 -38.55
N ARG E 48 -27.26 23.55 -38.52
CA ARG E 48 -27.08 24.30 -39.76
C ARG E 48 -25.70 24.93 -39.91
N TYR E 49 -25.14 24.79 -41.11
CA TYR E 49 -23.88 25.41 -41.52
C TYR E 49 -22.70 24.83 -40.75
N LEU E 50 -22.78 23.56 -40.37
CA LEU E 50 -21.68 22.87 -39.72
C LEU E 50 -20.95 22.06 -40.77
N LEU E 51 -19.71 22.46 -41.07
CA LEU E 51 -18.89 21.74 -42.02
C LEU E 51 -18.75 20.28 -41.59
N GLY E 52 -18.80 19.40 -42.58
CA GLY E 52 -18.79 17.98 -42.33
C GLY E 52 -20.14 17.32 -42.36
N ASP E 53 -21.22 18.07 -42.57
CA ASP E 53 -22.55 17.48 -42.67
C ASP E 53 -22.70 16.76 -44.01
N ALA E 54 -23.94 16.42 -44.37
CA ALA E 54 -24.20 15.74 -45.64
C ALA E 54 -23.72 16.55 -46.85
N PRO E 55 -24.15 17.81 -47.06
CA PRO E 55 -23.76 18.48 -48.31
C PRO E 55 -22.29 18.87 -48.35
N THR E 56 -21.59 18.91 -47.23
CA THR E 56 -20.21 19.39 -47.22
C THR E 56 -19.21 18.31 -46.84
N GLN E 57 -19.65 17.06 -46.67
CA GLN E 57 -18.75 16.00 -46.23
C GLN E 57 -17.54 15.90 -47.14
N GLU E 58 -17.74 15.96 -48.46
CA GLU E 58 -16.62 15.80 -49.38
C GLU E 58 -15.64 16.96 -49.26
N VAL E 59 -16.16 18.19 -49.19
CA VAL E 59 -15.28 19.36 -49.07
C VAL E 59 -14.53 19.32 -47.74
N TRP E 60 -15.23 18.93 -46.66
CA TRP E 60 -14.60 18.82 -45.35
C TRP E 60 -13.50 17.77 -45.34
N GLU E 61 -13.79 16.60 -45.88
CA GLU E 61 -12.90 15.46 -45.86
C GLU E 61 -11.68 15.63 -46.74
N SER E 62 -11.58 16.71 -47.52
CA SER E 62 -10.30 17.03 -48.15
C SER E 62 -9.28 17.50 -47.12
N GLY E 63 -9.74 17.92 -45.94
CA GLY E 63 -8.83 18.29 -44.86
C GLY E 63 -8.15 19.63 -45.03
N GLN E 64 -8.82 20.57 -45.70
CA GLN E 64 -8.20 21.85 -45.99
C GLN E 64 -8.83 23.00 -45.21
N PHE E 65 -9.62 22.71 -44.16
CA PHE E 65 -10.37 23.77 -43.50
C PHE E 65 -9.83 24.21 -42.15
N GLY E 66 -9.01 23.41 -41.48
CA GLY E 66 -8.70 23.77 -40.09
C GLY E 66 -9.93 23.58 -39.20
N GLU E 67 -9.76 23.95 -37.92
CA GLU E 67 -10.79 23.70 -36.93
C GLU E 67 -11.93 24.71 -37.00
N VAL E 68 -13.13 24.22 -36.70
CA VAL E 68 -14.36 25.00 -36.79
C VAL E 68 -15.06 24.94 -35.45
N ASP E 69 -16.03 25.82 -35.24
CA ASP E 69 -16.84 25.72 -34.03
C ASP E 69 -17.59 24.40 -33.99
N LYS E 70 -17.64 23.80 -32.82
CA LYS E 70 -18.35 22.54 -32.62
C LYS E 70 -19.66 22.78 -31.89
N LEU E 71 -20.54 21.81 -31.97
CA LEU E 71 -21.81 21.79 -31.24
C LEU E 71 -21.73 20.67 -30.22
N ARG E 72 -21.85 21.01 -28.93
CA ARG E 72 -21.73 20.02 -27.86
C ARG E 72 -22.99 20.01 -27.02
N ILE E 73 -23.66 18.86 -26.99
CA ILE E 73 -24.97 18.72 -26.35
C ILE E 73 -24.82 17.71 -25.24
N GLY E 74 -25.44 18.01 -24.10
CA GLY E 74 -25.28 17.21 -22.91
C GLY E 74 -26.15 15.97 -22.90
N LYS E 75 -26.37 15.44 -21.71
CA LYS E 75 -27.21 14.28 -21.49
C LYS E 75 -28.62 14.73 -21.12
N PHE E 76 -29.59 13.87 -21.44
CA PHE E 76 -30.96 14.03 -21.00
C PHE E 76 -31.57 15.34 -21.51
N CYS E 77 -31.20 15.73 -22.72
CA CYS E 77 -31.79 16.90 -23.36
C CYS E 77 -32.93 16.50 -24.26
N SER E 78 -33.99 17.31 -24.21
CA SER E 78 -35.17 17.14 -25.04
C SER E 78 -35.18 18.27 -26.05
N ILE E 79 -35.03 17.93 -27.33
CA ILE E 79 -34.99 18.92 -28.42
C ILE E 79 -36.23 18.78 -29.31
N ALA E 80 -37.04 19.82 -29.35
CA ALA E 80 -38.31 19.73 -30.06
C ALA E 80 -38.17 20.06 -31.54
N SER E 81 -39.25 19.78 -32.29
CA SER E 81 -39.19 19.80 -33.74
C SER E 81 -38.86 21.20 -34.27
N GLY E 82 -37.98 21.25 -35.28
CA GLY E 82 -37.62 22.50 -35.89
C GLY E 82 -36.65 23.35 -35.12
N ALA E 83 -36.29 23.00 -33.88
CA ALA E 83 -35.22 23.73 -33.21
C ALA E 83 -33.96 23.71 -34.08
N THR E 84 -33.27 24.84 -34.12
CA THR E 84 -32.16 25.02 -35.04
C THR E 84 -30.93 25.52 -34.31
N PHE E 85 -29.83 24.86 -34.57
CA PHE E 85 -28.52 25.28 -34.12
C PHE E 85 -27.79 25.91 -35.29
N MET E 86 -27.54 27.21 -35.17
CA MET E 86 -26.81 27.99 -36.19
C MET E 86 -25.31 27.93 -35.91
N MET E 87 -24.57 27.29 -36.82
CA MET E 87 -23.12 27.18 -36.72
C MET E 87 -22.47 28.09 -37.74
N ALA E 88 -21.14 27.92 -37.91
CA ALA E 88 -20.28 28.68 -38.81
C ALA E 88 -20.11 30.15 -38.41
N GLY E 89 -20.36 30.47 -37.14
CA GLY E 89 -20.06 31.80 -36.63
C GLY E 89 -20.65 32.94 -37.45
N ASN E 90 -19.83 33.86 -37.95
CA ASN E 90 -20.37 34.97 -38.74
C ASN E 90 -20.53 34.64 -40.22
N GLN E 91 -20.26 33.41 -40.64
CA GLN E 91 -20.36 33.02 -42.05
C GLN E 91 -19.65 34.03 -42.95
N GLY E 92 -18.55 34.61 -42.47
CA GLY E 92 -17.72 35.51 -43.26
C GLY E 92 -18.24 36.92 -43.42
N HIS E 93 -19.37 37.29 -42.79
CA HIS E 93 -19.89 38.65 -42.85
C HIS E 93 -19.38 39.44 -41.65
N ARG E 94 -18.67 40.54 -41.90
CA ARG E 94 -18.06 41.31 -40.82
C ARG E 94 -18.81 42.62 -40.70
N ALA E 95 -19.60 42.78 -39.62
CA ALA E 95 -20.30 44.05 -39.41
C ALA E 95 -19.34 45.20 -39.18
N ASP E 96 -18.13 44.93 -38.69
CA ASP E 96 -17.16 45.97 -38.41
C ASP E 96 -16.30 46.31 -39.62
N TRP E 97 -16.43 45.57 -40.71
CA TRP E 97 -15.83 46.05 -41.95
C TRP E 97 -16.82 46.93 -42.71
N ILE E 98 -16.35 47.56 -43.77
CA ILE E 98 -17.20 48.53 -44.46
C ILE E 98 -18.39 47.86 -45.11
N SER E 99 -18.16 46.72 -45.74
CA SER E 99 -19.21 45.93 -46.36
C SER E 99 -19.37 44.61 -45.60
N THR E 100 -20.61 44.16 -45.48
CA THR E 100 -20.87 42.80 -45.03
C THR E 100 -20.86 41.80 -46.18
N PHE E 101 -20.64 42.25 -47.39
CA PHE E 101 -20.79 41.37 -48.56
C PHE E 101 -19.56 40.48 -48.72
N PRO E 102 -19.74 39.18 -48.95
CA PRO E 102 -18.58 38.26 -49.08
C PRO E 102 -18.04 38.17 -50.50
N PHE E 103 -17.32 39.22 -50.91
CA PHE E 103 -16.73 39.29 -52.24
C PHE E 103 -15.95 38.02 -52.55
N SER E 104 -16.23 37.41 -53.71
CA SER E 104 -15.39 36.31 -54.16
C SER E 104 -14.11 36.83 -54.82
N LYS E 105 -13.01 36.10 -54.65
CA LYS E 105 -11.83 36.48 -55.38
C LYS E 105 -12.03 36.32 -56.88
N LYS E 106 -12.95 35.46 -57.30
CA LYS E 106 -13.23 35.29 -58.72
C LYS E 106 -13.75 36.57 -59.34
N GLU E 107 -14.69 37.25 -58.68
CA GLU E 107 -15.29 38.44 -59.24
C GLU E 107 -14.54 39.72 -58.90
N PHE E 108 -13.77 39.72 -57.81
CA PHE E 108 -13.24 40.97 -57.29
C PHE E 108 -11.73 41.00 -57.14
N GLY E 109 -11.02 39.96 -57.55
CA GLY E 109 -9.57 40.00 -57.55
C GLY E 109 -8.95 39.57 -56.23
N GLU E 110 -7.63 39.75 -56.16
CA GLU E 110 -6.81 39.26 -55.07
C GLU E 110 -6.89 40.13 -53.82
N GLY E 111 -7.46 41.33 -53.93
CA GLY E 111 -7.60 42.15 -52.73
C GLY E 111 -8.59 41.63 -51.69
N VAL E 112 -9.39 40.60 -52.02
CA VAL E 112 -10.36 40.06 -51.07
C VAL E 112 -9.64 39.49 -49.85
N LYS E 113 -10.14 39.84 -48.68
CA LYS E 113 -9.67 39.30 -47.41
C LYS E 113 -10.78 38.45 -46.79
N ASP E 114 -10.39 37.32 -46.19
CA ASP E 114 -11.35 36.40 -45.59
C ASP E 114 -11.91 37.00 -44.30
N GLY E 115 -13.22 37.14 -44.20
CA GLY E 115 -13.82 37.73 -43.03
C GLY E 115 -14.32 36.74 -41.99
N PHE E 116 -14.14 35.44 -42.22
CA PHE E 116 -14.67 34.45 -41.30
C PHE E 116 -14.08 34.64 -39.90
N GLN E 117 -14.92 34.52 -38.88
CA GLN E 117 -14.45 34.54 -37.50
C GLN E 117 -15.20 33.46 -36.73
N ARG E 118 -14.46 32.60 -36.04
CA ARG E 118 -15.11 31.60 -35.21
C ARG E 118 -15.85 32.28 -34.07
N ALA E 119 -16.93 31.65 -33.60
CA ALA E 119 -17.70 32.14 -32.48
C ALA E 119 -17.46 31.35 -31.22
N GLY E 120 -16.67 30.30 -31.29
CA GLY E 120 -16.60 29.34 -30.21
C GLY E 120 -17.67 28.29 -30.34
N ASP E 121 -17.53 27.24 -29.54
CA ASP E 121 -18.47 26.13 -29.56
C ASP E 121 -19.85 26.58 -29.07
N THR E 122 -20.88 26.01 -29.67
CA THR E 122 -22.23 26.06 -29.13
C THR E 122 -22.32 24.90 -28.16
N ILE E 123 -22.63 25.18 -26.90
CA ILE E 123 -22.68 24.16 -25.85
C ILE E 123 -24.08 24.13 -25.27
N VAL E 124 -24.65 22.94 -25.14
CA VAL E 124 -25.91 22.71 -24.43
C VAL E 124 -25.59 21.77 -23.31
N GLY E 125 -25.93 22.16 -22.08
CA GLY E 125 -25.65 21.34 -20.92
C GLY E 125 -26.58 20.16 -20.83
N ASN E 126 -26.79 19.68 -19.62
CA ASN E 126 -27.58 18.49 -19.36
C ASN E 126 -28.97 18.90 -18.88
N ASP E 127 -29.94 18.03 -19.14
CA ASP E 127 -31.34 18.23 -18.73
C ASP E 127 -31.89 19.56 -19.28
N VAL E 128 -31.67 19.80 -20.56
CA VAL E 128 -32.08 21.03 -21.21
C VAL E 128 -33.23 20.71 -22.15
N TRP E 129 -34.28 21.51 -22.08
CA TRP E 129 -35.47 21.36 -22.90
C TRP E 129 -35.50 22.53 -23.88
N ILE E 130 -35.42 22.22 -25.18
CA ILE E 130 -35.35 23.23 -26.23
C ILE E 130 -36.64 23.14 -27.03
N GLY E 131 -37.48 24.17 -26.90
CA GLY E 131 -38.80 24.12 -27.49
C GLY E 131 -38.79 24.23 -29.00
N SER E 132 -39.95 23.94 -29.57
CA SER E 132 -40.11 23.85 -31.02
C SER E 132 -39.73 25.16 -31.71
N GLU E 133 -38.94 25.05 -32.77
CA GLU E 133 -38.54 26.18 -33.63
C GLU E 133 -37.75 27.26 -32.88
N ALA E 134 -37.18 26.94 -31.72
CA ALA E 134 -36.23 27.85 -31.11
C ALA E 134 -34.99 27.94 -32.02
N MET E 135 -34.36 29.10 -32.03
CA MET E 135 -33.12 29.27 -32.81
C MET E 135 -31.97 29.62 -31.88
N ILE E 136 -30.93 28.78 -31.92
CA ILE E 136 -29.74 28.91 -31.09
C ILE E 136 -28.61 29.50 -31.94
N MET E 137 -28.21 30.73 -31.64
CA MET E 137 -27.17 31.37 -32.45
C MET E 137 -25.74 30.94 -32.04
N PRO E 138 -24.73 31.21 -32.88
CA PRO E 138 -23.38 30.67 -32.63
C PRO E 138 -22.76 31.17 -31.32
N GLY E 139 -22.02 30.27 -30.69
CA GLY E 139 -21.18 30.57 -29.55
C GLY E 139 -21.87 30.55 -28.20
N VAL E 140 -23.21 30.30 -28.15
CA VAL E 140 -23.89 30.44 -26.86
C VAL E 140 -23.68 29.18 -26.04
N HIS E 141 -23.65 29.36 -24.72
CA HIS E 141 -23.65 28.27 -23.75
C HIS E 141 -24.99 28.27 -23.04
N ILE E 142 -25.75 27.18 -23.18
CA ILE E 142 -27.03 27.03 -22.47
C ILE E 142 -26.78 26.09 -21.30
N GLY E 143 -27.01 26.59 -20.06
CA GLY E 143 -26.63 25.86 -18.87
C GLY E 143 -27.55 24.70 -18.54
N ASP E 144 -27.05 23.79 -17.69
CA ASP E 144 -27.82 22.64 -17.27
C ASP E 144 -29.19 23.04 -16.75
N GLY E 145 -30.19 22.22 -17.04
CA GLY E 145 -31.54 22.40 -16.53
C GLY E 145 -32.34 23.53 -17.11
N ALA E 146 -31.77 24.31 -18.03
CA ALA E 146 -32.49 25.42 -18.62
C ALA E 146 -33.63 24.93 -19.50
N ILE E 147 -34.59 25.83 -19.76
CA ILE E 147 -35.71 25.59 -20.65
C ILE E 147 -35.69 26.73 -21.66
N ILE E 148 -35.71 26.37 -22.95
CA ILE E 148 -35.83 27.35 -24.04
C ILE E 148 -37.23 27.25 -24.61
N GLY E 149 -37.98 28.33 -24.51
CA GLY E 149 -39.35 28.32 -25.02
C GLY E 149 -39.40 28.19 -26.53
N ALA E 150 -40.56 27.71 -27.01
CA ALA E 150 -40.76 27.62 -28.45
C ALA E 150 -40.55 28.98 -29.12
N ARG E 151 -39.91 28.94 -30.28
CA ARG E 151 -39.59 30.12 -31.09
C ARG E 151 -38.65 31.11 -30.42
N ALA E 152 -37.95 30.72 -29.35
CA ALA E 152 -37.02 31.66 -28.76
C ALA E 152 -35.80 31.85 -29.70
N VAL E 153 -35.23 33.03 -29.65
CA VAL E 153 -34.02 33.33 -30.42
C VAL E 153 -32.91 33.55 -29.42
N ILE E 154 -32.00 32.58 -29.32
CA ILE E 154 -31.00 32.59 -28.24
C ILE E 154 -29.65 33.08 -28.75
N THR E 155 -29.23 34.25 -28.26
CA THR E 155 -27.98 34.87 -28.67
C THR E 155 -27.07 35.20 -27.51
N LYS E 156 -27.49 34.96 -26.28
CA LYS E 156 -26.66 35.15 -25.09
C LYS E 156 -26.60 33.84 -24.33
N ASN E 157 -25.63 33.72 -23.41
CA ASN E 157 -25.57 32.54 -22.57
C ASN E 157 -26.79 32.47 -21.66
N VAL E 158 -27.23 31.25 -21.38
CA VAL E 158 -28.41 30.98 -20.59
C VAL E 158 -27.97 30.35 -19.27
N ALA E 159 -28.28 31.02 -18.14
CA ALA E 159 -27.87 30.52 -16.84
C ALA E 159 -28.63 29.23 -16.49
N PRO E 160 -28.00 28.32 -15.75
CA PRO E 160 -28.63 27.03 -15.44
C PRO E 160 -30.04 27.19 -14.87
N TYR E 161 -30.95 26.35 -15.36
CA TYR E 161 -32.31 26.25 -14.83
C TYR E 161 -33.08 27.55 -15.05
N SER E 162 -32.58 28.40 -15.95
CA SER E 162 -33.33 29.51 -16.52
C SER E 162 -34.42 29.01 -17.47
N VAL E 163 -35.44 29.84 -17.62
CA VAL E 163 -36.47 29.68 -18.62
C VAL E 163 -36.44 30.94 -19.47
N VAL E 164 -36.16 30.78 -20.77
CA VAL E 164 -35.88 31.91 -21.65
C VAL E 164 -36.79 31.84 -22.87
N VAL E 165 -37.44 32.96 -23.18
CA VAL E 165 -38.38 33.02 -24.29
C VAL E 165 -38.02 34.21 -25.16
N GLY E 166 -38.58 34.22 -26.37
CA GLY E 166 -38.50 35.40 -27.19
C GLY E 166 -37.06 35.81 -27.47
N ASN E 167 -36.84 37.11 -27.35
CA ASN E 167 -35.51 37.67 -27.65
C ASN E 167 -34.68 37.67 -26.37
N ASN E 168 -34.22 36.47 -26.00
CA ASN E 168 -33.34 36.29 -24.83
C ASN E 168 -34.02 36.75 -23.53
N VAL E 169 -35.32 36.51 -23.40
CA VAL E 169 -36.08 37.03 -22.27
C VAL E 169 -36.15 35.94 -21.19
N VAL E 170 -35.45 36.16 -20.07
CA VAL E 170 -35.49 35.23 -18.95
C VAL E 170 -36.78 35.45 -18.16
N VAL E 171 -37.67 34.47 -18.18
CA VAL E 171 -39.01 34.62 -17.63
C VAL E 171 -39.07 34.22 -16.16
N LYS E 172 -38.28 33.24 -15.77
CA LYS E 172 -38.19 32.77 -14.39
C LYS E 172 -37.03 31.80 -14.33
N LYS E 173 -36.66 31.44 -13.11
CA LYS E 173 -35.82 30.28 -12.84
C LYS E 173 -36.69 29.18 -12.25
N ARG E 174 -36.27 27.93 -12.45
CA ARG E 174 -37.16 26.83 -12.14
C ARG E 174 -37.24 26.59 -10.64
N PHE E 175 -36.18 26.89 -9.89
CA PHE E 175 -36.13 26.66 -8.46
C PHE E 175 -35.38 27.83 -7.81
N ASP E 176 -35.46 27.89 -6.49
CA ASP E 176 -34.70 28.89 -5.73
C ASP E 176 -33.20 28.65 -5.87
N GLU E 177 -32.43 29.73 -5.69
CA GLU E 177 -31.00 29.70 -5.96
C GLU E 177 -30.29 28.65 -5.12
N ASN E 178 -30.69 28.49 -3.86
CA ASN E 178 -30.07 27.48 -3.01
C ASN E 178 -30.29 26.08 -3.59
N LEU E 179 -31.47 25.84 -4.15
CA LEU E 179 -31.80 24.53 -4.70
C LEU E 179 -31.11 24.29 -6.04
N ILE E 180 -31.02 25.33 -6.87
CA ILE E 180 -30.28 25.20 -8.12
C ILE E 180 -28.86 24.77 -7.83
N GLN E 181 -28.25 25.40 -6.82
CA GLN E 181 -26.86 25.12 -6.48
C GLN E 181 -26.63 23.67 -6.09
N THR E 182 -27.51 23.08 -5.28
CA THR E 182 -27.26 21.69 -4.92
C THR E 182 -27.53 20.74 -6.10
N LEU E 183 -28.48 21.08 -6.97
CA LEU E 183 -28.59 20.33 -8.22
C LEU E 183 -27.31 20.41 -9.03
N LEU E 184 -26.58 21.52 -8.95
CA LEU E 184 -25.36 21.67 -9.71
C LEU E 184 -24.20 20.94 -9.06
N VAL E 185 -24.32 20.57 -7.79
CA VAL E 185 -23.27 19.79 -7.13
C VAL E 185 -23.48 18.30 -7.34
N ILE E 186 -24.70 17.81 -7.10
CA ILE E 186 -24.93 16.37 -7.12
C ILE E 186 -24.95 15.82 -8.55
N LYS E 187 -25.41 16.61 -9.53
CA LYS E 187 -25.36 16.26 -10.95
C LYS E 187 -25.83 14.83 -11.22
N TRP E 188 -27.15 14.62 -11.10
CA TRP E 188 -27.73 13.28 -11.27
C TRP E 188 -27.53 12.73 -12.69
N TRP E 189 -27.33 13.59 -13.69
CA TRP E 189 -27.04 13.09 -15.04
C TRP E 189 -25.74 12.28 -15.12
N ASP E 190 -24.85 12.44 -14.15
CA ASP E 190 -23.57 11.73 -14.18
C ASP E 190 -23.56 10.47 -13.34
N TRP E 191 -24.62 10.20 -12.57
CA TRP E 191 -24.72 8.99 -11.78
C TRP E 191 -24.77 7.74 -12.67
N PRO E 192 -24.24 6.61 -12.19
CA PRO E 192 -24.44 5.35 -12.90
C PRO E 192 -25.93 5.10 -13.12
N LEU E 193 -26.24 4.50 -14.28
CA LEU E 193 -27.64 4.27 -14.66
C LEU E 193 -28.45 3.66 -13.54
N GLN E 194 -27.86 2.76 -12.75
CA GLN E 194 -28.66 2.12 -11.71
C GLN E 194 -29.10 3.11 -10.64
N HIS E 195 -28.30 4.14 -10.34
CA HIS E 195 -28.73 5.10 -9.34
C HIS E 195 -29.83 6.02 -9.88
N ILE E 196 -29.76 6.35 -11.17
CA ILE E 196 -30.85 7.13 -11.79
C ILE E 196 -32.15 6.35 -11.77
N LYS E 197 -32.09 5.07 -12.13
CA LYS E 197 -33.26 4.21 -12.01
C LYS E 197 -33.79 4.19 -10.58
N ASN E 198 -32.90 4.00 -9.60
CA ASN E 198 -33.36 3.83 -8.22
C ASN E 198 -34.07 5.07 -7.70
N THR E 199 -33.67 6.27 -8.15
CA THR E 199 -34.25 7.51 -7.64
C THR E 199 -35.25 8.13 -8.61
N MET E 200 -35.64 7.37 -9.63
CA MET E 200 -36.57 7.84 -10.64
C MET E 200 -37.82 8.46 -10.03
N GLU E 201 -38.32 7.89 -8.93
CA GLU E 201 -39.49 8.45 -8.28
C GLU E 201 -39.22 9.81 -7.66
N ILE E 202 -37.98 10.12 -7.32
CA ILE E 202 -37.62 11.44 -6.83
C ILE E 202 -37.41 12.39 -7.99
N LEU E 203 -36.77 11.90 -9.05
CA LEU E 203 -36.56 12.74 -10.24
C LEU E 203 -37.89 13.23 -10.81
N CYS E 204 -38.90 12.37 -10.79
CA CYS E 204 -40.27 12.71 -11.21
C CYS E 204 -41.06 13.35 -10.08
N SER E 205 -40.51 14.40 -9.50
CA SER E 205 -41.15 15.19 -8.46
C SER E 205 -40.32 16.45 -8.29
N GLY E 206 -40.73 17.31 -7.36
CA GLY E 206 -39.98 18.49 -7.01
C GLY E 206 -39.08 18.35 -5.80
N HIS E 207 -38.88 17.14 -5.29
CA HIS E 207 -38.22 16.91 -3.99
C HIS E 207 -36.70 16.86 -4.15
N ILE E 208 -36.14 18.00 -4.52
CA ILE E 208 -34.72 18.02 -4.77
C ILE E 208 -33.94 17.76 -3.49
N GLU E 209 -34.48 18.16 -2.33
CA GLU E 209 -33.81 17.87 -1.07
C GLU E 209 -33.75 16.37 -0.79
N GLU E 210 -34.79 15.64 -1.19
CA GLU E 210 -34.76 14.17 -1.10
C GLU E 210 -33.72 13.59 -2.05
N LEU E 211 -33.55 14.19 -3.23
CA LEU E 211 -32.52 13.73 -4.15
C LEU E 211 -31.13 13.99 -3.59
N GLU E 212 -30.93 15.14 -2.95
CA GLU E 212 -29.67 15.41 -2.26
C GLU E 212 -29.40 14.38 -1.18
N GLN E 213 -30.43 14.00 -0.42
CA GLN E 213 -30.25 12.99 0.61
C GLN E 213 -29.82 11.66 0.01
N TYR E 214 -30.49 11.22 -1.06
CA TYR E 214 -30.06 10.00 -1.75
C TYR E 214 -28.60 10.08 -2.17
N PHE E 215 -28.20 11.22 -2.75
CA PHE E 215 -26.80 11.40 -3.14
C PHE E 215 -25.87 11.26 -1.94
N ILE E 216 -26.20 11.92 -0.83
CA ILE E 216 -25.32 11.82 0.34
C ILE E 216 -25.20 10.39 0.81
N LYS E 217 -26.25 9.58 0.68
CA LYS E 217 -26.16 8.26 1.28
C LYS E 217 -25.63 7.19 0.34
N ASN E 218 -26.02 7.22 -0.92
CA ASN E 218 -25.76 6.09 -1.81
C ASN E 218 -24.80 6.38 -2.95
N VAL E 219 -24.65 7.63 -3.36
CA VAL E 219 -23.87 7.93 -4.55
C VAL E 219 -22.46 8.38 -4.20
N GLY E 220 -22.35 9.43 -3.39
CA GLY E 220 -21.08 9.99 -2.99
C GLY E 220 -21.12 10.55 -1.58
N SER E 221 -21.19 11.88 -1.47
CA SER E 221 -21.33 12.55 -0.18
C SER E 221 -21.82 13.98 -0.36
N GLU F 5 -32.60 25.16 -60.25
CA GLU F 5 -31.99 23.83 -60.27
C GLU F 5 -31.81 23.31 -58.85
N ALA F 6 -31.90 24.24 -57.88
CA ALA F 6 -31.84 24.06 -56.43
C ALA F 6 -30.45 24.33 -55.90
N PHE F 7 -30.30 24.24 -54.59
CA PHE F 7 -29.02 24.40 -53.91
C PHE F 7 -28.49 23.01 -53.54
N ASN F 8 -27.26 22.71 -53.98
CA ASN F 8 -26.61 21.44 -53.67
C ASN F 8 -25.90 21.44 -52.33
N SER F 9 -25.61 22.61 -51.77
CA SER F 9 -25.06 22.71 -50.43
C SER F 9 -25.29 24.13 -49.94
N TRP F 10 -25.11 24.33 -48.63
CA TRP F 10 -25.17 25.72 -48.16
C TRP F 10 -23.92 26.52 -48.47
N LEU F 11 -22.97 25.97 -49.23
CA LEU F 11 -21.83 26.74 -49.72
C LEU F 11 -22.17 27.59 -50.93
N GLU F 12 -23.30 27.32 -51.58
CA GLU F 12 -23.69 27.97 -52.82
C GLU F 12 -24.73 29.03 -52.51
N GLY F 13 -24.52 30.24 -53.06
CA GLY F 13 -25.58 31.21 -53.17
C GLY F 13 -26.06 31.30 -54.61
N GLN F 14 -27.17 32.02 -54.79
CA GLN F 14 -27.77 32.24 -56.10
C GLN F 14 -27.77 33.74 -56.38
N ASN F 15 -27.06 34.14 -57.45
CA ASN F 15 -27.13 35.49 -57.94
C ASN F 15 -28.56 35.83 -58.40
N LEU F 16 -29.14 36.87 -57.81
CA LEU F 16 -30.56 37.15 -58.05
C LEU F 16 -30.79 37.89 -59.36
N LYS F 17 -29.88 38.78 -59.77
CA LYS F 17 -30.09 39.50 -61.01
C LYS F 17 -30.15 38.54 -62.20
N GLU F 18 -29.36 37.47 -62.15
CA GLU F 18 -29.36 36.49 -63.24
C GLU F 18 -30.63 35.64 -63.28
N GLN F 19 -31.31 35.47 -62.14
CA GLN F 19 -32.37 34.47 -62.01
C GLN F 19 -33.76 35.07 -61.97
N VAL F 20 -33.93 36.22 -61.31
CA VAL F 20 -35.26 36.78 -61.09
C VAL F 20 -35.92 37.13 -62.42
N LYS F 21 -37.20 36.81 -62.56
CA LYS F 21 -37.93 37.10 -63.78
C LYS F 21 -39.29 37.74 -63.54
N ASN F 22 -39.73 37.88 -62.29
CA ASN F 22 -40.97 38.61 -61.99
C ASN F 22 -40.78 40.08 -62.31
N PRO F 23 -41.62 40.68 -63.16
CA PRO F 23 -41.45 42.12 -63.46
C PRO F 23 -41.65 43.01 -62.27
N ASN F 24 -42.29 42.52 -61.20
CA ASN F 24 -42.48 43.32 -60.00
C ASN F 24 -41.34 43.16 -58.98
N ILE F 25 -40.24 42.52 -59.36
CA ILE F 25 -39.02 42.48 -58.54
C ILE F 25 -37.92 43.19 -59.31
N GLU F 26 -37.19 44.08 -58.63
CA GLU F 26 -35.94 44.61 -59.17
C GLU F 26 -34.80 44.36 -58.18
N VAL F 27 -33.75 43.71 -58.64
CA VAL F 27 -32.61 43.38 -57.80
C VAL F 27 -31.37 43.93 -58.45
N GLY F 28 -30.46 44.47 -57.63
CA GLY F 28 -29.21 45.00 -58.13
C GLY F 28 -28.09 43.96 -58.22
N ASP F 29 -27.00 44.39 -58.86
CA ASP F 29 -25.83 43.55 -59.08
C ASP F 29 -25.34 42.86 -57.82
N TYR F 30 -24.89 41.62 -58.00
CA TYR F 30 -24.13 40.80 -57.03
C TYR F 30 -24.96 40.31 -55.86
N SER F 31 -26.10 40.96 -55.59
CA SER F 31 -26.99 40.49 -54.53
C SER F 31 -27.38 39.04 -54.75
N TYR F 32 -27.43 38.27 -53.66
CA TYR F 32 -27.59 36.81 -53.76
C TYR F 32 -28.53 36.31 -52.67
N TYR F 33 -29.04 35.10 -52.89
CA TYR F 33 -29.84 34.37 -51.91
C TYR F 33 -29.17 33.03 -51.62
N SER F 34 -28.86 32.78 -50.34
N SER F 34 -28.86 32.79 -50.35
CA SER F 34 -28.20 31.55 -49.92
CA SER F 34 -28.20 31.55 -49.93
C SER F 34 -29.26 30.67 -49.26
C SER F 34 -29.26 30.69 -49.27
N GLY F 35 -30.03 29.97 -50.09
CA GLY F 35 -31.26 29.34 -49.61
C GLY F 35 -31.27 27.83 -49.46
N PHE F 36 -30.11 27.22 -49.21
CA PHE F 36 -30.04 25.76 -49.11
C PHE F 36 -31.06 25.19 -48.13
N TYR F 37 -31.20 25.81 -46.95
CA TYR F 37 -31.98 25.19 -45.88
C TYR F 37 -33.50 25.39 -46.01
N HIS F 38 -33.94 26.16 -47.01
CA HIS F 38 -35.36 26.27 -47.33
C HIS F 38 -35.66 25.82 -48.76
N SER F 39 -34.70 25.18 -49.42
CA SER F 39 -34.80 24.38 -50.64
C SER F 39 -35.19 25.15 -51.89
N LYS F 40 -36.22 25.97 -51.82
CA LYS F 40 -36.80 26.51 -53.04
C LYS F 40 -36.03 27.75 -53.50
N THR F 41 -36.37 28.22 -54.69
CA THR F 41 -35.70 29.39 -55.24
C THR F 41 -36.13 30.65 -54.47
N PHE F 42 -35.40 31.75 -54.71
CA PHE F 42 -35.75 33.02 -54.07
C PHE F 42 -37.18 33.45 -54.41
N GLU F 43 -37.55 33.35 -55.67
CA GLU F 43 -38.86 33.80 -56.09
C GLU F 43 -39.97 32.87 -55.61
N GLU F 44 -39.66 31.60 -55.33
CA GLU F 44 -40.67 30.67 -54.83
C GLU F 44 -40.84 30.75 -53.32
N GLN F 45 -39.76 30.94 -52.56
CA GLN F 45 -39.83 30.79 -51.12
C GLN F 45 -39.75 32.11 -50.36
N ALA F 46 -38.86 33.01 -50.78
CA ALA F 46 -38.56 34.23 -50.05
C ALA F 46 -39.56 35.36 -50.36
N VAL F 47 -39.97 35.49 -51.62
CA VAL F 47 -40.82 36.59 -52.05
C VAL F 47 -42.24 36.06 -52.09
N ARG F 48 -43.09 36.56 -51.22
CA ARG F 48 -44.40 35.96 -50.99
C ARG F 48 -45.52 36.94 -51.34
N TYR F 49 -46.54 36.40 -51.99
CA TYR F 49 -47.77 37.15 -52.34
C TYR F 49 -47.48 38.29 -53.30
N LEU F 50 -46.51 38.13 -54.17
CA LEU F 50 -46.24 39.10 -55.22
C LEU F 50 -46.86 38.59 -56.51
N LEU F 51 -47.85 39.33 -57.04
CA LEU F 51 -48.48 38.93 -58.28
C LEU F 51 -47.49 38.97 -59.43
N GLY F 52 -47.66 38.04 -60.38
CA GLY F 52 -46.73 37.86 -61.46
C GLY F 52 -45.70 36.79 -61.21
N ASP F 53 -45.74 36.13 -60.04
CA ASP F 53 -44.82 35.04 -59.76
C ASP F 53 -45.36 33.78 -60.43
N ALA F 54 -44.71 32.65 -60.17
CA ALA F 54 -45.05 31.41 -60.89
C ALA F 54 -46.52 31.01 -60.75
N PRO F 55 -47.10 30.92 -59.55
CA PRO F 55 -48.49 30.47 -59.46
C PRO F 55 -49.51 31.49 -59.92
N THR F 56 -49.13 32.76 -60.12
CA THR F 56 -50.06 33.79 -60.53
C THR F 56 -49.67 34.48 -61.84
N GLN F 57 -48.73 33.91 -62.61
CA GLN F 57 -48.34 34.55 -63.86
C GLN F 57 -49.53 34.67 -64.82
N GLU F 58 -50.25 33.56 -65.02
CA GLU F 58 -51.42 33.57 -65.89
C GLU F 58 -52.44 34.61 -65.45
N VAL F 59 -52.69 34.69 -64.15
CA VAL F 59 -53.66 35.64 -63.63
C VAL F 59 -53.18 37.06 -63.85
N TRP F 60 -51.89 37.31 -63.59
CA TRP F 60 -51.32 38.66 -63.70
C TRP F 60 -51.38 39.16 -65.14
N GLU F 61 -51.05 38.30 -66.10
CA GLU F 61 -50.89 38.73 -67.48
C GLU F 61 -52.21 39.05 -68.16
N SER F 62 -53.35 38.92 -67.48
CA SER F 62 -54.62 39.33 -68.03
C SER F 62 -54.93 40.80 -67.78
N GLY F 63 -54.07 41.51 -67.05
CA GLY F 63 -54.32 42.91 -66.76
C GLY F 63 -55.45 43.18 -65.77
N GLN F 64 -55.92 42.13 -65.09
CA GLN F 64 -57.08 42.24 -64.21
C GLN F 64 -56.83 43.11 -62.97
N PHE F 65 -55.57 43.35 -62.61
CA PHE F 65 -55.24 43.88 -61.29
C PHE F 65 -54.79 45.34 -61.29
N GLY F 66 -54.02 45.76 -62.28
CA GLY F 66 -53.42 47.09 -62.23
C GLY F 66 -52.07 47.05 -61.54
N GLU F 67 -51.83 48.01 -60.66
CA GLU F 67 -50.51 48.21 -60.09
C GLU F 67 -50.43 47.70 -58.66
N VAL F 68 -49.31 47.05 -58.35
CA VAL F 68 -49.10 46.46 -57.03
C VAL F 68 -47.82 47.03 -56.47
N ASP F 69 -47.63 46.83 -55.16
CA ASP F 69 -46.34 47.13 -54.54
C ASP F 69 -45.25 46.24 -55.11
N LYS F 70 -44.11 46.84 -55.45
CA LYS F 70 -42.95 46.11 -55.96
C LYS F 70 -41.93 45.84 -54.86
N LEU F 71 -41.14 44.80 -55.06
CA LEU F 71 -39.99 44.49 -54.18
C LEU F 71 -38.74 45.00 -54.89
N ARG F 72 -38.08 46.01 -54.31
CA ARG F 72 -36.83 46.54 -54.83
C ARG F 72 -35.65 46.25 -53.90
N ILE F 73 -34.61 45.64 -54.43
CA ILE F 73 -33.41 45.26 -53.67
C ILE F 73 -32.21 45.84 -54.39
N GLY F 74 -31.29 46.44 -53.62
CA GLY F 74 -30.14 47.09 -54.20
C GLY F 74 -28.99 46.14 -54.51
N LYS F 75 -27.80 46.70 -54.55
CA LYS F 75 -26.58 45.97 -54.90
C LYS F 75 -25.90 45.39 -53.68
N PHE F 76 -25.14 44.31 -53.89
CA PHE F 76 -24.28 43.71 -52.85
C PHE F 76 -25.06 43.36 -51.58
N CYS F 77 -26.27 42.84 -51.75
CA CYS F 77 -27.10 42.39 -50.63
C CYS F 77 -26.93 40.90 -50.39
N SER F 78 -26.86 40.52 -49.11
CA SER F 78 -26.65 39.15 -48.70
C SER F 78 -27.92 38.68 -48.02
N ILE F 79 -28.63 37.77 -48.66
CA ILE F 79 -29.94 37.35 -48.16
C ILE F 79 -29.84 35.90 -47.79
N ALA F 80 -30.00 35.63 -46.50
CA ALA F 80 -29.75 34.29 -45.95
C ALA F 80 -30.98 33.42 -46.07
N SER F 81 -30.80 32.12 -45.80
CA SER F 81 -31.84 31.15 -46.11
C SER F 81 -33.15 31.45 -45.37
N GLY F 82 -34.27 31.34 -46.11
CA GLY F 82 -35.58 31.47 -45.50
C GLY F 82 -35.99 32.88 -45.12
N ALA F 83 -35.14 33.87 -45.36
CA ALA F 83 -35.59 35.25 -45.21
C ALA F 83 -36.79 35.43 -46.14
N THR F 84 -37.80 36.17 -45.65
CA THR F 84 -39.10 36.26 -46.32
C THR F 84 -39.49 37.71 -46.53
N PHE F 85 -39.89 38.03 -47.76
CA PHE F 85 -40.45 39.33 -48.11
C PHE F 85 -41.95 39.20 -48.32
N MET F 86 -42.73 39.90 -47.50
CA MET F 86 -44.19 39.80 -47.53
C MET F 86 -44.75 40.95 -48.35
N MET F 87 -45.36 40.61 -49.48
CA MET F 87 -45.94 41.61 -50.37
C MET F 87 -47.47 41.55 -50.32
N ALA F 88 -48.12 42.10 -51.33
CA ALA F 88 -49.58 42.20 -51.42
C ALA F 88 -50.18 42.99 -50.25
N GLY F 89 -49.40 43.84 -49.60
CA GLY F 89 -49.91 44.75 -48.57
C GLY F 89 -50.79 44.16 -47.49
N ASN F 90 -52.03 44.64 -47.32
CA ASN F 90 -52.88 44.08 -46.29
C ASN F 90 -53.63 42.82 -46.71
N GLN F 91 -53.40 42.32 -47.94
CA GLN F 91 -54.08 41.13 -48.46
C GLN F 91 -55.59 41.21 -48.28
N GLY F 92 -56.11 42.42 -48.34
CA GLY F 92 -57.55 42.62 -48.32
C GLY F 92 -58.18 42.64 -46.95
N HIS F 93 -57.41 42.43 -45.87
CA HIS F 93 -57.90 42.53 -44.49
C HIS F 93 -57.82 43.97 -43.97
N ARG F 94 -58.97 44.56 -43.60
CA ARG F 94 -59.02 45.92 -43.03
C ARG F 94 -59.30 45.88 -41.53
N ALA F 95 -58.25 46.11 -40.72
CA ALA F 95 -58.41 46.20 -39.27
C ALA F 95 -59.41 47.28 -38.86
N ASP F 96 -59.54 48.35 -39.67
CA ASP F 96 -60.42 49.47 -39.37
C ASP F 96 -61.86 49.27 -39.85
N TRP F 97 -62.13 48.20 -40.59
CA TRP F 97 -63.51 47.82 -40.90
C TRP F 97 -64.02 46.87 -39.81
N ILE F 98 -65.33 46.64 -39.81
CA ILE F 98 -65.95 45.83 -38.76
C ILE F 98 -65.34 44.44 -38.71
N SER F 99 -65.27 43.78 -39.86
CA SER F 99 -64.67 42.47 -40.00
C SER F 99 -63.38 42.58 -40.79
N THR F 100 -62.39 41.75 -40.41
CA THR F 100 -61.22 41.50 -41.22
C THR F 100 -61.44 40.43 -42.27
N PHE F 101 -62.59 39.84 -42.32
CA PHE F 101 -62.82 38.68 -43.17
C PHE F 101 -63.01 39.13 -44.61
N PRO F 102 -62.33 38.48 -45.58
CA PRO F 102 -62.46 38.80 -47.02
C PRO F 102 -63.66 38.09 -47.66
N PHE F 103 -64.87 38.54 -47.30
CA PHE F 103 -66.10 38.04 -47.90
C PHE F 103 -66.00 38.05 -49.42
N SER F 104 -66.38 36.94 -50.05
CA SER F 104 -66.32 36.85 -51.49
C SER F 104 -67.65 37.28 -52.09
N LYS F 105 -67.61 37.96 -53.23
CA LYS F 105 -68.87 38.32 -53.88
C LYS F 105 -69.70 37.09 -54.20
N LYS F 106 -69.06 35.96 -54.52
CA LYS F 106 -69.82 34.76 -54.87
C LYS F 106 -70.64 34.24 -53.68
N GLU F 107 -70.18 34.48 -52.46
CA GLU F 107 -70.87 33.94 -51.30
C GLU F 107 -71.63 34.97 -50.50
N PHE F 108 -71.35 36.27 -50.67
CA PHE F 108 -72.02 37.28 -49.87
C PHE F 108 -72.69 38.37 -50.70
N GLY F 109 -72.66 38.27 -52.02
CA GLY F 109 -73.47 39.15 -52.85
C GLY F 109 -72.74 40.43 -53.19
N GLU F 110 -73.51 41.35 -53.76
CA GLU F 110 -72.93 42.54 -54.39
C GLU F 110 -72.56 43.64 -53.40
N GLY F 111 -72.99 43.57 -52.14
CA GLY F 111 -72.58 44.58 -51.16
C GLY F 111 -71.10 44.49 -50.77
N VAL F 112 -70.39 43.46 -51.22
CA VAL F 112 -68.98 43.28 -50.82
C VAL F 112 -68.14 44.42 -51.39
N LYS F 113 -67.27 44.98 -50.55
CA LYS F 113 -66.33 46.01 -50.96
C LYS F 113 -64.91 45.46 -50.85
N ASP F 114 -64.08 45.76 -51.84
CA ASP F 114 -62.69 45.34 -51.81
C ASP F 114 -61.94 46.11 -50.73
N GLY F 115 -61.39 45.40 -49.76
CA GLY F 115 -60.63 46.05 -48.72
C GLY F 115 -59.15 46.18 -49.01
N PHE F 116 -58.67 45.75 -50.18
CA PHE F 116 -57.25 45.79 -50.49
C PHE F 116 -56.68 47.20 -50.40
N GLN F 117 -55.53 47.33 -49.76
CA GLN F 117 -54.85 48.62 -49.73
C GLN F 117 -53.38 48.36 -49.96
N ARG F 118 -52.77 49.09 -50.90
CA ARG F 118 -51.34 49.00 -51.11
C ARG F 118 -50.59 49.57 -49.91
N ALA F 119 -49.43 48.98 -49.65
CA ALA F 119 -48.56 49.45 -48.58
C ALA F 119 -47.40 50.29 -49.08
N GLY F 120 -47.20 50.37 -50.40
CA GLY F 120 -45.98 50.93 -50.96
C GLY F 120 -44.94 49.85 -51.22
N ASP F 121 -44.03 50.16 -52.13
CA ASP F 121 -42.95 49.24 -52.48
C ASP F 121 -42.14 48.82 -51.25
N THR F 122 -41.68 47.57 -51.25
CA THR F 122 -40.66 47.16 -50.27
C THR F 122 -39.31 47.48 -50.89
N ILE F 123 -38.53 48.30 -50.18
CA ILE F 123 -37.28 48.83 -50.70
C ILE F 123 -36.12 48.44 -49.78
N VAL F 124 -35.22 47.63 -50.32
CA VAL F 124 -34.01 47.25 -49.61
C VAL F 124 -32.85 47.98 -50.29
N GLY F 125 -32.06 48.70 -49.50
CA GLY F 125 -30.93 49.45 -50.01
C GLY F 125 -29.75 48.60 -50.44
N ASN F 126 -28.58 49.22 -50.57
CA ASN F 126 -27.36 48.51 -50.95
C ASN F 126 -26.59 48.01 -49.72
N ASP F 127 -25.84 46.93 -49.93
CA ASP F 127 -24.93 46.38 -48.91
C ASP F 127 -25.69 46.02 -47.63
N VAL F 128 -26.82 45.34 -47.80
CA VAL F 128 -27.70 45.00 -46.68
C VAL F 128 -27.57 43.51 -46.45
N TRP F 129 -27.38 43.13 -45.20
CA TRP F 129 -27.32 41.74 -44.81
C TRP F 129 -28.63 41.38 -44.11
N ILE F 130 -29.34 40.38 -44.63
CA ILE F 130 -30.61 39.96 -44.04
C ILE F 130 -30.47 38.54 -43.54
N GLY F 131 -30.60 38.36 -42.22
CA GLY F 131 -30.27 37.11 -41.58
C GLY F 131 -31.32 36.05 -41.86
N SER F 132 -30.96 34.80 -41.56
CA SER F 132 -31.83 33.67 -41.85
C SER F 132 -33.20 33.81 -41.16
N GLU F 133 -34.25 33.52 -41.95
CA GLU F 133 -35.67 33.51 -41.54
C GLU F 133 -36.13 34.83 -40.94
N ALA F 134 -35.47 35.95 -41.25
CA ALA F 134 -36.07 37.24 -40.97
C ALA F 134 -37.31 37.43 -41.87
N MET F 135 -38.31 38.16 -41.36
CA MET F 135 -39.53 38.42 -42.13
C MET F 135 -39.70 39.92 -42.31
N ILE F 136 -39.75 40.37 -43.56
CA ILE F 136 -39.84 41.80 -43.86
C ILE F 136 -41.27 42.09 -44.32
N MET F 137 -41.96 42.96 -43.57
CA MET F 137 -43.39 43.20 -43.79
C MET F 137 -43.59 44.23 -44.90
N PRO F 138 -44.82 44.36 -45.41
CA PRO F 138 -45.04 45.24 -46.58
C PRO F 138 -44.73 46.70 -46.30
N GLY F 139 -44.26 47.37 -47.33
CA GLY F 139 -44.05 48.79 -47.28
C GLY F 139 -42.77 49.28 -46.64
N VAL F 140 -41.91 48.38 -46.09
CA VAL F 140 -40.75 48.77 -45.29
C VAL F 140 -39.61 49.24 -46.19
N HIS F 141 -38.94 50.32 -45.80
CA HIS F 141 -37.66 50.69 -46.40
C HIS F 141 -36.50 50.29 -45.48
N ILE F 142 -35.52 49.58 -46.05
CA ILE F 142 -34.31 49.18 -45.32
C ILE F 142 -33.12 49.92 -45.91
N GLY F 143 -32.57 50.86 -45.13
CA GLY F 143 -31.50 51.70 -45.62
C GLY F 143 -30.17 50.99 -45.89
N ASP F 144 -29.32 51.71 -46.62
CA ASP F 144 -28.02 51.20 -47.03
C ASP F 144 -27.21 50.70 -45.84
N GLY F 145 -26.61 49.55 -46.03
CA GLY F 145 -25.67 49.02 -45.02
C GLY F 145 -26.32 48.48 -43.75
N ALA F 146 -27.62 48.31 -43.75
CA ALA F 146 -28.32 47.76 -42.59
C ALA F 146 -27.99 46.29 -42.42
N ILE F 147 -28.19 45.83 -41.20
CA ILE F 147 -28.07 44.43 -40.90
C ILE F 147 -29.36 44.02 -40.20
N ILE F 148 -30.02 43.00 -40.73
CA ILE F 148 -31.28 42.51 -40.16
C ILE F 148 -30.98 41.17 -39.53
N GLY F 149 -31.16 41.06 -38.21
CA GLY F 149 -30.78 39.85 -37.52
C GLY F 149 -31.62 38.67 -37.96
N ALA F 150 -31.09 37.47 -37.74
CA ALA F 150 -31.85 36.26 -37.95
C ALA F 150 -33.16 36.30 -37.18
N ARG F 151 -34.23 35.86 -37.82
CA ARG F 151 -35.58 35.78 -37.24
C ARG F 151 -36.17 37.13 -36.87
N ALA F 152 -35.54 38.24 -37.24
CA ALA F 152 -36.15 39.53 -36.94
C ALA F 152 -37.43 39.69 -37.73
N VAL F 153 -38.33 40.49 -37.19
CA VAL F 153 -39.62 40.76 -37.85
C VAL F 153 -39.68 42.27 -38.04
N ILE F 154 -39.59 42.72 -39.29
CA ILE F 154 -39.34 44.12 -39.61
C ILE F 154 -40.64 44.75 -40.10
N THR F 155 -41.19 45.70 -39.34
CA THR F 155 -42.43 46.38 -39.73
C THR F 155 -42.30 47.88 -39.78
N LYS F 156 -41.15 48.43 -39.38
CA LYS F 156 -40.84 49.84 -39.46
C LYS F 156 -39.58 50.02 -40.28
N ASN F 157 -39.45 51.19 -40.90
CA ASN F 157 -38.27 51.50 -41.70
C ASN F 157 -36.99 51.37 -40.88
N VAL F 158 -35.93 50.95 -41.55
CA VAL F 158 -34.63 50.68 -40.93
C VAL F 158 -33.62 51.69 -41.45
N ALA F 159 -33.12 52.54 -40.56
CA ALA F 159 -32.17 53.58 -40.96
C ALA F 159 -30.86 52.95 -41.47
N PRO F 160 -30.16 53.65 -42.36
CA PRO F 160 -28.91 53.12 -42.90
C PRO F 160 -27.93 52.70 -41.80
N TYR F 161 -27.29 51.54 -42.02
CA TYR F 161 -26.19 51.07 -41.18
C TYR F 161 -26.62 50.75 -39.76
N SER F 162 -27.92 50.57 -39.52
CA SER F 162 -28.36 50.13 -38.22
C SER F 162 -28.46 48.60 -38.17
N VAL F 163 -28.42 48.08 -36.96
CA VAL F 163 -28.50 46.65 -36.68
C VAL F 163 -29.83 46.40 -35.97
N VAL F 164 -30.71 45.64 -36.59
CA VAL F 164 -32.06 45.47 -36.06
C VAL F 164 -32.33 43.99 -35.83
N VAL F 165 -32.92 43.66 -34.67
CA VAL F 165 -33.24 42.29 -34.36
C VAL F 165 -34.64 42.23 -33.78
N GLY F 166 -35.19 41.02 -33.76
CA GLY F 166 -36.47 40.75 -33.12
C GLY F 166 -37.60 41.62 -33.65
N ASN F 167 -38.40 42.14 -32.71
CA ASN F 167 -39.54 42.99 -33.01
C ASN F 167 -39.03 44.43 -33.20
N ASN F 168 -38.32 44.62 -34.30
CA ASN F 168 -37.81 45.95 -34.71
C ASN F 168 -36.97 46.61 -33.63
N VAL F 169 -36.14 45.81 -32.96
CA VAL F 169 -35.25 46.32 -31.91
C VAL F 169 -33.97 46.83 -32.54
N VAL F 170 -33.73 48.14 -32.41
CA VAL F 170 -32.49 48.75 -32.93
C VAL F 170 -31.38 48.56 -31.90
N VAL F 171 -30.45 47.67 -32.22
CA VAL F 171 -29.40 47.31 -31.27
C VAL F 171 -28.28 48.34 -31.27
N LYS F 172 -27.80 48.70 -32.46
CA LYS F 172 -26.70 49.64 -32.59
C LYS F 172 -26.68 50.13 -34.03
N LYS F 173 -25.83 51.12 -34.27
CA LYS F 173 -25.39 51.48 -35.61
C LYS F 173 -23.99 50.92 -35.82
N ARG F 174 -23.69 50.54 -37.06
CA ARG F 174 -22.42 49.85 -37.31
C ARG F 174 -21.21 50.75 -37.11
N PHE F 175 -21.35 52.05 -37.35
CA PHE F 175 -20.22 52.98 -37.28
C PHE F 175 -20.71 54.30 -36.68
N ASP F 176 -19.75 55.17 -36.37
CA ASP F 176 -20.07 56.52 -35.92
C ASP F 176 -20.91 57.24 -36.97
N GLU F 177 -21.61 58.29 -36.54
CA GLU F 177 -22.53 58.99 -37.43
C GLU F 177 -21.78 59.66 -38.57
N ASN F 178 -20.68 60.36 -38.24
CA ASN F 178 -19.92 61.04 -39.29
C ASN F 178 -19.39 60.05 -40.32
N LEU F 179 -19.13 58.81 -39.92
CA LEU F 179 -18.58 57.82 -40.83
C LEU F 179 -19.67 57.22 -41.71
N ILE F 180 -20.86 57.01 -41.13
CA ILE F 180 -22.01 56.62 -41.93
C ILE F 180 -22.29 57.68 -42.99
N GLN F 181 -22.25 58.95 -42.61
CA GLN F 181 -22.55 59.99 -43.60
C GLN F 181 -21.53 59.99 -44.71
N THR F 182 -20.28 59.63 -44.39
CA THR F 182 -19.25 59.56 -45.43
C THR F 182 -19.56 58.44 -46.41
N LEU F 183 -19.95 57.28 -45.90
CA LEU F 183 -20.32 56.18 -46.78
C LEU F 183 -21.54 56.53 -47.63
N LEU F 184 -22.48 57.30 -47.07
CA LEU F 184 -23.66 57.63 -47.85
C LEU F 184 -23.33 58.58 -48.98
N VAL F 185 -22.28 59.37 -48.82
CA VAL F 185 -21.87 60.28 -49.88
C VAL F 185 -21.13 59.53 -50.98
N ILE F 186 -20.08 58.77 -50.62
CA ILE F 186 -19.22 58.21 -51.66
C ILE F 186 -19.86 57.01 -52.36
N LYS F 187 -20.71 56.26 -51.67
CA LYS F 187 -21.52 55.21 -52.31
C LYS F 187 -20.66 54.25 -53.14
N TRP F 188 -19.77 53.53 -52.45
CA TRP F 188 -18.85 52.65 -53.16
C TRP F 188 -19.58 51.64 -54.03
N TRP F 189 -20.83 51.25 -53.67
CA TRP F 189 -21.62 50.33 -54.48
C TRP F 189 -21.95 50.87 -55.86
N ASP F 190 -21.88 52.19 -56.09
CA ASP F 190 -22.10 52.71 -57.43
C ASP F 190 -20.82 52.97 -58.22
N TRP F 191 -19.63 52.73 -57.64
CA TRP F 191 -18.38 52.93 -58.37
C TRP F 191 -18.29 51.99 -59.57
N PRO F 192 -17.60 52.38 -60.64
CA PRO F 192 -17.25 51.41 -61.69
C PRO F 192 -16.48 50.23 -61.10
N LEU F 193 -16.61 49.06 -61.74
CA LEU F 193 -16.21 47.82 -61.09
C LEU F 193 -14.71 47.80 -60.74
N GLN F 194 -13.87 48.41 -61.58
CA GLN F 194 -12.44 48.37 -61.33
C GLN F 194 -12.06 49.13 -60.07
N HIS F 195 -12.77 50.21 -59.75
CA HIS F 195 -12.50 50.91 -58.50
C HIS F 195 -12.85 50.04 -57.30
N ILE F 196 -13.96 49.29 -57.41
CA ILE F 196 -14.30 48.36 -56.33
C ILE F 196 -13.17 47.37 -56.12
N LYS F 197 -12.70 46.74 -57.20
CA LYS F 197 -11.60 45.77 -57.10
C LYS F 197 -10.35 46.41 -56.52
N ASN F 198 -10.00 47.61 -56.98
CA ASN F 198 -8.77 48.24 -56.55
C ASN F 198 -8.82 48.57 -55.06
N THR F 199 -10.01 48.87 -54.55
CA THR F 199 -10.19 49.19 -53.14
C THR F 199 -10.58 48.00 -52.29
N MET F 200 -10.52 46.78 -52.83
CA MET F 200 -11.06 45.63 -52.12
C MET F 200 -10.31 45.38 -50.80
N GLU F 201 -9.05 45.80 -50.69
CA GLU F 201 -8.35 45.63 -49.41
C GLU F 201 -8.85 46.61 -48.36
N ILE F 202 -9.33 47.77 -48.79
CA ILE F 202 -9.97 48.72 -47.88
C ILE F 202 -11.37 48.24 -47.50
N LEU F 203 -12.17 47.83 -48.48
CA LEU F 203 -13.52 47.37 -48.22
C LEU F 203 -13.53 46.21 -47.24
N CYS F 204 -12.48 45.38 -47.26
CA CYS F 204 -12.35 44.29 -46.31
C CYS F 204 -11.61 44.73 -45.06
N SER F 205 -12.10 45.80 -44.45
CA SER F 205 -11.46 46.40 -43.28
C SER F 205 -12.44 47.44 -42.74
N GLY F 206 -12.12 47.98 -41.56
CA GLY F 206 -12.96 49.05 -41.03
C GLY F 206 -12.54 50.44 -41.43
N HIS F 207 -11.67 50.59 -42.43
CA HIS F 207 -10.99 51.86 -42.64
C HIS F 207 -11.81 52.73 -43.60
N ILE F 208 -12.89 53.28 -43.05
CA ILE F 208 -13.77 54.09 -43.88
C ILE F 208 -13.04 55.33 -44.42
N GLU F 209 -12.25 55.99 -43.58
CA GLU F 209 -11.52 57.20 -44.00
C GLU F 209 -10.52 56.90 -45.12
N GLU F 210 -9.88 55.73 -45.06
CA GLU F 210 -9.07 55.28 -46.19
C GLU F 210 -9.91 55.13 -47.44
N LEU F 211 -11.13 54.61 -47.32
CA LEU F 211 -11.97 54.48 -48.52
C LEU F 211 -12.37 55.84 -49.07
N GLU F 212 -12.60 56.82 -48.19
CA GLU F 212 -12.91 58.15 -48.67
C GLU F 212 -11.71 58.78 -49.37
N GLN F 213 -10.50 58.57 -48.82
CA GLN F 213 -9.29 59.02 -49.52
C GLN F 213 -9.21 58.42 -50.90
N TYR F 214 -9.48 57.12 -51.02
CA TYR F 214 -9.49 56.52 -52.35
C TYR F 214 -10.51 57.23 -53.26
N PHE F 215 -11.70 57.51 -52.72
CA PHE F 215 -12.76 58.17 -53.51
C PHE F 215 -12.30 59.55 -53.96
N ILE F 216 -11.73 60.32 -53.04
CA ILE F 216 -11.28 61.67 -53.36
C ILE F 216 -10.26 61.63 -54.48
N LYS F 217 -9.32 60.70 -54.41
CA LYS F 217 -8.18 60.72 -55.33
C LYS F 217 -8.50 60.07 -56.66
N ASN F 218 -9.39 59.08 -56.70
CA ASN F 218 -9.53 58.24 -57.89
C ASN F 218 -10.91 58.24 -58.51
N VAL F 219 -11.96 58.54 -57.75
CA VAL F 219 -13.34 58.35 -58.19
C VAL F 219 -14.08 59.67 -58.33
N GLY F 220 -14.07 60.48 -57.27
CA GLY F 220 -14.64 61.82 -57.36
C GLY F 220 -13.85 62.73 -58.30
N SER F 221 -12.52 62.56 -58.32
CA SER F 221 -11.66 63.35 -59.22
C SER F 221 -11.13 62.50 -60.37
N SER G 1 17.10 40.81 12.29
CA SER G 1 18.54 40.99 12.12
C SER G 1 18.97 40.65 10.68
N ASN G 2 18.14 39.87 9.98
CA ASN G 2 18.36 39.55 8.57
C ASN G 2 17.75 40.62 7.67
N ALA G 3 18.42 40.86 6.54
CA ALA G 3 17.98 41.89 5.60
C ALA G 3 16.69 41.47 4.92
N MET G 4 15.98 42.47 4.37
CA MET G 4 14.73 42.24 3.67
C MET G 4 14.87 41.19 2.59
N GLU G 5 15.99 41.23 1.85
CA GLU G 5 16.18 40.41 0.67
C GLU G 5 16.61 38.98 0.98
N ALA G 6 16.86 38.67 2.24
CA ALA G 6 17.18 37.29 2.61
C ALA G 6 15.97 36.38 2.39
N PHE G 7 16.23 35.14 2.05
CA PHE G 7 15.21 34.10 2.06
C PHE G 7 15.20 33.48 3.45
N ASN G 8 14.04 33.52 4.13
CA ASN G 8 13.94 32.94 5.47
C ASN G 8 13.74 31.43 5.40
N SER G 9 13.14 30.94 4.33
CA SER G 9 13.04 29.51 4.10
C SER G 9 12.93 29.33 2.60
N TRP G 10 12.98 28.08 2.16
CA TRP G 10 12.73 27.76 0.76
C TRP G 10 11.24 27.79 0.40
N LEU G 11 10.38 28.17 1.33
CA LEU G 11 8.97 28.40 0.98
C LEU G 11 8.77 29.75 0.32
N GLU G 12 9.80 30.61 0.37
CA GLU G 12 9.68 31.99 -0.07
C GLU G 12 10.32 32.18 -1.43
N GLY G 13 9.63 32.94 -2.28
CA GLY G 13 10.21 33.33 -3.55
C GLY G 13 10.28 34.84 -3.63
N GLN G 14 11.16 35.36 -4.49
CA GLN G 14 11.33 36.80 -4.68
C GLN G 14 10.73 37.18 -6.03
N ASN G 15 9.75 38.09 -6.00
CA ASN G 15 9.22 38.66 -7.22
C ASN G 15 10.29 39.54 -7.87
N LEU G 16 10.65 39.22 -9.10
CA LEU G 16 11.82 39.85 -9.70
C LEU G 16 11.54 41.28 -10.17
N LYS G 17 10.40 41.50 -10.84
CA LYS G 17 10.12 42.83 -11.35
C LYS G 17 10.13 43.86 -10.23
N GLU G 18 9.70 43.45 -9.04
CA GLU G 18 9.72 44.34 -7.87
C GLU G 18 11.15 44.68 -7.43
N GLN G 19 12.09 43.75 -7.60
CA GLN G 19 13.42 43.90 -6.99
C GLN G 19 14.50 44.37 -7.94
N VAL G 20 14.51 43.90 -9.19
CA VAL G 20 15.66 44.05 -10.07
C VAL G 20 15.88 45.52 -10.42
N LYS G 21 17.12 45.96 -10.28
CA LYS G 21 17.51 47.35 -10.50
C LYS G 21 18.46 47.54 -11.68
N ASN G 22 19.19 46.50 -12.08
CA ASN G 22 20.16 46.63 -13.16
C ASN G 22 19.46 47.05 -14.45
N PRO G 23 19.82 48.19 -15.06
CA PRO G 23 19.13 48.62 -16.28
C PRO G 23 19.37 47.70 -17.47
N ASN G 24 20.29 46.74 -17.37
CA ASN G 24 20.52 45.77 -18.43
C ASN G 24 19.76 44.46 -18.22
N ILE G 25 18.84 44.43 -17.23
CA ILE G 25 17.93 43.30 -16.98
C ILE G 25 16.49 43.79 -17.15
N GLU G 26 15.71 43.06 -17.92
CA GLU G 26 14.27 43.29 -18.03
C GLU G 26 13.53 42.00 -17.68
N VAL G 27 12.58 42.07 -16.74
CA VAL G 27 11.86 40.88 -16.28
C VAL G 27 10.36 41.16 -16.23
N GLY G 28 9.58 40.22 -16.77
CA GLY G 28 8.15 40.37 -16.82
C GLY G 28 7.44 40.13 -15.51
N ASP G 29 6.13 40.45 -15.53
CA ASP G 29 5.29 40.31 -14.35
C ASP G 29 5.32 38.89 -13.79
N TYR G 30 5.27 38.81 -12.46
CA TYR G 30 5.06 37.60 -11.66
C TYR G 30 6.25 36.64 -11.61
N SER G 31 7.19 36.77 -12.55
CA SER G 31 8.36 35.90 -12.53
C SER G 31 9.09 36.04 -11.20
N TYR G 32 9.62 34.94 -10.70
CA TYR G 32 10.22 34.95 -9.37
C TYR G 32 11.49 34.11 -9.35
N TYR G 33 12.26 34.32 -8.31
CA TYR G 33 13.46 33.55 -8.03
C TYR G 33 13.31 32.93 -6.64
N SER G 34 13.41 31.61 -6.54
CA SER G 34 13.38 30.96 -5.22
C SER G 34 14.81 30.59 -4.81
N GLY G 35 15.50 31.52 -4.18
CA GLY G 35 16.95 31.37 -4.03
C GLY G 35 17.47 30.97 -2.66
N PHE G 36 16.61 30.35 -1.84
CA PHE G 36 17.02 30.05 -0.47
C PHE G 36 18.34 29.28 -0.40
N TYR G 37 18.50 28.28 -1.25
CA TYR G 37 19.64 27.40 -1.09
C TYR G 37 20.94 28.00 -1.61
N HIS G 38 20.88 29.13 -2.30
CA HIS G 38 22.08 29.85 -2.67
C HIS G 38 22.15 31.24 -2.05
N SER G 39 21.28 31.54 -1.07
CA SER G 39 21.38 32.67 -0.15
C SER G 39 21.21 34.04 -0.83
N LYS G 40 22.05 34.34 -1.82
CA LYS G 40 22.10 35.71 -2.29
C LYS G 40 20.92 36.02 -3.22
N THR G 41 20.76 37.30 -3.54
CA THR G 41 19.63 37.73 -4.35
C THR G 41 19.83 37.31 -5.81
N PHE G 42 18.77 37.52 -6.59
CA PHE G 42 18.83 37.22 -8.01
C PHE G 42 19.99 37.97 -8.68
N GLU G 43 20.09 39.27 -8.46
CA GLU G 43 21.10 40.06 -9.17
C GLU G 43 22.52 39.81 -8.66
N GLU G 44 22.68 39.29 -7.45
CA GLU G 44 24.02 39.00 -6.91
C GLU G 44 24.55 37.63 -7.29
N GLN G 45 23.66 36.64 -7.38
CA GLN G 45 24.03 35.24 -7.46
C GLN G 45 23.66 34.60 -8.79
N ALA G 46 22.51 34.95 -9.35
CA ALA G 46 22.00 34.28 -10.53
C ALA G 46 22.44 34.94 -11.84
N VAL G 47 22.57 36.26 -11.86
CA VAL G 47 22.94 36.97 -13.09
C VAL G 47 24.38 37.42 -12.94
N ARG G 48 25.26 36.89 -13.81
CA ARG G 48 26.70 36.97 -13.59
C ARG G 48 27.37 37.69 -14.75
N TYR G 49 28.32 38.55 -14.41
CA TYR G 49 29.13 39.28 -15.38
C TYR G 49 28.29 40.30 -16.17
N LEU G 50 27.23 40.85 -15.56
CA LEU G 50 26.37 41.83 -16.23
C LEU G 50 26.76 43.22 -15.72
N LEU G 51 27.46 43.98 -16.55
CA LEU G 51 27.84 45.32 -16.13
C LEU G 51 26.61 46.07 -15.64
N GLY G 52 26.81 46.91 -14.64
CA GLY G 52 25.72 47.65 -14.06
C GLY G 52 25.14 47.03 -12.81
N ASP G 53 25.62 45.84 -12.43
CA ASP G 53 25.20 45.21 -11.19
C ASP G 53 25.90 45.91 -10.02
N ALA G 54 25.78 45.34 -8.82
CA ALA G 54 26.29 46.02 -7.64
C ALA G 54 27.79 46.24 -7.67
N PRO G 55 28.65 45.24 -7.94
CA PRO G 55 30.09 45.51 -7.92
C PRO G 55 30.56 46.44 -9.01
N THR G 56 29.84 46.55 -10.13
CA THR G 56 30.33 47.31 -11.27
C THR G 56 29.48 48.54 -11.56
N GLN G 57 28.71 49.02 -10.59
CA GLN G 57 27.75 50.08 -10.91
C GLN G 57 28.43 51.42 -11.13
N GLU G 58 29.43 51.77 -10.31
CA GLU G 58 30.13 53.02 -10.56
C GLU G 58 30.92 52.97 -11.86
N VAL G 59 31.35 51.78 -12.28
CA VAL G 59 32.10 51.66 -13.53
C VAL G 59 31.16 51.82 -14.71
N TRP G 60 29.92 51.38 -14.56
CA TRP G 60 28.91 51.56 -15.61
C TRP G 60 28.41 52.99 -15.67
N GLU G 61 28.27 53.66 -14.52
CA GLU G 61 27.78 55.04 -14.50
C GLU G 61 28.76 55.98 -15.20
N SER G 62 30.05 55.87 -14.88
CA SER G 62 31.07 56.59 -15.64
C SER G 62 31.08 56.10 -17.08
N GLY G 63 31.09 54.79 -17.26
CA GLY G 63 30.71 54.19 -18.52
C GLY G 63 31.57 54.52 -19.72
N GLN G 64 32.82 54.08 -19.71
CA GLN G 64 33.62 54.03 -20.92
C GLN G 64 33.38 52.68 -21.60
N PHE G 65 32.14 52.51 -22.06
CA PHE G 65 31.65 51.18 -22.47
C PHE G 65 30.71 51.19 -23.65
N GLY G 66 29.53 51.78 -23.47
CA GLY G 66 28.59 51.87 -24.58
C GLY G 66 27.43 50.90 -24.46
N GLU G 67 27.65 49.63 -24.74
CA GLU G 67 26.54 48.70 -24.84
C GLU G 67 27.04 47.28 -24.58
N VAL G 68 26.22 46.50 -23.86
CA VAL G 68 26.52 45.10 -23.55
C VAL G 68 25.25 44.27 -23.73
N ASP G 69 25.42 42.96 -23.81
CA ASP G 69 24.29 42.06 -23.94
C ASP G 69 23.38 42.18 -22.72
N LYS G 70 22.06 42.29 -22.97
CA LYS G 70 21.09 42.39 -21.89
C LYS G 70 20.43 41.05 -21.61
N LEU G 71 19.94 40.91 -20.39
CA LEU G 71 19.16 39.74 -20.00
C LEU G 71 17.69 40.12 -20.00
N ARG G 72 16.90 39.43 -20.82
CA ARG G 72 15.45 39.64 -20.89
C ARG G 72 14.71 38.37 -20.48
N ILE G 73 13.89 38.48 -19.45
CA ILE G 73 13.06 37.38 -18.94
C ILE G 73 11.59 37.79 -19.07
N GLY G 74 10.76 36.83 -19.53
CA GLY G 74 9.35 37.06 -19.75
C GLY G 74 8.51 36.97 -18.48
N LYS G 75 7.20 36.75 -18.67
CA LYS G 75 6.25 36.68 -17.56
C LYS G 75 6.03 35.26 -17.10
N PHE G 76 5.61 35.13 -15.84
CA PHE G 76 5.24 33.83 -15.24
C PHE G 76 6.36 32.79 -15.35
N CYS G 77 7.60 33.24 -15.21
CA CYS G 77 8.74 32.34 -15.20
C CYS G 77 9.06 31.93 -13.78
N SER G 78 9.43 30.67 -13.59
CA SER G 78 9.83 30.15 -12.28
C SER G 78 11.34 29.85 -12.34
N ILE G 79 12.13 30.62 -11.60
CA ILE G 79 13.58 30.45 -11.61
C ILE G 79 14.05 29.87 -10.26
N ALA G 80 14.60 28.67 -10.32
CA ALA G 80 14.95 27.95 -9.09
C ALA G 80 16.35 28.28 -8.56
N SER G 81 16.61 27.82 -7.33
CA SER G 81 17.79 28.24 -6.59
C SER G 81 19.06 27.90 -7.37
N GLY G 82 19.99 28.83 -7.39
CA GLY G 82 21.28 28.57 -8.00
C GLY G 82 21.27 28.59 -9.52
N ALA G 83 20.11 28.81 -10.16
CA ALA G 83 20.10 28.97 -11.61
C ALA G 83 20.99 30.15 -11.98
N THR G 84 21.72 30.01 -13.09
CA THR G 84 22.74 31.00 -13.44
C THR G 84 22.59 31.51 -14.87
N PHE G 85 22.70 32.83 -15.03
CA PHE G 85 22.65 33.45 -16.36
C PHE G 85 24.02 34.05 -16.60
N MET G 86 24.74 33.49 -17.57
CA MET G 86 26.13 33.87 -17.81
C MET G 86 26.13 35.00 -18.85
N MET G 87 26.47 36.21 -18.42
CA MET G 87 26.48 37.34 -19.34
C MET G 87 27.91 37.65 -19.80
N ALA G 88 28.11 38.81 -20.44
CA ALA G 88 29.40 39.32 -20.92
C ALA G 88 30.02 38.46 -22.03
N GLY G 89 29.19 37.77 -22.83
CA GLY G 89 29.72 37.10 -24.03
C GLY G 89 30.95 36.23 -23.78
N ASN G 90 32.01 36.40 -24.59
CA ASN G 90 33.22 35.59 -24.40
C ASN G 90 34.16 36.15 -23.33
N GLN G 91 33.78 37.25 -22.66
CA GLN G 91 34.59 37.88 -21.62
C GLN G 91 36.02 38.13 -22.11
N GLY G 92 36.12 38.42 -23.40
CA GLY G 92 37.36 38.80 -24.03
C GLY G 92 38.27 37.64 -24.42
N HIS G 93 37.86 36.38 -24.20
CA HIS G 93 38.67 35.23 -24.61
C HIS G 93 38.29 34.84 -26.02
N ARG G 94 39.26 34.85 -26.96
CA ARG G 94 38.97 34.51 -28.35
C ARG G 94 39.63 33.20 -28.72
N ALA G 95 38.81 32.16 -28.90
CA ALA G 95 39.35 30.86 -29.30
C ALA G 95 39.99 30.88 -30.67
N ASP G 96 39.60 31.81 -31.54
CA ASP G 96 40.13 31.92 -32.89
C ASP G 96 41.39 32.78 -32.97
N TRP G 97 41.80 33.41 -31.86
CA TRP G 97 43.10 34.06 -31.83
C TRP G 97 44.11 33.06 -31.31
N ILE G 98 45.39 33.40 -31.47
CA ILE G 98 46.45 32.47 -31.06
C ILE G 98 46.34 32.15 -29.58
N SER G 99 46.08 33.18 -28.75
CA SER G 99 45.96 33.00 -27.31
C SER G 99 44.54 33.38 -26.85
N THR G 100 43.99 32.63 -25.89
CA THR G 100 42.80 33.05 -25.18
C THR G 100 43.08 33.94 -23.99
N PHE G 101 44.34 34.22 -23.72
CA PHE G 101 44.70 34.99 -22.52
C PHE G 101 44.40 36.46 -22.74
N PRO G 102 43.70 37.12 -21.80
CA PRO G 102 43.34 38.55 -21.91
C PRO G 102 44.46 39.48 -21.45
N PHE G 103 45.48 39.62 -22.27
CA PHE G 103 46.64 40.43 -21.91
C PHE G 103 46.24 41.86 -21.57
N SER G 104 46.70 42.35 -20.43
CA SER G 104 46.41 43.73 -20.10
C SER G 104 47.41 44.64 -20.77
N LYS G 105 46.95 45.83 -21.17
CA LYS G 105 47.89 46.83 -21.67
C LYS G 105 48.92 47.20 -20.61
N LYS G 106 48.53 47.22 -19.34
CA LYS G 106 49.45 47.61 -18.28
C LYS G 106 50.68 46.71 -18.25
N GLU G 107 50.54 45.44 -18.66
CA GLU G 107 51.64 44.50 -18.60
C GLU G 107 52.21 44.11 -19.97
N PHE G 108 51.52 44.39 -21.07
CA PHE G 108 51.93 43.85 -22.37
C PHE G 108 52.02 44.87 -23.49
N GLY G 109 51.77 46.15 -23.21
CA GLY G 109 52.04 47.20 -24.17
C GLY G 109 50.81 47.59 -24.99
N GLU G 110 51.07 48.48 -25.96
CA GLU G 110 50.01 49.08 -26.75
C GLU G 110 49.53 48.19 -27.89
N GLY G 111 50.21 47.09 -28.17
CA GLY G 111 49.72 46.17 -29.17
C GLY G 111 48.60 45.24 -28.73
N VAL G 112 48.19 45.28 -27.46
CA VAL G 112 47.05 44.46 -27.04
C VAL G 112 45.81 44.90 -27.80
N LYS G 113 45.07 43.94 -28.33
CA LYS G 113 43.79 44.18 -28.97
C LYS G 113 42.67 43.57 -28.14
N ASP G 114 41.58 44.30 -27.99
CA ASP G 114 40.43 43.88 -27.19
C ASP G 114 39.69 42.73 -27.87
N GLY G 115 39.66 41.57 -27.24
CA GLY G 115 38.96 40.45 -27.83
C GLY G 115 37.47 40.34 -27.51
N PHE G 116 36.90 41.27 -26.76
CA PHE G 116 35.50 41.15 -26.34
C PHE G 116 34.58 41.10 -27.56
N GLN G 117 33.65 40.15 -27.54
CA GLN G 117 32.62 40.06 -28.57
C GLN G 117 31.27 39.86 -27.90
N ARG G 118 30.29 40.68 -28.28
CA ARG G 118 28.93 40.48 -27.79
C ARG G 118 28.37 39.17 -28.33
N ALA G 119 27.54 38.51 -27.51
CA ALA G 119 26.90 37.27 -27.92
C ALA G 119 25.46 37.46 -28.36
N GLY G 120 24.89 38.65 -28.18
CA GLY G 120 23.45 38.79 -28.25
C GLY G 120 22.82 38.72 -26.87
N ASP G 121 21.66 39.35 -26.76
CA ASP G 121 20.92 39.28 -25.51
C ASP G 121 20.60 37.84 -25.14
N THR G 122 20.53 37.55 -23.85
CA THR G 122 19.95 36.30 -23.38
C THR G 122 18.45 36.54 -23.22
N ILE G 123 17.63 35.75 -23.91
CA ILE G 123 16.17 35.96 -23.96
C ILE G 123 15.47 34.75 -23.38
N VAL G 124 14.75 34.96 -22.28
CA VAL G 124 13.92 33.92 -21.68
C VAL G 124 12.46 34.30 -21.94
N GLY G 125 11.72 33.40 -22.58
CA GLY G 125 10.34 33.71 -22.90
C GLY G 125 9.42 33.66 -21.71
N ASN G 126 8.13 33.49 -21.96
CA ASN G 126 7.13 33.47 -20.92
C ASN G 126 6.81 32.05 -20.48
N ASP G 127 6.40 31.91 -19.23
CA ASP G 127 5.98 30.61 -18.67
C ASP G 127 7.12 29.58 -18.79
N VAL G 128 8.33 30.00 -18.45
CA VAL G 128 9.53 29.15 -18.52
C VAL G 128 9.90 28.73 -17.11
N TRP G 129 10.13 27.43 -16.93
CA TRP G 129 10.58 26.87 -15.66
C TRP G 129 12.06 26.53 -15.81
N ILE G 130 12.91 27.16 -15.00
CA ILE G 130 14.36 26.88 -15.04
C ILE G 130 14.74 26.19 -13.74
N GLY G 131 15.17 24.94 -13.87
CA GLY G 131 15.50 24.15 -12.70
C GLY G 131 16.78 24.58 -11.97
N SER G 132 16.93 24.01 -10.78
CA SER G 132 17.94 24.42 -9.84
C SER G 132 19.34 24.21 -10.42
N GLU G 133 20.21 25.19 -10.22
CA GLU G 133 21.61 25.19 -10.68
C GLU G 133 21.77 24.91 -12.18
N ALA G 134 20.76 25.21 -12.98
CA ALA G 134 20.97 25.27 -14.42
C ALA G 134 21.87 26.47 -14.76
N MET G 135 22.67 26.32 -15.80
CA MET G 135 23.52 27.42 -16.27
C MET G 135 23.14 27.75 -17.71
N ILE G 136 22.75 29.00 -17.94
CA ILE G 136 22.35 29.48 -19.25
C ILE G 136 23.49 30.34 -19.80
N MET G 137 24.02 29.94 -20.95
CA MET G 137 25.23 30.56 -21.49
C MET G 137 24.87 31.80 -22.31
N PRO G 138 25.87 32.63 -22.65
CA PRO G 138 25.59 33.89 -23.35
C PRO G 138 24.82 33.73 -24.67
N GLY G 139 23.93 34.69 -24.94
CA GLY G 139 23.23 34.73 -26.22
C GLY G 139 22.12 33.72 -26.44
N VAL G 140 21.77 32.90 -25.44
CA VAL G 140 20.77 31.85 -25.60
C VAL G 140 19.36 32.42 -25.62
N HIS G 141 18.52 31.92 -26.54
CA HIS G 141 17.07 32.20 -26.54
C HIS G 141 16.32 30.99 -26.01
N ILE G 142 15.50 31.20 -24.99
CA ILE G 142 14.66 30.13 -24.48
C ILE G 142 13.20 30.47 -24.80
N GLY G 143 12.57 29.63 -25.60
CA GLY G 143 11.21 29.89 -26.03
C GLY G 143 10.15 29.78 -24.91
N ASP G 144 8.97 30.34 -25.21
CA ASP G 144 7.83 30.29 -24.28
C ASP G 144 7.53 28.88 -23.85
N GLY G 145 7.15 28.73 -22.59
CA GLY G 145 6.73 27.44 -22.06
C GLY G 145 7.81 26.38 -21.98
N ALA G 146 9.09 26.74 -22.16
CA ALA G 146 10.16 25.75 -22.06
C ALA G 146 10.39 25.33 -20.60
N ILE G 147 10.96 24.14 -20.45
CA ILE G 147 11.38 23.65 -19.14
C ILE G 147 12.84 23.29 -19.22
N ILE G 148 13.65 23.90 -18.37
CA ILE G 148 15.09 23.65 -18.28
C ILE G 148 15.31 22.83 -17.03
N GLY G 149 15.86 21.62 -17.20
CA GLY G 149 16.02 20.71 -16.07
C GLY G 149 17.11 21.17 -15.12
N ALA G 150 17.04 20.63 -13.89
CA ALA G 150 18.06 20.96 -12.91
C ALA G 150 19.44 20.61 -13.46
N ARG G 151 20.41 21.48 -13.21
CA ARG G 151 21.80 21.30 -13.63
C ARG G 151 22.01 21.25 -15.14
N ALA G 152 21.03 21.67 -15.95
CA ALA G 152 21.26 21.72 -17.39
C ALA G 152 22.27 22.80 -17.72
N VAL G 153 23.01 22.57 -18.79
CA VAL G 153 23.93 23.59 -19.29
C VAL G 153 23.50 23.93 -20.69
N ILE G 154 22.93 25.10 -20.85
CA ILE G 154 22.21 25.46 -22.07
C ILE G 154 23.12 26.35 -22.92
N THR G 155 23.54 25.82 -24.08
CA THR G 155 24.39 26.57 -24.99
C THR G 155 23.75 26.78 -26.35
N LYS G 156 22.59 26.17 -26.61
CA LYS G 156 21.84 26.29 -27.84
C LYS G 156 20.44 26.81 -27.53
N ASN G 157 19.85 27.47 -28.51
CA ASN G 157 18.49 27.97 -28.33
C ASN G 157 17.52 26.83 -28.05
N VAL G 158 16.49 27.15 -27.27
CA VAL G 158 15.49 26.18 -26.78
C VAL G 158 14.10 26.52 -27.38
N ALA G 159 13.56 25.59 -28.17
CA ALA G 159 12.27 25.80 -28.83
C ALA G 159 11.13 25.89 -27.81
N PRO G 160 10.03 26.55 -28.16
CA PRO G 160 8.91 26.67 -27.23
C PRO G 160 8.37 25.32 -26.76
N TYR G 161 8.07 25.25 -25.48
CA TYR G 161 7.46 24.09 -24.83
C TYR G 161 8.32 22.83 -24.89
N SER G 162 9.62 22.96 -25.16
CA SER G 162 10.49 21.79 -25.09
C SER G 162 11.09 21.64 -23.68
N VAL G 163 11.41 20.40 -23.35
CA VAL G 163 12.04 20.03 -22.08
C VAL G 163 13.49 19.69 -22.38
N VAL G 164 14.42 20.41 -21.77
CA VAL G 164 15.85 20.25 -22.06
C VAL G 164 16.64 19.97 -20.80
N VAL G 165 17.48 18.94 -20.83
CA VAL G 165 18.33 18.61 -19.69
C VAL G 165 19.75 18.41 -20.16
N GLY G 166 20.65 18.29 -19.17
CA GLY G 166 22.04 17.99 -19.44
C GLY G 166 22.68 18.95 -20.41
N ASN G 167 23.43 18.36 -21.35
CA ASN G 167 24.22 19.10 -22.33
C ASN G 167 23.32 19.29 -23.54
N ASN G 168 22.36 20.20 -23.35
CA ASN G 168 21.34 20.57 -24.35
C ASN G 168 20.61 19.36 -24.93
N VAL G 169 20.24 18.41 -24.06
CA VAL G 169 19.52 17.23 -24.50
C VAL G 169 18.03 17.55 -24.50
N VAL G 170 17.41 17.55 -25.68
CA VAL G 170 15.97 17.76 -25.80
C VAL G 170 15.27 16.44 -25.50
N VAL G 171 14.57 16.39 -24.38
CA VAL G 171 13.93 15.15 -23.91
C VAL G 171 12.59 14.94 -24.60
N LYS G 172 11.81 16.00 -24.67
CA LYS G 172 10.47 15.95 -25.26
C LYS G 172 9.96 17.37 -25.40
N LYS G 173 8.84 17.49 -26.13
CA LYS G 173 7.98 18.66 -26.09
C LYS G 173 6.78 18.39 -25.18
N ARG G 174 6.32 19.43 -24.49
CA ARG G 174 5.30 19.28 -23.45
C ARG G 174 3.94 18.86 -24.01
N PHE G 175 3.63 19.29 -25.22
CA PHE G 175 2.34 19.06 -25.85
C PHE G 175 2.55 18.80 -27.33
N ASP G 176 1.54 18.24 -27.97
CA ASP G 176 1.52 18.06 -29.42
C ASP G 176 1.79 19.38 -30.13
N GLU G 177 2.27 19.27 -31.37
CA GLU G 177 2.65 20.46 -32.13
C GLU G 177 1.46 21.39 -32.34
N ASN G 178 0.30 20.83 -32.68
CA ASN G 178 -0.86 21.68 -32.96
C ASN G 178 -1.31 22.44 -31.71
N LEU G 179 -1.12 21.85 -30.52
CA LEU G 179 -1.53 22.54 -29.31
C LEU G 179 -0.52 23.59 -28.89
N ILE G 180 0.77 23.34 -29.14
CA ILE G 180 1.79 24.36 -28.96
C ILE G 180 1.49 25.57 -29.83
N GLN G 181 1.10 25.33 -31.08
CA GLN G 181 0.80 26.44 -31.98
C GLN G 181 -0.39 27.25 -31.47
N THR G 182 -1.38 26.57 -30.89
CA THR G 182 -2.52 27.27 -30.30
C THR G 182 -2.07 28.17 -29.14
N LEU G 183 -1.30 27.62 -28.20
CA LEU G 183 -0.79 28.45 -27.11
C LEU G 183 0.07 29.61 -27.63
N LEU G 184 0.87 29.39 -28.68
CA LEU G 184 1.68 30.50 -29.21
C LEU G 184 0.84 31.57 -29.90
N VAL G 185 -0.36 31.21 -30.33
CA VAL G 185 -1.30 32.20 -30.87
C VAL G 185 -2.03 32.93 -29.76
N ILE G 186 -2.63 32.20 -28.81
CA ILE G 186 -3.52 32.88 -27.86
C ILE G 186 -2.76 33.63 -26.76
N LYS G 187 -1.56 33.16 -26.39
CA LYS G 187 -0.63 33.91 -25.56
C LYS G 187 -1.30 34.42 -24.27
N TRP G 188 -1.66 33.45 -23.40
CA TRP G 188 -2.43 33.76 -22.20
C TRP G 188 -1.65 34.68 -21.25
N TRP G 189 -0.32 34.60 -21.24
CA TRP G 189 0.48 35.47 -20.38
C TRP G 189 0.25 36.95 -20.69
N ASP G 190 -0.24 37.27 -21.88
CA ASP G 190 -0.47 38.66 -22.25
C ASP G 190 -1.91 39.10 -22.08
N TRP G 191 -2.80 38.25 -21.59
CA TRP G 191 -4.21 38.65 -21.40
C TRP G 191 -4.31 39.63 -20.23
N PRO G 192 -5.36 40.45 -20.20
CA PRO G 192 -5.64 41.23 -18.99
C PRO G 192 -5.77 40.29 -17.80
N LEU G 193 -5.35 40.78 -16.64
CA LEU G 193 -5.23 39.93 -15.47
C LEU G 193 -6.55 39.24 -15.12
N GLN G 194 -7.68 39.92 -15.29
CA GLN G 194 -8.91 39.29 -14.88
C GLN G 194 -9.26 38.08 -15.75
N HIS G 195 -8.91 38.13 -17.03
CA HIS G 195 -9.07 36.94 -17.86
C HIS G 195 -8.16 35.79 -17.40
N ILE G 196 -7.00 36.09 -16.82
CA ILE G 196 -6.19 34.99 -16.29
C ILE G 196 -6.86 34.39 -15.05
N LYS G 197 -7.32 35.24 -14.13
CA LYS G 197 -8.05 34.76 -12.96
C LYS G 197 -9.28 33.95 -13.35
N ASN G 198 -10.12 34.47 -14.27
CA ASN G 198 -11.31 33.72 -14.66
C ASN G 198 -10.96 32.37 -15.28
N THR G 199 -9.81 32.26 -15.92
CA THR G 199 -9.39 31.02 -16.56
C THR G 199 -8.42 30.22 -15.72
N MET G 200 -8.19 30.65 -14.48
CA MET G 200 -7.25 29.94 -13.62
C MET G 200 -7.59 28.45 -13.51
N GLU G 201 -8.89 28.11 -13.53
CA GLU G 201 -9.29 26.70 -13.42
C GLU G 201 -8.88 25.89 -14.66
N ILE G 202 -8.84 26.51 -15.83
CA ILE G 202 -8.33 25.83 -17.03
C ILE G 202 -6.80 25.81 -17.03
N LEU G 203 -6.18 26.91 -16.62
CA LEU G 203 -4.72 26.98 -16.68
C LEU G 203 -4.08 25.97 -15.74
N CYS G 204 -4.76 25.60 -14.66
CA CYS G 204 -4.34 24.53 -13.76
C CYS G 204 -4.89 23.19 -14.23
N SER G 205 -4.70 22.91 -15.53
CA SER G 205 -5.16 21.64 -16.09
C SER G 205 -4.49 21.49 -17.44
N GLY G 206 -4.72 20.35 -18.09
CA GLY G 206 -4.17 20.12 -19.41
C GLY G 206 -5.03 20.62 -20.55
N HIS G 207 -6.06 21.41 -20.25
CA HIS G 207 -7.15 21.61 -21.22
C HIS G 207 -6.89 22.83 -22.11
N ILE G 208 -5.91 22.65 -23.00
CA ILE G 208 -5.53 23.71 -23.93
C ILE G 208 -6.73 24.14 -24.78
N GLU G 209 -7.50 23.18 -25.30
CA GLU G 209 -8.62 23.57 -26.18
C GLU G 209 -9.70 24.33 -25.41
N GLU G 210 -9.95 23.97 -24.15
CA GLU G 210 -10.86 24.80 -23.35
C GLU G 210 -10.32 26.22 -23.18
N LEU G 211 -9.01 26.35 -23.04
CA LEU G 211 -8.42 27.68 -22.94
C LEU G 211 -8.59 28.45 -24.24
N GLU G 212 -8.42 27.76 -25.38
CA GLU G 212 -8.65 28.40 -26.66
C GLU G 212 -10.10 28.86 -26.79
N GLN G 213 -11.05 28.03 -26.33
CA GLN G 213 -12.46 28.43 -26.31
C GLN G 213 -12.67 29.68 -25.49
N TYR G 214 -12.06 29.77 -24.31
CA TYR G 214 -12.20 30.99 -23.52
C TYR G 214 -11.61 32.19 -24.26
N PHE G 215 -10.48 31.99 -24.91
CA PHE G 215 -9.88 33.05 -25.72
C PHE G 215 -10.85 33.55 -26.79
N ILE G 216 -11.37 32.63 -27.61
CA ILE G 216 -12.24 33.00 -28.72
C ILE G 216 -13.46 33.76 -28.21
N LYS G 217 -14.06 33.30 -27.11
CA LYS G 217 -15.33 33.85 -26.66
C LYS G 217 -15.17 35.12 -25.84
N ASN G 218 -14.02 35.31 -25.20
CA ASN G 218 -13.87 36.36 -24.20
C ASN G 218 -12.70 37.33 -24.42
N VAL G 219 -11.62 36.90 -25.08
CA VAL G 219 -10.41 37.69 -25.18
C VAL G 219 -10.14 38.14 -26.62
N GLY G 220 -10.12 37.19 -27.56
CA GLY G 220 -9.61 37.45 -28.90
C GLY G 220 -10.39 38.49 -29.68
N ALA H 6 38.33 39.39 -0.50
CA ALA H 6 39.25 38.97 -1.55
C ALA H 6 38.99 39.74 -2.84
N PHE H 7 38.06 39.23 -3.65
CA PHE H 7 37.73 39.85 -4.94
C PHE H 7 36.73 40.96 -4.73
N ASN H 8 37.09 42.18 -5.17
CA ASN H 8 36.20 43.33 -5.01
C ASN H 8 35.10 43.39 -6.05
N SER H 9 35.27 42.70 -7.18
CA SER H 9 34.31 42.66 -8.27
C SER H 9 34.76 41.58 -9.24
N TRP H 10 33.82 41.17 -10.10
CA TRP H 10 34.22 40.20 -11.11
C TRP H 10 35.08 40.80 -12.22
N LEU H 11 35.37 42.10 -12.19
CA LEU H 11 36.36 42.64 -13.12
C LEU H 11 37.79 42.30 -12.72
N GLU H 12 38.00 41.68 -11.57
CA GLU H 12 39.33 41.53 -11.01
C GLU H 12 39.74 40.05 -11.00
N GLY H 13 41.01 39.82 -11.31
CA GLY H 13 41.57 38.49 -11.28
C GLY H 13 42.79 38.47 -10.37
N GLN H 14 43.04 37.31 -9.77
CA GLN H 14 44.15 37.15 -8.85
C GLN H 14 45.28 36.38 -9.54
N ASN H 15 46.44 37.02 -9.67
CA ASN H 15 47.65 36.35 -10.14
C ASN H 15 48.03 35.22 -9.19
N LEU H 16 48.20 34.01 -9.75
CA LEU H 16 48.35 32.82 -8.94
C LEU H 16 49.77 32.59 -8.44
N LYS H 17 50.77 32.80 -9.30
CA LYS H 17 52.16 32.55 -8.89
C LYS H 17 52.51 33.36 -7.65
N GLU H 18 51.96 34.58 -7.57
CA GLU H 18 52.26 35.50 -6.48
C GLU H 18 51.45 35.21 -5.20
N GLN H 19 50.44 34.34 -5.26
CA GLN H 19 49.60 34.07 -4.10
C GLN H 19 49.67 32.64 -3.57
N VAL H 20 49.95 31.66 -4.43
CA VAL H 20 49.82 30.27 -4.05
C VAL H 20 50.93 29.89 -3.09
N LYS H 21 50.58 29.18 -2.02
CA LYS H 21 51.54 28.81 -1.00
C LYS H 21 51.69 27.31 -0.81
N ASN H 22 50.81 26.51 -1.40
CA ASN H 22 50.79 25.07 -1.13
C ASN H 22 51.98 24.43 -1.81
N PRO H 23 52.86 23.73 -1.07
CA PRO H 23 54.06 23.18 -1.72
C PRO H 23 53.74 22.13 -2.76
N ASN H 24 52.53 21.59 -2.77
CA ASN H 24 52.12 20.58 -3.74
C ASN H 24 51.45 21.16 -4.97
N ILE H 25 51.58 22.46 -5.21
CA ILE H 25 51.11 23.04 -6.45
C ILE H 25 52.18 24.00 -6.97
N GLU H 26 52.32 24.06 -8.29
CA GLU H 26 53.14 25.02 -8.99
C GLU H 26 52.30 25.64 -10.10
N VAL H 27 52.43 26.95 -10.29
CA VAL H 27 51.71 27.68 -11.32
C VAL H 27 52.66 28.66 -11.98
N GLY H 28 52.53 28.83 -13.32
CA GLY H 28 53.42 29.68 -14.10
C GLY H 28 52.98 31.13 -14.19
N ASP H 29 53.91 31.96 -14.68
CA ASP H 29 53.70 33.40 -14.77
C ASP H 29 52.38 33.73 -15.45
N TYR H 30 51.70 34.74 -14.92
CA TYR H 30 50.52 35.42 -15.47
C TYR H 30 49.23 34.62 -15.29
N SER H 31 49.34 33.31 -15.07
CA SER H 31 48.13 32.52 -14.85
C SER H 31 47.33 33.10 -13.68
N TYR H 32 46.02 33.24 -13.88
CA TYR H 32 45.17 33.93 -12.92
C TYR H 32 43.89 33.15 -12.63
N TYR H 33 43.24 33.49 -11.53
CA TYR H 33 41.98 32.90 -11.11
C TYR H 33 40.98 34.03 -10.94
N SER H 34 39.87 33.94 -11.67
CA SER H 34 38.82 34.95 -11.63
C SER H 34 37.71 34.44 -10.72
N GLY H 35 37.83 34.71 -9.43
CA GLY H 35 36.99 33.98 -8.48
C GLY H 35 35.88 34.71 -7.77
N PHE H 36 35.38 35.83 -8.34
CA PHE H 36 34.47 36.70 -7.59
C PHE H 36 33.23 35.93 -7.14
N TYR H 37 32.64 35.18 -8.06
CA TYR H 37 31.32 34.60 -7.77
C TYR H 37 31.39 33.41 -6.83
N HIS H 38 32.60 33.00 -6.41
CA HIS H 38 32.73 31.94 -5.41
C HIS H 38 33.48 32.39 -4.17
N SER H 39 33.84 33.67 -4.11
CA SER H 39 34.26 34.38 -2.91
C SER H 39 35.70 34.05 -2.50
N LYS H 40 35.97 32.79 -2.14
CA LYS H 40 37.23 32.41 -1.49
C LYS H 40 38.40 32.28 -2.48
N THR H 41 39.59 32.19 -1.92
CA THR H 41 40.79 32.16 -2.76
C THR H 41 40.88 30.85 -3.56
N PHE H 42 41.69 30.92 -4.62
CA PHE H 42 42.00 29.77 -5.45
C PHE H 42 42.40 28.56 -4.60
N GLU H 43 43.28 28.77 -3.61
CA GLU H 43 43.73 27.65 -2.78
C GLU H 43 42.67 27.15 -1.81
N GLU H 44 41.71 28.01 -1.44
CA GLU H 44 40.65 27.57 -0.55
C GLU H 44 39.51 26.92 -1.32
N GLN H 45 39.18 27.46 -2.48
CA GLN H 45 37.94 27.14 -3.20
C GLN H 45 38.17 26.27 -4.42
N ALA H 46 39.20 26.57 -5.22
CA ALA H 46 39.37 25.87 -6.49
C ALA H 46 40.11 24.55 -6.33
N VAL H 47 41.13 24.52 -5.49
CA VAL H 47 41.99 23.34 -5.37
C VAL H 47 41.52 22.58 -4.15
N ARG H 48 41.00 21.40 -4.36
CA ARG H 48 40.40 20.69 -3.24
C ARG H 48 41.13 19.39 -2.93
N TYR H 49 41.19 19.09 -1.62
CA TYR H 49 41.72 17.85 -1.07
C TYR H 49 43.21 17.71 -1.34
N LEU H 50 43.93 18.82 -1.43
CA LEU H 50 45.36 18.78 -1.65
C LEU H 50 46.05 18.94 -0.30
N LEU H 51 46.67 17.86 0.20
CA LEU H 51 47.31 17.94 1.50
C LEU H 51 48.33 19.07 1.51
N GLY H 52 48.48 19.71 2.67
CA GLY H 52 49.33 20.87 2.81
C GLY H 52 48.64 22.22 2.62
N ASP H 53 47.33 22.23 2.34
CA ASP H 53 46.59 23.48 2.23
C ASP H 53 46.33 24.05 3.62
N ALA H 54 45.46 25.06 3.72
CA ALA H 54 45.26 25.69 5.03
C ALA H 54 44.65 24.74 6.07
N PRO H 55 43.61 23.96 5.78
CA PRO H 55 43.03 23.14 6.85
C PRO H 55 43.86 21.93 7.21
N THR H 56 44.85 21.55 6.40
CA THR H 56 45.65 20.37 6.70
C THR H 56 47.13 20.70 6.86
N GLN H 57 47.46 21.98 7.08
CA GLN H 57 48.85 22.40 7.10
C GLN H 57 49.65 21.62 8.16
N GLU H 58 49.13 21.57 9.39
CA GLU H 58 49.88 20.94 10.47
C GLU H 58 49.94 19.42 10.28
N VAL H 59 48.82 18.80 9.94
CA VAL H 59 48.76 17.36 9.67
C VAL H 59 49.82 16.97 8.63
N TRP H 60 49.91 17.74 7.55
CA TRP H 60 50.85 17.43 6.48
C TRP H 60 52.29 17.63 6.93
N GLU H 61 52.59 18.82 7.45
CA GLU H 61 53.94 19.17 7.91
C GLU H 61 54.35 18.38 9.14
N SER H 62 53.41 17.68 9.78
CA SER H 62 53.79 16.79 10.87
C SER H 62 54.81 15.75 10.43
N GLY H 63 54.75 15.34 9.16
CA GLY H 63 55.67 14.39 8.59
C GLY H 63 55.05 13.06 8.24
N GLN H 64 53.81 12.81 8.65
CA GLN H 64 53.19 11.49 8.50
C GLN H 64 53.29 10.97 7.07
N PHE H 65 52.76 11.72 6.12
CA PHE H 65 52.50 11.21 4.78
C PHE H 65 53.74 11.26 3.89
N GLY H 66 53.81 10.33 2.95
CA GLY H 66 54.75 10.41 1.85
C GLY H 66 54.25 11.40 0.83
N GLU H 67 54.71 11.24 -0.41
CA GLU H 67 54.37 12.17 -1.46
C GLU H 67 52.96 11.92 -1.98
N VAL H 68 52.37 12.97 -2.53
CA VAL H 68 51.00 12.92 -3.03
C VAL H 68 50.97 13.59 -4.39
N ASP H 69 49.87 13.34 -5.11
CA ASP H 69 49.67 13.98 -6.40
C ASP H 69 49.75 15.50 -6.28
N LYS H 70 50.49 16.12 -7.19
CA LYS H 70 50.68 17.56 -7.22
C LYS H 70 49.83 18.16 -8.33
N LEU H 71 49.53 19.45 -8.19
CA LEU H 71 48.84 20.22 -9.22
C LEU H 71 49.86 21.13 -9.90
N ARG H 72 50.02 20.99 -11.21
CA ARG H 72 50.96 21.83 -11.97
C ARG H 72 50.20 22.57 -13.06
N ILE H 73 50.33 23.89 -13.08
CA ILE H 73 49.66 24.74 -14.04
C ILE H 73 50.71 25.59 -14.75
N GLY H 74 50.57 25.73 -16.07
CA GLY H 74 51.53 26.46 -16.88
C GLY H 74 51.37 27.96 -16.80
N LYS H 75 51.86 28.62 -17.83
CA LYS H 75 51.78 30.06 -17.93
C LYS H 75 50.57 30.45 -18.77
N PHE H 76 50.10 31.67 -18.55
CA PHE H 76 49.05 32.28 -19.39
C PHE H 76 47.75 31.46 -19.39
N CYS H 77 47.41 30.85 -18.26
CA CYS H 77 46.16 30.14 -18.10
C CYS H 77 45.11 31.05 -17.48
N SER H 78 43.90 30.93 -17.97
CA SER H 78 42.78 31.73 -17.51
C SER H 78 41.79 30.81 -16.82
N ILE H 79 41.64 31.00 -15.51
CA ILE H 79 40.81 30.11 -14.70
C ILE H 79 39.63 30.90 -14.15
N ALA H 80 38.43 30.56 -14.60
CA ALA H 80 37.23 31.31 -14.21
C ALA H 80 36.66 30.81 -12.88
N SER H 81 35.66 31.54 -12.39
CA SER H 81 35.15 31.36 -11.03
C SER H 81 34.59 29.96 -10.83
N GLY H 82 34.96 29.33 -9.72
CA GLY H 82 34.40 28.06 -9.33
C GLY H 82 34.95 26.85 -10.03
N ALA H 83 35.88 27.03 -10.98
CA ALA H 83 36.57 25.89 -11.58
C ALA H 83 37.29 25.15 -10.47
N THR H 84 37.20 23.82 -10.48
CA THR H 84 37.63 22.99 -9.36
C THR H 84 38.66 21.99 -9.84
N PHE H 85 39.74 21.85 -9.07
CA PHE H 85 40.75 20.82 -9.29
C PHE H 85 40.64 19.82 -8.15
N MET H 86 40.22 18.60 -8.48
CA MET H 86 39.99 17.57 -7.49
C MET H 86 41.29 16.80 -7.29
N MET H 87 41.80 16.83 -6.08
CA MET H 87 43.08 16.16 -5.78
C MET H 87 42.79 14.96 -4.86
N ALA H 88 43.85 14.37 -4.29
CA ALA H 88 43.77 13.24 -3.34
C ALA H 88 43.24 11.95 -3.98
N GLY H 89 43.42 11.78 -5.28
CA GLY H 89 43.25 10.46 -5.88
C GLY H 89 41.88 9.88 -5.63
N ASN H 90 41.83 8.64 -5.13
CA ASN H 90 40.56 8.00 -4.83
C ASN H 90 40.03 8.31 -3.43
N GLN H 91 40.74 9.14 -2.66
CA GLN H 91 40.35 9.50 -1.29
C GLN H 91 40.07 8.26 -0.44
N GLY H 92 40.84 7.18 -0.63
CA GLY H 92 40.68 5.97 0.17
C GLY H 92 39.63 4.99 -0.32
N HIS H 93 38.80 5.38 -1.30
CA HIS H 93 37.67 4.56 -1.77
C HIS H 93 38.15 3.66 -2.91
N ARG H 94 38.11 2.35 -2.73
CA ARG H 94 38.54 1.43 -3.78
C ARG H 94 37.32 0.71 -4.35
N ALA H 95 36.94 1.07 -5.57
CA ALA H 95 35.82 0.37 -6.22
C ALA H 95 36.12 -1.10 -6.44
N ASP H 96 37.41 -1.48 -6.49
CA ASP H 96 37.75 -2.89 -6.70
C ASP H 96 37.77 -3.68 -5.41
N TRP H 97 37.72 -3.04 -4.25
CA TRP H 97 37.46 -3.75 -3.01
C TRP H 97 35.96 -3.93 -2.77
N ILE H 98 35.65 -4.89 -1.91
CA ILE H 98 34.25 -5.26 -1.66
C ILE H 98 33.42 -4.05 -1.25
N SER H 99 33.94 -3.24 -0.33
CA SER H 99 33.30 -2.00 0.09
C SER H 99 34.13 -0.79 -0.31
N THR H 100 33.46 0.30 -0.61
CA THR H 100 34.09 1.59 -0.82
C THR H 100 34.15 2.40 0.47
N PHE H 101 33.56 1.89 1.55
CA PHE H 101 33.53 2.65 2.80
C PHE H 101 34.91 2.68 3.45
N PRO H 102 35.36 3.84 3.96
CA PRO H 102 36.69 3.94 4.61
C PRO H 102 36.66 3.72 6.12
N PHE H 103 36.49 2.45 6.50
CA PHE H 103 36.47 2.04 7.90
C PHE H 103 37.65 2.64 8.68
N SER H 104 37.38 3.29 9.80
CA SER H 104 38.48 3.75 10.62
C SER H 104 38.95 2.65 11.57
N LYS H 105 40.25 2.70 11.91
CA LYS H 105 40.75 1.81 12.93
C LYS H 105 40.05 2.05 14.27
N LYS H 106 39.68 3.29 14.58
CA LYS H 106 39.05 3.57 15.87
C LYS H 106 37.71 2.85 16.01
N GLU H 107 37.02 2.62 14.89
CA GLU H 107 35.72 1.96 14.92
C GLU H 107 35.77 0.50 14.48
N PHE H 108 36.81 0.09 13.77
CA PHE H 108 36.88 -1.27 13.25
C PHE H 108 38.24 -1.87 13.60
N GLY H 109 38.48 -3.08 13.11
CA GLY H 109 39.60 -3.86 13.63
C GLY H 109 40.97 -3.35 13.20
N GLU H 110 42.00 -4.00 13.74
CA GLU H 110 43.33 -3.80 13.17
C GLU H 110 43.43 -4.39 11.76
N GLY H 111 42.41 -5.15 11.33
CA GLY H 111 42.34 -5.67 9.99
C GLY H 111 42.05 -4.63 8.91
N VAL H 112 41.79 -3.37 9.28
CA VAL H 112 41.55 -2.33 8.28
C VAL H 112 42.78 -2.14 7.43
N LYS H 113 42.61 -2.08 6.12
CA LYS H 113 43.73 -1.84 5.22
C LYS H 113 43.46 -0.54 4.50
N ASP H 114 44.48 0.31 4.43
CA ASP H 114 44.36 1.63 3.79
C ASP H 114 44.10 1.48 2.29
N GLY H 115 43.02 2.11 1.81
CA GLY H 115 42.70 2.03 0.40
C GLY H 115 43.13 3.19 -0.47
N PHE H 116 43.83 4.17 0.08
CA PHE H 116 44.28 5.31 -0.72
C PHE H 116 45.13 4.87 -1.91
N GLN H 117 44.82 5.41 -3.09
CA GLN H 117 45.70 5.25 -4.25
C GLN H 117 45.89 6.60 -4.91
N ARG H 118 47.14 6.95 -5.21
CA ARG H 118 47.37 8.15 -6.01
C ARG H 118 46.80 7.98 -7.42
N ALA H 119 46.54 9.11 -8.09
CA ALA H 119 46.06 9.05 -9.45
C ALA H 119 47.04 9.63 -10.47
N GLY H 120 48.15 10.19 -10.02
CA GLY H 120 49.06 10.93 -10.86
C GLY H 120 48.87 12.43 -10.68
N ASP H 121 49.83 13.20 -11.18
CA ASP H 121 49.73 14.65 -11.14
C ASP H 121 48.60 15.14 -12.04
N THR H 122 47.96 16.22 -11.62
CA THR H 122 47.08 16.96 -12.51
C THR H 122 47.96 18.02 -13.15
N ILE H 123 48.03 18.00 -14.47
CA ILE H 123 48.98 18.83 -15.21
C ILE H 123 48.18 19.64 -16.21
N VAL H 124 48.19 20.96 -16.04
CA VAL H 124 47.57 21.89 -16.97
C VAL H 124 48.69 22.61 -17.72
N GLY H 125 48.61 22.58 -19.06
CA GLY H 125 49.62 23.21 -19.90
C GLY H 125 49.58 24.71 -19.90
N ASN H 126 50.15 25.31 -20.94
CA ASN H 126 50.22 26.76 -21.09
C ASN H 126 49.05 27.24 -21.93
N ASP H 127 48.62 28.47 -21.66
CA ASP H 127 47.58 29.10 -22.46
C ASP H 127 46.30 28.27 -22.46
N VAL H 128 45.90 27.75 -21.31
CA VAL H 128 44.71 26.94 -21.16
C VAL H 128 43.60 27.80 -20.55
N TRP H 129 42.38 27.74 -21.13
CA TRP H 129 41.21 28.48 -20.64
C TRP H 129 40.24 27.50 -20.01
N ILE H 130 40.01 27.63 -18.71
CA ILE H 130 39.09 26.76 -17.97
C ILE H 130 37.87 27.59 -17.57
N GLY H 131 36.71 27.27 -18.15
CA GLY H 131 35.50 28.00 -17.87
C GLY H 131 34.92 27.73 -16.48
N SER H 132 33.90 28.52 -16.17
CA SER H 132 33.33 28.59 -14.82
C SER H 132 32.78 27.24 -14.39
N GLU H 133 33.12 26.83 -13.18
CA GLU H 133 32.52 25.68 -12.51
C GLU H 133 32.86 24.38 -13.22
N ALA H 134 33.84 24.39 -14.11
CA ALA H 134 34.42 23.14 -14.61
C ALA H 134 35.05 22.40 -13.44
N MET H 135 35.02 21.07 -13.49
CA MET H 135 35.65 20.23 -12.48
C MET H 135 36.67 19.34 -13.17
N ILE H 136 37.91 19.37 -12.70
CA ILE H 136 38.97 18.62 -13.30
C ILE H 136 39.31 17.50 -12.32
N MET H 137 39.06 16.27 -12.74
CA MET H 137 39.20 15.10 -11.87
C MET H 137 40.68 14.71 -11.71
N PRO H 138 40.99 13.84 -10.74
CA PRO H 138 42.41 13.55 -10.45
C PRO H 138 43.14 12.93 -11.64
N GLY H 139 44.45 13.24 -11.73
CA GLY H 139 45.33 12.60 -12.69
C GLY H 139 45.24 13.11 -14.12
N VAL H 140 44.43 14.11 -14.41
CA VAL H 140 44.19 14.54 -15.78
C VAL H 140 45.32 15.46 -16.25
N HIS H 141 45.81 15.25 -17.47
CA HIS H 141 46.66 16.21 -18.18
C HIS H 141 45.85 17.02 -19.19
N ILE H 142 45.98 18.36 -19.17
CA ILE H 142 45.35 19.24 -20.16
C ILE H 142 46.45 19.90 -20.99
N GLY H 143 46.40 19.69 -22.31
CA GLY H 143 47.47 20.16 -23.17
C GLY H 143 47.39 21.65 -23.45
N ASP H 144 48.52 22.21 -23.93
CA ASP H 144 48.64 23.63 -24.21
C ASP H 144 47.52 24.08 -25.14
N GLY H 145 46.99 25.27 -24.85
CA GLY H 145 46.00 25.89 -25.71
C GLY H 145 44.61 25.30 -25.66
N ALA H 146 44.36 24.35 -24.76
CA ALA H 146 43.05 23.74 -24.63
C ALA H 146 42.07 24.74 -24.04
N ILE H 147 40.80 24.53 -24.34
CA ILE H 147 39.72 25.28 -23.76
C ILE H 147 38.77 24.30 -23.09
N ILE H 148 38.49 24.52 -21.81
CA ILE H 148 37.52 23.73 -21.08
C ILE H 148 36.27 24.57 -20.87
N GLY H 149 35.14 24.07 -21.36
CA GLY H 149 33.90 24.80 -21.24
C GLY H 149 33.39 24.88 -19.82
N ALA H 150 32.56 25.88 -19.57
CA ALA H 150 31.91 26.01 -18.27
C ALA H 150 31.19 24.72 -17.92
N ARG H 151 31.31 24.31 -16.67
CA ARG H 151 30.59 23.17 -16.11
C ARG H 151 31.03 21.83 -16.72
N ALA H 152 32.10 21.80 -17.51
CA ALA H 152 32.60 20.52 -17.98
C ALA H 152 33.11 19.69 -16.81
N VAL H 153 33.10 18.37 -16.99
CA VAL H 153 33.65 17.43 -16.01
C VAL H 153 34.68 16.62 -16.77
N ILE H 154 35.95 16.83 -16.45
CA ILE H 154 37.05 16.34 -17.27
C ILE H 154 37.70 15.19 -16.53
N THR H 155 37.62 13.99 -17.12
CA THR H 155 38.23 12.79 -16.57
C THR H 155 39.22 12.13 -17.51
N LYS H 156 39.29 12.56 -18.77
CA LYS H 156 40.25 12.04 -19.72
C LYS H 156 41.21 13.16 -20.10
N ASN H 157 42.44 12.79 -20.46
CA ASN H 157 43.42 13.79 -20.92
C ASN H 157 42.87 14.58 -22.08
N VAL H 158 43.27 15.85 -22.15
CA VAL H 158 42.76 16.80 -23.12
C VAL H 158 43.92 17.16 -24.02
N ALA H 159 43.74 16.92 -25.31
CA ALA H 159 44.79 17.16 -26.28
C ALA H 159 45.02 18.66 -26.46
N PRO H 160 46.24 19.06 -26.84
CA PRO H 160 46.52 20.49 -27.09
C PRO H 160 45.55 21.14 -28.07
N TYR H 161 45.11 22.34 -27.71
CA TYR H 161 44.25 23.18 -28.55
C TYR H 161 42.89 22.51 -28.81
N SER H 162 42.55 21.53 -27.99
CA SER H 162 41.22 20.92 -28.03
C SER H 162 40.23 21.75 -27.21
N VAL H 163 38.98 21.79 -27.68
CA VAL H 163 37.86 22.42 -26.98
C VAL H 163 37.00 21.29 -26.46
N VAL H 164 36.82 21.21 -25.14
CA VAL H 164 36.11 20.09 -24.54
C VAL H 164 35.03 20.63 -23.59
N VAL H 165 33.83 20.06 -23.68
CA VAL H 165 32.69 20.51 -22.88
C VAL H 165 32.03 19.30 -22.24
N GLY H 166 31.26 19.57 -21.18
CA GLY H 166 30.38 18.54 -20.63
C GLY H 166 31.16 17.32 -20.16
N ASN H 167 30.69 16.15 -20.57
CA ASN H 167 31.28 14.87 -20.11
C ASN H 167 32.35 14.40 -21.11
N ASN H 168 33.47 15.12 -21.12
CA ASN H 168 34.64 14.83 -21.95
C ASN H 168 34.32 14.90 -23.43
N VAL H 169 33.39 15.78 -23.81
CA VAL H 169 32.95 15.90 -25.20
C VAL H 169 33.88 16.83 -25.94
N VAL H 170 34.59 16.32 -26.94
CA VAL H 170 35.53 17.14 -27.70
C VAL H 170 34.77 17.80 -28.84
N VAL H 171 34.52 19.10 -28.71
CA VAL H 171 33.77 19.83 -29.72
C VAL H 171 34.57 19.91 -31.02
N LYS H 172 35.81 20.38 -30.94
CA LYS H 172 36.64 20.65 -32.10
C LYS H 172 38.07 20.90 -31.59
N LYS H 173 38.98 21.11 -32.53
CA LYS H 173 40.27 21.69 -32.25
C LYS H 173 40.30 23.13 -32.76
N ARG H 174 41.06 23.98 -32.06
CA ARG H 174 41.06 25.41 -32.34
C ARG H 174 41.63 25.74 -33.72
N PHE H 175 42.65 24.99 -34.18
CA PHE H 175 43.33 25.25 -35.45
C PHE H 175 43.59 23.93 -36.16
N ASP H 176 43.96 24.03 -37.44
CA ASP H 176 44.44 22.92 -38.27
C ASP H 176 45.60 22.20 -37.60
N GLU H 177 45.80 20.91 -37.91
CA GLU H 177 46.89 20.17 -37.28
C GLU H 177 48.24 20.81 -37.57
N ASN H 178 48.46 21.26 -38.81
CA ASN H 178 49.74 21.87 -39.15
C ASN H 178 50.01 23.11 -38.31
N LEU H 179 48.98 23.90 -38.05
CA LEU H 179 49.19 25.11 -37.26
C LEU H 179 49.35 24.81 -35.78
N ILE H 180 48.67 23.78 -35.27
CA ILE H 180 48.90 23.36 -33.90
C ILE H 180 50.37 22.99 -33.70
N GLN H 181 50.91 22.15 -34.59
CA GLN H 181 52.31 21.77 -34.50
C GLN H 181 53.22 22.98 -34.47
N THR H 182 52.95 23.99 -35.32
CA THR H 182 53.79 25.18 -35.35
C THR H 182 53.77 25.90 -33.99
N LEU H 183 52.58 26.06 -33.40
CA LEU H 183 52.52 26.65 -32.07
C LEU H 183 53.25 25.81 -31.03
N LEU H 184 53.18 24.49 -31.14
CA LEU H 184 53.82 23.63 -30.16
C LEU H 184 55.34 23.60 -30.33
N VAL H 185 55.85 23.97 -31.51
CA VAL H 185 57.30 24.04 -31.63
C VAL H 185 57.82 25.40 -31.17
N ILE H 186 57.12 26.49 -31.47
CA ILE H 186 57.68 27.81 -31.18
C ILE H 186 57.42 28.26 -29.74
N LYS H 187 56.40 27.73 -29.06
CA LYS H 187 56.13 28.00 -27.65
C LYS H 187 56.28 29.49 -27.31
N TRP H 188 55.35 30.33 -27.79
CA TRP H 188 55.45 31.75 -27.52
C TRP H 188 55.40 32.06 -26.03
N TRP H 189 54.71 31.21 -25.22
CA TRP H 189 54.62 31.48 -23.79
C TRP H 189 55.99 31.44 -23.11
N ASP H 190 56.95 30.76 -23.72
CA ASP H 190 58.30 30.67 -23.18
C ASP H 190 59.23 31.77 -23.70
N TRP H 191 58.77 32.63 -24.62
CA TRP H 191 59.62 33.67 -25.18
C TRP H 191 59.97 34.71 -24.10
N PRO H 192 61.10 35.41 -24.27
CA PRO H 192 61.34 36.59 -23.43
C PRO H 192 60.19 37.57 -23.54
N LEU H 193 59.94 38.29 -22.44
CA LEU H 193 58.73 39.11 -22.35
C LEU H 193 58.73 40.20 -23.41
N GLN H 194 59.90 40.80 -23.68
CA GLN H 194 60.02 41.79 -24.74
C GLN H 194 59.48 41.24 -26.07
N HIS H 195 59.66 39.94 -26.32
CA HIS H 195 59.19 39.40 -27.59
C HIS H 195 57.70 39.14 -27.58
N ILE H 196 57.16 38.64 -26.46
CA ILE H 196 55.71 38.52 -26.31
C ILE H 196 55.06 39.90 -26.46
N LYS H 197 55.68 40.93 -25.88
CA LYS H 197 55.15 42.27 -26.06
C LYS H 197 55.20 42.69 -27.52
N ASN H 198 56.36 42.51 -28.16
CA ASN H 198 56.54 43.04 -29.51
C ASN H 198 55.65 42.34 -30.52
N THR H 199 55.26 41.10 -30.25
CA THR H 199 54.39 40.35 -31.15
C THR H 199 52.94 40.38 -30.72
N MET H 200 52.61 41.24 -29.76
CA MET H 200 51.30 41.23 -29.15
C MET H 200 50.20 41.42 -30.18
N GLU H 201 50.44 42.28 -31.18
CA GLU H 201 49.42 42.52 -32.19
C GLU H 201 49.17 41.26 -33.02
N ILE H 202 50.18 40.41 -33.18
CA ILE H 202 49.98 39.12 -33.84
C ILE H 202 49.27 38.14 -32.89
N LEU H 203 49.61 38.18 -31.60
CA LEU H 203 49.02 37.21 -30.67
C LEU H 203 47.52 37.42 -30.51
N CYS H 204 47.07 38.68 -30.57
CA CYS H 204 45.66 39.03 -30.65
C CYS H 204 45.15 38.95 -32.08
N SER H 205 45.35 37.80 -32.72
CA SER H 205 44.90 37.59 -34.09
C SER H 205 44.98 36.10 -34.33
N GLY H 206 44.44 35.65 -35.45
CA GLY H 206 44.61 34.27 -35.83
C GLY H 206 45.80 33.96 -36.71
N HIS H 207 46.76 34.89 -36.86
CA HIS H 207 47.82 34.77 -37.86
C HIS H 207 48.98 33.93 -37.32
N ILE H 208 48.75 32.63 -37.18
CA ILE H 208 49.78 31.73 -36.62
C ILE H 208 51.04 31.73 -37.49
N GLU H 209 50.89 31.73 -38.81
CA GLU H 209 52.05 31.66 -39.69
C GLU H 209 52.87 32.95 -39.63
N GLU H 210 52.20 34.06 -39.33
CA GLU H 210 52.93 35.30 -39.13
C GLU H 210 53.65 35.26 -37.80
N LEU H 211 53.02 34.66 -36.79
CA LEU H 211 53.73 34.43 -35.54
C LEU H 211 54.98 33.56 -35.75
N GLU H 212 54.90 32.56 -36.63
CA GLU H 212 56.08 31.76 -36.93
C GLU H 212 57.15 32.58 -37.66
N GLN H 213 56.72 33.53 -38.50
CA GLN H 213 57.69 34.43 -39.13
C GLN H 213 58.42 35.28 -38.10
N TYR H 214 57.68 35.90 -37.19
CA TYR H 214 58.30 36.64 -36.10
C TYR H 214 59.28 35.76 -35.31
N PHE H 215 58.87 34.52 -35.00
CA PHE H 215 59.77 33.62 -34.27
C PHE H 215 61.06 33.37 -35.03
N ILE H 216 60.94 33.09 -36.34
CA ILE H 216 62.13 32.76 -37.13
C ILE H 216 63.11 33.91 -37.11
N LYS H 217 62.61 35.14 -37.21
CA LYS H 217 63.44 36.30 -37.42
C LYS H 217 63.91 36.98 -36.14
N ASN H 218 63.30 36.70 -34.99
CA ASN H 218 63.63 37.53 -33.83
C ASN H 218 63.95 36.80 -32.54
N VAL H 219 63.41 35.59 -32.34
CA VAL H 219 63.65 34.87 -31.10
C VAL H 219 64.54 33.65 -31.30
N GLY H 220 64.56 33.05 -32.49
CA GLY H 220 65.63 32.14 -32.84
C GLY H 220 65.29 30.66 -32.80
N SER H 221 65.68 29.93 -33.83
CA SER H 221 65.35 28.51 -33.94
C SER H 221 66.30 27.66 -33.11
N SER I 1 30.80 39.71 9.70
CA SER I 1 30.07 38.45 9.78
C SER I 1 31.03 37.27 9.56
N ASN I 2 31.70 36.86 10.63
CA ASN I 2 32.66 35.74 10.58
C ASN I 2 31.95 34.42 10.90
N ALA I 3 30.89 34.14 10.13
CA ALA I 3 29.99 33.03 10.46
C ALA I 3 30.70 31.69 10.39
N MET I 4 30.23 30.75 11.22
CA MET I 4 30.88 29.46 11.39
C MET I 4 30.47 28.49 10.30
N GLU I 5 31.33 27.50 10.07
CA GLU I 5 31.08 26.44 9.11
C GLU I 5 31.01 25.10 9.84
N ALA I 6 30.40 24.13 9.17
CA ALA I 6 30.09 22.86 9.83
C ALA I 6 31.30 21.96 9.98
N PHE I 7 32.37 22.17 9.19
CA PHE I 7 33.54 21.30 9.22
C PHE I 7 34.81 22.13 9.40
N ASN I 8 35.70 21.66 10.26
CA ASN I 8 36.97 22.36 10.46
C ASN I 8 38.00 22.02 9.40
N SER I 9 37.78 20.95 8.64
CA SER I 9 38.74 20.53 7.63
C SER I 9 38.14 19.38 6.84
N TRP I 10 38.66 19.17 5.64
CA TRP I 10 38.13 18.13 4.79
C TRP I 10 38.65 16.75 5.16
N LEU I 11 39.42 16.64 6.24
CA LEU I 11 39.75 15.35 6.84
C LEU I 11 38.62 14.81 7.72
N GLU I 12 37.57 15.61 7.94
CA GLU I 12 36.51 15.28 8.89
C GLU I 12 35.28 14.81 8.14
N GLY I 13 34.65 13.77 8.65
CA GLY I 13 33.31 13.45 8.20
C GLY I 13 32.36 13.51 9.37
N GLN I 14 31.06 13.73 9.12
CA GLN I 14 30.08 13.76 10.18
C GLN I 14 29.20 12.54 10.10
N ASN I 15 29.14 11.77 11.19
CA ASN I 15 28.22 10.64 11.28
C ASN I 15 26.77 11.13 11.17
N LEU I 16 26.06 10.60 10.17
CA LEU I 16 24.70 11.12 9.93
C LEU I 16 23.70 10.62 10.95
N LYS I 17 23.74 9.33 11.30
CA LYS I 17 22.72 8.78 12.20
C LYS I 17 22.72 9.46 13.57
N GLU I 18 23.87 9.93 14.04
CA GLU I 18 23.83 10.62 15.33
C GLU I 18 23.43 12.09 15.21
N GLN I 19 23.26 12.63 14.01
CA GLN I 19 23.09 14.06 13.83
C GLN I 19 21.73 14.46 13.29
N VAL I 20 21.19 13.71 12.32
CA VAL I 20 20.00 14.18 11.63
C VAL I 20 18.80 14.16 12.58
N LYS I 21 17.97 15.19 12.49
CA LYS I 21 16.81 15.34 13.35
C LYS I 21 15.51 15.35 12.58
N ASN I 22 15.55 15.34 11.25
CA ASN I 22 14.29 15.39 10.53
C ASN I 22 13.60 14.03 10.56
N PRO I 23 12.34 13.96 10.95
CA PRO I 23 11.61 12.68 10.92
C PRO I 23 11.46 12.10 9.53
N ASN I 24 11.53 12.94 8.49
CA ASN I 24 11.42 12.49 7.10
C ASN I 24 12.75 12.06 6.49
N ILE I 25 13.81 11.92 7.30
CA ILE I 25 15.08 11.35 6.89
C ILE I 25 15.31 10.12 7.76
N GLU I 26 15.77 9.04 7.15
CA GLU I 26 16.22 7.86 7.86
C GLU I 26 17.60 7.49 7.30
N VAL I 27 18.58 7.33 8.18
CA VAL I 27 19.94 7.01 7.73
C VAL I 27 20.53 5.95 8.67
N GLY I 28 21.18 4.94 8.08
CA GLY I 28 21.71 3.82 8.84
C GLY I 28 23.14 4.02 9.33
N ASP I 29 23.57 3.07 10.17
CA ASP I 29 24.85 3.14 10.86
C ASP I 29 26.02 3.46 9.95
N TYR I 30 26.92 4.32 10.44
CA TYR I 30 28.27 4.58 9.96
C TYR I 30 28.29 5.51 8.75
N SER I 31 27.17 5.67 8.07
CA SER I 31 27.09 6.59 6.94
C SER I 31 27.43 8.01 7.38
N TYR I 32 28.17 8.73 6.52
CA TYR I 32 28.74 10.01 6.91
C TYR I 32 28.63 10.98 5.75
N TYR I 33 28.68 12.27 6.09
CA TYR I 33 28.78 13.34 5.11
C TYR I 33 30.12 14.05 5.31
N SER I 34 30.90 14.21 4.24
CA SER I 34 32.19 14.90 4.31
C SER I 34 32.04 16.23 3.59
N GLY I 35 31.52 17.23 4.30
CA GLY I 35 30.97 18.42 3.66
C GLY I 35 31.77 19.69 3.82
N PHE I 36 33.09 19.58 4.05
CA PHE I 36 33.89 20.77 4.31
C PHE I 36 33.77 21.84 3.21
N TYR I 37 33.88 21.42 1.94
CA TYR I 37 33.93 22.43 0.90
C TYR I 37 32.59 23.10 0.61
N HIS I 38 31.50 22.71 1.27
CA HIS I 38 30.23 23.42 1.12
C HIS I 38 29.70 23.97 2.43
N SER I 39 30.54 23.97 3.47
CA SER I 39 30.40 24.81 4.66
C SER I 39 29.31 24.40 5.65
N LYS I 40 28.21 23.79 5.20
CA LYS I 40 27.10 23.55 6.12
C LYS I 40 26.82 22.07 6.34
N THR I 41 25.94 21.80 7.29
CA THR I 41 25.62 20.43 7.65
C THR I 41 24.85 19.74 6.54
N PHE I 42 24.79 18.42 6.66
CA PHE I 42 24.01 17.58 5.74
C PHE I 42 22.56 18.06 5.62
N GLU I 43 21.90 18.32 6.75
CA GLU I 43 20.48 18.70 6.69
C GLU I 43 20.27 20.14 6.19
N GLU I 44 21.28 21.00 6.34
CA GLU I 44 21.15 22.37 5.85
C GLU I 44 21.49 22.49 4.37
N GLN I 45 22.43 21.71 3.86
CA GLN I 45 22.99 21.96 2.53
C GLN I 45 22.76 20.83 1.53
N ALA I 46 22.82 19.58 2.00
CA ALA I 46 22.71 18.43 1.10
C ALA I 46 21.27 18.02 0.84
N VAL I 47 20.42 18.06 1.88
CA VAL I 47 19.04 17.59 1.79
C VAL I 47 18.16 18.82 1.55
N ARG I 48 17.57 18.90 0.37
CA ARG I 48 16.89 20.13 -0.02
C ARG I 48 15.38 19.95 -0.23
N TYR I 49 14.63 20.92 0.27
CA TYR I 49 13.18 21.02 0.06
C TYR I 49 12.44 19.90 0.77
N LEU I 50 12.98 19.43 1.89
CA LEU I 50 12.35 18.40 2.70
C LEU I 50 11.67 19.08 3.89
N LEU I 51 10.32 19.13 3.85
CA LEU I 51 9.55 19.64 4.98
C LEU I 51 9.98 18.95 6.26
N GLY I 52 9.96 19.70 7.38
CA GLY I 52 10.47 19.22 8.65
C GLY I 52 11.94 19.49 8.92
N ASP I 53 12.64 20.16 8.00
CA ASP I 53 13.99 20.61 8.28
C ASP I 53 13.92 21.87 9.14
N ALA I 54 15.06 22.49 9.39
CA ALA I 54 15.11 23.66 10.27
C ALA I 54 14.26 24.82 9.78
N PRO I 55 14.29 25.22 8.50
CA PRO I 55 13.43 26.34 8.08
C PRO I 55 11.94 26.02 8.04
N THR I 56 11.53 24.75 8.00
CA THR I 56 10.11 24.44 7.93
C THR I 56 9.61 23.60 9.10
N GLN I 57 10.45 23.41 10.13
CA GLN I 57 10.06 22.59 11.28
C GLN I 57 8.80 23.12 11.96
N GLU I 58 8.66 24.44 12.07
CA GLU I 58 7.48 25.03 12.71
C GLU I 58 6.22 24.74 11.89
N VAL I 59 6.29 24.98 10.59
CA VAL I 59 5.13 24.77 9.73
C VAL I 59 4.77 23.30 9.64
N TRP I 60 5.76 22.42 9.70
CA TRP I 60 5.49 20.98 9.56
C TRP I 60 4.85 20.41 10.82
N GLU I 61 5.36 20.82 11.99
CA GLU I 61 4.86 20.29 13.25
C GLU I 61 3.39 20.66 13.48
N SER I 62 2.87 21.63 12.73
CA SER I 62 1.44 21.95 12.78
C SER I 62 0.58 20.80 12.26
N GLY I 63 1.17 19.89 11.47
CA GLY I 63 0.42 18.81 10.87
C GLY I 63 -0.50 19.21 9.74
N GLN I 64 -0.46 20.47 9.30
CA GLN I 64 -1.36 20.98 8.27
C GLN I 64 -1.04 20.44 6.87
N PHE I 65 0.04 19.68 6.71
CA PHE I 65 0.36 18.96 5.49
C PHE I 65 -0.06 17.50 5.60
N GLY I 66 0.03 16.79 4.48
CA GLY I 66 -0.07 15.36 4.45
C GLY I 66 1.31 14.71 4.45
N GLU I 67 1.38 13.50 3.92
CA GLU I 67 2.65 12.82 3.83
C GLU I 67 3.47 13.36 2.66
N VAL I 68 4.79 13.37 2.86
CA VAL I 68 5.77 13.88 1.92
C VAL I 68 6.75 12.76 1.59
N ASP I 69 7.46 12.91 0.47
CA ASP I 69 8.50 11.95 0.11
C ASP I 69 9.62 12.01 1.15
N LYS I 70 10.05 10.83 1.60
CA LYS I 70 11.10 10.71 2.59
C LYS I 70 12.42 10.38 1.91
N LEU I 71 13.51 10.71 2.62
CA LEU I 71 14.85 10.35 2.17
C LEU I 71 15.32 9.21 3.07
N ARG I 72 15.74 8.11 2.45
CA ARG I 72 16.14 6.93 3.20
C ARG I 72 17.51 6.51 2.70
N ILE I 73 18.47 6.42 3.61
CA ILE I 73 19.85 6.10 3.29
C ILE I 73 20.28 4.92 4.15
N GLY I 74 20.95 3.95 3.54
CA GLY I 74 21.35 2.73 4.19
C GLY I 74 22.61 2.92 5.03
N LYS I 75 23.27 1.81 5.33
CA LYS I 75 24.46 1.80 6.16
C LYS I 75 25.73 1.88 5.30
N PHE I 76 26.80 2.44 5.88
CA PHE I 76 28.13 2.41 5.27
C PHE I 76 28.19 3.18 3.95
N CYS I 77 27.44 4.25 3.87
CA CYS I 77 27.48 5.12 2.70
C CYS I 77 28.44 6.26 2.94
N SER I 78 29.16 6.63 1.87
CA SER I 78 30.12 7.73 1.86
C SER I 78 29.51 8.80 0.96
N ILE I 79 29.15 9.94 1.56
CA ILE I 79 28.54 11.06 0.84
C ILE I 79 29.50 12.25 0.87
N ALA I 80 29.99 12.63 -0.32
CA ALA I 80 31.02 13.66 -0.43
C ALA I 80 30.41 15.06 -0.47
N SER I 81 31.28 16.06 -0.35
CA SER I 81 30.87 17.44 -0.14
C SER I 81 30.00 17.97 -1.27
N GLY I 82 28.88 18.60 -0.91
CA GLY I 82 27.97 19.20 -1.88
C GLY I 82 27.08 18.24 -2.62
N ALA I 83 27.21 16.93 -2.37
CA ALA I 83 26.17 16.00 -2.83
C ALA I 83 24.82 16.53 -2.40
N THR I 84 23.84 16.47 -3.31
CA THR I 84 22.54 17.10 -3.10
C THR I 84 21.41 16.11 -3.33
N PHE I 85 20.46 16.04 -2.38
CA PHE I 85 19.24 15.26 -2.57
C PHE I 85 18.08 16.23 -2.72
N MET I 86 17.51 16.26 -3.92
CA MET I 86 16.36 17.11 -4.25
C MET I 86 15.09 16.41 -3.82
N MET I 87 14.41 16.95 -2.80
CA MET I 87 13.14 16.39 -2.35
C MET I 87 12.00 17.28 -2.85
N ALA I 88 10.80 17.07 -2.29
CA ALA I 88 9.53 17.76 -2.63
C ALA I 88 9.09 17.57 -4.08
N GLY I 89 9.60 16.56 -4.78
CA GLY I 89 8.94 16.12 -6.02
C GLY I 89 8.93 17.20 -7.06
N ASN I 90 7.76 17.51 -7.64
CA ASN I 90 7.73 18.53 -8.68
C ASN I 90 7.65 19.95 -8.13
N GLN I 91 7.64 20.10 -6.81
CA GLN I 91 7.52 21.40 -6.15
C GLN I 91 6.36 22.20 -6.72
N GLY I 92 5.28 21.51 -7.08
CA GLY I 92 4.08 22.15 -7.58
C GLY I 92 4.06 22.51 -9.05
N HIS I 93 5.17 22.34 -9.77
CA HIS I 93 5.20 22.63 -11.20
C HIS I 93 4.75 21.41 -11.98
N ARG I 94 3.66 21.55 -12.75
CA ARG I 94 3.15 20.45 -13.54
C ARG I 94 3.42 20.72 -15.02
N ALA I 95 4.37 19.95 -15.58
CA ALA I 95 4.69 20.07 -17.00
C ALA I 95 3.49 19.74 -17.88
N ASP I 96 2.53 18.94 -17.39
CA ASP I 96 1.39 18.51 -18.17
C ASP I 96 0.21 19.46 -18.06
N TRP I 97 0.30 20.47 -17.21
CA TRP I 97 -0.69 21.52 -17.16
C TRP I 97 -0.27 22.67 -18.08
N ILE I 98 -1.23 23.53 -18.45
CA ILE I 98 -0.91 24.55 -19.46
C ILE I 98 0.27 25.40 -19.03
N SER I 99 0.33 25.75 -17.75
CA SER I 99 1.44 26.55 -17.22
C SER I 99 2.15 25.78 -16.11
N THR I 100 3.47 25.98 -16.03
CA THR I 100 4.24 25.47 -14.90
C THR I 100 4.26 26.45 -13.72
N PHE I 101 3.62 27.61 -13.86
CA PHE I 101 3.76 28.68 -12.86
C PHE I 101 2.88 28.40 -11.64
N PRO I 102 3.41 28.51 -10.43
CA PRO I 102 2.62 28.18 -9.21
C PRO I 102 1.79 29.37 -8.73
N PHE I 103 0.71 29.67 -9.46
CA PHE I 103 -0.17 30.81 -9.14
C PHE I 103 -0.63 30.78 -7.68
N SER I 104 -0.51 31.90 -6.99
CA SER I 104 -0.99 31.96 -5.62
C SER I 104 -2.46 32.34 -5.65
N LYS I 105 -3.24 31.70 -4.77
CA LYS I 105 -4.63 32.15 -4.61
C LYS I 105 -4.69 33.63 -4.22
N LYS I 106 -3.70 34.10 -3.48
CA LYS I 106 -3.69 35.50 -3.06
C LYS I 106 -3.63 36.46 -4.26
N GLU I 107 -2.96 36.04 -5.33
CA GLU I 107 -2.81 36.87 -6.51
C GLU I 107 -3.73 36.46 -7.65
N PHE I 108 -4.30 35.26 -7.62
CA PHE I 108 -5.08 34.80 -8.75
C PHE I 108 -6.46 34.24 -8.42
N GLY I 109 -6.84 34.17 -7.15
CA GLY I 109 -8.20 33.81 -6.79
C GLY I 109 -8.42 32.34 -6.54
N GLU I 110 -9.70 31.99 -6.36
CA GLU I 110 -10.04 30.65 -5.92
C GLU I 110 -10.00 29.59 -7.03
N GLY I 111 -9.72 29.98 -8.27
CA GLY I 111 -9.55 28.98 -9.30
C GLY I 111 -8.25 28.20 -9.25
N VAL I 112 -7.32 28.59 -8.38
CA VAL I 112 -6.00 27.95 -8.34
C VAL I 112 -6.13 26.54 -7.80
N LYS I 113 -5.56 25.57 -8.54
CA LYS I 113 -5.46 24.18 -8.09
C LYS I 113 -4.01 23.84 -7.73
N ASP I 114 -3.85 23.02 -6.70
CA ASP I 114 -2.53 22.60 -6.24
C ASP I 114 -1.96 21.59 -7.23
N GLY I 115 -0.81 21.91 -7.82
CA GLY I 115 -0.17 20.99 -8.74
C GLY I 115 0.85 20.05 -8.10
N PHE I 116 1.07 20.18 -6.80
CA PHE I 116 2.09 19.35 -6.15
C PHE I 116 1.79 17.87 -6.38
N GLN I 117 2.83 17.13 -6.76
CA GLN I 117 2.73 15.68 -6.85
C GLN I 117 3.98 15.08 -6.23
N ARG I 118 3.75 14.04 -5.45
CA ARG I 118 4.83 13.27 -4.86
C ARG I 118 5.56 12.48 -5.93
N ALA I 119 6.84 12.29 -5.71
CA ALA I 119 7.66 11.46 -6.58
C ALA I 119 7.91 10.07 -6.00
N GLY I 120 7.58 9.87 -4.73
CA GLY I 120 7.99 8.69 -4.00
C GLY I 120 9.29 8.97 -3.28
N ASP I 121 9.62 8.06 -2.36
CA ASP I 121 10.82 8.24 -1.54
C ASP I 121 12.09 8.19 -2.38
N THR I 122 13.09 8.93 -1.93
CA THR I 122 14.47 8.75 -2.39
C THR I 122 15.13 7.72 -1.48
N ILE I 123 15.62 6.64 -2.08
CA ILE I 123 16.18 5.50 -1.36
C ILE I 123 17.64 5.34 -1.80
N VAL I 124 18.57 5.47 -0.86
CA VAL I 124 19.98 5.12 -1.10
C VAL I 124 20.26 3.84 -0.31
N GLY I 125 20.80 2.83 -1.00
CA GLY I 125 21.06 1.54 -0.42
C GLY I 125 22.28 1.55 0.47
N ASN I 126 22.83 0.39 0.74
CA ASN I 126 23.98 0.23 1.62
C ASN I 126 25.27 0.22 0.81
N ASP I 127 26.35 0.69 1.45
CA ASP I 127 27.68 0.73 0.84
C ASP I 127 27.65 1.51 -0.48
N VAL I 128 26.99 2.66 -0.49
CA VAL I 128 26.93 3.51 -1.68
C VAL I 128 27.88 4.70 -1.49
N TRP I 129 28.68 4.98 -2.51
CA TRP I 129 29.61 6.12 -2.55
C TRP I 129 29.01 7.15 -3.50
N ILE I 130 28.71 8.35 -2.99
CA ILE I 130 28.14 9.44 -3.78
C ILE I 130 29.19 10.54 -3.91
N GLY I 131 29.63 10.80 -5.13
CA GLY I 131 30.75 11.72 -5.34
C GLY I 131 30.34 13.17 -5.14
N SER I 132 31.36 14.04 -5.09
CA SER I 132 31.16 15.46 -4.79
C SER I 132 30.24 16.09 -5.83
N GLU I 133 29.28 16.88 -5.34
CA GLU I 133 28.38 17.68 -6.16
C GLU I 133 27.52 16.81 -7.09
N ALA I 134 27.34 15.52 -6.78
CA ALA I 134 26.29 14.76 -7.44
C ALA I 134 24.93 15.34 -7.07
N MET I 135 23.97 15.19 -7.97
CA MET I 135 22.60 15.66 -7.72
C MET I 135 21.64 14.48 -7.85
N ILE I 136 20.95 14.17 -6.77
CA ILE I 136 20.03 13.05 -6.77
C ILE I 136 18.61 13.59 -6.86
N MET I 137 17.97 13.36 -8.00
CA MET I 137 16.64 13.92 -8.26
C MET I 137 15.55 13.11 -7.52
N PRO I 138 14.33 13.64 -7.41
CA PRO I 138 13.33 12.99 -6.55
C PRO I 138 12.93 11.61 -7.06
N GLY I 139 12.70 10.70 -6.11
CA GLY I 139 12.06 9.43 -6.38
C GLY I 139 12.97 8.32 -6.85
N VAL I 140 14.32 8.56 -6.93
CA VAL I 140 15.24 7.55 -7.46
C VAL I 140 15.65 6.60 -6.34
N HIS I 141 16.03 5.39 -6.77
CA HIS I 141 16.50 4.33 -5.89
C HIS I 141 17.88 3.92 -6.34
N ILE I 142 18.87 4.10 -5.48
CA ILE I 142 20.26 3.80 -5.81
C ILE I 142 20.58 2.51 -5.08
N GLY I 143 20.82 1.44 -5.83
CA GLY I 143 21.00 0.13 -5.23
C GLY I 143 22.30 0.03 -4.45
N ASP I 144 22.38 -1.02 -3.62
CA ASP I 144 23.54 -1.25 -2.78
C ASP I 144 24.81 -1.37 -3.62
N GLY I 145 25.92 -0.89 -3.05
CA GLY I 145 27.22 -1.03 -3.68
C GLY I 145 27.46 -0.10 -4.85
N ALA I 146 26.49 0.74 -5.22
CA ALA I 146 26.67 1.63 -6.36
C ALA I 146 27.70 2.72 -6.06
N ILE I 147 28.27 3.26 -7.14
CA ILE I 147 29.12 4.45 -7.07
C ILE I 147 28.51 5.50 -7.98
N ILE I 148 28.33 6.71 -7.46
CA ILE I 148 27.85 7.85 -8.22
C ILE I 148 29.03 8.80 -8.39
N GLY I 149 29.41 9.06 -9.64
CA GLY I 149 30.53 9.95 -9.90
C GLY I 149 30.23 11.39 -9.49
N ALA I 150 31.32 12.11 -9.22
CA ALA I 150 31.23 13.53 -8.96
C ALA I 150 30.47 14.20 -10.10
N ARG I 151 29.60 15.14 -9.73
CA ARG I 151 28.78 15.93 -10.65
C ARG I 151 27.75 15.12 -11.42
N ALA I 152 27.50 13.87 -11.06
CA ALA I 152 26.49 13.07 -11.75
C ALA I 152 25.09 13.63 -11.46
N VAL I 153 24.22 13.61 -12.45
CA VAL I 153 22.82 14.04 -12.26
C VAL I 153 21.94 12.80 -12.38
N ILE I 154 21.47 12.28 -11.25
CA ILE I 154 20.81 10.98 -11.23
C ILE I 154 19.29 11.17 -11.26
N THR I 155 18.66 10.73 -12.37
CA THR I 155 17.23 10.83 -12.53
C THR I 155 16.53 9.49 -12.70
N LYS I 156 17.27 8.38 -12.79
CA LYS I 156 16.71 7.05 -12.94
C LYS I 156 17.29 6.18 -11.84
N ASN I 157 16.65 5.02 -11.60
CA ASN I 157 17.19 4.07 -10.64
C ASN I 157 18.57 3.56 -11.05
N VAL I 158 19.38 3.23 -10.05
CA VAL I 158 20.76 2.79 -10.24
C VAL I 158 20.88 1.37 -9.72
N ALA I 159 21.23 0.44 -10.63
CA ALA I 159 21.29 -0.96 -10.28
C ALA I 159 22.45 -1.21 -9.31
N PRO I 160 22.31 -2.18 -8.42
CA PRO I 160 23.35 -2.40 -7.41
C PRO I 160 24.72 -2.60 -8.04
N TYR I 161 25.73 -1.98 -7.41
CA TYR I 161 27.15 -2.12 -7.78
C TYR I 161 27.43 -1.60 -9.18
N SER I 162 26.53 -0.77 -9.74
CA SER I 162 26.88 -0.08 -10.97
C SER I 162 27.53 1.26 -10.65
N VAL I 163 28.35 1.72 -11.60
CA VAL I 163 29.06 3.01 -11.52
C VAL I 163 28.43 3.95 -12.55
N VAL I 164 27.91 5.09 -12.09
CA VAL I 164 27.14 5.98 -12.96
C VAL I 164 27.75 7.37 -12.88
N VAL I 165 27.90 8.03 -14.03
CA VAL I 165 28.39 9.40 -14.07
C VAL I 165 27.49 10.22 -14.98
N GLY I 166 27.74 11.54 -14.95
CA GLY I 166 27.10 12.47 -15.85
C GLY I 166 25.61 12.28 -15.88
N ASN I 167 25.03 12.35 -17.08
CA ASN I 167 23.58 12.26 -17.31
C ASN I 167 23.15 10.79 -17.31
N ASN I 168 23.23 10.17 -16.12
CA ASN I 168 22.83 8.77 -15.91
C ASN I 168 23.56 7.80 -16.84
N VAL I 169 24.84 8.06 -17.06
CA VAL I 169 25.65 7.18 -17.88
C VAL I 169 26.20 6.06 -16.99
N VAL I 170 25.75 4.83 -17.24
CA VAL I 170 26.28 3.65 -16.58
C VAL I 170 27.60 3.29 -17.25
N VAL I 171 28.70 3.40 -16.52
CA VAL I 171 30.02 3.21 -17.11
C VAL I 171 30.50 1.77 -16.98
N LYS I 172 30.15 1.11 -15.89
CA LYS I 172 30.60 -0.26 -15.62
C LYS I 172 29.87 -0.76 -14.38
N LYS I 173 29.96 -2.07 -14.16
CA LYS I 173 29.56 -2.64 -12.89
C LYS I 173 30.82 -3.12 -12.17
N ARG I 174 30.84 -3.02 -10.84
CA ARG I 174 32.10 -3.21 -10.10
C ARG I 174 32.65 -4.62 -10.21
N PHE I 175 31.78 -5.63 -10.26
CA PHE I 175 32.18 -7.03 -10.31
C PHE I 175 31.31 -7.78 -11.31
N ASP I 176 31.73 -8.99 -11.65
CA ASP I 176 30.91 -9.84 -12.50
C ASP I 176 29.56 -10.11 -11.82
N GLU I 177 28.59 -10.54 -12.63
CA GLU I 177 27.22 -10.65 -12.14
C GLU I 177 27.10 -11.74 -11.07
N ASN I 178 27.85 -12.83 -11.22
CA ASN I 178 27.85 -13.89 -10.21
C ASN I 178 28.21 -13.33 -8.84
N LEU I 179 29.27 -12.52 -8.80
CA LEU I 179 29.79 -12.00 -7.54
C LEU I 179 28.90 -10.91 -6.93
N ILE I 180 28.28 -10.06 -7.77
CA ILE I 180 27.30 -9.10 -7.27
C ILE I 180 26.17 -9.82 -6.55
N GLN I 181 25.66 -10.89 -7.16
CA GLN I 181 24.55 -11.61 -6.55
C GLN I 181 24.95 -12.27 -5.24
N THR I 182 26.22 -12.68 -5.11
CA THR I 182 26.66 -13.24 -3.84
C THR I 182 26.59 -12.19 -2.75
N LEU I 183 27.10 -10.99 -3.03
CA LEU I 183 27.10 -9.91 -2.06
C LEU I 183 25.69 -9.51 -1.66
N LEU I 184 24.76 -9.55 -2.62
CA LEU I 184 23.40 -9.17 -2.33
C LEU I 184 22.70 -10.18 -1.44
N VAL I 185 23.17 -11.43 -1.44
CA VAL I 185 22.63 -12.45 -0.55
C VAL I 185 23.29 -12.38 0.82
N ILE I 186 24.58 -12.12 0.85
CA ILE I 186 25.38 -12.14 2.07
C ILE I 186 25.06 -10.94 2.96
N LYS I 187 24.87 -9.77 2.37
CA LYS I 187 24.52 -8.53 3.09
C LYS I 187 25.43 -8.30 4.30
N TRP I 188 26.73 -8.16 4.01
CA TRP I 188 27.71 -7.96 5.08
C TRP I 188 27.39 -6.72 5.91
N TRP I 189 26.67 -5.75 5.35
CA TRP I 189 26.35 -4.57 6.12
C TRP I 189 25.39 -4.85 7.27
N ASP I 190 24.71 -6.01 7.29
CA ASP I 190 23.78 -6.35 8.36
C ASP I 190 24.40 -7.26 9.42
N TRP I 191 25.58 -7.82 9.17
CA TRP I 191 26.25 -8.70 10.14
C TRP I 191 26.46 -7.99 11.47
N PRO I 192 26.51 -8.73 12.59
CA PRO I 192 26.93 -8.11 13.85
C PRO I 192 28.29 -7.46 13.68
N LEU I 193 28.55 -6.46 14.53
CA LEU I 193 29.75 -5.62 14.34
C LEU I 193 31.03 -6.44 14.48
N GLN I 194 31.03 -7.44 15.37
CA GLN I 194 32.25 -8.22 15.52
C GLN I 194 32.56 -9.04 14.29
N HIS I 195 31.53 -9.50 13.56
CA HIS I 195 31.80 -10.22 12.33
C HIS I 195 32.27 -9.28 11.24
N ILE I 196 31.82 -8.02 11.27
CA ILE I 196 32.41 -7.03 10.37
C ILE I 196 33.87 -6.76 10.76
N LYS I 197 34.14 -6.67 12.06
CA LYS I 197 35.52 -6.44 12.48
C LYS I 197 36.44 -7.58 12.05
N ASN I 198 35.97 -8.83 12.20
CA ASN I 198 36.84 -9.97 11.92
C ASN I 198 37.08 -10.15 10.43
N THR I 199 36.12 -9.78 9.59
CA THR I 199 36.27 -9.90 8.14
C THR I 199 36.96 -8.71 7.52
N MET I 200 37.41 -7.75 8.32
CA MET I 200 37.93 -6.50 7.78
C MET I 200 39.11 -6.73 6.84
N GLU I 201 39.85 -7.84 7.00
CA GLU I 201 40.92 -8.14 6.06
C GLU I 201 40.38 -8.50 4.68
N ILE I 202 39.24 -9.20 4.62
CA ILE I 202 38.65 -9.56 3.34
C ILE I 202 37.89 -8.38 2.73
N LEU I 203 37.15 -7.63 3.56
CA LEU I 203 36.39 -6.49 3.05
C LEU I 203 37.29 -5.45 2.41
N CYS I 204 38.51 -5.28 2.93
CA CYS I 204 39.50 -4.42 2.28
C CYS I 204 40.34 -5.20 1.29
N SER I 205 39.65 -5.98 0.46
CA SER I 205 40.22 -6.68 -0.70
C SER I 205 39.09 -6.97 -1.67
N GLY I 206 39.44 -7.66 -2.75
CA GLY I 206 38.45 -8.08 -3.73
C GLY I 206 37.99 -9.52 -3.62
N HIS I 207 38.22 -10.16 -2.47
CA HIS I 207 37.97 -11.59 -2.34
C HIS I 207 36.54 -11.87 -1.86
N ILE I 208 35.59 -11.58 -2.77
CA ILE I 208 34.18 -11.82 -2.49
C ILE I 208 33.92 -13.28 -2.16
N GLU I 209 34.58 -14.19 -2.90
CA GLU I 209 34.44 -15.62 -2.61
C GLU I 209 34.93 -15.95 -1.20
N GLU I 210 36.05 -15.34 -0.79
CA GLU I 210 36.53 -15.54 0.57
C GLU I 210 35.55 -14.97 1.59
N LEU I 211 34.92 -13.82 1.27
CA LEU I 211 33.92 -13.25 2.16
C LEU I 211 32.70 -14.14 2.25
N GLU I 212 32.35 -14.84 1.17
CA GLU I 212 31.22 -15.74 1.23
C GLU I 212 31.52 -16.91 2.15
N GLN I 213 32.73 -17.47 2.04
CA GLN I 213 33.09 -18.63 2.84
C GLN I 213 33.08 -18.28 4.32
N TYR I 214 33.48 -17.04 4.67
CA TYR I 214 33.31 -16.55 6.02
C TYR I 214 31.85 -16.61 6.44
N PHE I 215 30.98 -16.02 5.63
CA PHE I 215 29.54 -16.03 5.89
C PHE I 215 29.00 -17.44 6.08
N ILE I 216 29.40 -18.38 5.22
CA ILE I 216 28.95 -19.75 5.34
C ILE I 216 29.33 -20.33 6.70
N LYS I 217 30.56 -20.08 7.15
CA LYS I 217 31.08 -20.76 8.33
C LYS I 217 30.68 -20.08 9.63
N ASN I 218 30.65 -18.74 9.67
CA ASN I 218 30.60 -18.00 10.93
C ASN I 218 29.36 -17.14 11.11
N VAL I 219 28.68 -16.76 10.04
CA VAL I 219 27.48 -15.94 10.11
C VAL I 219 26.23 -16.79 9.96
N GLY I 220 26.21 -17.64 8.93
CA GLY I 220 25.24 -18.71 8.86
C GLY I 220 23.86 -18.32 8.38
N SER I 221 23.13 -19.30 7.84
CA SER I 221 21.77 -19.10 7.36
C SER I 221 21.03 -20.42 7.31
N ALA J 3 23.42 -8.31 44.99
CA ALA J 3 24.86 -8.46 44.82
C ALA J 3 25.61 -8.14 46.11
N MET J 4 25.63 -9.10 47.04
CA MET J 4 26.44 -8.97 48.25
C MET J 4 27.71 -9.81 48.18
N GLU J 5 28.12 -10.19 46.97
CA GLU J 5 29.35 -10.95 46.74
C GLU J 5 29.29 -12.32 47.40
N ALA J 6 29.27 -12.38 48.73
CA ALA J 6 29.41 -13.65 49.42
C ALA J 6 28.15 -14.49 49.28
N PHE J 7 28.33 -15.77 48.96
CA PHE J 7 27.25 -16.74 49.08
C PHE J 7 27.16 -17.22 50.53
N ASN J 8 26.02 -16.96 51.18
CA ASN J 8 25.80 -17.42 52.55
C ASN J 8 25.56 -18.91 52.64
N SER J 9 25.06 -19.54 51.56
CA SER J 9 24.91 -20.98 51.54
C SER J 9 24.82 -21.42 50.10
N TRP J 10 24.88 -22.72 49.89
CA TRP J 10 24.67 -23.26 48.56
C TRP J 10 23.20 -23.26 48.14
N LEU J 11 22.31 -22.81 49.01
CA LEU J 11 20.93 -22.63 48.58
C LEU J 11 20.76 -21.38 47.73
N GLU J 12 21.82 -20.58 47.58
CA GLU J 12 21.72 -19.23 47.08
C GLU J 12 22.51 -19.07 45.78
N GLY J 13 21.91 -18.37 44.82
CA GLY J 13 22.59 -18.15 43.56
C GLY J 13 22.68 -16.68 43.26
N GLN J 14 23.53 -16.30 42.31
CA GLN J 14 23.81 -14.92 41.96
C GLN J 14 23.32 -14.63 40.55
N ASN J 15 22.36 -13.71 40.42
CA ASN J 15 21.95 -13.28 39.09
C ASN J 15 23.09 -12.55 38.37
N LEU J 16 23.47 -13.04 37.19
CA LEU J 16 24.69 -12.55 36.56
C LEU J 16 24.48 -11.21 35.86
N LYS J 17 23.32 -10.98 35.23
CA LYS J 17 23.16 -9.72 34.53
C LYS J 17 23.18 -8.55 35.51
N GLU J 18 22.67 -8.73 36.73
CA GLU J 18 22.74 -7.64 37.70
C GLU J 18 24.16 -7.40 38.25
N GLN J 19 25.09 -8.35 38.09
CA GLN J 19 26.37 -8.26 38.79
C GLN J 19 27.58 -8.00 37.90
N VAL J 20 27.66 -8.65 36.73
CA VAL J 20 28.84 -8.56 35.89
C VAL J 20 29.08 -7.13 35.45
N LYS J 21 30.35 -6.71 35.46
CA LYS J 21 30.74 -5.37 35.09
C LYS J 21 31.78 -5.33 33.98
N ASN J 22 32.40 -6.45 33.65
CA ASN J 22 33.41 -6.50 32.61
C ASN J 22 32.74 -6.30 31.26
N PRO J 23 33.12 -5.27 30.50
CA PRO J 23 32.49 -5.07 29.19
C PRO J 23 32.82 -6.16 28.17
N ASN J 24 33.78 -7.04 28.47
CA ASN J 24 34.06 -8.19 27.61
C ASN J 24 33.23 -9.42 28.00
N ILE J 25 32.24 -9.25 28.88
CA ILE J 25 31.27 -10.29 29.23
C ILE J 25 29.88 -9.78 28.94
N GLU J 26 29.10 -10.57 28.20
CA GLU J 26 27.67 -10.29 28.04
C GLU J 26 26.89 -11.53 28.51
N VAL J 27 25.98 -11.32 29.46
CA VAL J 27 25.15 -12.39 30.01
C VAL J 27 23.67 -12.01 29.92
N GLY J 28 22.80 -12.99 29.65
CA GLY J 28 21.40 -12.75 29.43
C GLY J 28 20.56 -12.84 30.71
N ASP J 29 19.28 -12.52 30.55
CA ASP J 29 18.32 -12.48 31.65
C ASP J 29 18.26 -13.81 32.40
N TYR J 30 18.21 -13.71 33.73
CA TYR J 30 17.92 -14.81 34.66
C TYR J 30 19.09 -15.77 34.85
N SER J 31 20.07 -15.75 33.94
CA SER J 31 21.22 -16.65 34.07
C SER J 31 21.93 -16.37 35.38
N TYR J 32 22.35 -17.44 36.08
CA TYR J 32 22.89 -17.29 37.43
C TYR J 32 24.13 -18.16 37.65
N TYR J 33 24.87 -17.84 38.71
CA TYR J 33 26.04 -18.61 39.13
C TYR J 33 25.82 -19.07 40.58
N SER J 34 25.84 -20.39 40.79
CA SER J 34 25.64 -20.92 42.15
C SER J 34 27.00 -21.33 42.71
N GLY J 35 27.73 -20.36 43.24
CA GLY J 35 29.15 -20.50 43.49
C GLY J 35 29.59 -20.68 44.93
N PHE J 36 28.71 -21.19 45.80
CA PHE J 36 29.07 -21.26 47.22
C PHE J 36 30.33 -22.08 47.45
N TYR J 37 30.52 -23.17 46.71
CA TYR J 37 31.62 -24.05 47.07
C TYR J 37 32.95 -23.59 46.53
N HIS J 38 32.99 -22.51 45.75
CA HIS J 38 34.26 -21.91 45.38
C HIS J 38 34.37 -20.46 45.82
N SER J 39 33.44 -20.01 46.67
CA SER J 39 33.54 -18.78 47.47
C SER J 39 33.44 -17.49 46.66
N LYS J 40 34.18 -17.37 45.56
CA LYS J 40 34.37 -16.08 44.95
C LYS J 40 33.27 -15.81 43.91
N THR J 41 33.21 -14.56 43.44
CA THR J 41 32.16 -14.19 42.50
C THR J 41 32.43 -14.81 41.13
N PHE J 42 31.41 -14.72 40.28
CA PHE J 42 31.52 -15.23 38.92
C PHE J 42 32.72 -14.60 38.17
N GLU J 43 32.87 -13.28 38.23
CA GLU J 43 33.94 -12.65 37.45
C GLU J 43 35.32 -12.89 38.05
N GLU J 44 35.39 -13.17 39.34
CA GLU J 44 36.68 -13.42 39.99
C GLU J 44 37.22 -14.81 39.67
N GLN J 45 36.38 -15.82 39.83
CA GLN J 45 36.72 -17.23 39.92
C GLN J 45 36.41 -18.03 38.66
N ALA J 46 35.28 -17.76 38.02
CA ALA J 46 34.76 -18.59 36.93
C ALA J 46 35.26 -18.14 35.57
N VAL J 47 35.44 -16.84 35.39
CA VAL J 47 35.85 -16.30 34.10
C VAL J 47 37.31 -15.94 34.21
N ARG J 48 38.14 -16.61 33.43
CA ARG J 48 39.57 -16.61 33.65
C ARG J 48 40.32 -16.02 32.46
N TYR J 49 41.29 -15.16 32.77
CA TYR J 49 42.21 -14.57 31.79
C TYR J 49 41.50 -13.65 30.81
N LEU J 50 40.46 -12.97 31.26
CA LEU J 50 39.73 -12.03 30.41
C LEU J 50 40.16 -10.61 30.74
N LEU J 51 40.81 -9.94 29.79
CA LEU J 51 41.27 -8.58 30.02
C LEU J 51 40.11 -7.66 30.39
N GLY J 52 40.35 -6.77 31.34
CA GLY J 52 39.29 -5.92 31.84
C GLY J 52 38.58 -6.45 33.07
N ASP J 53 39.02 -7.60 33.60
CA ASP J 53 38.48 -8.05 34.87
C ASP J 53 39.11 -7.25 36.00
N ALA J 54 39.06 -7.77 37.23
CA ALA J 54 39.57 -6.99 38.36
C ALA J 54 41.07 -6.74 38.28
N PRO J 55 41.94 -7.76 38.16
CA PRO J 55 43.38 -7.49 38.26
C PRO J 55 43.95 -6.78 37.06
N THR J 56 43.26 -6.77 35.92
CA THR J 56 43.76 -6.16 34.70
C THR J 56 42.91 -4.99 34.23
N GLN J 57 42.12 -4.39 35.12
CA GLN J 57 41.25 -3.30 34.70
C GLN J 57 42.07 -2.06 34.32
N GLU J 58 42.97 -1.63 35.20
CA GLU J 58 43.78 -0.45 34.94
C GLU J 58 44.63 -0.62 33.68
N VAL J 59 45.13 -1.82 33.46
CA VAL J 59 45.88 -2.13 32.24
C VAL J 59 44.99 -2.01 31.01
N TRP J 60 43.75 -2.47 31.12
CA TRP J 60 42.83 -2.49 29.99
C TRP J 60 42.32 -1.09 29.64
N GLU J 61 42.07 -0.26 30.65
CA GLU J 61 41.50 1.06 30.41
C GLU J 61 42.47 1.99 29.67
N SER J 62 43.76 1.67 29.67
CA SER J 62 44.69 2.45 28.86
C SER J 62 44.39 2.32 27.37
N GLY J 63 43.80 1.20 26.96
CA GLY J 63 43.47 0.99 25.56
C GLY J 63 44.65 0.62 24.70
N GLN J 64 45.38 -0.43 25.10
CA GLN J 64 46.58 -0.86 24.41
C GLN J 64 46.39 -2.12 23.59
N PHE J 65 45.25 -2.81 23.71
CA PHE J 65 45.15 -4.20 23.28
C PHE J 65 44.20 -4.45 22.12
N GLY J 66 43.36 -3.49 21.74
CA GLY J 66 42.43 -3.82 20.67
C GLY J 66 41.47 -4.93 21.10
N GLU J 67 40.92 -5.62 20.09
CA GLU J 67 39.83 -6.56 20.35
C GLU J 67 40.34 -7.84 20.99
N VAL J 68 39.58 -8.34 21.95
CA VAL J 68 39.89 -9.60 22.61
C VAL J 68 38.69 -10.53 22.43
N ASP J 69 38.90 -11.80 22.72
CA ASP J 69 37.79 -12.75 22.73
C ASP J 69 36.82 -12.42 23.85
N LYS J 70 35.52 -12.36 23.53
CA LYS J 70 34.51 -12.07 24.54
C LYS J 70 33.81 -13.34 25.02
N LEU J 71 33.28 -13.27 26.24
CA LEU J 71 32.41 -14.32 26.78
C LEU J 71 30.97 -13.87 26.61
N ARG J 72 30.22 -14.60 25.79
CA ARG J 72 28.79 -14.32 25.56
C ARG J 72 27.95 -15.46 26.12
N ILE J 73 27.07 -15.15 27.07
CA ILE J 73 26.17 -16.15 27.67
C ILE J 73 24.72 -15.71 27.51
N GLY J 74 23.87 -16.63 27.06
CA GLY J 74 22.46 -16.33 26.81
C GLY J 74 21.62 -16.28 28.08
N LYS J 75 20.31 -16.47 27.89
CA LYS J 75 19.32 -16.39 28.96
C LYS J 75 19.06 -17.76 29.55
N PHE J 76 18.58 -17.73 30.79
CA PHE J 76 18.14 -18.90 31.55
C PHE J 76 19.24 -19.95 31.68
N CYS J 77 20.47 -19.49 31.85
CA CYS J 77 21.58 -20.41 32.05
C CYS J 77 21.81 -20.69 33.52
N SER J 78 22.16 -21.95 33.81
CA SER J 78 22.40 -22.43 35.16
C SER J 78 23.86 -22.84 35.20
N ILE J 79 24.67 -22.06 35.90
CA ILE J 79 26.10 -22.31 35.98
C ILE J 79 26.45 -22.69 37.40
N ALA J 80 26.95 -23.91 37.57
CA ALA J 80 27.24 -24.42 38.90
C ALA J 80 28.65 -24.06 39.37
N SER J 81 28.90 -24.38 40.64
CA SER J 81 30.06 -23.90 41.37
C SER J 81 31.35 -24.40 40.73
N GLY J 82 32.29 -23.48 40.56
CA GLY J 82 33.59 -23.84 40.05
C GLY J 82 33.65 -24.05 38.57
N ALA J 83 32.51 -23.96 37.86
CA ALA J 83 32.58 -23.99 36.41
C ALA J 83 33.48 -22.84 35.96
N THR J 84 34.26 -23.08 34.91
CA THR J 84 35.30 -22.16 34.50
C THR J 84 35.29 -21.95 33.00
N PHE J 85 35.49 -20.68 32.62
CA PHE J 85 35.52 -20.24 31.23
C PHE J 85 36.92 -19.72 30.96
N MET J 86 37.64 -20.38 30.08
CA MET J 86 39.06 -20.07 29.85
C MET J 86 39.13 -19.09 28.70
N MET J 87 39.53 -17.86 28.98
CA MET J 87 39.66 -16.89 27.91
C MET J 87 41.12 -16.76 27.46
N ALA J 88 41.42 -15.68 26.71
CA ALA J 88 42.76 -15.28 26.27
C ALA J 88 43.42 -16.26 25.31
N GLY J 89 42.64 -17.05 24.58
CA GLY J 89 43.17 -17.82 23.45
C GLY J 89 44.27 -18.77 23.85
N ASN J 90 45.35 -18.79 23.05
CA ASN J 90 46.51 -19.61 23.32
C ASN J 90 47.41 -18.99 24.37
N GLN J 91 47.07 -17.82 24.91
CA GLN J 91 47.87 -17.14 25.93
C GLN J 91 49.33 -16.99 25.49
N GLY J 92 49.54 -16.81 24.20
CA GLY J 92 50.86 -16.59 23.66
C GLY J 92 51.67 -17.84 23.38
N HIS J 93 51.15 -19.02 23.71
CA HIS J 93 51.88 -20.27 23.48
C HIS J 93 51.55 -20.81 22.10
N ARG J 94 52.55 -20.94 21.23
CA ARG J 94 52.31 -21.44 19.87
C ARG J 94 52.94 -22.81 19.71
N ALA J 95 52.10 -23.84 19.72
CA ALA J 95 52.57 -25.21 19.55
C ALA J 95 53.23 -25.43 18.20
N ASP J 96 52.90 -24.61 17.21
CA ASP J 96 53.50 -24.79 15.89
C ASP J 96 54.82 -24.04 15.74
N TRP J 97 55.23 -23.21 16.68
CA TRP J 97 56.60 -22.70 16.70
C TRP J 97 57.50 -23.70 17.42
N ILE J 98 58.81 -23.51 17.27
CA ILE J 98 59.76 -24.47 17.82
C ILE J 98 59.59 -24.59 19.33
N SER J 99 59.42 -23.46 20.02
CA SER J 99 59.23 -23.44 21.46
C SER J 99 57.85 -22.86 21.78
N THR J 100 57.21 -23.42 22.82
CA THR J 100 56.01 -22.83 23.40
C THR J 100 56.30 -21.77 24.45
N PHE J 101 57.56 -21.51 24.74
CA PHE J 101 57.92 -20.60 25.83
C PHE J 101 57.70 -19.16 25.40
N PRO J 102 57.07 -18.33 26.24
CA PRO J 102 56.87 -16.90 25.91
C PRO J 102 58.06 -16.00 26.28
N PHE J 103 59.12 -16.09 25.47
CA PHE J 103 60.31 -15.29 25.70
C PHE J 103 59.94 -13.83 25.84
N SER J 104 60.42 -13.19 26.90
CA SER J 104 60.24 -11.76 27.05
C SER J 104 61.30 -11.04 26.24
N LYS J 105 60.94 -9.87 25.70
CA LYS J 105 61.92 -9.05 25.02
C LYS J 105 63.00 -8.56 25.98
N LYS J 106 62.63 -8.25 27.23
CA LYS J 106 63.63 -7.80 28.21
C LYS J 106 64.72 -8.85 28.39
N GLU J 107 64.34 -10.12 28.51
CA GLU J 107 65.30 -11.18 28.77
C GLU J 107 65.91 -11.77 27.50
N PHE J 108 65.25 -11.67 26.34
CA PHE J 108 65.76 -12.38 25.17
C PHE J 108 65.99 -11.49 23.95
N GLY J 109 65.89 -10.18 24.07
CA GLY J 109 66.21 -9.29 22.97
C GLY J 109 65.04 -9.11 22.01
N GLU J 110 65.24 -8.20 21.06
CA GLU J 110 64.24 -7.73 20.11
C GLU J 110 63.85 -8.76 19.05
N GLY J 111 64.49 -9.93 18.99
CA GLY J 111 64.08 -10.97 18.07
C GLY J 111 62.82 -11.72 18.46
N VAL J 112 62.26 -11.43 19.64
CA VAL J 112 61.07 -12.11 20.08
C VAL J 112 59.88 -11.70 19.22
N LYS J 113 59.10 -12.69 18.78
CA LYS J 113 57.82 -12.48 18.12
C LYS J 113 56.68 -12.76 19.10
N ASP J 114 55.58 -12.02 18.96
CA ASP J 114 54.41 -12.24 19.80
C ASP J 114 53.57 -13.39 19.25
N GLY J 115 53.47 -14.47 20.01
CA GLY J 115 52.73 -15.60 19.51
C GLY J 115 51.23 -15.59 19.79
N PHE J 116 50.69 -14.54 20.39
CA PHE J 116 49.29 -14.57 20.79
C PHE J 116 48.37 -14.74 19.60
N GLN J 117 47.37 -15.60 19.74
CA GLN J 117 46.35 -15.80 18.71
C GLN J 117 45.00 -15.88 19.40
N ARG J 118 44.05 -15.05 18.97
CA ARG J 118 42.71 -15.18 19.54
C ARG J 118 42.05 -16.47 19.08
N ALA J 119 41.04 -16.92 19.86
CA ALA J 119 40.29 -18.13 19.54
C ALA J 119 38.92 -17.85 18.98
N GLY J 120 38.49 -16.59 18.94
CA GLY J 120 37.08 -16.28 18.79
C GLY J 120 36.37 -16.25 20.14
N ASP J 121 35.20 -15.63 20.13
CA ASP J 121 34.40 -15.48 21.33
C ASP J 121 33.97 -16.85 21.86
N THR J 122 33.79 -16.92 23.17
CA THR J 122 33.17 -18.08 23.82
C THR J 122 31.68 -17.77 23.86
N ILE J 123 30.88 -18.63 23.24
CA ILE J 123 29.44 -18.38 23.11
C ILE J 123 28.65 -19.51 23.76
N VAL J 124 27.92 -19.19 24.82
CA VAL J 124 27.01 -20.12 25.47
C VAL J 124 25.60 -19.69 25.11
N GLY J 125 24.80 -20.63 24.61
CA GLY J 125 23.44 -20.34 24.20
C GLY J 125 22.49 -20.08 25.35
N ASN J 126 21.20 -20.25 25.05
CA ASN J 126 20.13 -20.09 26.02
C ASN J 126 19.81 -21.42 26.67
N ASP J 127 19.38 -21.33 27.92
CA ASP J 127 18.87 -22.50 28.65
C ASP J 127 19.94 -23.60 28.76
N VAL J 128 21.16 -23.19 29.06
CA VAL J 128 22.30 -24.10 29.13
C VAL J 128 22.60 -24.36 30.59
N TRP J 129 22.77 -25.63 30.93
CA TRP J 129 23.13 -26.03 32.28
C TRP J 129 24.59 -26.50 32.26
N ILE J 130 25.45 -25.82 33.01
CA ILE J 130 26.88 -26.16 33.09
C ILE J 130 27.16 -26.68 34.49
N GLY J 131 27.60 -27.93 34.55
CA GLY J 131 27.75 -28.61 35.82
C GLY J 131 29.02 -28.23 36.57
N SER J 132 29.05 -28.58 37.85
CA SER J 132 30.10 -28.10 38.74
C SER J 132 31.50 -28.47 38.23
N GLU J 133 32.39 -27.48 38.23
CA GLU J 133 33.83 -27.62 37.91
C GLU J 133 34.05 -28.06 36.47
N ALA J 134 33.10 -27.79 35.57
CA ALA J 134 33.34 -28.02 34.17
C ALA J 134 34.31 -26.94 33.71
N MET J 135 35.13 -27.25 32.71
CA MET J 135 36.04 -26.25 32.14
C MET J 135 35.74 -26.07 30.66
N ILE J 136 35.49 -24.82 30.26
CA ILE J 136 35.15 -24.46 28.89
C ILE J 136 36.35 -23.70 28.31
N MET J 137 36.96 -24.26 27.26
CA MET J 137 38.22 -23.74 26.72
C MET J 137 37.91 -22.65 25.70
N PRO J 138 38.91 -21.89 25.26
CA PRO J 138 38.63 -20.72 24.41
C PRO J 138 37.95 -21.06 23.11
N GLY J 139 37.11 -20.12 22.63
CA GLY J 139 36.51 -20.20 21.32
C GLY J 139 35.34 -21.16 21.17
N VAL J 140 34.92 -21.86 22.24
CA VAL J 140 33.89 -22.89 22.14
C VAL J 140 32.50 -22.25 22.03
N HIS J 141 31.68 -22.85 21.18
CA HIS J 141 30.25 -22.51 21.08
C HIS J 141 29.40 -23.62 21.69
N ILE J 142 28.53 -23.25 22.64
CA ILE J 142 27.62 -24.21 23.31
C ILE J 142 26.20 -23.81 22.92
N GLY J 143 25.55 -24.65 22.13
CA GLY J 143 24.21 -24.35 21.66
C GLY J 143 23.14 -24.37 22.73
N ASP J 144 22.00 -23.79 22.35
CA ASP J 144 20.82 -23.71 23.20
C ASP J 144 20.42 -25.08 23.76
N GLY J 145 20.00 -25.11 25.00
CA GLY J 145 19.52 -26.36 25.58
C GLY J 145 20.57 -27.40 25.93
N ALA J 146 21.85 -27.10 25.75
CA ALA J 146 22.90 -28.08 26.05
C ALA J 146 23.02 -28.33 27.54
N ILE J 147 23.59 -29.50 27.88
CA ILE J 147 23.94 -29.79 29.26
C ILE J 147 25.42 -30.18 29.29
N ILE J 148 26.20 -29.50 30.12
CA ILE J 148 27.62 -29.86 30.28
C ILE J 148 27.75 -30.56 31.62
N GLY J 149 28.22 -31.80 31.59
CA GLY J 149 28.40 -32.54 32.83
C GLY J 149 29.42 -31.91 33.77
N ALA J 150 29.24 -32.19 35.06
CA ALA J 150 30.24 -31.86 36.07
C ALA J 150 31.61 -32.38 35.65
N ARG J 151 32.62 -31.51 35.78
CA ARG J 151 34.03 -31.79 35.46
C ARG J 151 34.31 -32.05 33.97
N ALA J 152 33.37 -31.76 33.08
CA ALA J 152 33.64 -31.91 31.66
C ALA J 152 34.74 -30.94 31.24
N VAL J 153 35.46 -31.31 30.19
CA VAL J 153 36.54 -30.46 29.64
C VAL J 153 36.17 -30.24 28.19
N ILE J 154 35.60 -29.07 27.89
CA ILE J 154 34.98 -28.84 26.60
C ILE J 154 35.94 -28.06 25.70
N THR J 155 36.38 -28.68 24.60
CA THR J 155 37.21 -28.03 23.62
C THR J 155 36.61 -28.03 22.21
N LYS J 156 35.49 -28.71 21.99
CA LYS J 156 34.83 -28.70 20.70
C LYS J 156 33.44 -28.10 20.88
N ASN J 157 32.89 -27.58 19.79
CA ASN J 157 31.54 -27.03 19.87
C ASN J 157 30.54 -28.10 20.28
N VAL J 158 29.52 -27.67 21.02
CA VAL J 158 28.45 -28.51 21.57
C VAL J 158 27.14 -28.14 20.87
N ALA J 159 26.55 -29.11 20.16
CA ALA J 159 25.30 -28.92 19.46
C ALA J 159 24.13 -28.68 20.42
N PRO J 160 23.09 -27.98 19.94
CA PRO J 160 21.90 -27.73 20.78
C PRO J 160 21.33 -29.00 21.39
N TYR J 161 21.00 -28.91 22.66
CA TYR J 161 20.26 -29.93 23.40
C TYR J 161 21.07 -31.23 23.55
N SER J 162 22.39 -31.16 23.37
CA SER J 162 23.22 -32.33 23.62
C SER J 162 23.77 -32.31 25.05
N VAL J 163 24.03 -33.51 25.55
CA VAL J 163 24.58 -33.74 26.87
C VAL J 163 26.01 -34.20 26.67
N VAL J 164 26.96 -33.45 27.21
CA VAL J 164 28.38 -33.69 26.97
C VAL J 164 29.10 -33.79 28.30
N VAL J 165 29.90 -34.83 28.45
CA VAL J 165 30.69 -35.01 29.67
C VAL J 165 32.13 -35.32 29.28
N GLY J 166 33.00 -35.28 30.30
CA GLY J 166 34.35 -35.75 30.14
C GLY J 166 35.12 -34.96 29.12
N ASN J 167 35.88 -35.68 28.29
CA ASN J 167 36.70 -35.09 27.23
C ASN J 167 35.84 -35.04 25.99
N ASN J 168 34.93 -34.06 25.96
CA ASN J 168 34.02 -33.84 24.82
C ASN J 168 33.20 -35.07 24.46
N VAL J 169 32.81 -35.88 25.46
CA VAL J 169 32.05 -37.09 25.17
C VAL J 169 30.58 -36.72 25.01
N VAL J 170 30.02 -37.00 23.83
CA VAL J 170 28.60 -36.69 23.58
C VAL J 170 27.78 -37.89 24.06
N VAL J 171 27.03 -37.70 25.16
CA VAL J 171 26.28 -38.81 25.76
C VAL J 171 25.02 -39.11 24.97
N LYS J 172 24.23 -38.08 24.68
CA LYS J 172 22.92 -38.23 24.06
C LYS J 172 22.45 -36.84 23.68
N LYS J 173 21.34 -36.79 22.92
CA LYS J 173 20.52 -35.62 22.75
C LYS J 173 19.37 -35.69 23.75
N ARG J 174 19.03 -34.54 24.34
CA ARG J 174 17.94 -34.53 25.31
C ARG J 174 16.60 -34.95 24.71
N PHE J 175 16.37 -34.66 23.43
CA PHE J 175 15.09 -34.97 22.80
C PHE J 175 15.34 -35.42 21.38
N ASP J 176 14.27 -35.91 20.74
CA ASP J 176 14.32 -36.32 19.34
C ASP J 176 14.64 -35.12 18.47
N GLU J 177 15.22 -35.38 17.28
CA GLU J 177 15.63 -34.30 16.39
C GLU J 177 14.46 -33.39 16.01
N ASN J 178 13.29 -33.96 15.77
CA ASN J 178 12.16 -33.12 15.37
C ASN J 178 11.74 -32.20 16.51
N LEU J 179 11.82 -32.68 17.76
CA LEU J 179 11.40 -31.84 18.87
C LEU J 179 12.43 -30.78 19.22
N ILE J 180 13.72 -31.10 19.05
CA ILE J 180 14.76 -30.09 19.17
C ILE J 180 14.54 -28.98 18.14
N GLN J 181 14.25 -29.36 16.90
CA GLN J 181 14.03 -28.33 15.88
C GLN J 181 12.84 -27.44 16.26
N THR J 182 11.75 -28.03 16.78
CA THR J 182 10.61 -27.25 17.28
C THR J 182 11.06 -26.23 18.32
N LEU J 183 11.86 -26.66 19.30
CA LEU J 183 12.32 -25.73 20.33
C LEU J 183 13.20 -24.64 19.74
N LEU J 184 13.94 -24.95 18.67
CA LEU J 184 14.86 -23.95 18.15
C LEU J 184 14.12 -22.92 17.29
N VAL J 185 12.90 -23.26 16.86
CA VAL J 185 12.04 -22.32 16.15
C VAL J 185 11.33 -21.39 17.11
N ILE J 186 10.65 -21.94 18.13
CA ILE J 186 9.77 -21.12 18.98
C ILE J 186 10.55 -20.29 19.99
N LYS J 187 11.74 -20.76 20.43
CA LYS J 187 12.61 -19.97 21.28
C LYS J 187 11.85 -19.36 22.47
N TRP J 188 11.45 -20.22 23.40
CA TRP J 188 10.62 -19.74 24.50
C TRP J 188 11.37 -18.72 25.36
N TRP J 189 12.72 -18.78 25.37
CA TRP J 189 13.50 -17.84 26.19
C TRP J 189 13.36 -16.39 25.71
N ASP J 190 12.92 -16.18 24.47
CA ASP J 190 12.69 -14.82 23.96
C ASP J 190 11.27 -14.32 24.14
N TRP J 191 10.35 -15.13 24.65
CA TRP J 191 8.96 -14.72 24.74
C TRP J 191 8.81 -13.58 25.73
N PRO J 192 7.85 -12.69 25.51
CA PRO J 192 7.51 -11.72 26.56
C PRO J 192 7.22 -12.47 27.85
N LEU J 193 7.53 -11.82 28.97
CA LEU J 193 7.54 -12.52 30.26
C LEU J 193 6.18 -13.12 30.58
N GLN J 194 5.08 -12.43 30.21
CA GLN J 194 3.78 -12.95 30.61
C GLN J 194 3.53 -14.32 30.00
N HIS J 195 4.10 -14.57 28.83
CA HIS J 195 3.91 -15.85 28.15
C HIS J 195 4.74 -16.95 28.78
N ILE J 196 5.92 -16.61 29.30
CA ILE J 196 6.73 -17.61 30.02
C ILE J 196 6.00 -18.09 31.27
N LYS J 197 5.52 -17.14 32.08
CA LYS J 197 4.72 -17.49 33.28
C LYS J 197 3.48 -18.32 32.93
N ASN J 198 2.75 -17.94 31.87
CA ASN J 198 1.52 -18.67 31.57
C ASN J 198 1.81 -20.10 31.12
N THR J 199 2.94 -20.31 30.45
CA THR J 199 3.37 -21.64 30.04
C THR J 199 4.19 -22.37 31.08
N MET J 200 4.40 -21.78 32.26
CA MET J 200 5.30 -22.40 33.21
C MET J 200 4.91 -23.84 33.51
N GLU J 201 3.60 -24.16 33.50
CA GLU J 201 3.23 -25.54 33.81
C GLU J 201 3.70 -26.49 32.70
N ILE J 202 3.79 -25.98 31.46
CA ILE J 202 4.27 -26.79 30.35
C ILE J 202 5.78 -26.87 30.36
N LEU J 203 6.45 -25.75 30.65
CA LEU J 203 7.91 -25.73 30.68
C LEU J 203 8.44 -26.70 31.73
N CYS J 204 7.72 -26.85 32.83
CA CYS J 204 8.08 -27.78 33.88
C CYS J 204 7.51 -29.16 33.56
N SER J 205 7.82 -29.66 32.36
CA SER J 205 7.33 -30.96 31.91
C SER J 205 8.07 -31.29 30.62
N GLY J 206 7.85 -32.52 30.12
CA GLY J 206 8.43 -32.85 28.83
C GLY J 206 7.58 -32.55 27.61
N HIS J 207 6.52 -31.75 27.77
CA HIS J 207 5.47 -31.65 26.75
C HIS J 207 5.81 -30.60 25.70
N ILE J 208 6.77 -30.96 24.85
CA ILE J 208 7.27 -30.01 23.85
C ILE J 208 6.16 -29.63 22.87
N GLU J 209 5.37 -30.62 22.42
CA GLU J 209 4.29 -30.32 21.48
C GLU J 209 3.22 -29.45 22.10
N GLU J 210 2.98 -29.59 23.41
CA GLU J 210 2.06 -28.67 24.07
C GLU J 210 2.63 -27.26 24.08
N LEU J 211 3.93 -27.12 24.31
CA LEU J 211 4.52 -25.78 24.28
C LEU J 211 4.39 -25.15 22.91
N GLU J 212 4.55 -25.95 21.85
CA GLU J 212 4.39 -25.43 20.49
C GLU J 212 2.94 -25.01 20.25
N GLN J 213 1.98 -25.74 20.82
CA GLN J 213 0.59 -25.33 20.72
C GLN J 213 0.37 -23.97 21.35
N TYR J 214 0.91 -23.76 22.55
CA TYR J 214 0.81 -22.46 23.19
C TYR J 214 1.42 -21.38 22.31
N PHE J 215 2.63 -21.64 21.79
CA PHE J 215 3.26 -20.70 20.88
C PHE J 215 2.34 -20.32 19.71
N ILE J 216 1.84 -21.32 18.98
CA ILE J 216 1.02 -21.06 17.80
C ILE J 216 -0.19 -20.21 18.15
N LYS J 217 -0.83 -20.50 19.28
CA LYS J 217 -2.12 -19.88 19.59
C LYS J 217 -1.98 -18.54 20.30
N ASN J 218 -0.82 -18.28 20.91
CA ASN J 218 -0.72 -17.15 21.82
C ASN J 218 0.45 -16.21 21.56
N VAL J 219 1.57 -16.74 21.05
CA VAL J 219 2.81 -15.98 20.90
C VAL J 219 3.11 -15.66 19.44
N GLY J 220 3.12 -16.68 18.58
CA GLY J 220 3.51 -16.52 17.19
C GLY J 220 2.37 -15.98 16.33
N SER K 1 39.28 -5.69 54.31
CA SER K 1 40.57 -5.69 53.64
C SER K 1 41.14 -7.12 53.60
N ASN K 2 41.31 -7.66 52.40
CA ASN K 2 41.64 -9.06 52.20
C ASN K 2 43.15 -9.27 52.16
N ALA K 3 43.56 -10.52 52.37
CA ALA K 3 44.96 -10.86 52.38
C ALA K 3 45.51 -10.90 50.96
N MET K 4 46.77 -10.51 50.80
CA MET K 4 47.39 -10.66 49.50
C MET K 4 47.64 -12.13 49.23
N GLU K 5 47.60 -12.50 47.95
CA GLU K 5 47.97 -13.83 47.51
C GLU K 5 49.37 -13.78 46.88
N ALA K 6 49.81 -14.90 46.30
CA ALA K 6 51.17 -14.97 45.78
C ALA K 6 51.35 -14.20 44.48
N PHE K 7 50.28 -14.00 43.72
CA PHE K 7 50.30 -13.27 42.46
C PHE K 7 49.31 -12.11 42.55
N ASN K 8 49.69 -10.95 42.00
CA ASN K 8 48.79 -9.80 41.97
C ASN K 8 47.90 -9.75 40.72
N SER K 9 48.24 -10.49 39.66
CA SER K 9 47.37 -10.63 38.51
C SER K 9 47.79 -11.87 37.76
N TRP K 10 46.89 -12.36 36.90
CA TRP K 10 47.30 -13.42 35.97
C TRP K 10 48.19 -12.91 34.85
N LEU K 11 48.56 -11.64 34.86
CA LEU K 11 49.60 -11.21 33.93
C LEU K 11 51.00 -11.58 34.41
N GLU K 12 51.14 -12.14 35.62
CA GLU K 12 52.45 -12.36 36.24
C GLU K 12 52.82 -13.83 36.24
N GLY K 13 54.09 -14.10 35.94
CA GLY K 13 54.66 -15.42 36.13
C GLY K 13 55.75 -15.35 37.18
N GLN K 14 56.01 -16.48 37.83
CA GLN K 14 57.08 -16.56 38.84
C GLN K 14 58.22 -17.47 38.36
N ASN K 15 59.43 -16.92 38.27
CA ASN K 15 60.59 -17.74 37.90
C ASN K 15 60.90 -18.74 38.99
N LEU K 16 60.92 -20.03 38.64
CA LEU K 16 60.96 -21.04 39.70
C LEU K 16 62.38 -21.27 40.24
N LYS K 17 63.39 -21.23 39.38
CA LYS K 17 64.76 -21.49 39.85
C LYS K 17 65.16 -20.50 40.94
N GLU K 18 64.73 -19.24 40.83
CA GLU K 18 65.03 -18.24 41.83
C GLU K 18 64.31 -18.48 43.15
N GLN K 19 63.21 -19.21 43.13
CA GLN K 19 62.28 -19.25 44.26
C GLN K 19 62.24 -20.58 45.01
N VAL K 20 62.32 -21.72 44.32
CA VAL K 20 62.06 -23.00 44.97
C VAL K 20 63.18 -23.32 45.96
N LYS K 21 62.78 -23.78 47.15
CA LYS K 21 63.72 -24.04 48.23
C LYS K 21 63.83 -25.51 48.58
N ASN K 22 62.90 -26.33 48.15
CA ASN K 22 62.88 -27.72 48.57
C ASN K 22 64.08 -28.46 48.01
N PRO K 23 64.91 -29.09 48.84
CA PRO K 23 66.07 -29.84 48.31
C PRO K 23 65.65 -30.99 47.39
N ASN K 24 64.39 -31.40 47.46
CA ASN K 24 63.91 -32.48 46.62
C ASN K 24 63.31 -31.98 45.31
N ILE K 25 63.40 -30.67 45.03
CA ILE K 25 63.02 -30.10 43.74
C ILE K 25 64.22 -29.44 43.07
N GLU K 26 64.39 -29.68 41.78
CA GLU K 26 65.33 -28.92 40.97
C GLU K 26 64.60 -28.45 39.72
N VAL K 27 64.76 -27.17 39.39
CA VAL K 27 64.13 -26.62 38.20
C VAL K 27 65.17 -25.81 37.43
N GLY K 28 65.21 -26.02 36.10
CA GLY K 28 66.10 -25.31 35.22
C GLY K 28 65.70 -23.85 34.97
N ASP K 29 66.59 -23.15 34.27
CA ASP K 29 66.44 -21.71 34.08
C ASP K 29 65.19 -21.38 33.27
N TYR K 30 64.65 -20.21 33.57
CA TYR K 30 63.54 -19.56 32.87
C TYR K 30 62.17 -20.20 33.12
N SER K 31 62.16 -21.46 33.53
CA SER K 31 60.90 -22.12 33.85
C SER K 31 60.10 -21.34 34.89
N TYR K 32 58.81 -21.14 34.61
CA TYR K 32 57.97 -20.28 35.42
C TYR K 32 56.63 -20.96 35.76
N TYR K 33 55.97 -20.44 36.77
CA TYR K 33 54.64 -20.92 37.17
C TYR K 33 53.74 -19.71 37.27
N SER K 34 52.64 -19.71 36.53
CA SER K 34 51.69 -18.60 36.59
C SER K 34 50.46 -19.07 37.37
N GLY K 35 50.43 -18.77 38.66
CA GLY K 35 49.41 -19.36 39.49
C GLY K 35 48.39 -18.40 40.08
N PHE K 36 48.11 -17.30 39.39
CA PHE K 36 47.19 -16.31 39.97
C PHE K 36 45.89 -16.95 40.42
N TYR K 37 45.33 -17.85 39.64
CA TYR K 37 43.97 -18.31 39.95
C TYR K 37 43.93 -19.34 41.07
N HIS K 38 45.08 -19.77 41.59
CA HIS K 38 45.09 -20.68 42.72
C HIS K 38 45.84 -20.11 43.90
N SER K 39 46.24 -18.83 43.84
CA SER K 39 46.51 -17.95 44.97
C SER K 39 47.80 -18.21 45.77
N LYS K 40 48.40 -19.39 45.65
CA LYS K 40 49.57 -19.72 46.46
C LYS K 40 50.79 -20.02 45.59
N THR K 41 51.95 -20.11 46.24
CA THR K 41 53.20 -20.33 45.53
C THR K 41 53.25 -21.74 44.96
N PHE K 42 54.18 -21.93 44.03
CA PHE K 42 54.35 -23.22 43.36
C PHE K 42 54.65 -24.33 44.37
N GLU K 43 55.52 -24.07 45.35
CA GLU K 43 55.85 -25.09 46.33
C GLU K 43 54.71 -25.33 47.31
N GLU K 44 53.96 -24.28 47.65
CA GLU K 44 52.79 -24.45 48.52
C GLU K 44 51.69 -25.26 47.83
N GLN K 45 51.39 -24.99 46.56
CA GLN K 45 50.14 -25.46 45.98
C GLN K 45 50.29 -26.41 44.79
N ALA K 46 51.32 -26.26 43.94
CA ALA K 46 51.45 -27.17 42.81
C ALA K 46 52.17 -28.46 43.17
N VAL K 47 53.15 -28.39 44.08
CA VAL K 47 53.97 -29.55 44.40
C VAL K 47 53.43 -30.15 45.68
N ARG K 48 52.92 -31.38 45.61
CA ARG K 48 52.14 -31.94 46.71
C ARG K 48 52.79 -33.20 47.26
N TYR K 49 52.82 -33.29 48.59
CA TYR K 49 53.29 -34.47 49.32
C TYR K 49 54.79 -34.72 49.13
N LEU K 50 55.53 -33.65 48.91
CA LEU K 50 56.99 -33.72 48.81
C LEU K 50 57.58 -33.42 50.17
N LEU K 51 58.05 -34.46 50.86
CA LEU K 51 58.83 -34.24 52.09
C LEU K 51 59.88 -33.15 51.89
N GLY K 52 60.01 -32.29 52.90
CA GLY K 52 60.90 -31.15 52.81
C GLY K 52 60.24 -29.84 52.46
N ASP K 53 58.94 -29.85 52.16
CA ASP K 53 58.22 -28.62 51.90
C ASP K 53 57.97 -27.87 53.21
N ALA K 54 57.24 -26.75 53.12
CA ALA K 54 57.04 -25.92 54.30
C ALA K 54 56.38 -26.69 55.44
N PRO K 55 55.26 -27.39 55.26
CA PRO K 55 54.63 -28.06 56.40
C PRO K 55 55.41 -29.24 56.95
N THR K 56 56.39 -29.77 56.21
CA THR K 56 57.18 -30.91 56.67
C THR K 56 58.67 -30.59 56.77
N GLN K 57 59.05 -29.31 56.68
CA GLN K 57 60.47 -28.94 56.68
C GLN K 57 61.17 -29.47 57.92
N GLU K 58 60.51 -29.41 59.07
CA GLU K 58 61.13 -29.88 60.31
C GLU K 58 61.14 -31.39 60.42
N VAL K 59 60.19 -32.07 59.79
CA VAL K 59 60.19 -33.52 59.74
C VAL K 59 61.34 -34.02 58.88
N TRP K 60 61.47 -33.48 57.67
CA TRP K 60 62.50 -33.93 56.73
C TRP K 60 63.88 -33.65 57.27
N GLU K 61 64.11 -32.41 57.72
CA GLU K 61 65.43 -31.96 58.15
C GLU K 61 65.97 -32.75 59.33
N SER K 62 65.11 -33.56 59.99
CA SER K 62 65.56 -34.45 61.04
C SER K 62 66.41 -35.60 60.50
N GLY K 63 66.28 -35.91 59.20
CA GLY K 63 67.07 -36.94 58.56
C GLY K 63 66.61 -38.36 58.80
N GLN K 64 65.41 -38.56 59.32
CA GLN K 64 64.92 -39.90 59.66
C GLN K 64 64.02 -40.43 58.54
N PHE K 65 64.58 -40.50 57.33
CA PHE K 65 63.79 -40.90 56.17
C PHE K 65 64.59 -41.64 55.10
N GLY K 66 65.74 -41.09 54.73
CA GLY K 66 66.43 -41.58 53.55
C GLY K 66 65.87 -40.95 52.27
N GLU K 67 66.11 -41.62 51.16
CA GLU K 67 65.86 -41.03 49.85
C GLU K 67 64.39 -41.12 49.50
N VAL K 68 63.90 -40.09 48.82
CA VAL K 68 62.51 -40.03 48.36
C VAL K 68 62.50 -39.53 46.93
N ASP K 69 61.36 -39.73 46.26
CA ASP K 69 61.22 -39.33 44.87
C ASP K 69 61.39 -37.82 44.73
N LYS K 70 62.21 -37.40 43.75
CA LYS K 70 62.49 -35.99 43.50
C LYS K 70 61.64 -35.50 42.33
N LEU K 71 61.35 -34.21 42.34
CA LEU K 71 60.74 -33.54 41.20
C LEU K 71 61.82 -32.76 40.47
N ARG K 72 62.05 -33.10 39.21
CA ARG K 72 63.09 -32.48 38.39
C ARG K 72 62.42 -31.85 37.17
N ILE K 73 62.52 -30.53 37.03
CA ILE K 73 61.92 -29.82 35.91
C ILE K 73 63.04 -29.15 35.12
N GLY K 74 62.91 -29.18 33.79
CA GLY K 74 63.93 -28.66 32.90
C GLY K 74 63.87 -27.15 32.72
N LYS K 75 64.46 -26.68 31.61
CA LYS K 75 64.53 -25.27 31.24
C LYS K 75 63.37 -24.89 30.33
N PHE K 76 62.97 -23.63 30.39
CA PHE K 76 62.00 -23.06 29.44
C PHE K 76 60.63 -23.76 29.52
N CYS K 77 60.22 -24.10 30.73
CA CYS K 77 58.93 -24.72 30.97
C CYS K 77 57.91 -23.68 31.39
N SER K 78 56.69 -23.83 30.87
CA SER K 78 55.56 -22.93 31.14
C SER K 78 54.52 -23.71 31.92
N ILE K 79 54.35 -23.40 33.19
CA ILE K 79 53.47 -24.18 34.06
C ILE K 79 52.29 -23.32 34.49
N ALA K 80 51.10 -23.67 33.99
CA ALA K 80 49.90 -22.87 34.21
C ALA K 80 49.29 -23.05 35.62
N SER K 81 48.33 -22.16 35.93
CA SER K 81 47.78 -22.08 37.27
C SER K 81 47.11 -23.41 37.65
N GLY K 82 47.40 -23.86 38.87
CA GLY K 82 46.75 -25.03 39.43
C GLY K 82 47.26 -26.36 38.92
N ALA K 83 48.23 -26.37 38.02
CA ALA K 83 48.90 -27.61 37.68
C ALA K 83 49.47 -28.23 38.93
N THR K 84 49.46 -29.56 38.99
CA THR K 84 49.73 -30.24 40.25
C THR K 84 50.70 -31.37 39.99
N PHE K 85 51.76 -31.46 40.81
CA PHE K 85 52.72 -32.54 40.79
C PHE K 85 52.50 -33.38 42.04
N MET K 86 52.05 -34.61 41.85
CA MET K 86 51.69 -35.48 42.97
C MET K 86 52.93 -36.27 43.35
N MET K 87 53.41 -36.09 44.56
CA MET K 87 54.65 -36.78 44.90
C MET K 87 54.33 -37.89 45.92
N ALA K 88 55.35 -38.41 46.58
CA ALA K 88 55.19 -39.41 47.65
C ALA K 88 54.59 -40.75 47.17
N GLY K 89 54.81 -41.10 45.90
CA GLY K 89 54.54 -42.45 45.43
C GLY K 89 53.12 -42.94 45.73
N ASN K 90 53.02 -44.17 46.23
CA ASN K 90 51.70 -44.70 46.59
C ASN K 90 51.20 -44.21 47.94
N GLN K 91 51.96 -43.35 48.62
CA GLN K 91 51.53 -42.77 49.91
C GLN K 91 51.15 -43.86 50.92
N GLY K 92 51.81 -45.03 50.83
CA GLY K 92 51.60 -46.12 51.76
C GLY K 92 50.49 -47.10 51.41
N HIS K 93 49.69 -46.82 50.38
CA HIS K 93 48.58 -47.68 50.00
C HIS K 93 49.04 -48.72 48.98
N ARG K 94 48.91 -50.01 49.34
CA ARG K 94 49.31 -51.12 48.47
C ARG K 94 48.07 -51.79 47.88
N ALA K 95 47.82 -51.57 46.59
CA ALA K 95 46.69 -52.24 45.96
C ALA K 95 46.87 -53.75 45.93
N ASP K 96 48.12 -54.23 45.93
CA ASP K 96 48.41 -55.66 45.88
C ASP K 96 48.35 -56.33 47.25
N TRP K 97 48.20 -55.56 48.32
CA TRP K 97 47.89 -56.07 49.65
C TRP K 97 46.38 -56.16 49.84
N ILE K 98 45.95 -56.99 50.81
CA ILE K 98 44.51 -57.24 51.00
C ILE K 98 43.77 -55.93 51.25
N SER K 99 44.30 -55.10 52.14
CA SER K 99 43.76 -53.77 52.37
C SER K 99 44.70 -52.68 51.86
N THR K 100 44.10 -51.57 51.43
CA THR K 100 44.76 -50.31 51.14
C THR K 100 44.88 -49.41 52.37
N PHE K 101 44.30 -49.80 53.46
CA PHE K 101 44.27 -48.90 54.61
C PHE K 101 45.65 -48.84 55.29
N PRO K 102 46.17 -47.64 55.59
CA PRO K 102 47.50 -47.51 56.23
C PRO K 102 47.41 -47.60 57.75
N PHE K 103 47.10 -48.81 58.24
CA PHE K 103 46.98 -49.05 59.67
C PHE K 103 48.16 -48.45 60.41
N SER K 104 47.89 -47.72 61.48
CA SER K 104 48.98 -47.18 62.29
C SER K 104 49.33 -48.17 63.41
N LYS K 105 50.64 -48.25 63.70
CA LYS K 105 51.06 -49.03 64.86
C LYS K 105 50.36 -48.55 66.12
N LYS K 106 50.23 -47.23 66.27
CA LYS K 106 49.61 -46.64 67.45
C LYS K 106 48.18 -47.15 67.66
N GLU K 107 47.54 -47.65 66.62
CA GLU K 107 46.19 -48.20 66.73
C GLU K 107 46.12 -49.69 66.51
N PHE K 108 47.06 -50.27 65.77
CA PHE K 108 46.91 -51.65 65.36
C PHE K 108 48.07 -52.54 65.77
N GLY K 109 49.08 -51.99 66.45
CA GLY K 109 50.11 -52.78 67.08
C GLY K 109 51.24 -53.14 66.14
N GLU K 110 52.24 -53.77 66.71
CA GLU K 110 53.27 -54.38 65.88
C GLU K 110 52.62 -55.40 64.96
N GLY K 111 53.32 -55.76 63.90
CA GLY K 111 52.72 -56.53 62.85
C GLY K 111 52.25 -55.70 61.67
N VAL K 112 52.00 -54.40 61.89
CA VAL K 112 51.81 -53.48 60.77
C VAL K 112 53.09 -53.42 59.95
N LYS K 113 52.95 -53.60 58.64
CA LYS K 113 54.06 -53.51 57.71
C LYS K 113 53.92 -52.22 56.91
N ASP K 114 55.04 -51.52 56.74
CA ASP K 114 55.04 -50.28 55.98
C ASP K 114 54.78 -50.59 54.51
N GLY K 115 53.69 -50.04 53.96
CA GLY K 115 53.36 -50.27 52.57
C GLY K 115 53.95 -49.26 51.59
N PHE K 116 54.65 -48.24 52.06
CA PHE K 116 55.14 -47.20 51.16
C PHE K 116 56.05 -47.79 50.09
N GLN K 117 55.87 -47.32 48.86
CA GLN K 117 56.73 -47.68 47.74
C GLN K 117 57.06 -46.41 46.96
N ARG K 118 58.35 -46.24 46.65
CA ARG K 118 58.77 -45.14 45.79
C ARG K 118 58.27 -45.38 44.37
N ALA K 119 57.84 -44.31 43.71
CA ALA K 119 57.50 -44.35 42.30
C ALA K 119 58.66 -43.94 41.40
N GLY K 120 59.77 -43.49 41.98
CA GLY K 120 60.85 -42.92 41.18
C GLY K 120 60.54 -41.46 40.91
N ASP K 121 61.55 -40.76 40.41
CA ASP K 121 61.42 -39.32 40.25
C ASP K 121 60.32 -38.95 39.25
N THR K 122 59.76 -37.76 39.43
CA THR K 122 58.93 -37.13 38.42
C THR K 122 59.85 -36.20 37.65
N ILE K 123 59.93 -36.39 36.35
CA ILE K 123 60.85 -35.65 35.51
C ILE K 123 60.07 -34.94 34.43
N VAL K 124 60.19 -33.61 34.39
CA VAL K 124 59.65 -32.82 33.29
C VAL K 124 60.82 -32.32 32.44
N GLY K 125 60.78 -32.61 31.13
CA GLY K 125 61.85 -32.20 30.24
C GLY K 125 61.94 -30.70 30.04
N ASN K 126 62.64 -30.29 28.98
CA ASN K 126 62.80 -28.88 28.64
C ASN K 126 61.72 -28.46 27.64
N ASP K 127 61.38 -27.17 27.67
CA ASP K 127 60.39 -26.58 26.76
C ASP K 127 59.06 -27.32 26.87
N VAL K 128 58.62 -27.58 28.09
CA VAL K 128 57.34 -28.26 28.30
C VAL K 128 56.31 -27.26 28.77
N TRP K 129 55.12 -27.31 28.16
CA TRP K 129 53.98 -26.48 28.51
C TRP K 129 52.96 -27.33 29.23
N ILE K 130 52.66 -26.99 30.46
CA ILE K 130 51.68 -27.74 31.26
C ILE K 130 50.51 -26.83 31.53
N GLY K 131 49.33 -27.20 30.97
CA GLY K 131 48.14 -26.38 31.08
C GLY K 131 47.48 -26.37 32.46
N SER K 132 46.50 -25.47 32.60
CA SER K 132 45.90 -25.17 33.91
C SER K 132 45.24 -26.41 34.50
N GLU K 133 45.54 -26.68 35.77
CA GLU K 133 44.89 -27.73 36.54
C GLU K 133 45.15 -29.14 35.99
N ALA K 134 46.19 -29.31 35.18
CA ALA K 134 46.70 -30.65 34.88
C ALA K 134 47.22 -31.26 36.16
N MET K 135 47.14 -32.59 36.25
CA MET K 135 47.66 -33.31 37.42
C MET K 135 48.65 -34.34 36.92
N ILE K 136 49.89 -34.26 37.43
CA ILE K 136 51.00 -35.12 37.03
C ILE K 136 51.22 -36.12 38.16
N MET K 137 50.97 -37.40 37.89
CA MET K 137 51.00 -38.43 38.92
C MET K 137 52.45 -38.88 39.16
N PRO K 138 52.71 -39.61 40.25
CA PRO K 138 54.11 -39.95 40.59
C PRO K 138 54.80 -40.79 39.53
N GLY K 139 56.12 -40.60 39.41
CA GLY K 139 56.88 -41.49 38.59
C GLY K 139 56.97 -41.11 37.13
N VAL K 140 56.14 -40.18 36.63
CA VAL K 140 56.08 -40.00 35.19
C VAL K 140 57.25 -39.14 34.71
N HIS K 141 57.67 -39.42 33.49
CA HIS K 141 58.71 -38.68 32.77
C HIS K 141 58.02 -38.03 31.56
N ILE K 142 58.06 -36.70 31.46
CA ILE K 142 57.44 -35.96 30.33
C ILE K 142 58.57 -35.43 29.45
N GLY K 143 58.62 -35.90 28.21
CA GLY K 143 59.79 -35.63 27.38
C GLY K 143 59.79 -34.20 26.85
N ASP K 144 60.97 -33.79 26.39
CA ASP K 144 61.20 -32.44 25.87
C ASP K 144 60.09 -32.00 24.91
N GLY K 145 59.66 -30.75 25.05
CA GLY K 145 58.74 -30.18 24.07
C GLY K 145 57.31 -30.71 24.12
N ALA K 146 56.97 -31.55 25.10
CA ALA K 146 55.57 -31.95 25.23
C ALA K 146 54.68 -30.79 25.65
N ILE K 147 53.40 -30.92 25.29
CA ILE K 147 52.34 -30.05 25.75
C ILE K 147 51.34 -30.92 26.50
N ILE K 148 51.01 -30.52 27.73
CA ILE K 148 49.98 -31.18 28.54
C ILE K 148 48.77 -30.27 28.58
N GLY K 149 47.65 -30.75 28.03
CA GLY K 149 46.43 -29.96 28.02
C GLY K 149 45.93 -29.64 29.42
N ALA K 150 45.13 -28.57 29.50
CA ALA K 150 44.54 -28.19 30.77
C ALA K 150 43.64 -29.33 31.27
N ARG K 151 43.63 -29.51 32.56
CA ARG K 151 42.90 -30.58 33.26
C ARG K 151 43.35 -32.00 32.89
N ALA K 152 44.44 -32.18 32.14
CA ALA K 152 44.88 -33.54 31.81
C ALA K 152 45.33 -34.27 33.08
N VAL K 153 45.22 -35.59 33.08
CA VAL K 153 45.68 -36.41 34.21
C VAL K 153 46.73 -37.36 33.65
N ILE K 154 47.99 -37.12 33.99
CA ILE K 154 49.10 -37.80 33.33
C ILE K 154 49.60 -38.89 34.28
N THR K 155 49.47 -40.15 33.86
CA THR K 155 49.92 -41.27 34.67
C THR K 155 50.92 -42.14 33.92
N LYS K 156 51.20 -41.82 32.65
CA LYS K 156 52.14 -42.55 31.82
C LYS K 156 53.21 -41.58 31.31
N ASN K 157 54.40 -42.12 31.00
CA ASN K 157 55.42 -41.26 30.40
C ASN K 157 54.90 -40.64 29.10
N VAL K 158 55.34 -39.40 28.84
CA VAL K 158 54.92 -38.63 27.67
C VAL K 158 56.11 -38.48 26.74
N ALA K 159 55.99 -38.97 25.51
CA ALA K 159 57.12 -38.95 24.60
C ALA K 159 57.37 -37.53 24.12
N PRO K 160 58.61 -37.19 23.78
CA PRO K 160 58.95 -35.82 23.39
C PRO K 160 58.01 -35.26 22.32
N TYR K 161 57.59 -34.02 22.55
CA TYR K 161 56.85 -33.23 21.56
C TYR K 161 55.46 -33.80 21.30
N SER K 162 54.97 -34.65 22.21
CA SER K 162 53.59 -35.13 22.20
C SER K 162 52.68 -34.10 22.83
N VAL K 163 51.42 -34.10 22.37
CA VAL K 163 50.36 -33.29 22.95
C VAL K 163 49.38 -34.26 23.62
N VAL K 164 49.15 -34.09 24.91
CA VAL K 164 48.43 -35.08 25.72
C VAL K 164 47.35 -34.38 26.51
N VAL K 165 46.13 -34.93 26.49
CA VAL K 165 44.99 -34.36 27.19
C VAL K 165 44.25 -35.46 27.92
N GLY K 166 43.31 -35.04 28.77
CA GLY K 166 42.46 -35.99 29.48
C GLY K 166 43.26 -37.08 30.17
N ASN K 167 42.76 -38.31 30.02
CA ASN K 167 43.31 -39.51 30.65
C ASN K 167 44.44 -40.07 29.77
N ASN K 168 45.56 -39.33 29.74
CA ASN K 168 46.73 -39.76 28.97
C ASN K 168 46.42 -39.96 27.49
N VAL K 169 45.57 -39.09 26.91
CA VAL K 169 45.19 -39.24 25.51
C VAL K 169 46.17 -38.43 24.66
N VAL K 170 46.90 -39.10 23.78
CA VAL K 170 47.89 -38.42 22.94
C VAL K 170 47.17 -38.03 21.66
N VAL K 171 46.95 -36.74 21.48
CA VAL K 171 46.13 -36.27 20.37
C VAL K 171 46.98 -36.05 19.12
N LYS K 172 48.22 -35.61 19.28
CA LYS K 172 49.10 -35.42 18.13
C LYS K 172 50.53 -35.31 18.64
N LYS K 173 51.47 -35.29 17.68
CA LYS K 173 52.84 -34.83 17.85
C LYS K 173 52.98 -33.44 17.22
N ARG K 174 53.78 -32.59 17.85
CA ARG K 174 53.96 -31.22 17.37
C ARG K 174 54.62 -31.15 15.99
N PHE K 175 55.53 -32.07 15.68
CA PHE K 175 56.25 -32.01 14.40
C PHE K 175 56.47 -33.42 13.86
N ASP K 176 56.96 -33.52 12.62
CA ASP K 176 57.27 -34.82 12.04
C ASP K 176 58.40 -35.48 12.83
N GLU K 177 58.43 -36.82 12.76
CA GLU K 177 59.41 -37.58 13.54
C GLU K 177 60.85 -37.14 13.24
N ASN K 178 61.16 -36.85 11.99
CA ASN K 178 62.55 -36.46 11.70
C ASN K 178 62.86 -35.08 12.25
N LEU K 179 61.87 -34.18 12.28
CA LEU K 179 62.10 -32.86 12.86
C LEU K 179 62.24 -32.96 14.38
N ILE K 180 61.45 -33.83 15.00
CA ILE K 180 61.58 -34.06 16.44
C ILE K 180 62.98 -34.57 16.75
N GLN K 181 63.44 -35.55 15.99
CA GLN K 181 64.78 -36.10 16.24
C GLN K 181 65.86 -35.03 16.07
N THR K 182 65.65 -34.07 15.18
CA THR K 182 66.63 -33.01 15.00
C THR K 182 66.71 -32.12 16.24
N LEU K 183 65.56 -31.76 16.80
CA LEU K 183 65.54 -30.94 18.01
C LEU K 183 66.15 -31.66 19.20
N LEU K 184 65.88 -32.96 19.34
CA LEU K 184 66.50 -33.71 20.43
C LEU K 184 68.00 -33.81 20.28
N VAL K 185 68.54 -33.64 19.07
CA VAL K 185 69.99 -33.63 18.88
C VAL K 185 70.57 -32.27 19.23
N ILE K 186 69.99 -31.19 18.70
CA ILE K 186 70.63 -29.89 18.84
C ILE K 186 70.35 -29.21 20.18
N LYS K 187 69.31 -29.62 20.91
CA LYS K 187 69.01 -29.13 22.26
C LYS K 187 69.26 -27.64 22.43
N TRP K 188 68.45 -26.81 21.74
CA TRP K 188 68.63 -25.36 21.80
C TRP K 188 68.52 -24.82 23.22
N TRP K 189 67.78 -25.51 24.10
CA TRP K 189 67.66 -25.04 25.47
C TRP K 189 69.00 -25.06 26.21
N ASP K 190 70.00 -25.79 25.70
CA ASP K 190 71.28 -25.88 26.37
C ASP K 190 72.32 -24.94 25.78
N TRP K 191 71.97 -24.21 24.73
CA TRP K 191 72.89 -23.31 24.06
C TRP K 191 73.26 -22.14 24.97
N PRO K 192 74.47 -21.57 24.81
CA PRO K 192 74.78 -20.30 25.46
C PRO K 192 73.67 -19.29 25.17
N LEU K 193 73.35 -18.47 26.19
CA LEU K 193 72.21 -17.55 26.08
C LEU K 193 72.32 -16.68 24.83
N GLN K 194 73.53 -16.29 24.49
CA GLN K 194 73.75 -15.40 23.35
C GLN K 194 73.26 -16.03 22.06
N HIS K 195 73.54 -17.33 21.87
CA HIS K 195 73.03 -18.01 20.68
C HIS K 195 71.52 -18.09 20.68
N ILE K 196 70.91 -18.35 21.84
CA ILE K 196 69.44 -18.37 21.91
C ILE K 196 68.87 -17.02 21.49
N LYS K 197 69.47 -15.91 21.96
CA LYS K 197 69.04 -14.59 21.51
C LYS K 197 69.17 -14.46 19.99
N ASN K 198 70.32 -14.86 19.44
CA ASN K 198 70.56 -14.64 18.02
C ASN K 198 69.61 -15.43 17.15
N THR K 199 69.17 -16.60 17.60
CA THR K 199 68.24 -17.41 16.81
C THR K 199 66.80 -17.21 17.24
N MET K 200 66.52 -16.20 18.07
CA MET K 200 65.18 -16.00 18.59
C MET K 200 64.16 -15.88 17.47
N GLU K 201 64.52 -15.19 16.38
CA GLU K 201 63.64 -15.09 15.23
C GLU K 201 63.32 -16.46 14.66
N ILE K 202 64.24 -17.41 14.74
CA ILE K 202 63.93 -18.75 14.26
C ILE K 202 63.06 -19.50 15.26
N LEU K 203 63.41 -19.41 16.56
CA LEU K 203 62.64 -20.12 17.58
C LEU K 203 61.18 -19.65 17.59
N CYS K 204 60.93 -18.38 17.29
CA CYS K 204 59.55 -17.92 17.14
C CYS K 204 59.04 -18.15 15.73
N SER K 205 59.12 -19.40 15.27
CA SER K 205 58.67 -19.80 13.94
C SER K 205 58.73 -21.31 13.93
N GLY K 206 58.32 -21.90 12.80
CA GLY K 206 58.41 -23.34 12.62
C GLY K 206 59.61 -23.85 11.86
N HIS K 207 60.60 -22.99 11.59
CA HIS K 207 61.71 -23.33 10.67
C HIS K 207 62.78 -24.13 11.41
N ILE K 208 62.43 -25.39 11.72
CA ILE K 208 63.34 -26.26 12.48
C ILE K 208 64.63 -26.48 11.71
N GLU K 209 64.54 -26.62 10.39
CA GLU K 209 65.75 -26.83 9.60
C GLU K 209 66.67 -25.60 9.61
N GLU K 210 66.10 -24.39 9.65
CA GLU K 210 66.97 -23.21 9.80
C GLU K 210 67.66 -23.20 11.14
N LEU K 211 66.97 -23.67 12.20
CA LEU K 211 67.61 -23.76 13.51
C LEU K 211 68.74 -24.79 13.48
N GLU K 212 68.50 -25.91 12.78
CA GLU K 212 69.53 -26.92 12.59
C GLU K 212 70.74 -26.34 11.88
N GLN K 213 70.51 -25.54 10.83
CA GLN K 213 71.62 -24.90 10.14
C GLN K 213 72.36 -23.93 11.06
N TYR K 214 71.62 -23.17 11.86
CA TYR K 214 72.27 -22.26 12.80
C TYR K 214 73.21 -23.01 13.74
N PHE K 215 72.74 -24.15 14.26
CA PHE K 215 73.55 -24.99 15.14
C PHE K 215 74.83 -25.49 14.46
N ILE K 216 74.69 -26.08 13.27
CA ILE K 216 75.83 -26.65 12.57
C ILE K 216 76.92 -25.61 12.33
N LYS K 217 76.52 -24.36 12.08
CA LYS K 217 77.49 -23.31 11.77
C LYS K 217 78.06 -22.63 13.01
N ASN K 218 77.26 -22.41 14.05
CA ASN K 218 77.62 -21.53 15.16
C ASN K 218 77.76 -22.21 16.51
N VAL K 219 77.06 -23.33 16.76
CA VAL K 219 77.07 -23.97 18.07
C VAL K 219 77.89 -25.25 18.02
N GLY K 220 77.35 -26.29 17.39
CA GLY K 220 78.07 -27.54 17.19
C GLY K 220 78.28 -28.38 18.43
N MET L 4 43.01 -21.19 62.90
CA MET L 4 42.28 -22.00 61.93
C MET L 4 43.20 -22.87 61.09
N GLU L 5 43.07 -24.19 61.26
CA GLU L 5 43.78 -25.18 60.44
C GLU L 5 43.20 -26.57 60.69
N ALA L 6 42.30 -27.02 59.81
CA ALA L 6 41.76 -28.36 59.93
C ALA L 6 42.84 -29.43 59.76
N PHE L 7 43.97 -29.07 59.16
CA PHE L 7 45.11 -29.96 59.01
C PHE L 7 46.37 -29.12 59.15
N ASN L 8 47.24 -29.49 60.09
CA ASN L 8 48.48 -28.73 60.23
C ASN L 8 49.50 -29.09 59.16
N SER L 9 49.36 -30.25 58.52
CA SER L 9 50.25 -30.67 57.44
C SER L 9 49.58 -31.86 56.78
N TRP L 10 50.12 -32.27 55.64
CA TRP L 10 49.57 -33.42 54.92
C TRP L 10 50.06 -34.75 55.49
N LEU L 11 50.83 -34.73 56.57
CA LEU L 11 51.05 -35.97 57.31
C LEU L 11 49.84 -36.36 58.16
N GLU L 12 48.82 -35.50 58.26
CA GLU L 12 47.72 -35.67 59.20
C GLU L 12 46.43 -36.06 58.50
N GLY L 13 45.73 -37.03 59.09
CA GLY L 13 44.41 -37.43 58.63
C GLY L 13 43.39 -37.22 59.73
N GLN L 14 42.14 -37.03 59.33
CA GLN L 14 41.06 -36.76 60.26
C GLN L 14 40.17 -37.99 60.36
N ASN L 15 40.09 -38.58 61.56
CA ASN L 15 39.14 -39.67 61.76
C ASN L 15 37.69 -39.19 61.60
N LEU L 16 36.96 -39.76 60.65
CA LEU L 16 35.66 -39.19 60.29
C LEU L 16 34.61 -39.46 61.35
N LYS L 17 34.58 -40.68 61.90
CA LYS L 17 33.55 -41.01 62.88
C LYS L 17 33.55 -40.07 64.07
N GLU L 18 34.72 -39.54 64.45
CA GLU L 18 34.78 -38.68 65.63
C GLU L 18 34.35 -37.25 65.35
N GLN L 19 34.34 -36.83 64.07
CA GLN L 19 34.07 -35.45 63.69
C GLN L 19 32.72 -35.22 63.01
N VAL L 20 32.23 -36.17 62.20
CA VAL L 20 31.05 -35.90 61.39
C VAL L 20 29.84 -35.65 62.29
N LYS L 21 29.09 -34.60 61.98
CA LYS L 21 27.90 -34.25 62.73
C LYS L 21 26.63 -34.22 61.89
N ASN L 22 26.73 -34.16 60.56
CA ASN L 22 25.51 -34.18 59.74
C ASN L 22 24.71 -35.45 60.02
N PRO L 23 23.41 -35.35 60.32
CA PRO L 23 22.62 -36.58 60.52
C PRO L 23 22.41 -37.36 59.24
N ASN L 24 22.58 -36.72 58.09
CA ASN L 24 22.45 -37.38 56.80
C ASN L 24 23.75 -38.04 56.31
N ILE L 25 24.79 -38.11 57.15
CA ILE L 25 26.03 -38.83 56.84
C ILE L 25 26.22 -39.95 57.85
N GLU L 26 26.63 -41.12 57.37
CA GLU L 26 27.04 -42.25 58.21
C GLU L 26 28.44 -42.67 57.77
N VAL L 27 29.37 -42.78 58.72
CA VAL L 27 30.72 -43.20 58.39
C VAL L 27 31.19 -44.22 59.42
N GLY L 28 31.93 -45.25 58.95
CA GLY L 28 32.38 -46.32 59.80
C GLY L 28 33.74 -46.08 60.47
N ASP L 29 34.06 -46.97 61.41
CA ASP L 29 35.29 -46.88 62.19
C ASP L 29 36.52 -46.73 61.30
N TYR L 30 37.50 -45.97 61.80
CA TYR L 30 38.84 -45.78 61.22
C TYR L 30 38.92 -45.03 59.89
N SER L 31 37.81 -44.86 59.16
CA SER L 31 37.87 -44.10 57.91
C SER L 31 38.25 -42.65 58.17
N TYR L 32 39.03 -42.06 57.27
CA TYR L 32 39.70 -40.80 57.55
C TYR L 32 39.67 -39.93 56.31
N TYR L 33 39.82 -38.63 56.51
CA TYR L 33 39.96 -37.68 55.41
C TYR L 33 41.30 -36.98 55.59
N SER L 34 42.10 -37.00 54.55
CA SER L 34 43.43 -36.37 54.60
C SER L 34 43.38 -35.16 53.68
N GLY L 35 42.87 -34.04 54.21
CA GLY L 35 42.42 -32.95 53.36
C GLY L 35 43.26 -31.68 53.43
N PHE L 36 44.53 -31.82 53.79
CA PHE L 36 45.40 -30.66 53.96
C PHE L 36 45.42 -29.74 52.74
N TYR L 37 45.43 -30.30 51.53
CA TYR L 37 45.62 -29.44 50.35
C TYR L 37 44.35 -28.74 49.90
N HIS L 38 43.21 -29.01 50.55
CA HIS L 38 41.99 -28.26 50.31
C HIS L 38 41.47 -27.64 51.61
N SER L 39 42.29 -27.68 52.67
CA SER L 39 42.18 -26.83 53.86
C SER L 39 40.99 -27.13 54.78
N LYS L 40 39.77 -27.14 54.27
CA LYS L 40 38.62 -27.20 55.17
C LYS L 40 38.26 -28.64 55.54
N THR L 41 37.29 -28.75 56.44
CA THR L 41 36.95 -30.05 56.97
C THR L 41 36.18 -30.87 55.95
N PHE L 42 36.11 -32.18 56.23
CA PHE L 42 35.40 -33.10 55.35
C PHE L 42 33.97 -32.65 55.08
N GLU L 43 33.24 -32.23 56.12
CA GLU L 43 31.85 -31.82 55.92
C GLU L 43 31.70 -30.44 55.28
N GLU L 44 32.73 -29.59 55.35
CA GLU L 44 32.66 -28.29 54.70
C GLU L 44 33.06 -28.37 53.23
N GLN L 45 34.03 -29.22 52.91
CA GLN L 45 34.71 -29.23 51.62
C GLN L 45 34.42 -30.45 50.76
N ALA L 46 34.44 -31.66 51.33
CA ALA L 46 34.28 -32.87 50.53
C ALA L 46 32.81 -33.25 50.30
N VAL L 47 31.94 -33.02 51.28
CA VAL L 47 30.53 -33.38 51.16
C VAL L 47 29.73 -32.15 50.77
N ARG L 48 29.17 -32.15 49.55
CA ARG L 48 28.52 -30.97 48.99
C ARG L 48 27.04 -31.14 48.69
N TYR L 49 26.27 -30.12 49.07
CA TYR L 49 24.85 -30.01 48.77
C TYR L 49 24.03 -30.97 49.62
N LEU L 50 24.54 -31.35 50.79
CA LEU L 50 23.82 -32.28 51.67
C LEU L 50 23.15 -31.47 52.78
N LEU L 51 21.81 -31.38 52.71
CA LEU L 51 21.03 -30.67 53.72
C LEU L 51 21.41 -31.14 55.11
N GLY L 52 21.45 -30.19 56.03
CA GLY L 52 21.81 -30.45 57.40
C GLY L 52 23.25 -30.14 57.70
N ASP L 53 24.02 -29.71 56.70
CA ASP L 53 25.37 -29.24 56.94
C ASP L 53 25.32 -27.86 57.59
N ALA L 54 26.50 -27.26 57.76
CA ALA L 54 26.56 -25.98 58.47
C ALA L 54 25.83 -24.86 57.75
N PRO L 55 25.86 -24.72 56.42
CA PRO L 55 25.06 -23.66 55.77
C PRO L 55 23.57 -23.88 55.87
N THR L 56 23.11 -25.14 55.97
CA THR L 56 21.67 -25.40 55.90
C THR L 56 21.11 -26.02 57.18
N GLN L 57 21.87 -26.03 58.28
CA GLN L 57 21.42 -26.73 59.49
C GLN L 57 20.08 -26.18 59.99
N GLU L 58 19.95 -24.85 60.06
CA GLU L 58 18.74 -24.28 60.63
C GLU L 58 17.54 -24.48 59.70
N VAL L 59 17.78 -24.40 58.39
CA VAL L 59 16.70 -24.73 57.43
C VAL L 59 16.31 -26.20 57.56
N TRP L 60 17.29 -27.08 57.72
CA TRP L 60 17.01 -28.51 57.88
C TRP L 60 16.25 -28.76 59.18
N GLU L 61 16.72 -28.16 60.28
CA GLU L 61 16.18 -28.45 61.59
C GLU L 61 14.77 -27.88 61.79
N SER L 62 14.30 -27.05 60.86
CA SER L 62 12.89 -26.63 60.85
C SER L 62 11.94 -27.77 60.51
N GLY L 63 12.46 -28.90 60.02
CA GLY L 63 11.64 -30.04 59.66
C GLY L 63 10.87 -29.87 58.36
N GLN L 64 11.10 -28.78 57.64
CA GLN L 64 10.35 -28.49 56.43
C GLN L 64 10.49 -29.59 55.40
N PHE L 65 11.72 -30.09 55.21
CA PHE L 65 12.00 -31.08 54.17
C PHE L 65 11.53 -32.45 54.59
N GLY L 66 11.59 -33.37 53.64
CA GLY L 66 11.33 -34.78 53.88
C GLY L 66 12.64 -35.53 54.04
N GLU L 67 12.66 -36.77 53.57
CA GLU L 67 13.91 -37.52 53.56
C GLU L 67 14.68 -37.19 52.30
N VAL L 68 15.99 -37.11 52.44
CA VAL L 68 16.89 -36.79 51.34
C VAL L 68 17.92 -37.92 51.22
N ASP L 69 18.69 -37.87 50.14
CA ASP L 69 19.74 -38.86 49.95
C ASP L 69 20.82 -38.72 51.01
N LYS L 70 21.20 -39.84 51.59
CA LYS L 70 22.23 -39.87 52.61
C LYS L 70 23.53 -40.35 52.00
N LEU L 71 24.62 -40.02 52.66
CA LEU L 71 25.94 -40.43 52.27
C LEU L 71 26.39 -41.43 53.31
N ARG L 72 26.68 -42.67 52.88
CA ARG L 72 27.11 -43.71 53.81
C ARG L 72 28.48 -44.21 53.41
N ILE L 73 29.41 -44.17 54.34
CA ILE L 73 30.80 -44.57 54.11
C ILE L 73 31.10 -45.68 55.08
N GLY L 74 31.78 -46.73 54.60
CA GLY L 74 32.05 -47.89 55.43
C GLY L 74 33.28 -47.69 56.27
N LYS L 75 33.88 -48.81 56.68
CA LYS L 75 35.03 -48.81 57.57
C LYS L 75 36.34 -48.90 56.79
N PHE L 76 37.42 -48.45 57.44
CA PHE L 76 38.76 -48.47 56.86
C PHE L 76 38.79 -47.89 55.44
N CYS L 77 38.08 -46.80 55.23
CA CYS L 77 38.21 -46.08 53.96
C CYS L 77 39.27 -44.99 54.05
N SER L 78 40.01 -44.81 52.95
CA SER L 78 41.06 -43.79 52.84
C SER L 78 40.60 -42.77 51.82
N ILE L 79 40.34 -41.54 52.26
CA ILE L 79 39.77 -40.50 51.39
C ILE L 79 40.77 -39.35 51.27
N ALA L 80 41.33 -39.19 50.09
CA ALA L 80 42.41 -38.22 49.89
C ALA L 80 41.85 -36.81 49.69
N SER L 81 42.77 -35.84 49.63
CA SER L 81 42.41 -34.43 49.70
C SER L 81 41.53 -34.02 48.52
N GLY L 82 40.51 -33.22 48.82
CA GLY L 82 39.66 -32.71 47.76
C GLY L 82 38.75 -33.73 47.10
N ALA L 83 38.70 -34.96 47.59
CA ALA L 83 37.69 -35.87 47.09
C ALA L 83 36.34 -35.25 47.39
N THR L 84 35.40 -35.38 46.46
CA THR L 84 34.13 -34.69 46.63
C THR L 84 32.97 -35.65 46.42
N PHE L 85 31.97 -35.52 47.30
CA PHE L 85 30.74 -36.30 47.25
C PHE L 85 29.60 -35.36 46.86
N MET L 86 29.09 -35.52 45.66
CA MET L 86 28.02 -34.64 45.16
C MET L 86 26.67 -35.21 45.60
N MET L 87 25.96 -34.50 46.50
CA MET L 87 24.64 -34.93 46.98
C MET L 87 23.56 -34.06 46.36
N ALA L 88 22.35 -34.17 46.91
CA ALA L 88 21.12 -33.47 46.46
C ALA L 88 20.68 -33.84 45.04
N GLY L 89 21.11 -34.98 44.51
CA GLY L 89 20.41 -35.52 43.34
C GLY L 89 20.62 -34.66 42.11
N ASN L 90 19.53 -34.30 41.42
CA ASN L 90 19.64 -33.42 40.26
C ASN L 90 19.61 -31.93 40.60
N GLN L 91 19.57 -31.58 41.89
CA GLN L 91 19.50 -30.18 42.31
C GLN L 91 18.38 -29.43 41.57
N GLY L 92 17.28 -30.13 41.31
CA GLY L 92 16.11 -29.52 40.70
C GLY L 92 16.17 -29.40 39.19
N HIS L 93 17.28 -29.75 38.56
CA HIS L 93 17.42 -29.62 37.11
C HIS L 93 16.97 -30.88 36.42
N ARG L 94 15.90 -30.79 35.61
CA ARG L 94 15.43 -31.99 34.92
C ARG L 94 15.76 -31.94 33.43
N ALA L 95 16.67 -32.83 33.01
CA ALA L 95 17.00 -32.89 31.60
C ALA L 95 15.83 -33.33 30.73
N ASP L 96 14.85 -34.04 31.30
CA ASP L 96 13.71 -34.55 30.56
C ASP L 96 12.57 -33.54 30.49
N TRP L 97 12.69 -32.43 31.21
CA TRP L 97 11.76 -31.32 31.04
C TRP L 97 12.29 -30.39 29.96
N ILE L 98 11.44 -29.48 29.51
CA ILE L 98 11.81 -28.60 28.39
C ILE L 98 12.98 -27.73 28.77
N SER L 99 12.93 -27.14 29.95
CA SER L 99 14.04 -26.34 30.46
C SER L 99 14.66 -27.01 31.69
N THR L 100 15.97 -26.90 31.82
CA THR L 100 16.68 -27.26 33.04
C THR L 100 16.73 -26.09 34.01
N PHE L 101 16.09 -24.96 33.68
CA PHE L 101 16.28 -23.81 34.56
C PHE L 101 15.35 -23.90 35.77
N PRO L 102 15.83 -23.59 36.98
CA PRO L 102 14.94 -23.73 38.16
C PRO L 102 14.20 -22.44 38.50
N PHE L 103 13.18 -22.15 37.69
CA PHE L 103 12.42 -20.92 37.86
C PHE L 103 11.92 -20.78 39.29
N SER L 104 12.07 -19.59 39.85
CA SER L 104 11.49 -19.36 41.16
C SER L 104 10.00 -18.98 41.06
N LYS L 105 9.22 -19.49 42.01
CA LYS L 105 7.85 -19.01 42.16
C LYS L 105 7.79 -17.50 42.30
N LYS L 106 8.76 -16.88 42.99
CA LYS L 106 8.72 -15.43 43.15
C LYS L 106 8.81 -14.69 41.82
N GLU L 107 9.53 -15.25 40.85
CA GLU L 107 9.71 -14.60 39.55
C GLU L 107 8.76 -15.12 38.49
N PHE L 108 8.26 -16.34 38.61
CA PHE L 108 7.53 -16.93 37.52
C PHE L 108 6.13 -17.43 37.87
N GLY L 109 5.67 -17.23 39.10
CA GLY L 109 4.32 -17.58 39.48
C GLY L 109 4.11 -19.03 39.90
N GLU L 110 2.82 -19.33 40.10
CA GLU L 110 2.40 -20.57 40.73
C GLU L 110 2.37 -21.76 39.76
N GLY L 111 2.67 -21.53 38.48
CA GLY L 111 2.82 -22.62 37.55
C GLY L 111 4.08 -23.43 37.74
N VAL L 112 5.07 -22.88 38.46
CA VAL L 112 6.34 -23.56 38.65
C VAL L 112 6.12 -24.91 39.34
N LYS L 113 6.74 -25.96 38.80
CA LYS L 113 6.74 -27.30 39.39
C LYS L 113 8.13 -27.63 39.92
N ASP L 114 8.18 -28.32 41.05
CA ASP L 114 9.45 -28.73 41.65
C ASP L 114 10.07 -29.88 40.85
N GLY L 115 11.25 -29.63 40.28
CA GLY L 115 11.90 -30.68 39.53
C GLY L 115 12.83 -31.55 40.34
N PHE L 116 13.05 -31.25 41.62
CA PHE L 116 13.97 -32.06 42.42
C PHE L 116 13.56 -33.53 42.35
N GLN L 117 14.56 -34.39 42.26
CA GLN L 117 14.37 -35.83 42.27
C GLN L 117 15.54 -36.43 43.04
N ARG L 118 15.25 -37.25 44.05
CA ARG L 118 16.31 -37.99 44.72
C ARG L 118 17.00 -38.94 43.75
N ALA L 119 18.28 -39.18 44.03
CA ALA L 119 19.08 -40.13 43.26
C ALA L 119 19.34 -41.42 44.02
N GLY L 120 18.87 -41.54 45.26
CA GLY L 120 19.26 -42.61 46.17
C GLY L 120 20.56 -42.27 46.89
N ASP L 121 20.84 -43.01 47.96
CA ASP L 121 22.03 -42.78 48.76
C ASP L 121 23.31 -42.94 47.93
N THR L 122 24.33 -42.17 48.31
CA THR L 122 25.69 -42.49 47.91
C THR L 122 26.25 -43.44 48.96
N ILE L 123 26.74 -44.59 48.52
CA ILE L 123 27.24 -45.65 49.42
C ILE L 123 28.70 -45.94 49.08
N VAL L 124 29.59 -45.72 50.04
CA VAL L 124 31.00 -46.13 49.90
C VAL L 124 31.19 -47.34 50.78
N GLY L 125 31.66 -48.44 50.19
CA GLY L 125 31.82 -49.69 50.93
C GLY L 125 33.00 -49.67 51.90
N ASN L 126 33.43 -50.83 52.39
CA ASN L 126 34.56 -50.88 53.30
C ASN L 126 35.89 -50.98 52.53
N ASP L 127 36.95 -50.50 53.17
CA ASP L 127 38.32 -50.62 52.64
C ASP L 127 38.44 -50.04 51.23
N VAL L 128 37.83 -48.88 51.03
CA VAL L 128 37.88 -48.21 49.74
C VAL L 128 38.82 -47.04 49.83
N TRP L 129 39.67 -46.89 48.80
CA TRP L 129 40.65 -45.82 48.69
C TRP L 129 40.18 -44.85 47.60
N ILE L 130 39.93 -43.59 47.97
CA ILE L 130 39.41 -42.59 47.04
C ILE L 130 40.51 -41.56 46.84
N GLY L 131 41.04 -41.50 45.62
CA GLY L 131 42.18 -40.64 45.34
C GLY L 131 41.84 -39.16 45.31
N SER L 132 42.90 -38.35 45.35
CA SER L 132 42.77 -36.91 45.46
C SER L 132 41.91 -36.32 44.33
N GLU L 133 40.96 -35.46 44.70
CA GLU L 133 40.17 -34.69 43.76
C GLU L 133 39.24 -35.57 42.91
N ALA L 134 38.97 -36.80 43.35
CA ALA L 134 37.93 -37.59 42.73
C ALA L 134 36.57 -36.93 42.98
N MET L 135 35.67 -37.07 42.03
CA MET L 135 34.31 -36.59 42.22
C MET L 135 33.32 -37.75 42.15
N ILE L 136 32.62 -37.98 43.24
CA ILE L 136 31.60 -39.02 43.30
C ILE L 136 30.21 -38.38 43.10
N MET L 137 29.55 -38.73 42.00
CA MET L 137 28.25 -38.15 41.63
C MET L 137 27.10 -38.84 42.39
N PRO L 138 25.88 -38.25 42.43
CA PRO L 138 24.82 -38.81 43.31
C PRO L 138 24.37 -40.23 42.95
N GLY L 139 23.89 -40.95 43.96
CA GLY L 139 23.32 -42.24 43.72
C GLY L 139 24.29 -43.39 43.53
N VAL L 140 25.61 -43.11 43.58
CA VAL L 140 26.64 -44.10 43.26
C VAL L 140 26.88 -45.04 44.44
N HIS L 141 27.08 -46.32 44.15
CA HIS L 141 27.51 -47.31 45.13
C HIS L 141 28.89 -47.83 44.76
N ILE L 142 29.87 -47.56 45.61
CA ILE L 142 31.24 -48.03 45.41
C ILE L 142 31.46 -49.23 46.30
N GLY L 143 31.72 -50.39 45.68
CA GLY L 143 31.77 -51.64 46.42
C GLY L 143 33.03 -51.77 47.29
N ASP L 144 33.02 -52.77 48.17
CA ASP L 144 34.14 -52.96 49.09
C ASP L 144 35.44 -53.16 48.32
N GLY L 145 36.52 -52.57 48.86
CA GLY L 145 37.86 -52.79 48.32
C GLY L 145 38.15 -52.11 47.02
N ALA L 146 37.24 -51.27 46.51
CA ALA L 146 37.54 -50.56 45.29
C ALA L 146 38.66 -49.54 45.51
N ILE L 147 39.26 -49.11 44.40
CA ILE L 147 40.20 -48.01 44.38
C ILE L 147 39.71 -47.03 43.33
N ILE L 148 39.46 -45.78 43.74
CA ILE L 148 39.07 -44.69 42.84
C ILE L 148 40.32 -43.85 42.59
N GLY L 149 40.74 -43.77 41.33
CA GLY L 149 41.93 -43.00 41.01
C GLY L 149 41.76 -41.52 41.25
N ALA L 150 42.89 -40.85 41.44
CA ALA L 150 42.87 -39.39 41.54
C ALA L 150 42.18 -38.79 40.32
N ARG L 151 41.34 -37.77 40.55
CA ARG L 151 40.61 -37.04 39.50
C ARG L 151 39.56 -37.87 38.77
N ALA L 152 39.25 -39.08 39.23
CA ALA L 152 38.17 -39.85 38.64
C ALA L 152 36.83 -39.14 38.84
N VAL L 153 35.96 -39.25 37.85
CA VAL L 153 34.59 -38.74 37.95
C VAL L 153 33.69 -39.97 37.91
N ILE L 154 33.09 -40.32 39.04
CA ILE L 154 32.36 -41.57 39.16
C ILE L 154 30.86 -41.30 39.11
N THR L 155 30.22 -41.82 38.06
CA THR L 155 28.78 -41.64 37.84
C THR L 155 28.05 -42.96 37.75
N LYS L 156 28.76 -44.10 37.81
CA LYS L 156 28.14 -45.41 37.78
C LYS L 156 28.69 -46.22 38.95
N ASN L 157 27.94 -47.25 39.34
CA ASN L 157 28.39 -48.13 40.40
C ASN L 157 29.75 -48.75 40.06
N VAL L 158 30.52 -49.01 41.12
CA VAL L 158 31.87 -49.57 41.04
C VAL L 158 31.86 -50.92 41.74
N ALA L 159 32.21 -51.97 41.00
CA ALA L 159 32.15 -53.31 41.54
C ALA L 159 33.24 -53.51 42.59
N PRO L 160 33.01 -54.36 43.59
CA PRO L 160 34.02 -54.55 44.63
C PRO L 160 35.41 -54.82 44.06
N TYR L 161 36.41 -54.19 44.67
CA TYR L 161 37.84 -54.40 44.35
C TYR L 161 38.19 -54.01 42.91
N SER L 162 37.34 -53.21 42.28
CA SER L 162 37.65 -52.61 40.99
C SER L 162 38.58 -51.43 41.18
N VAL L 163 39.41 -51.17 40.18
CA VAL L 163 40.21 -49.97 40.10
C VAL L 163 39.66 -49.12 38.97
N VAL L 164 39.21 -47.90 39.29
CA VAL L 164 38.43 -47.07 38.38
C VAL L 164 39.06 -45.69 38.32
N VAL L 165 39.35 -45.22 37.11
CA VAL L 165 39.97 -43.91 36.92
C VAL L 165 39.17 -43.14 35.88
N GLY L 166 39.51 -41.86 35.72
CA GLY L 166 38.93 -41.07 34.65
C GLY L 166 37.41 -41.07 34.65
N ASN L 167 36.83 -41.21 33.46
CA ASN L 167 35.39 -41.18 33.23
C ASN L 167 34.84 -42.61 33.34
N ASN L 168 34.73 -43.07 34.59
CA ASN L 168 34.31 -44.43 34.93
C ASN L 168 35.03 -45.51 34.11
N VAL L 169 36.36 -45.40 34.03
CA VAL L 169 37.19 -46.38 33.33
C VAL L 169 37.70 -47.43 34.31
N VAL L 170 37.29 -48.67 34.12
CA VAL L 170 37.71 -49.77 34.98
C VAL L 170 38.98 -50.36 34.38
N VAL L 171 40.11 -50.15 35.05
CA VAL L 171 41.39 -50.59 34.50
C VAL L 171 41.67 -52.04 34.84
N LYS L 172 41.30 -52.47 36.04
CA LYS L 172 41.52 -53.86 36.45
C LYS L 172 40.78 -54.12 37.75
N LYS L 173 40.67 -55.40 38.08
CA LYS L 173 40.28 -55.85 39.40
C LYS L 173 41.53 -56.12 40.23
N ARG L 174 41.44 -55.86 41.54
CA ARG L 174 42.59 -56.03 42.44
C ARG L 174 43.10 -57.47 42.45
N PHE L 175 42.19 -58.46 42.44
CA PHE L 175 42.54 -59.87 42.54
C PHE L 175 41.65 -60.67 41.59
N ASP L 176 41.91 -61.97 41.53
CA ASP L 176 41.07 -62.85 40.71
C ASP L 176 39.70 -63.02 41.34
N GLU L 177 38.72 -63.37 40.49
CA GLU L 177 37.32 -63.37 40.92
C GLU L 177 37.10 -64.29 42.11
N ASN L 178 37.77 -65.44 42.13
CA ASN L 178 37.56 -66.37 43.24
C ASN L 178 38.12 -65.80 44.54
N LEU L 179 39.24 -65.07 44.45
CA LEU L 179 39.79 -64.45 45.65
C LEU L 179 38.96 -63.27 46.11
N ILE L 180 38.34 -62.54 45.17
CA ILE L 180 37.41 -61.47 45.52
C ILE L 180 36.24 -62.03 46.33
N GLN L 181 35.66 -63.13 45.86
CA GLN L 181 34.52 -63.70 46.55
C GLN L 181 34.91 -64.23 47.93
N THR L 182 36.14 -64.73 48.08
CA THR L 182 36.61 -65.11 49.41
C THR L 182 36.56 -63.93 50.36
N LEU L 183 37.06 -62.78 49.92
CA LEU L 183 37.11 -61.60 50.78
C LEU L 183 35.72 -61.05 51.09
N LEU L 184 34.79 -61.17 50.15
CA LEU L 184 33.45 -60.67 50.39
C LEU L 184 32.65 -61.57 51.32
N VAL L 185 33.16 -62.77 51.60
CA VAL L 185 32.52 -63.66 52.58
C VAL L 185 33.12 -63.46 53.97
N ILE L 186 34.44 -63.32 54.08
CA ILE L 186 35.05 -63.25 55.40
C ILE L 186 34.94 -61.84 56.01
N LYS L 187 34.83 -60.80 55.19
CA LYS L 187 34.53 -59.44 55.66
C LYS L 187 35.41 -59.04 56.84
N TRP L 188 36.74 -59.01 56.61
CA TRP L 188 37.66 -58.80 57.71
C TRP L 188 37.43 -57.48 58.43
N TRP L 189 36.81 -56.49 57.77
CA TRP L 189 36.55 -55.22 58.41
C TRP L 189 35.56 -55.35 59.56
N ASP L 190 34.81 -56.43 59.61
CA ASP L 190 33.85 -56.62 60.68
C ASP L 190 34.39 -57.45 61.83
N TRP L 191 35.63 -57.96 61.74
CA TRP L 191 36.20 -58.76 62.82
C TRP L 191 36.41 -57.90 64.06
N PRO L 192 36.28 -58.49 65.26
CA PRO L 192 36.73 -57.81 66.48
C PRO L 192 38.13 -57.28 66.32
N LEU L 193 38.44 -56.20 67.03
CA LEU L 193 39.68 -55.45 66.81
C LEU L 193 40.91 -56.30 67.10
N GLN L 194 40.83 -57.26 68.02
CA GLN L 194 42.02 -58.06 68.30
C GLN L 194 42.29 -59.07 67.19
N HIS L 195 41.24 -59.53 66.49
CA HIS L 195 41.46 -60.44 65.37
C HIS L 195 42.08 -59.71 64.19
N ILE L 196 41.70 -58.45 63.97
CA ILE L 196 42.39 -57.65 62.95
C ILE L 196 43.86 -57.47 63.33
N LYS L 197 44.15 -57.23 64.60
CA LYS L 197 45.55 -57.06 65.00
C LYS L 197 46.35 -58.34 64.79
N ASN L 198 45.80 -59.48 65.23
CA ASN L 198 46.52 -60.74 65.11
C ASN L 198 46.76 -61.13 63.65
N THR L 199 45.91 -60.66 62.74
CA THR L 199 46.08 -60.94 61.32
C THR L 199 46.79 -59.83 60.55
N MET L 200 47.27 -58.80 61.25
CA MET L 200 47.78 -57.63 60.56
C MET L 200 48.93 -57.98 59.64
N GLU L 201 49.77 -58.97 60.01
CA GLU L 201 50.84 -59.40 59.11
C GLU L 201 50.28 -60.01 57.84
N ILE L 202 49.12 -60.67 57.93
CA ILE L 202 48.46 -61.18 56.74
C ILE L 202 47.80 -60.05 55.96
N LEU L 203 47.18 -59.11 56.67
CA LEU L 203 46.52 -58.00 55.98
C LEU L 203 47.53 -57.20 55.17
N CYS L 204 48.74 -57.03 55.70
CA CYS L 204 49.78 -56.30 54.96
C CYS L 204 50.56 -57.26 54.07
N SER L 205 49.83 -57.90 53.16
CA SER L 205 50.38 -58.89 52.23
C SER L 205 49.26 -59.28 51.28
N GLY L 206 49.57 -60.16 50.34
CA GLY L 206 48.55 -60.60 49.40
C GLY L 206 48.10 -62.03 49.59
N HIS L 207 48.32 -62.59 50.77
CA HIS L 207 47.97 -63.98 51.05
C HIS L 207 46.51 -64.07 51.47
N ILE L 208 45.63 -63.88 50.49
CA ILE L 208 44.19 -63.92 50.75
C ILE L 208 43.78 -65.28 51.30
N GLU L 209 44.25 -66.37 50.68
CA GLU L 209 43.89 -67.69 51.14
C GLU L 209 44.44 -67.97 52.53
N GLU L 210 45.56 -67.34 52.89
CA GLU L 210 46.03 -67.39 54.27
C GLU L 210 45.08 -66.64 55.21
N LEU L 211 44.60 -65.47 54.80
CA LEU L 211 43.63 -64.76 55.64
C LEU L 211 42.37 -65.63 55.83
N GLU L 212 41.96 -66.33 54.76
CA GLU L 212 40.79 -67.20 54.84
C GLU L 212 41.02 -68.34 55.82
N GLN L 213 42.22 -68.92 55.85
CA GLN L 213 42.52 -69.98 56.83
C GLN L 213 42.32 -69.45 58.24
N TYR L 214 42.80 -68.24 58.52
CA TYR L 214 42.63 -67.65 59.84
C TYR L 214 41.15 -67.48 60.19
N PHE L 215 40.34 -66.99 59.24
CA PHE L 215 38.91 -66.84 59.48
C PHE L 215 38.27 -68.18 59.86
N ILE L 216 38.56 -69.23 59.07
CA ILE L 216 37.98 -70.54 59.38
C ILE L 216 38.37 -71.01 60.77
N LYS L 217 39.55 -70.60 61.25
CA LYS L 217 40.12 -71.13 62.48
C LYS L 217 39.81 -70.29 63.72
N ASN L 218 40.04 -68.98 63.65
CA ASN L 218 39.96 -68.13 64.82
C ASN L 218 38.69 -67.29 64.89
N VAL L 219 38.05 -66.99 63.77
CA VAL L 219 36.97 -66.01 63.78
C VAL L 219 35.60 -66.68 63.66
N GLY L 220 35.36 -67.39 62.57
CA GLY L 220 34.09 -68.07 62.35
C GLY L 220 34.05 -68.91 61.08
#